data_8DTO
#
_entry.id   8DTO
#
_cell.length_a   1.00
_cell.length_b   1.00
_cell.length_c   1.00
_cell.angle_alpha   90.00
_cell.angle_beta   90.00
_cell.angle_gamma   90.00
#
_symmetry.space_group_name_H-M   'P 1'
#
loop_
_entity.id
_entity.type
_entity.pdbx_description
1 polymer 'CH848.3.D0949.10.17chim.6R.DS.SOSIP.664_N133D_N138T gp120'
2 polymer 'Envelope Glycoprotein gp141'
3 polymer 'MU89 Heavy Chain'
4 polymer 'MU89 Light Chain'
5 branched alpha-D-mannopyranose-(1-6)-beta-D-mannopyranose-(1-4)-2-acetamido-2-deoxy-beta-D-glucopyranose-(1-4)-2-acetamido-2-deoxy-beta-D-glucopyranose
6 branched beta-D-mannopyranose-(1-4)-2-acetamido-2-deoxy-beta-D-glucopyranose-(1-4)-2-acetamido-2-deoxy-beta-D-glucopyranose
7 branched alpha-D-mannopyranose-(1-3)-[alpha-D-mannopyranose-(1-6)]beta-D-mannopyranose-(1-4)-2-acetamido-2-deoxy-beta-D-glucopyranose-(1-4)-2-acetamido-2-deoxy-beta-D-glucopyranose
8 branched 2-acetamido-2-deoxy-beta-D-glucopyranose-(1-4)-2-acetamido-2-deoxy-beta-D-glucopyranose
9 branched alpha-D-mannopyranose-(1-2)-alpha-D-mannopyranose-(1-2)-alpha-D-mannopyranose-(1-3)-[alpha-D-mannopyranose-(1-6)]beta-D-mannopyranose-(1-4)-2-acetamido-2-deoxy-beta-D-glucopyranose-(1-4)-2-acetamido-2-deoxy-beta-D-glucopyranose
10 branched 2-acetamido-2-deoxy-beta-D-glucopyranose-(1-4)-2-acetamido-2-deoxy-beta-D-glucopyranose-(1-4)-2-acetamido-2-deoxy-beta-D-glucopyranose
11 non-polymer 2-acetamido-2-deoxy-beta-D-glucopyranose
#
loop_
_entity_poly.entity_id
_entity_poly.type
_entity_poly.pdbx_seq_one_letter_code
_entity_poly.pdbx_strand_id
1 'polypeptide(L)'
;MGSLQPLATLYLLGMLVASVLAAENLWVTVYYGVPVWKEAKTTLFCASDARAYEKEVHNVWATHACVPTDPSPQELVLGN
VTENFNMWKNDMVDQMHEDIISLWDQSLKPCVKLTPLCVTLICSDATVKTGTVEEMKNCSFNTTTEIRDKEKKEYALFYK
PDIVPLSETNNTSEYRLINCNTSACTQACPKVTFEPIPIHYCAPAGYAILKCNDETFNGTGPCSNVSTVQCTHGIRPVVS
TQLLLNGSLAEKEIVIRSENLTNNAKIIIVHLHTPVEIVCTRPNNNTRKSVRIGPGQTFYATGDIIGDIKQAHCNISEEK
WNDTLQKVGIELQKHFPNKTIKYNQSAGGDMEITTHSFNCGGEFFYCNTSNLFNGTYNGTYISTNSSANSTSTITLQCRI
KQIINMWQGVGRCMYAPPIAGNITCRSNITGLLLTRDGGTNSNETETFRPAGGDMRDNWRSELYKYKVVKIEPLGVAPTR
CKRRVVG
;
E,A,I
2 'polypeptide(L)'
;AVGIGAVFLGFLGAAGSTMGAASMTLTVQARNLLSGIVQQQSNLLRAPEAQQHLLKLTVWGIKQLQARVLAVERYLRDQQ
LLGIWGCSGKLICCTNVPWNSSWSNRNLSEIWDNMTWLQWDKEISNYTQIIYGLLEESQNQQEKNEQDLLALD
;
F,B,J
3 'polypeptide(L)'
;QVQLVQSGAEVKKPGASVKVSCKASGYRFTDHYIHWVRQAPGQGPEWMGWINTSSGRSNFAQKFQGRVTMTRDTSISTAY
MELNRLKSDDTAVYYCTTGSWISLYYDSSGYPNFDYWGQGTLVTVT
;
G,C,K
4 'polypeptide(L)'
;TQPASVSGSPGQPITISCTGTSSDVGNYDLVSWYQQHPGNAPKYMIYEVTKRPAGISNRFSGSKSGNTASLTISGLQAED
AADYYCCSYAGSSTVIFGGGTKVTVL
;
H,D,L
#
loop_
_chem_comp.id
_chem_comp.type
_chem_comp.name
_chem_comp.formula
BMA D-saccharide, beta linking beta-D-mannopyranose 'C6 H12 O6'
MAN D-saccharide, alpha linking alpha-D-mannopyranose 'C6 H12 O6'
NAG D-saccharide, beta linking 2-acetamido-2-deoxy-beta-D-glucopyranose 'C8 H15 N O6'
#
# COMPACT_ATOMS: atom_id res chain seq x y z
N ASN A 25 -21.73 41.90 -45.74
CA ASN A 25 -20.43 42.55 -45.73
C ASN A 25 -19.37 41.65 -45.07
N LEU A 26 -19.00 41.99 -43.84
CA LEU A 26 -18.00 41.22 -43.10
C LEU A 26 -18.69 40.11 -42.33
N TRP A 27 -18.29 38.87 -42.60
CA TRP A 27 -18.86 37.70 -41.96
C TRP A 27 -17.79 37.01 -41.13
N VAL A 28 -18.18 36.59 -39.92
CA VAL A 28 -17.23 35.94 -39.01
C VAL A 28 -16.94 34.53 -39.53
N THR A 29 -15.66 34.15 -39.48
CA THR A 29 -15.18 32.86 -39.93
C THR A 29 -14.29 32.29 -38.83
N VAL A 30 -14.26 30.96 -38.75
CA VAL A 30 -13.44 30.28 -37.74
C VAL A 30 -12.40 29.43 -38.45
N TYR A 31 -11.22 29.35 -37.83
CA TYR A 31 -10.07 28.65 -38.37
C TYR A 31 -9.60 27.62 -37.36
N TYR A 32 -9.38 26.39 -37.82
CA TYR A 32 -8.91 25.31 -36.97
C TYR A 32 -7.43 25.07 -37.24
N GLY A 33 -6.60 25.32 -36.24
CA GLY A 33 -5.18 25.13 -36.40
C GLY A 33 -4.42 26.44 -36.46
N VAL A 34 -4.89 27.45 -35.73
CA VAL A 34 -4.14 28.70 -35.68
C VAL A 34 -2.92 28.53 -34.79
N PRO A 35 -1.81 29.18 -35.09
CA PRO A 35 -0.64 29.16 -34.18
C PRO A 35 -0.67 30.23 -33.10
N VAL A 36 -1.46 29.98 -32.05
CA VAL A 36 -1.44 30.78 -30.83
C VAL A 36 -1.29 29.84 -29.64
N TRP A 37 -1.06 30.42 -28.47
CA TRP A 37 -0.88 29.65 -27.25
C TRP A 37 -1.31 30.49 -26.05
N LYS A 38 -1.35 29.84 -24.89
CA LYS A 38 -1.64 30.51 -23.64
C LYS A 38 -0.88 29.81 -22.53
N GLU A 39 -0.66 30.53 -21.44
CA GLU A 39 0.07 29.98 -20.30
C GLU A 39 -0.82 29.01 -19.52
N ALA A 40 -0.28 27.83 -19.20
CA ALA A 40 -1.06 26.81 -18.52
C ALA A 40 -0.12 25.87 -17.76
N LYS A 41 -0.72 25.02 -16.94
CA LYS A 41 -0.01 24.03 -16.14
C LYS A 41 -0.47 22.64 -16.55
N THR A 42 0.46 21.69 -16.58
CA THR A 42 0.14 20.32 -16.95
C THR A 42 1.10 19.36 -16.24
N THR A 43 0.82 18.07 -16.39
CA THR A 43 1.62 17.02 -15.76
C THR A 43 2.57 16.47 -16.80
N LEU A 44 3.80 16.98 -16.79
CA LEU A 44 4.81 16.49 -17.71
C LEU A 44 5.31 15.13 -17.27
N PHE A 45 5.66 14.29 -18.23
CA PHE A 45 6.13 12.96 -17.92
C PHE A 45 7.60 12.81 -18.28
N CYS A 46 8.19 11.71 -17.85
CA CYS A 46 9.59 11.44 -18.06
C CYS A 46 9.83 10.74 -19.39
N ALA A 47 11.04 10.89 -19.89
CA ALA A 47 11.47 10.21 -21.11
C ALA A 47 12.98 10.06 -21.05
N SER A 48 13.46 8.83 -21.11
CA SER A 48 14.89 8.56 -21.05
C SER A 48 15.49 8.68 -22.44
N ASP A 49 16.75 8.27 -22.58
CA ASP A 49 17.47 8.37 -23.85
C ASP A 49 17.78 7.01 -24.46
N ALA A 50 16.93 6.01 -24.18
CA ALA A 50 17.02 4.65 -24.73
C ALA A 50 18.37 3.98 -24.43
N ARG A 51 18.86 4.18 -23.22
CA ARG A 51 20.11 3.58 -22.78
C ARG A 51 19.94 2.66 -21.58
N ALA A 52 19.16 3.07 -20.59
CA ALA A 52 19.00 2.30 -19.35
C ALA A 52 17.89 1.25 -19.50
N TYR A 53 18.12 0.34 -20.45
CA TYR A 53 17.27 -0.82 -20.67
C TYR A 53 18.23 -2.00 -20.72
N GLU A 54 18.55 -2.54 -19.55
CA GLU A 54 19.66 -3.49 -19.41
C GLU A 54 19.42 -4.31 -18.15
N LYS A 55 20.48 -4.99 -17.70
CA LYS A 55 20.41 -5.81 -16.49
C LYS A 55 20.20 -4.98 -15.23
N GLU A 56 20.52 -3.70 -15.25
CA GLU A 56 20.32 -2.82 -14.10
C GLU A 56 18.99 -2.09 -14.30
N VAL A 57 17.92 -2.72 -13.85
CA VAL A 57 16.60 -2.09 -13.82
C VAL A 57 16.27 -1.59 -12.41
N HIS A 58 17.29 -1.40 -11.57
CA HIS A 58 17.09 -0.98 -10.19
C HIS A 58 17.74 0.37 -9.91
N ASN A 59 17.68 1.29 -10.86
CA ASN A 59 18.10 2.65 -10.59
C ASN A 59 17.09 3.30 -9.65
N VAL A 60 17.59 4.25 -8.84
CA VAL A 60 16.73 4.86 -7.84
C VAL A 60 15.72 5.82 -8.46
N TRP A 61 16.00 6.34 -9.66
CA TRP A 61 15.11 7.26 -10.33
C TRP A 61 14.20 6.59 -11.33
N ALA A 62 14.24 5.26 -11.43
CA ALA A 62 13.30 4.43 -12.19
C ALA A 62 13.26 4.81 -13.67
N THR A 63 14.41 5.20 -14.21
CA THR A 63 14.49 5.74 -15.57
C THR A 63 14.24 4.70 -16.64
N HIS A 64 14.20 3.41 -16.30
CA HIS A 64 13.77 2.39 -17.24
C HIS A 64 12.28 2.45 -17.52
N ALA A 65 11.49 3.04 -16.61
CA ALA A 65 10.05 3.10 -16.80
C ALA A 65 9.61 4.27 -17.69
N CYS A 66 10.53 5.12 -18.13
CA CYS A 66 10.20 6.26 -18.95
C CYS A 66 10.07 5.84 -20.42
N VAL A 67 9.48 6.73 -21.20
CA VAL A 67 9.32 6.49 -22.65
C VAL A 67 10.65 6.68 -23.34
N PRO A 68 11.13 5.72 -24.14
CA PRO A 68 12.42 5.91 -24.81
C PRO A 68 12.33 6.91 -25.94
N THR A 69 13.22 7.91 -25.92
CA THR A 69 13.28 8.93 -26.96
C THR A 69 14.12 8.42 -28.14
N ASP A 70 13.50 7.53 -28.91
CA ASP A 70 14.09 7.09 -30.17
C ASP A 70 14.24 8.21 -31.20
N PRO A 71 13.23 9.06 -31.51
CA PRO A 71 13.49 10.13 -32.48
C PRO A 71 14.25 11.30 -31.87
N SER A 72 14.86 12.08 -32.76
CA SER A 72 15.52 13.30 -32.35
C SER A 72 14.47 14.37 -32.03
N PRO A 73 14.77 15.29 -31.12
CA PRO A 73 13.82 16.37 -30.81
C PRO A 73 13.65 17.35 -31.96
N GLN A 74 12.53 18.06 -31.92
CA GLN A 74 12.22 19.04 -32.95
C GLN A 74 13.12 20.27 -32.81
N GLU A 75 13.76 20.65 -33.91
CA GLU A 75 14.68 21.78 -33.93
C GLU A 75 14.08 22.98 -34.67
N LEU A 76 12.79 23.23 -34.49
CA LEU A 76 12.09 24.27 -35.24
C LEU A 76 12.16 25.56 -34.43
N VAL A 77 13.05 26.46 -34.84
CA VAL A 77 13.10 27.81 -34.27
C VAL A 77 11.99 28.64 -34.89
N LEU A 78 11.31 29.45 -34.08
CA LEU A 78 10.13 30.15 -34.55
C LEU A 78 10.48 31.35 -35.42
N GLY A 79 11.16 32.32 -34.85
CA GLY A 79 11.49 33.54 -35.58
C GLY A 79 10.42 34.60 -35.46
N ASN A 80 10.86 35.85 -35.20
CA ASN A 80 10.00 37.02 -34.99
C ASN A 80 9.01 36.81 -33.85
N VAL A 81 9.45 36.10 -32.82
CA VAL A 81 8.63 35.80 -31.65
C VAL A 81 9.35 36.32 -30.41
N THR A 82 8.66 37.12 -29.61
CA THR A 82 9.15 37.55 -28.30
C THR A 82 8.24 37.00 -27.23
N GLU A 83 8.84 36.45 -26.17
CA GLU A 83 8.06 35.82 -25.11
C GLU A 83 8.63 36.18 -23.75
N ASN A 84 7.76 36.50 -22.80
CA ASN A 84 8.18 36.88 -21.46
C ASN A 84 8.31 35.64 -20.58
N PHE A 85 9.39 35.60 -19.79
CA PHE A 85 9.74 34.44 -18.99
C PHE A 85 9.93 34.86 -17.54
N ASN A 86 9.73 33.89 -16.65
CA ASN A 86 9.99 34.08 -15.21
C ASN A 86 10.31 32.71 -14.64
N MET A 87 11.57 32.47 -14.31
CA MET A 87 12.00 31.17 -13.81
C MET A 87 11.83 31.02 -12.31
N TRP A 88 11.50 32.08 -11.58
CA TRP A 88 11.25 31.95 -10.15
C TRP A 88 9.79 31.79 -9.82
N LYS A 89 8.92 31.70 -10.83
CA LYS A 89 7.51 31.38 -10.64
C LYS A 89 7.12 30.19 -11.50
N ASN A 90 8.09 29.34 -11.82
CA ASN A 90 7.85 28.19 -12.68
C ASN A 90 7.13 27.08 -11.91
N ASP A 91 6.43 26.23 -12.66
CA ASP A 91 5.82 25.03 -12.09
C ASP A 91 6.57 23.76 -12.44
N MET A 92 7.45 23.82 -13.44
CA MET A 92 8.29 22.68 -13.78
C MET A 92 9.20 22.29 -12.63
N VAL A 93 9.73 23.29 -11.91
CA VAL A 93 10.64 23.02 -10.81
C VAL A 93 9.89 22.41 -9.63
N ASP A 94 8.66 22.83 -9.37
CA ASP A 94 7.88 22.25 -8.29
C ASP A 94 7.45 20.82 -8.62
N GLN A 95 7.06 20.57 -9.88
CA GLN A 95 6.75 19.21 -10.30
C GLN A 95 7.98 18.31 -10.24
N MET A 96 9.15 18.84 -10.60
CA MET A 96 10.37 18.05 -10.54
C MET A 96 10.74 17.72 -9.09
N HIS A 97 10.55 18.67 -8.18
CA HIS A 97 10.83 18.42 -6.76
C HIS A 97 9.90 17.36 -6.20
N GLU A 98 8.60 17.41 -6.54
CA GLU A 98 7.67 16.41 -6.07
C GLU A 98 7.97 15.03 -6.67
N ASP A 99 8.41 15.01 -7.94
CA ASP A 99 8.80 13.75 -8.57
C ASP A 99 10.01 13.14 -7.91
N ILE A 100 10.99 13.96 -7.54
CA ILE A 100 12.19 13.45 -6.87
C ILE A 100 11.84 12.87 -5.50
N ILE A 101 10.98 13.57 -4.75
CA ILE A 101 10.55 13.09 -3.43
C ILE A 101 9.81 11.75 -3.55
N SER A 102 8.86 11.68 -4.47
CA SER A 102 8.07 10.45 -4.61
C SER A 102 8.89 9.29 -5.17
N LEU A 103 9.84 9.58 -6.07
CA LEU A 103 10.72 8.54 -6.58
C LEU A 103 11.60 7.97 -5.49
N TRP A 104 12.15 8.84 -4.63
CA TRP A 104 12.95 8.37 -3.50
C TRP A 104 12.13 7.52 -2.55
N ASP A 105 10.90 7.94 -2.26
CA ASP A 105 10.06 7.17 -1.34
C ASP A 105 9.65 5.83 -1.91
N GLN A 106 9.26 5.78 -3.19
CA GLN A 106 8.82 4.52 -3.76
C GLN A 106 10.00 3.59 -4.11
N SER A 107 11.21 4.13 -4.21
CA SER A 107 12.38 3.27 -4.34
C SER A 107 12.86 2.74 -3.00
N LEU A 108 12.70 3.54 -1.94
CA LEU A 108 13.18 3.16 -0.62
C LEU A 108 12.15 2.35 0.15
N LYS A 109 10.91 2.27 -0.35
CA LYS A 109 9.83 1.58 0.36
C LYS A 109 10.05 0.07 0.60
N PRO A 110 10.36 -0.78 -0.38
CA PRO A 110 10.39 -2.22 -0.08
C PRO A 110 11.69 -2.74 0.53
N CYS A 111 12.56 -1.89 1.04
CA CYS A 111 13.85 -2.33 1.54
C CYS A 111 13.76 -2.66 3.03
N VAL A 112 14.90 -2.87 3.67
CA VAL A 112 14.97 -3.37 5.03
C VAL A 112 14.81 -2.21 6.01
N LYS A 113 13.92 -2.39 6.99
CA LYS A 113 13.77 -1.42 8.06
C LYS A 113 14.74 -1.73 9.19
N LEU A 114 15.23 -0.68 9.85
CA LEU A 114 16.18 -0.81 10.95
C LEU A 114 15.56 -0.43 12.29
N THR A 115 14.26 -0.70 12.46
CA THR A 115 13.65 -0.60 13.78
C THR A 115 14.23 -1.56 14.82
N PRO A 116 14.48 -2.86 14.55
CA PRO A 116 15.08 -3.70 15.62
C PRO A 116 16.53 -3.40 15.92
N LEU A 117 17.19 -2.52 15.17
CA LEU A 117 18.57 -2.19 15.45
C LEU A 117 18.71 -1.10 16.49
N CYS A 118 17.67 -0.32 16.74
CA CYS A 118 17.74 0.73 17.74
C CYS A 118 17.72 0.15 19.14
N VAL A 119 18.90 -0.20 19.66
CA VAL A 119 19.08 -0.75 20.98
C VAL A 119 20.19 0.01 21.68
N THR A 120 20.54 -0.44 22.88
CA THR A 120 21.67 0.13 23.60
C THR A 120 22.97 -0.41 23.02
N LEU A 121 23.83 0.50 22.59
CA LEU A 121 25.10 0.15 21.95
C LEU A 121 26.22 0.37 22.93
N ILE A 122 27.06 -0.65 23.15
CA ILE A 122 28.26 -0.50 23.94
C ILE A 122 29.39 -0.19 22.98
N CYS A 123 29.91 1.03 23.03
CA CYS A 123 30.86 1.52 22.03
C CYS A 123 32.18 1.85 22.70
N SER A 124 33.24 1.29 22.17
CA SER A 124 34.61 1.64 22.52
C SER A 124 35.30 2.19 21.28
N ASP A 125 36.57 2.52 21.42
CA ASP A 125 37.32 3.05 20.29
C ASP A 125 37.63 1.96 19.28
N ALA A 126 37.67 2.34 18.00
CA ALA A 126 37.88 1.40 16.91
C ALA A 126 39.25 1.56 16.27
N THR A 127 39.57 2.77 15.80
CA THR A 127 40.89 3.02 15.24
C THR A 127 41.92 3.08 16.36
N VAL A 128 43.03 2.36 16.18
CA VAL A 128 44.00 2.18 17.26
C VAL A 128 45.07 3.26 17.18
N LYS A 129 44.86 4.27 16.35
CA LYS A 129 45.77 5.38 16.26
C LYS A 129 45.63 6.29 17.48
N THR A 130 46.71 7.02 17.79
CA THR A 130 46.69 7.98 18.88
C THR A 130 46.12 9.33 18.46
N GLY A 131 45.88 9.54 17.17
CA GLY A 131 45.34 10.78 16.68
C GLY A 131 44.94 10.68 15.23
N THR A 132 45.17 11.77 14.48
CA THR A 132 44.88 11.94 13.04
C THR A 132 43.38 11.68 12.83
N VAL A 133 42.99 10.70 12.02
CA VAL A 133 41.58 10.42 11.78
C VAL A 133 41.15 9.35 12.78
N GLU A 134 40.16 9.68 13.61
CA GLU A 134 39.61 8.77 14.62
C GLU A 134 38.10 8.76 14.56
N GLU A 135 37.54 8.79 13.35
CA GLU A 135 36.14 9.11 13.17
C GLU A 135 35.23 7.89 13.18
N MET A 136 35.71 6.70 13.55
CA MET A 136 34.85 5.54 13.64
C MET A 136 34.95 4.91 15.02
N LYS A 137 33.87 4.25 15.42
CA LYS A 137 33.66 3.78 16.78
C LYS A 137 33.16 2.34 16.74
N ASN A 138 33.74 1.49 17.59
CA ASN A 138 33.42 0.07 17.61
C ASN A 138 32.24 -0.16 18.55
N CYS A 139 31.06 -0.43 18.00
CA CYS A 139 29.85 -0.56 18.79
C CYS A 139 29.33 -1.98 18.70
N SER A 140 29.06 -2.59 19.84
CA SER A 140 28.49 -3.91 19.93
C SER A 140 27.11 -3.84 20.58
N PHE A 141 26.28 -4.82 20.27
CA PHE A 141 24.89 -4.81 20.71
C PHE A 141 24.37 -6.25 20.71
N ASN A 142 23.13 -6.42 21.17
CA ASN A 142 22.47 -7.72 21.16
C ASN A 142 21.45 -7.72 20.03
N THR A 143 21.84 -8.23 18.87
CA THR A 143 20.90 -8.34 17.78
C THR A 143 19.99 -9.56 17.99
N THR A 144 18.92 -9.59 17.22
CA THR A 144 17.96 -10.70 17.27
C THR A 144 18.20 -11.60 16.07
N THR A 145 18.23 -12.91 16.31
CA THR A 145 18.43 -13.87 15.24
C THR A 145 17.09 -14.14 14.54
N GLU A 146 17.07 -15.17 13.69
CA GLU A 146 15.82 -15.59 13.06
C GLU A 146 14.83 -16.11 14.10
N ILE A 147 15.32 -16.84 15.09
CA ILE A 147 14.47 -17.29 16.19
C ILE A 147 14.18 -16.12 17.11
N ARG A 148 12.92 -16.00 17.52
CA ARG A 148 12.48 -14.87 18.34
C ARG A 148 12.98 -14.93 19.78
N ASP A 149 13.59 -16.05 20.20
CA ASP A 149 14.06 -16.22 21.57
C ASP A 149 15.56 -15.96 21.72
N LYS A 150 16.38 -16.55 20.86
CA LYS A 150 17.83 -16.48 21.00
C LYS A 150 18.34 -15.17 20.45
N GLU A 151 18.97 -14.36 21.29
CA GLU A 151 19.62 -13.14 20.87
C GLU A 151 21.12 -13.34 20.87
N LYS A 152 21.81 -12.65 19.96
CA LYS A 152 23.22 -12.87 19.73
C LYS A 152 23.98 -11.56 19.79
N LYS A 153 25.15 -11.57 20.43
CA LYS A 153 25.97 -10.37 20.51
C LYS A 153 26.76 -10.17 19.22
N GLU A 154 26.66 -8.96 18.65
CA GLU A 154 27.25 -8.66 17.37
C GLU A 154 27.82 -7.25 17.38
N TYR A 155 28.93 -7.05 16.67
CA TYR A 155 29.61 -5.77 16.62
C TYR A 155 29.56 -5.18 15.22
N ALA A 156 29.81 -3.87 15.14
CA ALA A 156 29.95 -3.15 13.88
C ALA A 156 30.70 -1.86 14.15
N LEU A 157 31.36 -1.34 13.13
CA LEU A 157 32.07 -0.06 13.22
C LEU A 157 31.17 1.03 12.64
N PHE A 158 30.73 1.95 13.49
CA PHE A 158 29.85 3.03 13.07
C PHE A 158 30.62 4.33 12.99
N TYR A 159 30.23 5.20 12.06
CA TYR A 159 30.85 6.50 11.97
C TYR A 159 30.43 7.37 13.15
N LYS A 160 31.34 8.26 13.54
CA LYS A 160 31.12 9.10 14.72
C LYS A 160 29.90 10.04 14.66
N PRO A 161 29.55 10.70 13.53
CA PRO A 161 28.30 11.48 13.54
C PRO A 161 27.02 10.66 13.70
N ASP A 162 27.04 9.35 13.47
CA ASP A 162 25.82 8.57 13.56
C ASP A 162 25.41 8.26 15.00
N ILE A 163 26.35 8.09 15.91
CA ILE A 163 26.04 7.65 17.26
C ILE A 163 25.99 8.86 18.19
N VAL A 164 25.11 8.78 19.19
CA VAL A 164 24.88 9.84 20.16
C VAL A 164 24.97 9.18 21.54
N PRO A 165 25.60 9.82 22.54
CA PRO A 165 25.57 9.28 23.89
C PRO A 165 24.15 9.19 24.43
N LEU A 166 23.89 8.13 25.19
CA LEU A 166 22.54 7.82 25.64
C LEU A 166 22.08 8.84 26.68
N SER A 167 20.76 8.97 26.81
CA SER A 167 20.18 9.88 27.78
C SER A 167 20.45 9.39 29.20
N GLU A 168 20.61 10.36 30.11
CA GLU A 168 21.00 10.15 31.51
C GLU A 168 22.30 9.36 31.61
N THR A 169 23.35 9.92 31.00
CA THR A 169 24.66 9.30 30.99
C THR A 169 25.57 9.94 32.03
N ASN A 170 26.30 9.11 32.75
CA ASN A 170 27.36 9.55 33.65
C ASN A 170 28.72 9.45 32.97
N ASN A 171 28.81 10.04 31.77
CA ASN A 171 29.96 9.92 30.87
C ASN A 171 30.33 8.46 30.61
N THR A 172 29.32 7.63 30.43
CA THR A 172 29.51 6.19 30.23
C THR A 172 29.74 5.90 28.75
N SER A 173 29.77 4.61 28.42
CA SER A 173 30.00 4.15 27.05
C SER A 173 28.74 3.53 26.45
N GLU A 174 27.60 4.15 26.69
CA GLU A 174 26.34 3.74 26.09
C GLU A 174 25.96 4.74 25.02
N TYR A 175 25.80 4.25 23.79
CA TYR A 175 25.48 5.09 22.65
C TYR A 175 24.30 4.50 21.91
N ARG A 176 23.47 5.37 21.36
CA ARG A 176 22.35 4.98 20.52
C ARG A 176 22.50 5.65 19.16
N LEU A 177 21.62 5.29 18.23
CA LEU A 177 21.63 5.94 16.94
C LEU A 177 21.04 7.34 17.04
N ILE A 178 21.37 8.19 16.06
CA ILE A 178 20.85 9.55 16.05
C ILE A 178 19.36 9.56 15.75
N ASN A 179 18.88 8.63 14.94
CA ASN A 179 17.52 8.69 14.43
C ASN A 179 16.48 8.09 15.38
N CYS A 180 16.89 7.55 16.53
CA CYS A 180 15.97 6.79 17.36
C CYS A 180 14.87 7.64 17.99
N ASN A 181 15.18 8.87 18.38
CA ASN A 181 14.15 9.70 18.98
C ASN A 181 13.42 10.55 17.95
N THR A 182 13.69 10.38 16.66
CA THR A 182 13.04 11.16 15.63
C THR A 182 12.14 10.33 14.73
N SER A 183 12.67 9.29 14.07
CA SER A 183 11.91 8.48 13.13
C SER A 183 12.68 7.21 12.82
N ALA A 184 11.97 6.10 12.66
CA ALA A 184 12.59 4.85 12.26
C ALA A 184 13.12 4.96 10.84
N CYS A 185 14.29 4.37 10.59
CA CYS A 185 15.05 4.68 9.41
C CYS A 185 15.30 3.40 8.63
N THR A 186 14.95 3.41 7.34
CA THR A 186 15.08 2.23 6.50
C THR A 186 16.36 2.30 5.70
N GLN A 187 17.08 1.18 5.62
CA GLN A 187 18.31 1.21 4.85
C GLN A 187 18.01 1.14 3.36
N ALA A 188 18.96 1.60 2.57
CA ALA A 188 18.84 1.47 1.13
C ALA A 188 19.17 0.05 0.71
N CYS A 189 18.51 -0.42 -0.34
CA CYS A 189 18.83 -1.73 -0.88
C CYS A 189 20.18 -1.69 -1.57
N PRO A 190 21.00 -2.74 -1.45
CA PRO A 190 22.34 -2.71 -2.05
C PRO A 190 22.33 -2.78 -3.57
N LYS A 191 21.24 -3.25 -4.18
CA LYS A 191 21.16 -3.31 -5.64
C LYS A 191 20.66 -2.02 -6.26
N VAL A 192 20.40 -1.00 -5.46
CA VAL A 192 19.88 0.27 -5.94
C VAL A 192 21.06 1.21 -6.18
N THR A 193 21.13 1.77 -7.38
CA THR A 193 22.23 2.64 -7.78
C THR A 193 21.77 4.08 -7.81
N PHE A 194 22.55 4.96 -7.17
CA PHE A 194 22.23 6.38 -7.09
C PHE A 194 22.81 7.20 -8.24
N GLU A 195 23.05 6.59 -9.39
CA GLU A 195 23.68 7.31 -10.48
C GLU A 195 22.69 8.25 -11.16
N PRO A 196 23.05 9.52 -11.37
CA PRO A 196 22.11 10.46 -12.00
C PRO A 196 21.97 10.26 -13.51
N ILE A 197 21.09 9.36 -13.91
CA ILE A 197 20.75 9.20 -15.33
C ILE A 197 20.00 10.43 -15.81
N PRO A 198 20.31 10.98 -16.99
CA PRO A 198 19.57 12.13 -17.50
C PRO A 198 18.11 11.81 -17.80
N ILE A 199 17.25 12.80 -17.51
CA ILE A 199 15.81 12.67 -17.57
C ILE A 199 15.25 13.80 -18.42
N HIS A 200 14.47 13.46 -19.44
CA HIS A 200 13.81 14.45 -20.27
C HIS A 200 12.37 14.62 -19.80
N TYR A 201 11.92 15.87 -19.68
CA TYR A 201 10.54 16.16 -19.33
C TYR A 201 9.75 16.51 -20.59
N CYS A 202 8.64 15.82 -20.82
CA CYS A 202 7.86 16.00 -22.02
C CYS A 202 6.44 16.40 -21.65
N ALA A 203 5.90 17.37 -22.38
CA ALA A 203 4.52 17.85 -22.25
C ALA A 203 3.58 16.91 -22.99
N PRO A 204 2.31 16.85 -22.58
CA PRO A 204 1.34 16.04 -23.33
C PRO A 204 1.02 16.67 -24.68
N ALA A 205 0.41 15.87 -25.55
CA ALA A 205 0.02 16.33 -26.87
C ALA A 205 -1.10 17.36 -26.75
N GLY A 206 -0.95 18.47 -27.46
CA GLY A 206 -1.78 19.63 -27.26
C GLY A 206 -1.12 20.73 -26.46
N TYR A 207 0.06 20.47 -25.91
CA TYR A 207 0.86 21.44 -25.19
C TYR A 207 2.22 21.55 -25.88
N ALA A 208 3.03 22.50 -25.43
CA ALA A 208 4.35 22.70 -26.01
C ALA A 208 5.26 23.32 -24.98
N ILE A 209 6.57 23.21 -25.20
CA ILE A 209 7.56 23.80 -24.32
C ILE A 209 8.33 24.82 -25.16
N LEU A 210 8.22 26.09 -24.79
CA LEU A 210 8.97 27.16 -25.43
C LEU A 210 10.18 27.48 -24.59
N LYS A 211 11.34 27.52 -25.23
CA LYS A 211 12.58 27.81 -24.53
C LYS A 211 13.26 29.04 -25.12
N CYS A 212 13.97 29.76 -24.26
CA CYS A 212 14.74 30.91 -24.69
C CYS A 212 15.96 30.47 -25.48
N ASN A 213 16.57 31.42 -26.16
CA ASN A 213 17.82 31.13 -26.85
C ASN A 213 18.80 32.29 -26.73
N ASP A 214 18.56 33.22 -25.81
CA ASP A 214 19.53 34.28 -25.56
C ASP A 214 20.74 33.71 -24.81
N GLU A 215 21.92 34.04 -25.29
CA GLU A 215 23.13 33.55 -24.64
C GLU A 215 23.50 34.37 -23.40
N THR A 216 22.80 35.47 -23.16
CA THR A 216 23.00 36.30 -21.98
C THR A 216 21.64 36.48 -21.29
N PHE A 217 20.97 35.37 -21.07
CA PHE A 217 19.63 35.41 -20.50
C PHE A 217 19.68 35.81 -19.02
N ASN A 218 18.90 36.83 -18.68
CA ASN A 218 18.82 37.34 -17.32
C ASN A 218 18.24 36.31 -16.37
N GLY A 219 17.35 35.45 -16.86
CA GLY A 219 16.60 34.54 -16.02
C GLY A 219 15.14 34.88 -16.04
N THR A 220 14.83 36.16 -15.96
CA THR A 220 13.47 36.68 -16.09
C THR A 220 13.42 37.61 -17.30
N GLY A 221 12.24 38.18 -17.55
CA GLY A 221 12.10 39.17 -18.58
C GLY A 221 11.87 38.56 -19.95
N PRO A 222 11.89 39.37 -21.00
CA PRO A 222 11.57 38.87 -22.33
C PRO A 222 12.78 38.26 -23.04
N CYS A 223 12.48 37.29 -23.90
CA CYS A 223 13.42 36.75 -24.86
C CYS A 223 12.94 37.07 -26.26
N SER A 224 13.85 37.52 -27.11
CA SER A 224 13.57 37.80 -28.51
C SER A 224 13.82 36.61 -29.41
N ASN A 225 14.49 35.57 -28.91
CA ASN A 225 14.75 34.35 -29.66
C ASN A 225 14.16 33.19 -28.88
N VAL A 226 13.06 32.63 -29.38
CA VAL A 226 12.32 31.58 -28.70
C VAL A 226 12.17 30.41 -29.65
N SER A 227 12.52 29.21 -29.19
CA SER A 227 12.30 27.99 -29.96
C SER A 227 11.24 27.14 -29.26
N THR A 228 10.67 26.22 -30.01
CA THR A 228 9.67 25.30 -29.48
C THR A 228 10.21 23.88 -29.48
N VAL A 229 9.67 23.06 -28.57
CA VAL A 229 10.13 21.68 -28.40
C VAL A 229 9.03 20.93 -27.66
N GLN A 230 9.05 19.60 -27.75
CA GLN A 230 8.16 18.75 -26.97
C GLN A 230 8.83 18.19 -25.73
N CYS A 231 10.13 17.92 -25.76
CA CYS A 231 10.85 17.33 -24.63
C CYS A 231 12.08 18.15 -24.30
N THR A 232 12.29 18.40 -23.01
CA THR A 232 13.48 19.13 -22.56
C THR A 232 14.72 18.26 -22.71
N HIS A 233 15.88 18.89 -22.57
CA HIS A 233 17.14 18.17 -22.74
C HIS A 233 17.41 17.30 -21.51
N GLY A 234 18.46 16.48 -21.61
CA GLY A 234 18.71 15.46 -20.62
C GLY A 234 19.33 15.97 -19.34
N ILE A 235 18.52 16.56 -18.48
CA ILE A 235 19.01 17.12 -17.23
C ILE A 235 19.30 16.00 -16.24
N ARG A 236 20.38 16.17 -15.48
CA ARG A 236 20.79 15.18 -14.49
C ARG A 236 20.30 15.60 -13.11
N PRO A 237 19.51 14.79 -12.43
CA PRO A 237 19.13 15.14 -11.07
C PRO A 237 20.25 14.97 -10.07
N VAL A 238 21.21 15.89 -10.09
CA VAL A 238 22.39 15.82 -9.23
C VAL A 238 22.09 16.55 -7.92
N VAL A 239 22.29 15.87 -6.81
CA VAL A 239 21.99 16.41 -5.49
C VAL A 239 23.27 16.94 -4.87
N SER A 240 23.33 18.24 -4.65
CA SER A 240 24.44 18.92 -3.97
C SER A 240 23.88 20.20 -3.38
N THR A 241 24.64 20.80 -2.46
CA THR A 241 24.09 21.92 -1.72
C THR A 241 24.92 23.19 -1.73
N GLN A 242 26.17 23.16 -2.14
CA GLN A 242 26.93 24.40 -2.26
C GLN A 242 27.55 24.61 -3.62
N LEU A 243 27.95 23.55 -4.29
CA LEU A 243 28.60 23.63 -5.60
C LEU A 243 27.77 22.79 -6.57
N LEU A 244 27.16 23.45 -7.54
CA LEU A 244 26.31 22.77 -8.51
C LEU A 244 27.20 22.05 -9.52
N LEU A 245 27.10 20.71 -9.53
CA LEU A 245 27.92 19.84 -10.34
C LEU A 245 27.15 19.30 -11.53
N ASN A 246 27.87 19.03 -12.61
CA ASN A 246 27.39 18.32 -13.81
C ASN A 246 26.26 19.06 -14.52
N GLY A 247 26.14 20.36 -14.32
CA GLY A 247 25.08 21.10 -14.95
C GLY A 247 25.41 21.44 -16.39
N SER A 248 24.41 21.98 -17.08
CA SER A 248 24.67 22.59 -18.37
C SER A 248 25.49 23.86 -18.18
N LEU A 249 26.46 24.07 -19.04
CA LEU A 249 27.31 25.24 -18.95
C LEU A 249 26.68 26.40 -19.72
N ALA A 250 27.07 27.61 -19.33
CA ALA A 250 26.63 28.79 -20.07
C ALA A 250 27.34 28.86 -21.41
N GLU A 251 26.81 29.70 -22.30
CA GLU A 251 27.33 29.71 -23.66
C GLU A 251 28.65 30.49 -23.76
N LYS A 252 28.65 31.75 -23.34
CA LYS A 252 29.85 32.57 -23.47
C LYS A 252 30.21 33.39 -22.24
N GLU A 253 29.27 33.69 -21.35
CA GLU A 253 29.53 34.54 -20.21
C GLU A 253 28.95 33.93 -18.94
N ILE A 254 29.60 34.22 -17.81
CA ILE A 254 29.08 33.83 -16.51
C ILE A 254 27.80 34.59 -16.23
N VAL A 255 26.73 33.86 -15.90
CA VAL A 255 25.42 34.45 -15.73
C VAL A 255 25.08 34.45 -14.26
N ILE A 256 24.77 35.63 -13.72
CA ILE A 256 24.44 35.79 -12.32
C ILE A 256 22.93 35.97 -12.22
N ARG A 257 22.26 35.04 -11.55
CA ARG A 257 20.80 35.02 -11.47
C ARG A 257 20.37 35.17 -10.02
N SER A 258 19.38 36.01 -9.79
CA SER A 258 18.76 36.13 -8.49
C SER A 258 17.35 36.65 -8.68
N GLU A 259 16.55 36.56 -7.63
CA GLU A 259 15.19 37.09 -7.73
C GLU A 259 15.18 38.61 -7.71
N ASN A 260 16.02 39.21 -6.87
CA ASN A 260 15.94 40.65 -6.65
C ASN A 260 17.29 41.34 -6.71
N LEU A 261 18.36 40.63 -6.29
CA LEU A 261 19.74 41.12 -6.12
C LEU A 261 19.92 42.26 -5.11
N THR A 262 18.86 42.69 -4.45
CA THR A 262 18.98 43.64 -3.34
C THR A 262 18.30 43.15 -2.09
N ASN A 263 17.57 42.05 -2.14
CA ASN A 263 17.14 41.33 -0.95
C ASN A 263 18.24 40.36 -0.56
N ASN A 264 18.68 40.43 0.69
CA ASN A 264 19.80 39.63 1.14
C ASN A 264 19.42 38.16 1.39
N ALA A 265 18.12 37.85 1.45
CA ALA A 265 17.66 36.49 1.69
C ALA A 265 17.26 35.77 0.42
N LYS A 266 17.90 36.10 -0.71
CA LYS A 266 17.64 35.44 -1.98
C LYS A 266 18.92 34.81 -2.49
N ILE A 267 18.85 33.52 -2.83
CA ILE A 267 20.04 32.77 -3.23
C ILE A 267 20.46 33.20 -4.63
N ILE A 268 21.74 33.52 -4.78
CA ILE A 268 22.29 33.91 -6.07
C ILE A 268 22.84 32.67 -6.75
N ILE A 269 22.26 32.30 -7.89
CA ILE A 269 22.77 31.21 -8.71
C ILE A 269 23.80 31.81 -9.65
N VAL A 270 25.07 31.49 -9.43
CA VAL A 270 26.12 31.90 -10.35
C VAL A 270 26.38 30.75 -11.30
N HIS A 271 26.28 31.00 -12.59
CA HIS A 271 26.32 29.98 -13.63
C HIS A 271 27.59 30.19 -14.44
N LEU A 272 28.56 29.30 -14.27
CA LEU A 272 29.87 29.50 -14.87
C LEU A 272 29.85 29.15 -16.35
N HIS A 273 30.93 29.55 -17.03
CA HIS A 273 31.13 29.23 -18.43
C HIS A 273 32.17 28.13 -18.63
N THR A 274 33.19 28.08 -17.78
CA THR A 274 34.21 27.04 -17.85
C THR A 274 34.10 26.12 -16.64
N PRO A 275 34.02 24.81 -16.85
CA PRO A 275 33.91 23.89 -15.72
C PRO A 275 35.23 23.77 -14.97
N VAL A 276 35.12 23.54 -13.66
CA VAL A 276 36.26 23.35 -12.77
C VAL A 276 36.19 21.93 -12.24
N GLU A 277 37.28 21.18 -12.38
CA GLU A 277 37.28 19.76 -12.06
C GLU A 277 37.63 19.53 -10.61
N ILE A 278 36.84 18.70 -9.94
CA ILE A 278 37.03 18.35 -8.54
C ILE A 278 37.20 16.84 -8.45
N VAL A 279 38.19 16.39 -7.67
CA VAL A 279 38.48 14.96 -7.52
C VAL A 279 38.30 14.62 -6.05
N CYS A 280 37.33 13.76 -5.75
CA CYS A 280 36.98 13.45 -4.37
C CYS A 280 37.18 11.97 -4.09
N THR A 281 37.74 11.67 -2.92
CA THR A 281 38.10 10.29 -2.63
C THR A 281 38.01 9.98 -1.15
N ARG A 282 37.80 8.69 -0.86
CA ARG A 282 37.91 8.13 0.48
C ARG A 282 38.95 7.04 0.42
N PRO A 283 40.14 7.25 0.95
CA PRO A 283 41.25 6.35 0.61
C PRO A 283 41.41 5.13 1.49
N ASN A 284 40.81 5.08 2.68
CA ASN A 284 41.03 3.94 3.55
C ASN A 284 40.19 2.76 3.09
N ASN A 285 40.85 1.61 2.91
CA ASN A 285 40.24 0.41 2.37
C ASN A 285 39.26 -0.17 3.38
N ASN A 286 37.99 -0.11 3.07
CA ASN A 286 36.93 -0.50 4.00
C ASN A 286 36.37 -1.86 3.60
N THR A 287 35.72 -2.51 4.54
CA THR A 287 35.12 -3.82 4.28
C THR A 287 33.62 -3.75 4.54
N ARG A 288 32.97 -4.91 4.49
CA ARG A 288 31.54 -5.00 4.68
C ARG A 288 31.18 -6.34 5.27
N LYS A 289 30.34 -6.34 6.30
CA LYS A 289 29.83 -7.55 6.90
C LYS A 289 28.32 -7.45 7.02
N SER A 290 27.65 -8.59 6.98
CA SER A 290 26.20 -8.65 6.99
C SER A 290 25.72 -9.22 8.32
N VAL A 291 24.87 -8.47 9.01
CA VAL A 291 24.32 -8.87 10.30
C VAL A 291 22.87 -9.24 10.08
N ARG A 292 22.51 -10.48 10.38
CA ARG A 292 21.15 -10.96 10.18
C ARG A 292 20.25 -10.43 11.28
N ILE A 293 19.21 -9.70 10.90
CA ILE A 293 18.24 -9.13 11.83
C ILE A 293 16.87 -9.60 11.40
N GLY A 294 16.28 -10.51 12.17
CA GLY A 294 14.96 -11.00 11.86
C GLY A 294 14.97 -12.02 10.72
N PRO A 295 13.79 -12.52 10.36
CA PRO A 295 13.71 -13.56 9.33
C PRO A 295 13.85 -13.01 7.93
N GLY A 296 14.98 -13.33 7.29
CA GLY A 296 15.14 -13.11 5.87
C GLY A 296 15.72 -11.77 5.46
N GLN A 297 15.92 -10.84 6.37
CA GLN A 297 16.47 -9.53 6.05
C GLN A 297 17.78 -9.32 6.80
N THR A 298 18.78 -8.80 6.11
CA THR A 298 20.09 -8.58 6.69
C THR A 298 20.31 -7.10 6.95
N PHE A 299 21.52 -6.77 7.40
CA PHE A 299 21.90 -5.39 7.64
C PHE A 299 23.39 -5.30 7.39
N TYR A 300 23.79 -4.47 6.43
CA TYR A 300 25.19 -4.38 6.03
C TYR A 300 25.87 -3.24 6.76
N ALA A 301 27.01 -3.53 7.38
CA ALA A 301 27.73 -2.54 8.17
C ALA A 301 29.21 -2.63 7.83
N THR A 302 29.97 -1.74 8.43
CA THR A 302 31.42 -1.73 8.26
C THR A 302 32.03 -2.75 9.21
N GLY A 303 32.80 -3.69 8.66
CA GLY A 303 33.37 -4.74 9.47
C GLY A 303 34.74 -4.40 10.00
N ASP A 304 35.65 -3.98 9.12
CA ASP A 304 37.01 -3.66 9.50
C ASP A 304 37.60 -2.76 8.42
N ILE A 305 38.67 -2.06 8.79
CA ILE A 305 39.49 -1.32 7.84
C ILE A 305 40.78 -2.09 7.64
N ILE A 306 41.11 -2.39 6.40
CA ILE A 306 42.30 -3.16 6.07
C ILE A 306 43.36 -2.21 5.58
N GLY A 307 44.51 -2.21 6.23
CA GLY A 307 45.58 -1.30 5.89
C GLY A 307 45.64 -0.11 6.82
N ASP A 308 46.31 0.93 6.34
CA ASP A 308 46.42 2.16 7.10
C ASP A 308 45.13 2.96 7.00
N ILE A 309 45.04 4.00 7.82
CA ILE A 309 43.85 4.84 7.89
C ILE A 309 44.23 6.26 7.50
N LYS A 310 43.64 6.75 6.41
CA LYS A 310 43.92 8.07 5.89
C LYS A 310 42.64 8.90 5.83
N GLN A 311 42.74 10.09 5.23
CA GLN A 311 41.70 11.11 5.33
C GLN A 311 40.93 11.22 4.02
N ALA A 312 39.60 11.17 4.11
CA ALA A 312 38.76 11.39 2.95
C ALA A 312 38.75 12.87 2.58
N HIS A 313 38.96 13.18 1.31
CA HIS A 313 39.20 14.57 0.93
C HIS A 313 38.72 14.83 -0.49
N CYS A 314 38.91 16.07 -0.93
CA CYS A 314 38.63 16.50 -2.28
C CYS A 314 39.71 17.47 -2.73
N ASN A 315 39.99 17.48 -4.02
CA ASN A 315 41.08 18.27 -4.59
C ASN A 315 40.57 19.11 -5.73
N ILE A 316 40.84 20.42 -5.68
CA ILE A 316 40.57 21.35 -6.77
C ILE A 316 41.90 22.04 -7.08
N SER A 317 42.06 22.47 -8.33
CA SER A 317 43.23 23.28 -8.66
C SER A 317 43.07 24.69 -8.09
N GLU A 318 44.14 25.21 -7.50
CA GLU A 318 44.06 26.52 -6.85
C GLU A 318 44.07 27.66 -7.87
N GLU A 319 44.85 27.52 -8.94
CA GLU A 319 44.93 28.56 -9.96
C GLU A 319 43.62 28.70 -10.71
N LYS A 320 43.02 27.57 -11.11
CA LYS A 320 41.74 27.61 -11.82
C LYS A 320 40.62 28.13 -10.93
N TRP A 321 40.64 27.77 -9.66
CA TRP A 321 39.60 28.25 -8.75
C TRP A 321 39.75 29.74 -8.47
N ASN A 322 40.99 30.23 -8.36
CA ASN A 322 41.17 31.67 -8.19
C ASN A 322 40.79 32.43 -9.45
N ASP A 323 41.07 31.86 -10.62
CA ASP A 323 40.64 32.47 -11.88
C ASP A 323 39.12 32.51 -11.99
N THR A 324 38.45 31.44 -11.52
CA THR A 324 36.99 31.39 -11.55
C THR A 324 36.38 32.40 -10.59
N LEU A 325 36.91 32.51 -9.38
CA LEU A 325 36.42 33.53 -8.46
C LEU A 325 36.73 34.94 -8.95
N GLN A 326 37.85 35.11 -9.67
CA GLN A 326 38.19 36.40 -10.26
C GLN A 326 37.19 36.79 -11.35
N LYS A 327 36.82 35.84 -12.21
CA LYS A 327 35.85 36.14 -13.27
C LYS A 327 34.45 36.36 -12.70
N VAL A 328 34.10 35.64 -11.63
CA VAL A 328 32.82 35.88 -10.95
C VAL A 328 32.81 37.27 -10.32
N GLY A 329 33.96 37.71 -9.78
CA GLY A 329 34.07 39.07 -9.30
C GLY A 329 33.96 40.11 -10.40
N ILE A 330 34.50 39.80 -11.59
CA ILE A 330 34.36 40.67 -12.75
C ILE A 330 32.89 40.83 -13.12
N GLU A 331 32.15 39.71 -13.18
CA GLU A 331 30.74 39.78 -13.52
C GLU A 331 29.88 40.34 -12.40
N LEU A 332 30.37 40.31 -11.16
CA LEU A 332 29.57 40.75 -10.03
C LEU A 332 29.82 42.21 -9.67
N GLN A 333 30.96 42.78 -10.09
CA GLN A 333 31.20 44.19 -9.83
C GLN A 333 30.27 45.11 -10.65
N LYS A 334 29.78 44.63 -11.79
CA LYS A 334 28.89 45.44 -12.61
C LYS A 334 27.46 45.47 -12.08
N HIS A 335 27.12 44.60 -11.14
CA HIS A 335 25.83 44.67 -10.47
C HIS A 335 25.90 45.39 -9.13
N PHE A 336 27.09 45.52 -8.56
CA PHE A 336 27.33 46.32 -7.36
C PHE A 336 28.49 47.24 -7.68
N PRO A 337 28.22 48.38 -8.32
CA PRO A 337 29.31 49.21 -8.84
C PRO A 337 30.03 49.96 -7.75
N ASN A 338 31.32 50.22 -8.01
CA ASN A 338 32.24 50.95 -7.11
C ASN A 338 32.32 50.32 -5.73
N LYS A 339 32.34 48.99 -5.68
CA LYS A 339 32.44 48.27 -4.42
C LYS A 339 33.39 47.10 -4.58
N THR A 340 33.94 46.67 -3.45
CA THR A 340 34.86 45.55 -3.37
C THR A 340 34.10 44.35 -2.82
N ILE A 341 34.16 43.22 -3.51
CA ILE A 341 33.45 42.03 -3.06
C ILE A 341 34.42 41.18 -2.25
N LYS A 342 33.88 40.26 -1.47
CA LYS A 342 34.69 39.52 -0.51
C LYS A 342 34.01 38.21 -0.20
N TYR A 343 34.60 37.10 -0.61
CA TYR A 343 34.06 35.79 -0.25
C TYR A 343 34.52 35.43 1.15
N ASN A 344 33.64 34.74 1.88
CA ASN A 344 33.94 34.33 3.25
C ASN A 344 33.44 32.90 3.42
N GLN A 345 33.54 32.38 4.64
CA GLN A 345 33.10 31.02 4.92
C GLN A 345 31.57 30.96 4.96
N SER A 346 31.06 29.75 5.12
CA SER A 346 29.64 29.56 5.35
C SER A 346 29.26 30.04 6.73
N ALA A 347 27.96 30.22 6.94
CA ALA A 347 27.46 30.80 8.18
C ALA A 347 27.47 29.75 9.30
N GLY A 348 26.94 30.11 10.46
CA GLY A 348 26.86 29.17 11.56
C GLY A 348 25.72 28.18 11.35
N GLY A 349 25.97 26.94 11.76
CA GLY A 349 24.96 25.91 11.64
C GLY A 349 25.56 24.54 11.87
N ASP A 350 24.76 23.53 11.56
CA ASP A 350 25.18 22.14 11.71
C ASP A 350 26.07 21.74 10.53
N MET A 351 26.52 20.49 10.53
CA MET A 351 27.37 20.01 9.46
C MET A 351 26.57 19.76 8.19
N GLU A 352 25.30 19.36 8.31
CA GLU A 352 24.47 19.12 7.15
C GLU A 352 24.08 20.39 6.40
N ILE A 353 24.29 21.56 6.99
CA ILE A 353 23.90 22.83 6.38
C ILE A 353 25.09 23.56 5.76
N THR A 354 26.21 23.61 6.48
CA THR A 354 27.32 24.48 6.14
C THR A 354 28.46 23.74 5.46
N THR A 355 28.19 22.59 4.84
CA THR A 355 29.20 21.79 4.17
C THR A 355 28.73 21.44 2.77
N HIS A 356 29.68 21.33 1.85
CA HIS A 356 29.40 20.87 0.49
C HIS A 356 29.09 19.39 0.55
N SER A 357 27.82 19.05 0.41
CA SER A 357 27.32 17.69 0.62
C SER A 357 26.95 17.06 -0.71
N PHE A 358 27.42 15.84 -0.94
CA PHE A 358 27.11 15.12 -2.17
C PHE A 358 27.34 13.64 -1.91
N ASN A 359 27.24 12.83 -2.97
CA ASN A 359 27.63 11.43 -2.87
C ASN A 359 28.17 10.98 -4.22
N CYS A 360 29.21 10.15 -4.18
CA CYS A 360 29.70 9.48 -5.38
C CYS A 360 29.98 8.03 -5.04
N GLY A 361 29.46 7.12 -5.85
CA GLY A 361 29.38 5.73 -5.45
C GLY A 361 28.13 5.55 -4.62
N GLY A 362 28.29 5.47 -3.30
CA GLY A 362 27.17 5.44 -2.40
C GLY A 362 27.49 6.11 -1.08
N GLU A 363 28.65 6.75 -1.01
CA GLU A 363 29.14 7.33 0.23
C GLU A 363 28.88 8.83 0.22
N PHE A 364 28.21 9.32 1.25
CA PHE A 364 27.72 10.69 1.29
C PHE A 364 28.79 11.58 1.92
N PHE A 365 29.55 12.27 1.07
CA PHE A 365 30.58 13.16 1.53
C PHE A 365 30.00 14.48 2.00
N TYR A 366 30.58 15.03 3.06
CA TYR A 366 30.26 16.36 3.57
C TYR A 366 31.59 17.08 3.72
N CYS A 367 31.92 17.96 2.77
CA CYS A 367 33.23 18.58 2.70
C CYS A 367 33.20 19.99 3.27
N ASN A 368 34.33 20.40 3.84
CA ASN A 368 34.38 21.54 4.74
C ASN A 368 34.15 22.86 4.02
N THR A 369 35.01 23.18 3.05
CA THR A 369 34.95 24.40 2.21
C THR A 369 34.90 25.68 3.04
N SER A 370 35.95 25.87 3.85
CA SER A 370 36.18 27.15 4.50
C SER A 370 37.44 27.84 4.00
N ASN A 371 38.40 27.08 3.48
CA ASN A 371 39.53 27.65 2.78
C ASN A 371 39.27 27.85 1.30
N LEU A 372 38.12 27.35 0.80
CA LEU A 372 37.78 27.48 -0.60
C LEU A 372 37.24 28.88 -0.90
N PHE A 373 36.15 29.25 -0.24
CA PHE A 373 35.53 30.57 -0.39
C PHE A 373 36.25 31.52 0.55
N ASN A 374 37.37 32.05 0.09
CA ASN A 374 38.24 32.85 0.94
C ASN A 374 38.99 33.85 0.08
N GLY A 375 39.11 35.07 0.57
CA GLY A 375 39.73 36.14 -0.18
C GLY A 375 38.72 37.20 -0.59
N THR A 376 39.25 38.30 -1.12
CA THR A 376 38.43 39.42 -1.56
C THR A 376 38.92 39.93 -2.91
N TYR A 377 37.99 40.50 -3.67
CA TYR A 377 38.25 40.95 -5.03
C TYR A 377 37.88 42.43 -5.17
N ASN A 378 38.87 43.22 -5.58
CA ASN A 378 38.67 44.60 -6.00
C ASN A 378 39.40 44.79 -7.32
N GLY A 379 39.09 45.87 -8.02
CA GLY A 379 39.77 46.17 -9.26
C GLY A 379 39.34 45.24 -10.38
N THR A 380 40.17 45.22 -11.42
CA THR A 380 39.92 44.42 -12.61
C THR A 380 41.15 43.58 -12.92
N TYR A 381 41.00 42.25 -12.79
CA TYR A 381 42.01 41.24 -13.15
C TYR A 381 43.33 41.47 -12.41
N ILE A 382 43.24 41.35 -11.08
CA ILE A 382 44.35 41.72 -10.21
C ILE A 382 45.34 40.57 -9.97
N SER A 383 45.07 39.39 -10.52
CA SER A 383 45.95 38.25 -10.28
C SER A 383 46.84 37.92 -11.48
N THR A 384 46.32 38.11 -12.69
CA THR A 384 47.01 37.81 -13.97
C THR A 384 47.48 36.37 -14.04
N ASN A 385 46.66 35.46 -13.47
CA ASN A 385 46.89 34.00 -13.39
C ASN A 385 48.22 33.76 -12.68
N SER A 386 49.07 32.85 -13.16
CA SER A 386 50.37 32.60 -12.58
C SER A 386 51.41 32.51 -13.69
N SER A 387 52.63 32.97 -13.40
CA SER A 387 53.70 32.90 -14.38
C SER A 387 54.20 31.47 -14.53
N ALA A 388 54.42 30.77 -13.43
CA ALA A 388 54.95 29.42 -13.48
C ALA A 388 53.82 28.41 -13.73
N ASN A 389 54.22 27.20 -14.10
CA ASN A 389 53.29 26.09 -14.34
C ASN A 389 53.14 25.18 -13.13
N SER A 390 53.27 25.74 -11.93
CA SER A 390 53.15 24.94 -10.71
C SER A 390 51.68 24.60 -10.45
N THR A 391 51.42 23.32 -10.19
CA THR A 391 50.06 22.85 -9.99
C THR A 391 49.76 22.77 -8.49
N SER A 392 49.61 23.95 -7.90
CA SER A 392 49.16 24.04 -6.51
C SER A 392 47.70 23.64 -6.42
N THR A 393 47.37 22.77 -5.47
CA THR A 393 46.02 22.25 -5.32
C THR A 393 45.48 22.58 -3.95
N ILE A 394 44.21 22.98 -3.91
CA ILE A 394 43.51 23.16 -2.65
C ILE A 394 42.80 21.85 -2.30
N THR A 395 42.88 21.46 -1.04
CA THR A 395 42.35 20.21 -0.55
C THR A 395 41.34 20.48 0.55
N LEU A 396 40.14 19.97 0.38
CA LEU A 396 39.07 20.06 1.36
C LEU A 396 38.98 18.75 2.10
N GLN A 397 38.87 18.81 3.43
CA GLN A 397 38.69 17.61 4.22
C GLN A 397 37.21 17.33 4.39
N CYS A 398 36.80 16.10 4.14
CA CYS A 398 35.39 15.72 4.16
C CYS A 398 35.14 14.65 5.20
N ARG A 399 33.95 14.70 5.80
CA ARG A 399 33.49 13.67 6.70
C ARG A 399 32.38 12.87 6.02
N ILE A 400 32.18 11.64 6.48
CA ILE A 400 31.22 10.74 5.84
C ILE A 400 30.21 10.29 6.89
N LYS A 401 28.93 10.42 6.56
CA LYS A 401 27.85 9.91 7.38
C LYS A 401 27.31 8.62 6.79
N GLN A 402 26.47 7.94 7.56
CA GLN A 402 25.68 6.81 7.08
C GLN A 402 24.19 7.12 7.13
N ILE A 403 23.68 7.51 8.29
CA ILE A 403 22.27 7.81 8.47
C ILE A 403 22.03 9.23 8.00
N ILE A 404 21.16 9.40 7.01
CA ILE A 404 20.91 10.73 6.46
C ILE A 404 19.41 11.03 6.50
N ASN A 405 19.10 12.32 6.57
CA ASN A 405 17.73 12.85 6.61
C ASN A 405 17.67 13.95 5.56
N MET A 406 17.32 13.61 4.33
CA MET A 406 17.35 14.59 3.26
C MET A 406 16.06 15.40 3.20
N TRP A 407 16.14 16.50 2.42
CA TRP A 407 15.01 17.37 2.07
C TRP A 407 14.31 17.93 3.29
N GLN A 408 15.11 18.33 4.28
CA GLN A 408 14.67 18.88 5.56
C GLN A 408 13.74 17.92 6.32
N GLY A 409 13.89 16.62 6.10
CA GLY A 409 13.02 15.67 6.74
C GLY A 409 11.64 15.57 6.15
N VAL A 410 11.38 16.22 5.02
CA VAL A 410 10.10 16.06 4.33
C VAL A 410 10.01 14.64 3.76
N GLY A 411 11.12 14.10 3.30
CA GLY A 411 11.13 12.77 2.73
C GLY A 411 11.31 11.69 3.77
N ARG A 412 12.39 10.93 3.66
CA ARG A 412 12.58 9.75 4.48
C ARG A 412 14.02 9.68 4.97
N CYS A 413 14.20 9.11 6.16
CA CYS A 413 15.53 8.72 6.60
C CYS A 413 16.06 7.58 5.75
N MET A 414 17.38 7.55 5.59
CA MET A 414 17.96 6.43 4.87
C MET A 414 19.33 6.10 5.47
N TYR A 415 19.57 4.82 5.69
CA TYR A 415 20.89 4.33 6.08
C TYR A 415 21.58 3.84 4.81
N ALA A 416 22.57 4.57 4.35
CA ALA A 416 23.31 4.16 3.17
C ALA A 416 24.25 3.03 3.53
N PRO A 417 24.15 1.86 2.90
CA PRO A 417 25.04 0.76 3.25
C PRO A 417 26.46 1.03 2.79
N PRO A 418 27.47 0.55 3.50
CA PRO A 418 28.85 0.87 3.15
C PRO A 418 29.31 0.09 1.92
N ILE A 419 30.39 0.58 1.33
CA ILE A 419 30.95 0.03 0.11
C ILE A 419 32.38 -0.40 0.36
N ALA A 420 32.69 -1.64 0.03
CA ALA A 420 34.05 -2.14 0.17
C ALA A 420 34.95 -1.51 -0.88
N GLY A 421 36.25 -1.44 -0.55
CA GLY A 421 37.21 -0.80 -1.43
C GLY A 421 37.21 0.71 -1.26
N ASN A 422 38.14 1.35 -1.94
CA ASN A 422 38.21 2.79 -1.91
C ASN A 422 37.37 3.39 -3.03
N ILE A 423 36.98 4.64 -2.85
CA ILE A 423 36.04 5.33 -3.72
C ILE A 423 36.73 6.54 -4.32
N THR A 424 36.55 6.74 -5.63
CA THR A 424 36.96 7.97 -6.30
C THR A 424 35.84 8.42 -7.22
N CYS A 425 35.81 9.73 -7.48
CA CYS A 425 34.78 10.31 -8.34
C CYS A 425 35.28 11.62 -8.93
N ARG A 426 35.39 11.68 -10.25
CA ARG A 426 35.72 12.91 -10.95
C ARG A 426 34.45 13.65 -11.29
N SER A 427 34.46 14.97 -11.16
CA SER A 427 33.26 15.74 -11.38
C SER A 427 33.63 17.13 -11.85
N ASN A 428 32.66 17.82 -12.44
CA ASN A 428 32.81 19.20 -12.88
C ASN A 428 32.02 20.10 -11.96
N ILE A 429 32.35 21.39 -11.98
CA ILE A 429 31.61 22.40 -11.23
C ILE A 429 31.09 23.42 -12.23
N THR A 430 29.77 23.54 -12.33
CA THR A 430 29.14 24.46 -13.26
C THR A 430 28.39 25.59 -12.59
N GLY A 431 28.08 25.50 -11.31
CA GLY A 431 27.36 26.58 -10.66
C GLY A 431 27.77 26.74 -9.21
N LEU A 432 27.46 27.92 -8.67
CA LEU A 432 27.60 28.20 -7.26
C LEU A 432 26.29 28.77 -6.73
N LEU A 433 26.05 28.57 -5.44
CA LEU A 433 24.88 29.12 -4.76
C LEU A 433 25.37 30.05 -3.66
N LEU A 434 25.49 31.33 -3.99
CA LEU A 434 25.96 32.29 -3.01
C LEU A 434 24.79 32.96 -2.30
N THR A 435 25.12 33.65 -1.21
CA THR A 435 24.19 34.56 -0.57
C THR A 435 24.98 35.78 -0.12
N ARG A 436 24.29 36.90 0.01
CA ARG A 436 24.92 38.16 0.34
C ARG A 436 24.55 38.58 1.75
N ASP A 437 25.55 38.95 2.54
CA ASP A 437 25.34 39.47 3.89
C ASP A 437 26.00 40.84 3.98
N GLY A 438 25.27 41.83 4.48
CA GLY A 438 25.81 43.16 4.55
C GLY A 438 24.97 44.04 5.45
N GLY A 439 25.54 45.21 5.77
CA GLY A 439 24.88 46.19 6.61
C GLY A 439 25.53 47.55 6.54
N THR A 440 25.62 48.24 7.68
CA THR A 440 26.24 49.56 7.70
C THR A 440 27.76 49.46 7.60
N ASN A 441 28.35 48.37 8.09
CA ASN A 441 29.79 48.18 8.03
C ASN A 441 30.26 47.69 6.67
N SER A 442 29.34 47.37 5.76
CA SER A 442 29.66 46.84 4.44
C SER A 442 29.65 47.93 3.38
N ASN A 443 30.12 49.13 3.73
CA ASN A 443 30.12 50.25 2.80
C ASN A 443 31.11 50.07 1.66
N GLU A 444 32.15 49.28 1.85
CA GLU A 444 33.07 49.02 0.74
C GLU A 444 33.30 47.55 0.48
N THR A 445 33.32 46.71 1.52
CA THR A 445 33.51 45.28 1.38
C THR A 445 32.16 44.58 1.51
N GLU A 446 31.79 43.80 0.51
CA GLU A 446 30.54 43.05 0.51
C GLU A 446 30.84 41.57 0.68
N THR A 447 30.11 40.93 1.60
CA THR A 447 30.39 39.55 1.99
C THR A 447 29.43 38.62 1.25
N PHE A 448 30.00 37.65 0.53
CA PHE A 448 29.25 36.61 -0.16
C PHE A 448 29.64 35.26 0.43
N ARG A 449 28.69 34.59 1.03
CA ARG A 449 28.90 33.33 1.72
C ARG A 449 28.25 32.19 0.94
N PRO A 450 28.78 30.98 1.04
CA PRO A 450 28.09 29.83 0.45
C PRO A 450 26.83 29.51 1.23
N ALA A 451 25.82 29.04 0.50
CA ALA A 451 24.55 28.68 1.13
C ALA A 451 23.84 27.66 0.26
N GLY A 452 22.86 27.00 0.87
CA GLY A 452 22.08 26.01 0.16
C GLY A 452 21.14 25.31 1.10
N GLY A 453 20.52 24.25 0.61
CA GLY A 453 19.59 23.48 1.40
C GLY A 453 18.22 23.39 0.76
N ASP A 454 17.77 24.50 0.16
CA ASP A 454 16.58 24.46 -0.68
C ASP A 454 16.93 23.73 -1.95
N MET A 455 16.45 22.50 -2.09
CA MET A 455 16.95 21.62 -3.13
C MET A 455 16.41 21.98 -4.51
N ARG A 456 15.32 22.74 -4.59
CA ARG A 456 14.78 23.10 -5.90
C ARG A 456 15.60 24.16 -6.61
N ASP A 457 16.54 24.82 -5.92
CA ASP A 457 17.48 25.71 -6.59
C ASP A 457 18.47 24.95 -7.45
N ASN A 458 18.69 23.66 -7.17
CA ASN A 458 19.52 22.85 -8.05
C ASN A 458 18.88 22.64 -9.40
N TRP A 459 17.55 22.58 -9.43
CA TRP A 459 16.81 22.34 -10.66
C TRP A 459 16.23 23.61 -11.26
N ARG A 460 16.32 24.74 -10.56
CA ARG A 460 16.04 26.02 -11.22
C ARG A 460 17.16 26.44 -12.14
N SER A 461 18.36 25.89 -11.96
CA SER A 461 19.49 26.21 -12.82
C SER A 461 19.50 25.41 -14.11
N GLU A 462 18.62 24.43 -14.24
CA GLU A 462 18.47 23.67 -15.48
C GLU A 462 17.15 23.93 -16.18
N LEU A 463 16.09 24.23 -15.43
CA LEU A 463 14.78 24.55 -15.98
C LEU A 463 14.56 26.06 -16.09
N TYR A 464 15.64 26.83 -16.21
CA TYR A 464 15.50 28.27 -16.37
C TYR A 464 15.06 28.66 -17.77
N LYS A 465 15.43 27.86 -18.77
CA LYS A 465 15.11 28.19 -20.16
C LYS A 465 13.65 27.91 -20.50
N TYR A 466 13.04 26.90 -19.90
CA TYR A 466 11.82 26.33 -20.43
C TYR A 466 10.57 26.97 -19.83
N LYS A 467 9.50 26.95 -20.63
CA LYS A 467 8.16 27.36 -20.22
C LYS A 467 7.17 26.46 -20.92
N VAL A 468 6.07 26.13 -20.25
CA VAL A 468 5.06 25.23 -20.79
C VAL A 468 3.82 26.04 -21.17
N VAL A 469 3.33 25.84 -22.40
CA VAL A 469 2.18 26.55 -22.91
C VAL A 469 1.19 25.55 -23.49
N LYS A 470 -0.07 26.01 -23.61
CA LYS A 470 -1.16 25.21 -24.13
C LYS A 470 -1.63 25.83 -25.44
N ILE A 471 -1.71 25.01 -26.48
CA ILE A 471 -2.07 25.48 -27.80
C ILE A 471 -3.59 25.59 -27.88
N GLU A 472 -4.08 26.69 -28.45
CA GLU A 472 -5.52 26.94 -28.57
C GLU A 472 -5.86 27.08 -30.04
N PRO A 473 -6.15 25.98 -30.74
CA PRO A 473 -6.15 26.03 -32.20
C PRO A 473 -7.46 26.48 -32.85
N LEU A 474 -8.31 27.21 -32.14
CA LEU A 474 -9.52 27.77 -32.73
C LEU A 474 -9.38 29.28 -32.81
N GLY A 475 -9.63 29.84 -33.98
CA GLY A 475 -9.49 31.27 -34.19
C GLY A 475 -10.70 31.86 -34.89
N VAL A 476 -10.92 33.15 -34.65
CA VAL A 476 -12.11 33.86 -35.11
C VAL A 476 -11.65 35.12 -35.84
N ALA A 477 -12.08 35.30 -37.09
CA ALA A 477 -11.64 36.43 -37.90
C ALA A 477 -12.65 36.66 -39.01
N PRO A 478 -12.82 37.89 -39.49
CA PRO A 478 -13.68 38.12 -40.66
C PRO A 478 -12.91 38.11 -41.97
N THR A 479 -13.54 37.53 -43.00
CA THR A 479 -12.91 37.41 -44.31
C THR A 479 -13.65 38.14 -45.42
N ARG A 480 -14.79 38.78 -45.10
CA ARG A 480 -15.74 39.33 -46.09
C ARG A 480 -16.14 38.26 -47.11
N CYS A 481 -16.59 37.11 -46.58
CA CYS A 481 -17.05 36.01 -47.40
C CYS A 481 -18.16 35.28 -46.66
N LYS A 482 -19.28 35.09 -47.34
CA LYS A 482 -20.46 34.49 -46.72
C LYS A 482 -20.52 32.99 -47.02
N ARG A 483 -21.22 32.27 -46.17
CA ARG A 483 -21.44 30.85 -46.41
C ARG A 483 -22.42 30.66 -47.55
N ARG A 484 -22.10 29.73 -48.46
CA ARG A 484 -22.94 29.47 -49.61
C ARG A 484 -24.15 28.64 -49.17
N VAL A 485 -25.32 29.26 -49.15
CA VAL A 485 -26.54 28.58 -48.74
C VAL A 485 -27.52 28.48 -49.90
N PHE B 11 5.68 21.95 -37.03
CA PHE B 11 4.77 22.35 -35.96
C PHE B 11 5.08 23.76 -35.49
N LEU B 12 4.05 24.62 -35.53
CA LEU B 12 4.11 26.02 -35.08
C LEU B 12 5.17 26.83 -35.82
N GLY B 13 5.46 26.46 -37.07
CA GLY B 13 6.49 27.14 -37.83
C GLY B 13 6.10 28.52 -38.31
N ALA B 14 4.80 28.81 -38.37
CA ALA B 14 4.28 30.09 -38.83
C ALA B 14 3.70 30.90 -37.67
N ALA B 15 4.36 30.82 -36.51
CA ALA B 15 3.88 31.55 -35.34
C ALA B 15 4.16 33.04 -35.47
N GLY B 16 5.21 33.42 -36.18
CA GLY B 16 5.56 34.82 -36.34
C GLY B 16 5.16 35.40 -37.68
N SER B 17 4.66 34.56 -38.58
CA SER B 17 4.27 35.00 -39.92
C SER B 17 2.91 35.70 -39.87
N THR B 18 2.46 36.16 -41.04
CA THR B 18 1.20 36.87 -41.12
C THR B 18 0.02 35.91 -41.07
N MET B 19 -1.19 36.47 -41.13
CA MET B 19 -2.40 35.66 -41.06
C MET B 19 -2.60 34.85 -42.33
N GLY B 20 -2.36 35.46 -43.49
CA GLY B 20 -2.47 34.73 -44.74
C GLY B 20 -1.39 33.66 -44.88
N ALA B 21 -0.19 33.94 -44.38
CA ALA B 21 0.90 32.98 -44.45
C ALA B 21 0.69 31.79 -43.53
N ALA B 22 -0.19 31.89 -42.54
CA ALA B 22 -0.59 30.75 -41.75
C ALA B 22 -1.76 29.99 -42.36
N SER B 23 -2.28 30.45 -43.49
CA SER B 23 -3.41 29.79 -44.13
C SER B 23 -3.00 28.59 -44.99
N MET B 24 -1.70 28.32 -45.13
CA MET B 24 -1.24 27.10 -45.78
C MET B 24 -0.58 26.13 -44.81
N THR B 25 -0.31 26.54 -43.58
CA THR B 25 0.35 25.69 -42.59
C THR B 25 -0.53 25.50 -41.35
N LEU B 26 -1.85 25.59 -41.51
CA LEU B 26 -2.73 25.34 -40.39
C LEU B 26 -3.10 23.87 -40.25
N THR B 27 -2.64 23.02 -41.15
CA THR B 27 -2.90 21.59 -41.05
C THR B 27 -1.76 20.82 -40.43
N VAL B 28 -0.54 21.38 -40.41
CA VAL B 28 0.57 20.73 -39.74
C VAL B 28 0.45 20.88 -38.23
N GLN B 29 -0.27 21.90 -37.76
CA GLN B 29 -0.55 22.07 -36.34
C GLN B 29 -1.84 21.38 -35.93
N ALA B 30 -2.49 20.67 -36.85
CA ALA B 30 -3.65 19.84 -36.53
C ALA B 30 -3.34 18.36 -36.65
N ARG B 31 -2.13 17.99 -37.07
CA ARG B 31 -1.74 16.59 -37.15
C ARG B 31 -0.85 16.16 -35.99
N ASN B 32 -0.34 17.10 -35.20
CA ASN B 32 0.44 16.79 -34.00
C ASN B 32 -0.39 16.92 -32.74
N LEU B 33 -1.69 17.15 -32.85
CA LEU B 33 -2.53 17.40 -31.68
C LEU B 33 -2.92 16.14 -30.94
N LEU B 34 -2.71 14.96 -31.51
CA LEU B 34 -3.07 13.72 -30.83
C LEU B 34 -1.89 12.78 -30.66
N SER B 35 -1.11 12.55 -31.71
CA SER B 35 -0.01 11.60 -31.66
C SER B 35 1.26 12.29 -31.19
N GLY B 36 1.90 11.71 -30.17
CA GLY B 36 3.14 12.26 -29.65
C GLY B 36 3.90 11.28 -28.76
N THR B 58 5.64 3.23 -10.70
CA THR B 58 4.28 3.56 -11.12
C THR B 58 4.02 5.06 -11.03
N VAL B 59 5.04 5.83 -10.65
CA VAL B 59 4.93 7.29 -10.72
C VAL B 59 4.87 7.74 -12.17
N TRP B 60 5.79 7.23 -12.99
CA TRP B 60 5.77 7.58 -14.40
C TRP B 60 4.62 6.94 -15.13
N GLY B 61 4.13 5.79 -14.64
CA GLY B 61 2.93 5.21 -15.21
C GLY B 61 1.70 6.07 -14.97
N ILE B 62 1.59 6.66 -13.77
CA ILE B 62 0.49 7.56 -13.44
C ILE B 62 0.58 8.82 -14.30
N LYS B 63 1.78 9.39 -14.45
CA LYS B 63 1.94 10.60 -15.24
C LYS B 63 1.68 10.35 -16.72
N GLN B 64 2.11 9.19 -17.24
CA GLN B 64 1.84 8.86 -18.63
C GLN B 64 0.36 8.62 -18.88
N LEU B 65 -0.33 7.98 -17.93
CA LEU B 65 -1.77 7.76 -18.07
C LEU B 65 -2.54 9.08 -18.06
N GLN B 66 -2.16 10.00 -17.17
CA GLN B 66 -2.84 11.29 -17.12
C GLN B 66 -2.58 12.10 -18.40
N ALA B 67 -1.36 12.04 -18.94
CA ALA B 67 -1.08 12.71 -20.20
C ALA B 67 -1.88 12.11 -21.36
N ARG B 68 -2.03 10.77 -21.36
CA ARG B 68 -2.79 10.11 -22.41
C ARG B 68 -4.26 10.48 -22.36
N VAL B 69 -4.82 10.68 -21.16
CA VAL B 69 -6.21 11.10 -21.08
C VAL B 69 -6.36 12.58 -21.46
N LEU B 70 -5.40 13.43 -21.05
CA LEU B 70 -5.50 14.87 -21.34
C LEU B 70 -5.43 15.17 -22.83
N ALA B 71 -4.61 14.41 -23.58
CA ALA B 71 -4.53 14.62 -25.02
C ALA B 71 -5.87 14.34 -25.70
N VAL B 72 -6.54 13.26 -25.30
CA VAL B 72 -7.84 12.90 -25.87
C VAL B 72 -8.89 13.95 -25.52
N GLU B 73 -8.90 14.42 -24.27
CA GLU B 73 -9.86 15.45 -23.86
C GLU B 73 -9.67 16.74 -24.63
N ARG B 74 -8.42 17.19 -24.76
CA ARG B 74 -8.16 18.47 -25.42
C ARG B 74 -8.39 18.40 -26.92
N TYR B 75 -8.25 17.21 -27.53
CA TYR B 75 -8.63 17.09 -28.94
C TYR B 75 -10.14 17.06 -29.11
N LEU B 76 -10.84 16.31 -28.25
CA LEU B 76 -12.27 16.10 -28.44
C LEU B 76 -13.07 17.35 -28.12
N ARG B 77 -12.56 18.23 -27.26
CA ARG B 77 -13.28 19.48 -26.99
C ARG B 77 -13.34 20.38 -28.22
N ASP B 78 -12.21 20.54 -28.90
CA ASP B 78 -12.16 21.34 -30.12
C ASP B 78 -12.99 20.70 -31.23
N GLN B 79 -12.93 19.37 -31.35
CA GLN B 79 -13.74 18.70 -32.37
C GLN B 79 -15.23 18.81 -32.07
N GLN B 80 -15.61 18.80 -30.79
CA GLN B 80 -17.01 18.96 -30.43
C GLN B 80 -17.52 20.36 -30.72
N LEU B 81 -16.71 21.39 -30.43
CA LEU B 81 -17.12 22.76 -30.76
C LEU B 81 -17.23 22.96 -32.27
N LEU B 82 -16.32 22.36 -33.04
CA LEU B 82 -16.41 22.47 -34.49
C LEU B 82 -17.63 21.71 -35.01
N GLY B 83 -18.03 20.62 -34.36
CA GLY B 83 -19.25 19.94 -34.74
C GLY B 83 -20.50 20.73 -34.44
N ILE B 84 -20.52 21.43 -33.28
CA ILE B 84 -21.68 22.24 -32.93
C ILE B 84 -21.83 23.44 -33.86
N TRP B 85 -20.70 24.04 -34.28
CA TRP B 85 -20.81 25.12 -35.26
C TRP B 85 -21.20 24.62 -36.65
N GLY B 86 -21.07 23.31 -36.89
CA GLY B 86 -21.53 22.72 -38.12
C GLY B 86 -20.53 22.70 -39.26
N CYS B 87 -19.35 23.28 -39.06
CA CYS B 87 -18.33 23.31 -40.10
C CYS B 87 -17.19 22.35 -39.79
N SER B 88 -17.46 21.33 -38.99
CA SER B 88 -16.47 20.30 -38.72
C SER B 88 -16.19 19.47 -39.97
N GLY B 89 -14.98 18.93 -40.04
CA GLY B 89 -14.52 18.24 -41.22
C GLY B 89 -13.76 19.10 -42.20
N LYS B 90 -13.67 20.41 -41.95
CA LYS B 90 -12.87 21.29 -42.79
C LYS B 90 -12.16 22.29 -41.90
N LEU B 91 -11.06 22.84 -42.42
CA LEU B 91 -10.22 23.72 -41.61
C LEU B 91 -10.74 25.15 -41.61
N ILE B 92 -11.23 25.63 -42.75
CA ILE B 92 -11.69 27.00 -42.91
C ILE B 92 -13.20 26.99 -43.14
N CYS B 93 -13.92 27.81 -42.40
CA CYS B 93 -15.36 27.85 -42.46
C CYS B 93 -15.84 29.25 -42.84
N CYS B 94 -17.14 29.34 -43.14
CA CYS B 94 -17.86 30.60 -43.22
C CYS B 94 -19.19 30.38 -42.52
N THR B 95 -19.61 31.33 -41.67
CA THR B 95 -20.62 31.01 -40.67
C THR B 95 -21.89 31.85 -40.73
N ASN B 96 -22.11 32.62 -41.80
CA ASN B 96 -23.38 33.30 -42.09
C ASN B 96 -23.79 34.30 -41.00
N VAL B 97 -22.83 34.83 -40.26
CA VAL B 97 -23.14 35.70 -39.12
C VAL B 97 -22.36 37.00 -39.30
N PRO B 98 -23.01 38.16 -39.19
CA PRO B 98 -22.32 39.43 -39.44
C PRO B 98 -21.29 39.76 -38.37
N TRP B 99 -20.23 40.45 -38.81
CA TRP B 99 -19.18 40.91 -37.92
C TRP B 99 -19.57 42.27 -37.36
N ASN B 100 -19.75 42.35 -36.05
CA ASN B 100 -20.25 43.56 -35.41
C ASN B 100 -19.20 44.66 -35.42
N SER B 101 -19.67 45.91 -35.48
CA SER B 101 -18.78 47.06 -35.50
C SER B 101 -18.08 47.29 -34.16
N SER B 102 -18.65 46.78 -33.07
CA SER B 102 -17.98 46.86 -31.78
C SER B 102 -16.74 45.96 -31.71
N TRP B 103 -16.68 44.94 -32.55
CA TRP B 103 -15.48 44.10 -32.66
C TRP B 103 -14.54 44.57 -33.75
N SER B 104 -15.03 45.35 -34.71
CA SER B 104 -14.27 45.74 -35.88
C SER B 104 -13.46 47.00 -35.59
N ASN B 105 -12.16 46.95 -35.89
CA ASN B 105 -11.29 48.10 -35.70
C ASN B 105 -10.33 48.36 -36.85
N ARG B 106 -10.13 47.41 -37.76
CA ARG B 106 -9.10 47.53 -38.78
C ARG B 106 -9.68 47.15 -40.14
N ASN B 107 -8.83 47.24 -41.16
CA ASN B 107 -9.19 46.81 -42.50
C ASN B 107 -8.65 45.40 -42.76
N LEU B 108 -9.07 44.84 -43.89
CA LEU B 108 -8.71 43.45 -44.22
C LEU B 108 -7.22 43.31 -44.52
N SER B 109 -6.65 44.29 -45.22
CA SER B 109 -5.21 44.26 -45.50
C SER B 109 -4.41 44.41 -44.20
N GLU B 110 -4.87 45.27 -43.29
CA GLU B 110 -4.20 45.44 -42.01
C GLU B 110 -4.29 44.19 -41.14
N ILE B 111 -5.41 43.48 -41.20
CA ILE B 111 -5.58 42.28 -40.39
C ILE B 111 -4.80 41.12 -40.98
N TRP B 112 -4.94 40.87 -42.28
CA TRP B 112 -4.39 39.67 -42.90
C TRP B 112 -3.02 39.86 -43.51
N ASP B 113 -2.42 41.06 -43.41
CA ASP B 113 -1.10 41.28 -43.98
C ASP B 113 -0.11 41.93 -43.01
N ASN B 114 -0.57 42.52 -41.92
CA ASN B 114 0.32 43.19 -40.98
C ASN B 114 0.39 42.54 -39.62
N MET B 115 -0.72 41.98 -39.14
CA MET B 115 -0.82 41.45 -37.78
C MET B 115 -0.73 39.92 -37.83
N THR B 116 -0.07 39.34 -36.84
CA THR B 116 -0.02 37.90 -36.68
C THR B 116 -1.19 37.43 -35.81
N TRP B 117 -1.31 36.11 -35.67
CA TRP B 117 -2.44 35.53 -34.96
C TRP B 117 -2.39 35.76 -33.46
N LEU B 118 -1.19 36.00 -32.91
CA LEU B 118 -1.05 36.13 -31.46
C LEU B 118 -1.68 37.42 -30.94
N GLN B 119 -1.44 38.54 -31.64
CA GLN B 119 -2.07 39.79 -31.25
C GLN B 119 -3.58 39.73 -31.40
N TRP B 120 -4.05 39.01 -32.42
CA TRP B 120 -5.50 38.82 -32.60
C TRP B 120 -6.09 38.04 -31.44
N ASP B 121 -5.44 36.93 -31.05
CA ASP B 121 -5.91 36.14 -29.92
C ASP B 121 -5.84 36.93 -28.62
N LYS B 122 -4.91 37.88 -28.54
CA LYS B 122 -4.87 38.78 -27.38
C LYS B 122 -6.05 39.74 -27.39
N GLU B 123 -6.43 40.27 -28.56
CA GLU B 123 -7.32 41.41 -28.59
C GLU B 123 -8.78 41.08 -28.86
N ILE B 124 -9.12 39.96 -29.51
CA ILE B 124 -10.49 39.71 -29.92
C ILE B 124 -11.21 38.81 -28.91
N SER B 125 -10.52 38.40 -27.83
CA SER B 125 -10.95 37.31 -26.96
C SER B 125 -12.22 37.59 -26.18
N ASN B 126 -12.66 38.84 -26.09
CA ASN B 126 -13.95 39.11 -25.46
C ASN B 126 -15.08 38.76 -26.42
N TYR B 127 -16.29 38.65 -25.86
CA TYR B 127 -17.54 38.28 -26.56
C TYR B 127 -17.46 36.90 -27.20
N THR B 128 -16.58 36.04 -26.70
CA THR B 128 -16.34 34.74 -27.31
C THR B 128 -17.54 33.81 -27.10
N GLN B 129 -18.12 33.83 -25.90
CA GLN B 129 -19.25 32.97 -25.60
C GLN B 129 -20.49 33.34 -26.42
N ILE B 130 -20.75 34.64 -26.59
CA ILE B 130 -21.91 35.04 -27.36
C ILE B 130 -21.67 34.84 -28.85
N ILE B 131 -20.43 34.97 -29.32
CA ILE B 131 -20.10 34.62 -30.71
C ILE B 131 -20.36 33.15 -30.96
N TYR B 132 -19.95 32.29 -30.01
CA TYR B 132 -20.08 30.85 -30.19
C TYR B 132 -21.54 30.43 -30.12
N GLY B 133 -22.32 31.06 -29.23
CA GLY B 133 -23.74 30.78 -29.18
C GLY B 133 -24.48 31.24 -30.42
N LEU B 134 -24.07 32.38 -30.98
CA LEU B 134 -24.65 32.85 -32.24
C LEU B 134 -24.37 31.87 -33.38
N LEU B 135 -23.15 31.34 -33.43
CA LEU B 135 -22.82 30.35 -34.45
C LEU B 135 -23.61 29.07 -34.26
N GLU B 136 -23.82 28.64 -33.02
CA GLU B 136 -24.58 27.42 -32.73
C GLU B 136 -26.05 27.56 -33.16
N GLU B 137 -26.69 28.67 -32.78
CA GLU B 137 -28.08 28.87 -33.17
C GLU B 137 -28.24 29.08 -34.68
N SER B 138 -27.24 29.71 -35.31
CA SER B 138 -27.27 29.86 -36.77
C SER B 138 -27.16 28.51 -37.46
N GLN B 139 -26.32 27.61 -36.94
CA GLN B 139 -26.19 26.28 -37.52
C GLN B 139 -27.47 25.47 -37.36
N ASN B 140 -28.10 25.54 -36.19
CA ASN B 140 -29.35 24.80 -36.01
C ASN B 140 -30.49 25.39 -36.84
N GLN B 141 -30.49 26.72 -37.03
CA GLN B 141 -31.47 27.35 -37.92
C GLN B 141 -31.27 26.90 -39.36
N GLN B 142 -30.01 26.77 -39.79
CA GLN B 142 -29.71 26.26 -41.12
C GLN B 142 -30.18 24.82 -41.29
N GLU B 143 -29.98 24.00 -40.26
CA GLU B 143 -30.40 22.59 -40.32
C GLU B 143 -31.91 22.45 -40.41
N LYS B 144 -32.64 23.21 -39.58
CA LYS B 144 -34.10 23.09 -39.61
C LYS B 144 -34.69 23.72 -40.88
N ASN B 145 -34.07 24.77 -41.41
CA ASN B 145 -34.54 25.34 -42.66
C ASN B 145 -34.31 24.41 -43.84
N GLU B 146 -33.15 23.75 -43.87
CA GLU B 146 -32.88 22.77 -44.93
C GLU B 146 -33.79 21.56 -44.81
N GLN B 147 -34.09 21.13 -43.59
CA GLN B 147 -35.01 20.00 -43.41
C GLN B 147 -36.43 20.36 -43.82
N ASP B 148 -36.88 21.58 -43.50
CA ASP B 148 -38.20 22.01 -43.94
C ASP B 148 -38.27 22.19 -45.44
N LEU B 149 -37.16 22.63 -46.07
CA LEU B 149 -37.12 22.74 -47.52
C LEU B 149 -37.19 21.38 -48.19
N LEU B 150 -36.47 20.38 -47.65
CA LEU B 150 -36.53 19.05 -48.25
C LEU B 150 -37.83 18.33 -47.93
N ALA B 151 -38.47 18.67 -46.81
CA ALA B 151 -39.76 18.09 -46.49
C ALA B 151 -40.87 18.69 -47.34
N LEU B 152 -40.75 19.97 -47.69
CA LEU B 152 -41.70 20.62 -48.60
C LEU B 152 -41.45 20.28 -50.05
N ASP B 153 -40.34 19.62 -50.37
CA ASP B 153 -40.09 19.16 -51.72
C ASP B 153 -40.98 17.96 -52.05
N GLN C 1 73.83 12.07 6.33
CA GLN C 1 73.51 10.65 6.14
C GLN C 1 72.70 10.09 7.30
N VAL C 2 71.57 9.48 6.97
CA VAL C 2 70.75 8.83 7.98
C VAL C 2 71.35 7.47 8.33
N GLN C 3 70.99 6.97 9.50
CA GLN C 3 71.54 5.71 9.99
C GLN C 3 70.60 5.12 11.02
N LEU C 4 70.47 3.80 11.00
CA LEU C 4 69.63 3.07 11.93
C LEU C 4 70.50 2.18 12.81
N VAL C 5 70.30 2.27 14.12
CA VAL C 5 71.06 1.50 15.09
C VAL C 5 70.14 0.41 15.64
N GLN C 6 70.57 -0.83 15.54
CA GLN C 6 69.81 -1.97 16.04
C GLN C 6 70.52 -2.60 17.23
N SER C 7 69.77 -3.38 17.99
CA SER C 7 70.23 -3.92 19.25
C SER C 7 71.23 -5.06 19.05
N GLY C 8 71.79 -5.54 20.16
CA GLY C 8 72.71 -6.65 20.12
C GLY C 8 72.01 -7.99 20.02
N ALA C 9 72.82 -9.05 19.94
CA ALA C 9 72.30 -10.39 19.79
C ALA C 9 71.62 -10.87 21.07
N GLU C 10 70.57 -11.67 20.90
CA GLU C 10 69.80 -12.21 22.01
C GLU C 10 69.89 -13.73 21.99
N VAL C 11 70.35 -14.31 23.08
CA VAL C 11 70.46 -15.76 23.24
C VAL C 11 69.57 -16.16 24.39
N LYS C 12 68.58 -17.01 24.12
CA LYS C 12 67.65 -17.44 25.16
C LYS C 12 67.00 -18.76 24.75
N LYS C 13 66.39 -19.40 25.73
CA LYS C 13 65.67 -20.64 25.52
C LYS C 13 64.36 -20.37 24.77
N PRO C 14 63.80 -21.38 24.10
CA PRO C 14 62.48 -21.21 23.48
C PRO C 14 61.39 -20.94 24.50
N GLY C 15 60.40 -20.15 24.09
CA GLY C 15 59.28 -19.80 24.92
C GLY C 15 59.31 -18.41 25.51
N ALA C 16 60.44 -17.71 25.43
CA ALA C 16 60.56 -16.38 26.00
C ALA C 16 60.21 -15.34 24.93
N SER C 17 60.51 -14.07 25.22
CA SER C 17 60.19 -12.96 24.33
C SER C 17 61.45 -12.15 24.07
N VAL C 18 61.49 -11.50 22.91
CA VAL C 18 62.63 -10.70 22.47
C VAL C 18 62.17 -9.29 22.13
N LYS C 19 62.86 -8.29 22.68
CA LYS C 19 62.73 -6.90 22.29
C LYS C 19 63.90 -6.53 21.39
N VAL C 20 63.59 -5.97 20.23
CA VAL C 20 64.61 -5.45 19.31
C VAL C 20 64.35 -3.98 19.09
N SER C 21 65.35 -3.15 19.37
CA SER C 21 65.20 -1.71 19.24
C SER C 21 65.86 -1.23 17.95
N CYS C 22 65.24 -0.23 17.33
CA CYS C 22 65.75 0.38 16.11
C CYS C 22 65.67 1.89 16.28
N LYS C 23 66.83 2.56 16.29
CA LYS C 23 66.92 3.99 16.55
C LYS C 23 67.39 4.71 15.30
N ALA C 24 66.64 5.73 14.88
CA ALA C 24 66.94 6.47 13.67
C ALA C 24 67.75 7.73 13.97
N SER C 25 68.58 8.11 13.01
CA SER C 25 69.37 9.33 13.13
C SER C 25 69.54 9.94 11.75
N GLY C 26 69.56 11.26 11.68
CA GLY C 26 69.75 11.98 10.44
C GLY C 26 68.48 12.40 9.75
N TYR C 27 67.33 11.88 10.17
CA TYR C 27 66.04 12.28 9.62
C TYR C 27 65.00 12.08 10.70
N ARG C 28 63.88 12.78 10.56
CA ARG C 28 62.85 12.75 11.60
C ARG C 28 62.09 11.44 11.58
N PHE C 29 61.68 10.99 12.77
CA PHE C 29 60.99 9.72 12.91
C PHE C 29 59.57 9.74 12.36
N THR C 30 58.96 10.91 12.29
CA THR C 30 57.55 11.02 11.94
C THR C 30 57.30 10.81 10.45
N ASP C 31 58.24 11.21 9.59
CA ASP C 31 57.97 11.32 8.16
C ASP C 31 57.93 9.98 7.42
N HIS C 32 58.49 8.91 7.97
CA HIS C 32 58.67 7.69 7.20
C HIS C 32 58.14 6.48 7.95
N TYR C 33 57.67 5.50 7.18
CA TYR C 33 57.28 4.22 7.72
C TYR C 33 58.51 3.42 8.12
N ILE C 34 58.31 2.48 9.04
CA ILE C 34 59.34 1.55 9.46
C ILE C 34 58.84 0.14 9.20
N HIS C 35 59.58 -0.62 8.39
CA HIS C 35 59.27 -2.01 8.12
C HIS C 35 60.31 -2.91 8.79
N TRP C 36 59.96 -4.18 8.90
CA TRP C 36 60.82 -5.18 9.54
C TRP C 36 61.02 -6.37 8.62
N VAL C 37 62.26 -6.82 8.51
CA VAL C 37 62.62 -7.91 7.61
C VAL C 37 63.41 -8.95 8.38
N ARG C 38 62.91 -10.18 8.40
CA ARG C 38 63.64 -11.31 8.96
C ARG C 38 64.45 -11.98 7.87
N GLN C 39 65.53 -12.66 8.26
CA GLN C 39 66.29 -13.45 7.30
C GLN C 39 66.94 -14.60 8.06
N ALA C 40 66.43 -15.81 7.85
CA ALA C 40 67.11 -16.99 8.34
C ALA C 40 68.40 -17.22 7.54
N PRO C 41 69.44 -17.74 8.17
CA PRO C 41 70.66 -18.06 7.43
C PRO C 41 70.43 -19.18 6.43
N GLY C 42 71.00 -19.02 5.24
CA GLY C 42 70.69 -19.92 4.14
C GLY C 42 69.29 -19.75 3.60
N GLN C 43 68.72 -18.56 3.73
CA GLN C 43 67.34 -18.31 3.35
C GLN C 43 67.20 -16.84 3.00
N GLY C 44 66.31 -16.55 2.04
CA GLY C 44 66.08 -15.20 1.63
C GLY C 44 65.28 -14.41 2.65
N PRO C 45 65.09 -13.12 2.37
CA PRO C 45 64.38 -12.26 3.32
C PRO C 45 62.89 -12.57 3.40
N GLU C 46 62.30 -12.11 4.49
CA GLU C 46 60.88 -12.33 4.79
C GLU C 46 60.35 -11.06 5.43
N TRP C 47 59.41 -10.41 4.75
CA TRP C 47 58.78 -9.22 5.31
C TRP C 47 57.88 -9.62 6.48
N MET C 48 57.94 -8.84 7.55
CA MET C 48 57.30 -9.22 8.80
C MET C 48 56.28 -8.21 9.31
N GLY C 49 56.47 -6.92 9.10
CA GLY C 49 55.40 -5.97 9.38
C GLY C 49 55.85 -4.54 9.19
N TRP C 50 54.87 -3.64 9.22
CA TRP C 50 55.11 -2.21 9.16
C TRP C 50 54.41 -1.52 10.31
N ILE C 51 54.88 -0.31 10.61
CA ILE C 51 54.27 0.55 11.62
C ILE C 51 54.16 1.97 11.06
N ASN C 52 53.01 2.60 11.26
CA ASN C 52 52.87 4.03 11.05
C ASN C 52 53.53 4.75 12.21
N THR C 53 54.66 5.41 11.98
CA THR C 53 55.37 6.03 13.08
C THR C 53 54.70 7.32 13.56
N SER C 54 53.79 7.88 12.77
CA SER C 54 53.11 9.11 13.19
C SER C 54 52.02 8.85 14.21
N SER C 55 51.37 7.69 14.17
CA SER C 55 50.23 7.43 15.03
C SER C 55 50.26 6.08 15.72
N GLY C 56 51.24 5.22 15.43
CA GLY C 56 51.35 3.97 16.12
C GLY C 56 50.53 2.83 15.56
N ARG C 57 49.80 3.05 14.47
CA ARG C 57 49.07 1.96 13.82
C ARG C 57 50.06 1.06 13.11
N SER C 58 49.94 -0.24 13.33
CA SER C 58 50.87 -1.20 12.77
C SER C 58 50.11 -2.38 12.18
N ASN C 59 50.72 -3.04 11.21
CA ASN C 59 50.20 -4.26 10.64
C ASN C 59 51.32 -5.25 10.47
N PHE C 60 50.98 -6.53 10.52
CA PHE C 60 51.96 -7.61 10.49
C PHE C 60 51.64 -8.55 9.34
N ALA C 61 52.45 -9.58 9.18
CA ALA C 61 52.23 -10.55 8.13
C ALA C 61 51.07 -11.47 8.48
N GLN C 62 50.70 -12.32 7.53
CA GLN C 62 49.53 -13.17 7.69
C GLN C 62 49.76 -14.31 8.66
N LYS C 63 51.00 -14.65 8.99
CA LYS C 63 51.30 -15.76 9.89
C LYS C 63 52.04 -15.32 11.14
N PHE C 64 52.20 -14.01 11.36
CA PHE C 64 52.81 -13.49 12.57
C PHE C 64 51.79 -12.94 13.54
N GLN C 65 50.49 -13.13 13.26
CA GLN C 65 49.45 -12.61 14.14
C GLN C 65 49.37 -13.41 15.42
N GLY C 66 49.22 -12.71 16.54
CA GLY C 66 49.17 -13.34 17.84
C GLY C 66 50.52 -13.58 18.48
N ARG C 67 51.61 -13.29 17.78
CA ARG C 67 52.95 -13.45 18.32
C ARG C 67 53.78 -12.17 18.30
N VAL C 68 53.35 -11.15 17.56
CA VAL C 68 54.18 -10.00 17.22
C VAL C 68 53.46 -8.73 17.65
N THR C 69 54.15 -7.86 18.39
CA THR C 69 53.67 -6.49 18.58
C THR C 69 54.81 -5.52 18.27
N MET C 70 54.40 -4.32 17.86
CA MET C 70 55.33 -3.27 17.46
C MET C 70 54.94 -1.98 18.15
N THR C 71 55.92 -1.33 18.78
CA THR C 71 55.71 -0.06 19.45
C THR C 71 56.75 0.93 18.97
N ARG C 72 56.56 2.20 19.33
CA ARG C 72 57.57 3.21 19.06
C ARG C 72 57.38 4.36 20.04
N ASP C 73 58.40 5.20 20.14
CA ASP C 73 58.27 6.47 20.85
C ASP C 73 59.12 7.52 20.13
N THR C 74 58.49 8.67 19.87
CA THR C 74 59.11 9.76 19.13
C THR C 74 59.84 10.74 20.03
N SER C 75 59.74 10.58 21.35
CA SER C 75 60.51 11.41 22.27
C SER C 75 62.00 11.15 22.12
N ILE C 76 62.38 9.87 21.99
CA ILE C 76 63.75 9.50 21.67
C ILE C 76 63.88 9.01 20.23
N SER C 77 62.78 8.96 19.49
CA SER C 77 62.72 8.61 18.07
C SER C 77 63.28 7.21 17.80
N THR C 78 62.61 6.21 18.37
CA THR C 78 63.02 4.83 18.17
C THR C 78 61.80 3.93 18.19
N ALA C 79 61.99 2.70 17.71
CA ALA C 79 60.91 1.73 17.60
C ALA C 79 61.34 0.41 18.22
N TYR C 80 60.35 -0.35 18.71
CA TYR C 80 60.58 -1.61 19.40
C TYR C 80 59.76 -2.73 18.78
N MET C 81 60.43 -3.86 18.63
CA MET C 81 59.88 -5.15 18.23
C MET C 81 59.75 -6.06 19.43
N GLU C 82 58.52 -6.49 19.72
CA GLU C 82 58.28 -7.52 20.72
C GLU C 82 57.83 -8.77 19.99
N LEU C 83 58.60 -9.85 20.14
CA LEU C 83 58.23 -11.16 19.63
C LEU C 83 58.08 -12.11 20.81
N ASN C 84 56.94 -12.79 20.89
CA ASN C 84 56.61 -13.64 22.02
C ASN C 84 56.59 -15.10 21.59
N ARG C 85 57.03 -15.97 22.50
CA ARG C 85 57.05 -17.43 22.36
C ARG C 85 57.86 -17.85 21.13
N LEU C 86 59.16 -17.62 21.22
CA LEU C 86 60.04 -17.96 20.12
C LEU C 86 60.25 -19.46 20.00
N LYS C 87 60.32 -19.94 18.77
CA LYS C 87 60.72 -21.30 18.48
C LYS C 87 62.18 -21.33 18.04
N SER C 88 62.72 -22.55 17.93
CA SER C 88 64.12 -22.74 17.57
C SER C 88 64.43 -22.33 16.14
N ASP C 89 63.42 -22.19 15.29
CA ASP C 89 63.62 -21.66 13.94
C ASP C 89 63.62 -20.14 13.88
N ASP C 90 63.48 -19.46 15.03
CA ASP C 90 63.51 -18.00 15.06
C ASP C 90 64.92 -17.44 15.09
N THR C 91 65.94 -18.29 15.05
CA THR C 91 67.33 -17.85 14.91
C THR C 91 67.51 -17.22 13.53
N ALA C 92 67.65 -15.91 13.49
CA ALA C 92 67.68 -15.18 12.23
C ALA C 92 68.30 -13.80 12.44
N VAL C 93 68.60 -13.15 11.33
CA VAL C 93 69.02 -11.76 11.32
C VAL C 93 67.78 -10.89 11.17
N TYR C 94 67.64 -9.91 12.04
CA TYR C 94 66.50 -9.02 12.04
C TYR C 94 66.93 -7.64 11.57
N TYR C 95 66.17 -7.07 10.65
CA TYR C 95 66.50 -5.80 10.01
C TYR C 95 65.35 -4.82 10.19
N CYS C 96 65.69 -3.61 10.59
CA CYS C 96 64.77 -2.47 10.63
C CYS C 96 65.04 -1.60 9.41
N THR C 97 64.01 -1.38 8.59
CA THR C 97 64.16 -0.67 7.33
C THR C 97 63.25 0.55 7.30
N THR C 98 63.64 1.55 6.50
CA THR C 98 62.89 2.78 6.32
C THR C 98 62.11 2.68 5.02
N GLY C 99 60.81 2.88 5.10
CA GLY C 99 59.91 2.68 3.97
C GLY C 99 59.58 3.97 3.25
N SER C 100 58.32 4.09 2.84
CA SER C 100 57.88 5.19 2.00
C SER C 100 57.64 6.45 2.82
N TRP C 101 57.03 7.45 2.20
CA TRP C 101 56.75 8.72 2.87
C TRP C 101 55.35 8.67 3.48
N ILE C 102 55.26 9.03 4.75
CA ILE C 102 53.97 9.03 5.45
C ILE C 102 53.19 10.26 5.02
N SER C 103 52.03 10.05 4.41
CA SER C 103 51.18 11.15 4.00
C SER C 103 49.76 10.91 4.48
N LEU C 104 49.05 12.01 4.72
CA LEU C 104 47.73 11.96 5.32
C LEU C 104 46.61 11.73 4.31
N TYR C 105 46.94 11.64 3.01
CA TYR C 105 45.91 11.62 1.98
C TYR C 105 45.86 10.33 1.17
N TYR C 106 46.91 9.51 1.20
CA TYR C 106 46.92 8.29 0.43
C TYR C 106 47.74 7.23 1.15
N ASP C 107 47.29 5.99 1.05
CA ASP C 107 47.92 4.88 1.76
C ASP C 107 49.16 4.44 1.00
N SER C 108 50.33 4.82 1.51
CA SER C 108 51.60 4.40 0.95
C SER C 108 52.35 3.46 1.88
N SER C 109 51.60 2.72 2.71
CA SER C 109 52.23 1.84 3.69
C SER C 109 52.83 0.61 3.03
N GLY C 110 52.12 0.02 2.10
CA GLY C 110 52.56 -1.21 1.47
C GLY C 110 53.59 -1.06 0.39
N TYR C 111 54.08 0.14 0.15
CA TYR C 111 55.08 0.36 -0.88
C TYR C 111 56.40 -0.26 -0.47
N PRO C 112 56.97 -1.16 -1.23
CA PRO C 112 58.26 -1.76 -0.86
C PRO C 112 59.46 -0.91 -1.27
N ASN C 113 59.48 0.33 -0.78
CA ASN C 113 60.60 1.24 -1.03
C ASN C 113 61.47 1.27 0.23
N PHE C 114 62.26 0.22 0.40
CA PHE C 114 63.12 0.08 1.57
C PHE C 114 64.41 0.83 1.31
N ASP C 115 64.42 2.11 1.70
CA ASP C 115 65.52 3.00 1.31
C ASP C 115 66.79 2.70 2.08
N TYR C 116 66.68 2.54 3.40
CA TYR C 116 67.84 2.36 4.25
C TYR C 116 67.62 1.15 5.15
N TRP C 117 68.70 0.43 5.42
CA TRP C 117 68.63 -0.80 6.21
C TRP C 117 69.53 -0.68 7.43
N GLY C 118 69.04 -1.18 8.56
CA GLY C 118 69.84 -1.23 9.76
C GLY C 118 70.88 -2.33 9.69
N GLN C 119 71.73 -2.36 10.72
CA GLN C 119 72.79 -3.35 10.76
C GLN C 119 72.28 -4.74 11.13
N GLY C 120 71.06 -4.86 11.64
CA GLY C 120 70.48 -6.14 11.97
C GLY C 120 70.96 -6.67 13.31
N THR C 121 70.24 -7.67 13.80
CA THR C 121 70.64 -8.35 15.02
C THR C 121 70.50 -9.85 14.83
N LEU C 122 71.32 -10.61 15.56
CA LEU C 122 71.39 -12.07 15.43
C LEU C 122 70.59 -12.69 16.56
N VAL C 123 69.29 -12.85 16.35
CA VAL C 123 68.42 -13.44 17.37
C VAL C 123 68.58 -14.95 17.25
N THR C 124 69.37 -15.53 18.14
CA THR C 124 69.69 -16.95 18.11
C THR C 124 69.00 -17.66 19.26
N VAL C 125 68.29 -18.74 18.94
CA VAL C 125 67.54 -19.52 19.91
C VAL C 125 68.23 -20.87 20.07
N THR C 126 68.66 -21.18 21.29
CA THR C 126 69.32 -22.45 21.57
C THR C 126 68.51 -23.26 22.58
N THR D 1 57.93 -16.66 -7.24
CA THR D 1 58.85 -17.62 -7.84
C THR D 1 60.08 -16.91 -8.39
N GLN D 2 61.23 -17.59 -8.30
CA GLN D 2 62.49 -17.03 -8.72
C GLN D 2 63.43 -18.16 -9.09
N PRO D 3 64.24 -18.01 -10.14
CA PRO D 3 65.27 -19.01 -10.44
C PRO D 3 66.31 -19.06 -9.33
N ALA D 4 66.85 -20.26 -9.11
CA ALA D 4 67.76 -20.48 -7.99
C ALA D 4 69.10 -19.78 -8.21
N SER D 5 69.66 -19.88 -9.41
CA SER D 5 70.94 -19.24 -9.69
C SER D 5 71.03 -18.95 -11.18
N VAL D 6 71.92 -18.01 -11.51
CA VAL D 6 72.23 -17.67 -12.89
C VAL D 6 73.75 -17.48 -12.97
N SER D 7 74.30 -17.77 -14.15
CA SER D 7 75.73 -17.63 -14.37
C SER D 7 75.97 -16.87 -15.67
N GLY D 8 77.07 -16.13 -15.70
CA GLY D 8 77.39 -15.36 -16.89
C GLY D 8 78.82 -14.86 -16.96
N SER D 9 79.33 -14.68 -18.17
CA SER D 9 80.64 -14.11 -18.38
C SER D 9 80.61 -12.61 -18.12
N PRO D 10 81.75 -12.01 -17.77
CA PRO D 10 81.80 -10.55 -17.68
C PRO D 10 81.62 -9.88 -19.03
N GLY D 11 81.04 -8.69 -19.01
CA GLY D 11 80.84 -7.90 -20.21
C GLY D 11 79.57 -8.20 -20.98
N GLN D 12 78.67 -9.01 -20.44
CA GLN D 12 77.42 -9.31 -21.14
C GLN D 12 76.24 -9.14 -20.21
N PRO D 13 75.08 -8.76 -20.75
CA PRO D 13 73.89 -8.64 -19.91
C PRO D 13 73.33 -10.00 -19.51
N ILE D 14 72.66 -10.03 -18.36
CA ILE D 14 71.94 -11.20 -17.88
C ILE D 14 70.55 -10.76 -17.43
N THR D 15 69.68 -11.73 -17.22
CA THR D 15 68.31 -11.46 -16.80
C THR D 15 67.94 -12.34 -15.61
N ILE D 16 67.31 -11.75 -14.61
CA ILE D 16 66.75 -12.47 -13.48
C ILE D 16 65.26 -12.17 -13.43
N SER D 17 64.44 -13.22 -13.43
CA SER D 17 63.00 -13.07 -13.53
C SER D 17 62.32 -13.32 -12.19
N CYS D 18 61.09 -12.83 -12.07
CA CYS D 18 60.22 -13.11 -10.94
C CYS D 18 58.79 -13.19 -11.46
N THR D 19 58.22 -14.39 -11.41
CA THR D 19 56.87 -14.62 -11.87
C THR D 19 55.96 -14.82 -10.67
N GLY D 20 54.97 -13.95 -10.54
CA GLY D 20 54.01 -14.06 -9.47
C GLY D 20 52.58 -14.10 -9.99
N THR D 21 51.62 -14.09 -9.08
CA THR D 21 50.22 -14.11 -9.47
C THR D 21 49.77 -12.73 -9.93
N SER D 22 48.51 -12.63 -10.33
CA SER D 22 47.97 -11.35 -10.79
C SER D 22 47.84 -10.35 -9.65
N SER D 23 47.60 -10.84 -8.43
CA SER D 23 47.49 -9.94 -7.28
C SER D 23 48.84 -9.38 -6.86
N ASP D 24 49.92 -10.10 -7.12
CA ASP D 24 51.25 -9.69 -6.68
C ASP D 24 51.87 -8.66 -7.62
N VAL D 25 52.06 -9.03 -8.88
CA VAL D 25 52.71 -8.17 -9.85
C VAL D 25 51.74 -7.65 -10.90
N GLY D 26 50.73 -8.43 -11.29
CA GLY D 26 49.83 -8.00 -12.34
C GLY D 26 48.94 -6.83 -11.95
N ASN D 27 48.41 -6.85 -10.71
CA ASN D 27 47.54 -5.76 -10.27
C ASN D 27 48.33 -4.49 -10.00
N TYR D 28 49.45 -4.61 -9.29
CA TYR D 28 50.22 -3.46 -8.84
C TYR D 28 51.64 -3.55 -9.34
N ASP D 29 52.15 -2.45 -9.87
CA ASP D 29 53.49 -2.39 -10.43
C ASP D 29 54.58 -2.18 -9.39
N LEU D 30 54.24 -2.25 -8.10
CA LEU D 30 55.21 -2.05 -7.04
C LEU D 30 56.10 -3.28 -6.96
N VAL D 31 57.24 -3.23 -7.63
CA VAL D 31 58.24 -4.29 -7.59
C VAL D 31 59.59 -3.63 -7.34
N SER D 32 60.43 -4.30 -6.56
CA SER D 32 61.71 -3.76 -6.15
C SER D 32 62.75 -4.86 -6.21
N TRP D 33 64.01 -4.47 -6.38
CA TRP D 33 65.12 -5.42 -6.49
C TRP D 33 66.24 -4.98 -5.57
N TYR D 34 66.78 -5.93 -4.81
CA TYR D 34 67.89 -5.67 -3.91
C TYR D 34 68.97 -6.72 -4.10
N GLN D 35 70.21 -6.33 -3.87
CA GLN D 35 71.31 -7.28 -3.84
C GLN D 35 71.88 -7.32 -2.43
N GLN D 36 72.52 -8.43 -2.11
CA GLN D 36 73.06 -8.66 -0.76
C GLN D 36 74.34 -9.45 -0.89
N HIS D 37 75.45 -8.83 -0.52
CA HIS D 37 76.69 -9.56 -0.34
C HIS D 37 76.58 -10.42 0.91
N PRO D 38 77.31 -11.54 0.96
CA PRO D 38 77.33 -12.35 2.19
C PRO D 38 77.96 -11.59 3.34
N GLY D 39 77.33 -11.72 4.51
CA GLY D 39 77.75 -10.95 5.68
C GLY D 39 77.53 -9.47 5.56
N ASN D 40 76.42 -9.06 4.95
CA ASN D 40 76.14 -7.65 4.74
C ASN D 40 74.64 -7.43 4.62
N ALA D 41 74.23 -6.18 4.83
CA ALA D 41 72.83 -5.82 4.68
C ALA D 41 72.46 -5.79 3.19
N PRO D 42 71.18 -6.00 2.88
CA PRO D 42 70.73 -5.87 1.49
C PRO D 42 70.86 -4.43 0.98
N LYS D 43 71.10 -4.30 -0.32
CA LYS D 43 71.28 -3.00 -0.95
C LYS D 43 69.93 -2.47 -1.42
N TYR D 44 69.95 -1.42 -2.24
CA TYR D 44 68.73 -0.74 -2.67
C TYR D 44 69.02 -0.01 -3.98
N MET D 45 68.58 -0.59 -5.09
CA MET D 45 68.82 0.01 -6.40
C MET D 45 67.62 0.04 -7.33
N ILE D 46 66.54 -0.66 -7.02
CA ILE D 46 65.30 -0.60 -7.79
C ILE D 46 64.17 -0.45 -6.78
N TYR D 47 63.34 0.57 -6.94
CA TYR D 47 62.20 0.74 -6.05
C TYR D 47 60.86 0.71 -6.77
N GLU D 48 60.73 1.44 -7.86
CA GLU D 48 59.51 1.34 -8.65
C GLU D 48 59.71 0.26 -9.70
N VAL D 49 58.80 0.20 -10.68
CA VAL D 49 58.86 -0.86 -11.67
C VAL D 49 60.05 -0.67 -12.62
N THR D 50 60.52 0.56 -12.81
CA THR D 50 61.69 0.84 -13.63
C THR D 50 62.68 1.80 -13.01
N LYS D 51 62.32 2.53 -11.95
CA LYS D 51 63.10 3.65 -11.48
C LYS D 51 64.34 3.20 -10.71
N ARG D 52 65.27 4.13 -10.53
CA ARG D 52 66.50 3.92 -9.79
C ARG D 52 66.75 5.10 -8.89
N PRO D 53 67.33 4.89 -7.71
CA PRO D 53 67.67 6.00 -6.82
C PRO D 53 69.02 6.61 -7.20
N ALA D 54 69.45 7.58 -6.40
CA ALA D 54 70.75 8.18 -6.60
C ALA D 54 71.85 7.21 -6.17
N GLY D 55 73.04 7.40 -6.74
CA GLY D 55 74.16 6.53 -6.46
C GLY D 55 74.14 5.21 -7.20
N ILE D 56 73.19 5.01 -8.11
CA ILE D 56 73.06 3.78 -8.88
C ILE D 56 73.23 4.14 -10.36
N SER D 57 74.13 3.42 -11.03
CA SER D 57 74.38 3.67 -12.44
C SER D 57 73.37 2.89 -13.29
N ASN D 58 73.60 2.84 -14.60
CA ASN D 58 72.73 2.17 -15.55
C ASN D 58 73.09 0.71 -15.75
N ARG D 59 73.76 0.09 -14.77
CA ARG D 59 74.08 -1.32 -14.85
C ARG D 59 72.82 -2.18 -14.79
N PHE D 60 71.86 -1.81 -13.97
CA PHE D 60 70.65 -2.58 -13.74
C PHE D 60 69.45 -1.84 -14.31
N SER D 61 68.49 -2.60 -14.85
CA SER D 61 67.28 -2.00 -15.40
C SER D 61 66.13 -2.96 -15.19
N GLY D 62 65.06 -2.49 -14.57
CA GLY D 62 63.90 -3.32 -14.36
C GLY D 62 62.86 -3.17 -15.45
N SER D 63 62.06 -4.22 -15.61
CA SER D 63 60.96 -4.18 -16.57
C SER D 63 59.89 -5.15 -16.09
N LYS D 64 58.67 -4.95 -16.58
CA LYS D 64 57.56 -5.82 -16.25
C LYS D 64 56.83 -6.22 -17.51
N SER D 65 56.64 -7.52 -17.70
CA SER D 65 55.89 -8.05 -18.83
C SER D 65 54.76 -8.89 -18.25
N GLY D 66 53.54 -8.40 -18.37
CA GLY D 66 52.35 -9.14 -18.01
C GLY D 66 52.24 -9.49 -16.54
N ASN D 67 52.48 -10.76 -16.24
CA ASN D 67 52.43 -11.27 -14.89
C ASN D 67 53.80 -11.49 -14.27
N THR D 68 54.87 -11.07 -14.93
CA THR D 68 56.20 -11.26 -14.36
C THR D 68 57.01 -9.97 -14.49
N ALA D 69 58.06 -9.89 -13.68
CA ALA D 69 58.96 -8.74 -13.67
C ALA D 69 60.39 -9.24 -13.76
N SER D 70 61.18 -8.67 -14.67
CA SER D 70 62.53 -9.11 -14.91
C SER D 70 63.51 -7.96 -14.75
N LEU D 71 64.63 -8.24 -14.10
CA LEU D 71 65.72 -7.29 -13.97
C LEU D 71 66.84 -7.70 -14.91
N THR D 72 67.28 -6.77 -15.75
CA THR D 72 68.33 -7.02 -16.72
C THR D 72 69.58 -6.25 -16.29
N ILE D 73 70.68 -6.97 -16.15
CA ILE D 73 71.97 -6.41 -15.77
C ILE D 73 72.80 -6.29 -17.05
N SER D 74 72.93 -5.07 -17.55
CA SER D 74 73.65 -4.81 -18.80
C SER D 74 75.15 -4.82 -18.53
N GLY D 75 75.82 -5.89 -18.93
CA GLY D 75 77.20 -6.11 -18.58
C GLY D 75 77.34 -6.82 -17.25
N LEU D 76 78.57 -7.23 -16.96
CA LEU D 76 78.83 -7.95 -15.71
C LEU D 76 80.23 -7.62 -15.22
N GLN D 77 80.42 -7.81 -13.92
CA GLN D 77 81.72 -7.64 -13.29
C GLN D 77 81.73 -8.49 -12.02
N ALA D 78 82.94 -8.67 -11.45
CA ALA D 78 83.12 -9.54 -10.30
C ALA D 78 82.45 -9.02 -9.04
N GLU D 79 82.09 -7.73 -9.00
CA GLU D 79 81.31 -7.20 -7.89
C GLU D 79 79.87 -7.71 -7.90
N ASP D 80 79.38 -8.20 -9.03
CA ASP D 80 77.98 -8.57 -9.18
C ASP D 80 77.69 -10.01 -8.79
N ALA D 81 78.47 -10.59 -7.89
CA ALA D 81 78.28 -11.97 -7.45
C ALA D 81 77.36 -12.08 -6.25
N ALA D 82 76.73 -10.97 -5.83
CA ALA D 82 75.86 -10.96 -4.66
C ALA D 82 74.54 -11.68 -4.95
N ASP D 83 73.78 -11.94 -3.89
CA ASP D 83 72.50 -12.62 -4.01
C ASP D 83 71.40 -11.60 -4.23
N TYR D 84 70.57 -11.81 -5.25
CA TYR D 84 69.57 -10.84 -5.66
C TYR D 84 68.19 -11.34 -5.24
N TYR D 85 67.41 -10.44 -4.64
CA TYR D 85 66.05 -10.70 -4.23
C TYR D 85 65.12 -9.71 -4.89
N CYS D 86 63.95 -10.18 -5.31
CA CYS D 86 62.88 -9.31 -5.78
C CYS D 86 61.76 -9.31 -4.76
N CYS D 87 61.05 -8.19 -4.69
CA CYS D 87 60.08 -7.94 -3.66
C CYS D 87 58.90 -7.19 -4.25
N SER D 88 57.71 -7.41 -3.71
CA SER D 88 56.53 -6.82 -4.32
C SER D 88 55.42 -6.65 -3.29
N TYR D 89 54.47 -5.80 -3.64
CA TYR D 89 53.28 -5.59 -2.84
C TYR D 89 52.25 -6.67 -3.17
N ALA D 90 51.81 -7.40 -2.14
CA ALA D 90 50.94 -8.55 -2.34
C ALA D 90 49.47 -8.24 -2.12
N GLY D 91 49.13 -6.99 -1.87
CA GLY D 91 47.76 -6.63 -1.58
C GLY D 91 47.41 -6.84 -0.12
N SER D 92 46.35 -6.16 0.31
CA SER D 92 45.87 -6.13 1.70
C SER D 92 46.96 -5.69 2.67
N SER D 93 47.78 -4.72 2.22
CA SER D 93 48.87 -4.10 3.00
C SER D 93 49.89 -5.13 3.48
N THR D 94 50.15 -6.14 2.67
CA THR D 94 51.17 -7.14 2.95
C THR D 94 52.18 -7.16 1.81
N VAL D 95 53.46 -7.34 2.17
CA VAL D 95 54.57 -7.28 1.24
C VAL D 95 55.25 -8.64 1.22
N ILE D 96 55.59 -9.13 0.03
CA ILE D 96 56.23 -10.44 -0.11
C ILE D 96 57.54 -10.27 -0.87
N PHE D 97 58.35 -11.33 -0.84
CA PHE D 97 59.65 -11.35 -1.50
C PHE D 97 59.68 -12.47 -2.54
N GLY D 98 60.81 -12.59 -3.22
CA GLY D 98 60.97 -13.57 -4.28
C GLY D 98 61.62 -14.86 -3.82
N GLY D 99 62.65 -14.76 -2.99
CA GLY D 99 63.33 -15.93 -2.49
C GLY D 99 64.83 -15.93 -2.71
N GLY D 100 65.29 -15.48 -3.87
CA GLY D 100 66.72 -15.36 -4.12
C GLY D 100 67.25 -15.88 -5.44
N THR D 101 68.37 -15.32 -5.86
CA THR D 101 69.06 -15.74 -7.08
C THR D 101 70.55 -15.46 -6.91
N LYS D 102 71.38 -16.48 -7.07
CA LYS D 102 72.82 -16.37 -6.93
C LYS D 102 73.44 -16.14 -8.30
N VAL D 103 74.17 -15.05 -8.46
CA VAL D 103 74.80 -14.69 -9.72
C VAL D 103 76.25 -15.12 -9.69
N THR D 104 76.65 -15.91 -10.68
CA THR D 104 78.02 -16.41 -10.81
C THR D 104 78.68 -15.71 -11.99
N VAL D 105 79.50 -14.71 -11.69
CA VAL D 105 80.26 -13.99 -12.70
C VAL D 105 81.57 -14.72 -12.91
N LEU D 106 81.85 -15.09 -14.16
CA LEU D 106 83.03 -15.89 -14.50
C LEU D 106 84.32 -15.08 -14.43
N ASN E 25 -42.72 7.47 -49.48
CA ASN E 25 -43.70 7.85 -48.46
C ASN E 25 -43.01 8.22 -47.15
N LEU E 26 -43.19 7.39 -46.13
CA LEU E 26 -42.60 7.63 -44.83
C LEU E 26 -41.20 7.03 -44.77
N TRP E 27 -40.20 7.87 -44.56
CA TRP E 27 -38.81 7.43 -44.47
C TRP E 27 -38.29 7.66 -43.06
N VAL E 28 -37.53 6.69 -42.57
CA VAL E 28 -37.00 6.77 -41.21
C VAL E 28 -35.87 7.81 -41.17
N THR E 29 -35.85 8.61 -40.10
CA THR E 29 -34.87 9.66 -39.89
C THR E 29 -34.37 9.56 -38.46
N VAL E 30 -33.15 10.03 -38.24
CA VAL E 30 -32.52 9.99 -36.93
C VAL E 30 -32.18 11.41 -36.51
N TYR E 31 -32.36 11.68 -35.21
CA TYR E 31 -32.16 12.99 -34.62
C TYR E 31 -31.13 12.87 -33.51
N TYR E 32 -30.14 13.77 -33.53
CA TYR E 32 -29.10 13.78 -32.52
C TYR E 32 -29.36 14.90 -31.53
N GLY E 33 -29.42 14.55 -30.25
CA GLY E 33 -29.73 15.49 -29.22
C GLY E 33 -31.17 15.52 -28.79
N VAL E 34 -31.86 14.39 -28.82
CA VAL E 34 -33.24 14.37 -28.33
C VAL E 34 -33.24 14.44 -26.81
N PRO E 35 -34.17 15.13 -26.18
CA PRO E 35 -34.25 15.13 -24.71
C PRO E 35 -35.03 13.95 -24.14
N VAL E 36 -34.39 12.78 -24.10
CA VAL E 36 -34.91 11.61 -23.41
C VAL E 36 -33.84 11.12 -22.43
N TRP E 37 -34.22 10.20 -21.56
CA TRP E 37 -33.29 9.65 -20.58
C TRP E 37 -33.69 8.22 -20.24
N LYS E 38 -32.85 7.58 -19.44
CA LYS E 38 -33.13 6.25 -18.95
C LYS E 38 -32.46 6.08 -17.58
N GLU E 39 -32.95 5.11 -16.81
CA GLU E 39 -32.38 4.87 -15.48
C GLU E 39 -31.07 4.11 -15.60
N ALA E 40 -30.05 4.57 -14.88
CA ALA E 40 -28.73 3.96 -14.96
C ALA E 40 -27.97 4.22 -13.67
N LYS E 41 -26.80 3.57 -13.58
CA LYS E 41 -25.90 3.70 -12.44
C LYS E 41 -24.55 4.22 -12.92
N THR E 42 -23.94 5.10 -12.14
CA THR E 42 -22.64 5.64 -12.48
C THR E 42 -21.90 6.03 -11.21
N THR E 43 -20.63 6.39 -11.38
CA THR E 43 -19.76 6.76 -10.26
C THR E 43 -19.73 8.28 -10.16
N LEU E 44 -20.54 8.83 -9.26
CA LEU E 44 -20.54 10.26 -9.04
C LEU E 44 -19.29 10.66 -8.29
N PHE E 45 -18.91 11.93 -8.42
CA PHE E 45 -17.70 12.42 -7.80
C PHE E 45 -18.01 13.61 -6.89
N CYS E 46 -17.12 13.85 -5.94
CA CYS E 46 -17.28 14.95 -5.01
C CYS E 46 -16.97 16.28 -5.67
N ALA E 47 -17.57 17.32 -5.10
CA ALA E 47 -17.29 18.69 -5.48
C ALA E 47 -17.62 19.58 -4.30
N SER E 48 -16.65 20.37 -3.85
CA SER E 48 -16.82 21.23 -2.68
C SER E 48 -17.45 22.55 -3.12
N ASP E 49 -17.47 23.51 -2.21
CA ASP E 49 -18.09 24.81 -2.46
C ASP E 49 -17.09 25.95 -2.40
N ALA E 50 -15.85 25.67 -2.83
CA ALA E 50 -14.75 26.64 -2.92
C ALA E 50 -14.44 27.30 -1.58
N ARG E 51 -14.50 26.51 -0.52
CA ARG E 51 -14.14 26.98 0.81
C ARG E 51 -12.63 27.15 0.91
N ALA E 52 -12.20 27.98 1.86
CA ALA E 52 -10.79 28.32 2.03
C ALA E 52 -10.05 27.12 2.59
N TYR E 53 -9.31 26.41 1.73
CA TYR E 53 -8.52 25.24 2.12
C TYR E 53 -7.03 25.50 2.07
N GLU E 54 -6.62 26.75 2.28
CA GLU E 54 -5.19 27.08 2.23
C GLU E 54 -4.46 26.56 3.46
N LYS E 55 -5.15 26.44 4.59
CA LYS E 55 -4.56 25.95 5.82
C LYS E 55 -5.19 24.66 6.32
N GLU E 56 -6.46 24.40 5.99
CA GLU E 56 -7.15 23.20 6.46
C GLU E 56 -7.13 22.13 5.37
N VAL E 57 -5.92 21.65 5.09
CA VAL E 57 -5.73 20.52 4.19
C VAL E 57 -5.71 19.20 4.94
N HIS E 58 -6.21 19.19 6.18
CA HIS E 58 -6.11 18.06 7.08
C HIS E 58 -7.48 17.51 7.47
N ASN E 59 -8.52 17.81 6.70
CA ASN E 59 -9.85 17.32 7.03
C ASN E 59 -9.95 15.83 6.77
N VAL E 60 -10.80 15.17 7.55
CA VAL E 60 -10.95 13.72 7.43
C VAL E 60 -11.68 13.33 6.17
N TRP E 61 -12.49 14.22 5.59
CA TRP E 61 -13.26 13.91 4.39
C TRP E 61 -12.58 14.37 3.12
N ALA E 62 -11.38 14.95 3.23
CA ALA E 62 -10.49 15.27 2.10
C ALA E 62 -11.15 16.17 1.07
N THR E 63 -11.97 17.11 1.55
CA THR E 63 -12.79 17.93 0.67
C THR E 63 -11.97 18.88 -0.20
N HIS E 64 -10.72 19.17 0.19
CA HIS E 64 -9.81 19.93 -0.65
C HIS E 64 -9.46 19.21 -1.94
N ALA E 65 -9.57 17.88 -1.97
CA ALA E 65 -9.39 17.15 -3.22
C ALA E 65 -10.61 17.20 -4.12
N CYS E 66 -11.73 17.75 -3.65
CA CYS E 66 -12.92 17.85 -4.49
C CYS E 66 -12.79 19.02 -5.47
N VAL E 67 -13.58 18.95 -6.53
CA VAL E 67 -13.56 19.98 -7.56
C VAL E 67 -14.28 21.22 -7.03
N PRO E 68 -13.67 22.41 -7.11
CA PRO E 68 -14.34 23.62 -6.61
C PRO E 68 -15.49 24.04 -7.52
N THR E 69 -16.70 24.10 -6.95
CA THR E 69 -17.88 24.58 -7.67
C THR E 69 -17.91 26.10 -7.63
N ASP E 70 -17.12 26.71 -8.51
CA ASP E 70 -17.17 28.16 -8.67
C ASP E 70 -18.51 28.70 -9.18
N PRO E 71 -19.14 28.19 -10.26
CA PRO E 71 -20.40 28.81 -10.69
C PRO E 71 -21.61 28.21 -9.98
N SER E 72 -22.74 28.88 -10.16
CA SER E 72 -24.00 28.38 -9.66
C SER E 72 -24.46 27.17 -10.47
N PRO E 73 -25.17 26.23 -9.84
CA PRO E 73 -25.64 25.05 -10.59
C PRO E 73 -26.72 25.40 -11.59
N GLN E 74 -26.85 24.55 -12.61
CA GLN E 74 -27.85 24.71 -13.66
C GLN E 74 -29.19 24.22 -13.11
N GLU E 75 -29.86 25.11 -12.38
CA GLU E 75 -31.16 24.80 -11.79
C GLU E 75 -32.24 25.14 -12.80
N LEU E 76 -32.74 24.13 -13.50
CA LEU E 76 -33.77 24.31 -14.50
C LEU E 76 -34.94 23.39 -14.19
N VAL E 77 -36.12 23.96 -14.02
CA VAL E 77 -37.34 23.18 -13.91
C VAL E 77 -37.85 22.84 -15.30
N LEU E 78 -38.28 21.60 -15.49
CA LEU E 78 -38.63 21.14 -16.83
C LEU E 78 -40.04 21.57 -17.24
N GLY E 79 -41.04 21.12 -16.49
CA GLY E 79 -42.42 21.42 -16.84
C GLY E 79 -43.08 20.32 -17.65
N ASN E 80 -44.29 19.92 -17.23
CA ASN E 80 -45.08 18.84 -17.82
C ASN E 80 -44.30 17.52 -17.85
N VAL E 81 -43.53 17.26 -16.80
CA VAL E 81 -42.70 16.06 -16.69
C VAL E 81 -43.07 15.32 -15.41
N THR E 82 -43.37 14.04 -15.54
CA THR E 82 -43.63 13.18 -14.40
C THR E 82 -42.60 12.04 -14.40
N GLU E 83 -42.03 11.77 -13.23
CA GLU E 83 -41.03 10.72 -13.08
C GLU E 83 -41.31 9.94 -11.80
N ASN E 84 -41.20 8.61 -11.88
CA ASN E 84 -41.42 7.77 -10.72
C ASN E 84 -40.17 7.67 -9.88
N PHE E 85 -40.34 7.66 -8.55
CA PHE E 85 -39.23 7.68 -7.62
C PHE E 85 -39.36 6.56 -6.60
N ASN E 86 -38.21 6.07 -6.14
CA ASN E 86 -38.15 5.10 -5.05
C ASN E 86 -36.76 5.21 -4.44
N MET E 87 -36.67 5.76 -3.23
CA MET E 87 -35.35 6.01 -2.67
C MET E 87 -34.80 4.85 -1.87
N TRP E 88 -35.60 3.83 -1.56
CA TRP E 88 -35.05 2.70 -0.85
C TRP E 88 -34.28 1.76 -1.75
N LYS E 89 -34.41 1.90 -3.06
CA LYS E 89 -33.60 1.16 -4.03
C LYS E 89 -32.59 2.08 -4.70
N ASN E 90 -32.27 3.20 -4.07
CA ASN E 90 -31.27 4.12 -4.61
C ASN E 90 -29.87 3.52 -4.50
N ASP E 91 -29.03 3.84 -5.48
CA ASP E 91 -27.63 3.46 -5.44
C ASP E 91 -26.74 4.60 -4.96
N MET E 92 -27.27 5.83 -4.94
CA MET E 92 -26.50 6.97 -4.48
C MET E 92 -26.16 6.85 -3.00
N VAL E 93 -27.09 6.33 -2.21
CA VAL E 93 -26.85 6.16 -0.78
C VAL E 93 -25.81 5.06 -0.52
N ASP E 94 -25.80 4.00 -1.33
CA ASP E 94 -24.78 2.96 -1.16
C ASP E 94 -23.41 3.45 -1.59
N GLN E 95 -23.36 4.24 -2.67
CA GLN E 95 -22.10 4.86 -3.07
C GLN E 95 -21.58 5.83 -2.02
N MET E 96 -22.47 6.60 -1.41
CA MET E 96 -22.04 7.56 -0.40
C MET E 96 -21.56 6.85 0.86
N HIS E 97 -22.21 5.73 1.21
CA HIS E 97 -21.75 4.92 2.34
C HIS E 97 -20.36 4.35 2.10
N GLU E 98 -20.12 3.83 0.89
CA GLU E 98 -18.80 3.28 0.58
C GLU E 98 -17.74 4.38 0.53
N ASP E 99 -18.10 5.57 0.06
CA ASP E 99 -17.18 6.71 0.06
C ASP E 99 -16.81 7.13 1.47
N ILE E 100 -17.79 7.14 2.38
CA ILE E 100 -17.51 7.53 3.76
C ILE E 100 -16.59 6.51 4.43
N ILE E 101 -16.84 5.22 4.20
CA ILE E 101 -16.00 4.16 4.77
C ILE E 101 -14.56 4.25 4.25
N SER E 102 -14.41 4.41 2.93
CA SER E 102 -13.07 4.46 2.35
C SER E 102 -12.33 5.73 2.71
N LEU E 103 -13.03 6.86 2.83
CA LEU E 103 -12.42 8.11 3.27
C LEU E 103 -11.92 8.00 4.70
N TRP E 104 -12.73 7.38 5.57
CA TRP E 104 -12.32 7.15 6.95
C TRP E 104 -11.08 6.27 7.03
N ASP E 105 -11.03 5.20 6.24
CA ASP E 105 -9.89 4.31 6.28
C ASP E 105 -8.63 4.95 5.72
N GLN E 106 -8.74 5.68 4.61
CA GLN E 106 -7.56 6.28 4.01
C GLN E 106 -7.10 7.51 4.79
N SER E 107 -7.96 8.11 5.60
CA SER E 107 -7.50 9.13 6.53
C SER E 107 -6.85 8.52 7.77
N LEU E 108 -7.33 7.38 8.21
CA LEU E 108 -6.82 6.75 9.42
C LEU E 108 -5.60 5.88 9.15
N LYS E 109 -5.25 5.67 7.88
CA LYS E 109 -4.12 4.80 7.53
C LYS E 109 -2.75 5.26 8.03
N PRO E 110 -2.27 6.51 7.79
CA PRO E 110 -0.86 6.77 8.10
C PRO E 110 -0.58 7.21 9.53
N CYS E 111 -1.53 7.05 10.43
CA CYS E 111 -1.38 7.56 11.78
C CYS E 111 -0.75 6.51 12.70
N VAL E 112 -0.68 6.81 13.99
CA VAL E 112 -0.01 5.97 14.97
C VAL E 112 -0.86 4.74 15.28
N LYS E 113 -0.22 3.58 15.34
CA LYS E 113 -0.89 2.34 15.71
C LYS E 113 -0.60 2.00 17.16
N LEU E 114 -1.64 1.69 17.92
CA LEU E 114 -1.51 1.40 19.35
C LEU E 114 -1.38 -0.09 19.63
N THR E 115 -0.45 -0.76 18.94
CA THR E 115 -0.08 -2.13 19.29
C THR E 115 0.84 -2.29 20.50
N PRO E 116 1.86 -1.45 20.78
CA PRO E 116 2.66 -1.71 21.98
C PRO E 116 1.99 -1.31 23.27
N LEU E 117 0.82 -0.67 23.21
CA LEU E 117 0.14 -0.22 24.42
C LEU E 117 -0.78 -1.27 25.00
N CYS E 118 -1.13 -2.31 24.24
CA CYS E 118 -1.97 -3.39 24.74
C CYS E 118 -1.12 -4.26 25.68
N VAL E 119 -1.05 -3.84 26.94
CA VAL E 119 -0.28 -4.51 27.97
C VAL E 119 -1.16 -4.66 29.20
N THR E 120 -0.57 -5.17 30.27
CA THR E 120 -1.27 -5.27 31.55
C THR E 120 -1.27 -3.92 32.24
N LEU E 121 -2.46 -3.43 32.58
CA LEU E 121 -2.63 -2.11 33.17
C LEU E 121 -2.97 -2.28 34.65
N ILE E 122 -2.32 -1.49 35.50
CA ILE E 122 -2.64 -1.45 36.91
C ILE E 122 -3.42 -0.18 37.17
N CYS E 123 -4.70 -0.31 37.51
CA CYS E 123 -5.62 0.82 37.59
C CYS E 123 -6.19 0.87 39.00
N SER E 124 -5.84 1.91 39.76
CA SER E 124 -6.31 1.99 41.15
C SER E 124 -7.58 2.82 41.26
N ASP E 125 -7.47 4.12 41.02
CA ASP E 125 -8.55 5.10 41.12
C ASP E 125 -8.04 6.47 40.70
N ALA E 126 -8.90 7.29 40.08
CA ALA E 126 -8.52 8.63 39.68
C ALA E 126 -9.36 9.71 40.35
N THR E 127 -10.68 9.61 40.27
CA THR E 127 -11.57 10.54 40.94
C THR E 127 -11.54 10.30 42.45
N VAL E 128 -11.63 11.39 43.22
CA VAL E 128 -11.47 11.35 44.66
C VAL E 128 -12.58 10.52 45.32
N LYS E 129 -13.83 10.72 44.90
CA LYS E 129 -14.96 9.99 45.46
C LYS E 129 -15.83 9.63 44.24
N THR E 130 -17.09 9.27 44.45
CA THR E 130 -17.98 8.95 43.34
C THR E 130 -18.25 10.18 42.47
N GLY E 131 -18.38 11.36 43.09
CA GLY E 131 -18.55 12.60 42.34
C GLY E 131 -19.84 12.63 41.55
N THR E 132 -19.74 13.06 40.29
CA THR E 132 -20.86 12.99 39.37
C THR E 132 -20.93 11.61 38.74
N VAL E 133 -19.94 11.30 37.90
CA VAL E 133 -19.67 9.95 37.41
C VAL E 133 -18.18 9.73 37.54
N GLU E 134 -17.78 8.69 38.26
CA GLU E 134 -16.37 8.41 38.49
C GLU E 134 -15.77 7.57 37.36
N GLU E 135 -15.98 7.99 36.13
CA GLU E 135 -15.58 7.19 34.98
C GLU E 135 -14.09 7.25 34.71
N MET E 136 -13.37 8.17 35.32
CA MET E 136 -11.92 8.19 35.21
C MET E 136 -11.32 7.01 35.97
N LYS E 137 -10.17 6.54 35.48
CA LYS E 137 -9.45 5.48 36.14
C LYS E 137 -7.97 5.66 35.87
N ASN E 138 -7.16 5.62 36.92
CA ASN E 138 -5.73 5.96 36.82
C ASN E 138 -4.94 4.70 36.51
N CYS E 139 -4.73 4.43 35.23
CA CYS E 139 -4.08 3.21 34.79
C CYS E 139 -2.61 3.48 34.48
N SER E 140 -1.74 2.65 35.04
CA SER E 140 -0.30 2.73 34.81
C SER E 140 0.19 1.44 34.18
N PHE E 141 1.28 1.55 33.42
CA PHE E 141 1.79 0.44 32.64
C PHE E 141 3.28 0.64 32.40
N ASN E 142 3.90 -0.33 31.73
CA ASN E 142 5.30 -0.25 31.34
C ASN E 142 5.37 0.00 29.84
N THR E 143 5.50 1.27 29.47
CA THR E 143 5.63 1.59 28.07
C THR E 143 7.06 1.34 27.61
N THR E 144 7.24 1.32 26.29
CA THR E 144 8.53 1.09 25.68
C THR E 144 9.08 2.41 25.16
N THR E 145 10.34 2.70 25.45
CA THR E 145 10.96 3.93 25.00
C THR E 145 11.46 3.75 23.57
N GLU E 146 12.24 4.73 23.10
CA GLU E 146 12.88 4.61 21.78
C GLU E 146 13.87 3.47 21.76
N ILE E 147 14.62 3.29 22.85
CA ILE E 147 15.51 2.16 22.99
C ILE E 147 14.70 0.91 23.24
N ARG E 148 15.01 -0.17 22.51
CA ARG E 148 14.27 -1.41 22.59
C ARG E 148 14.51 -2.17 23.89
N ASP E 149 15.49 -1.78 24.69
CA ASP E 149 15.81 -2.46 25.93
C ASP E 149 15.17 -1.83 27.16
N LYS E 150 15.24 -0.51 27.30
CA LYS E 150 14.76 0.16 28.50
C LYS E 150 13.25 0.39 28.39
N GLU E 151 12.51 -0.08 29.38
CA GLU E 151 11.09 0.16 29.48
C GLU E 151 10.82 1.08 30.66
N LYS E 152 9.86 1.98 30.51
CA LYS E 152 9.61 3.03 31.48
C LYS E 152 8.19 2.95 32.00
N LYS E 153 8.01 3.11 33.31
CA LYS E 153 6.68 3.12 33.89
C LYS E 153 5.98 4.45 33.63
N GLU E 154 4.74 4.39 33.15
CA GLU E 154 3.99 5.56 32.77
C GLU E 154 2.56 5.41 33.26
N TYR E 155 1.85 6.54 33.38
CA TYR E 155 0.46 6.55 33.83
C TYR E 155 -0.37 7.38 32.88
N ALA E 156 -1.68 7.10 32.87
CA ALA E 156 -2.66 7.88 32.13
C ALA E 156 -4.03 7.62 32.74
N LEU E 157 -4.92 8.60 32.60
CA LEU E 157 -6.30 8.42 33.04
C LEU E 157 -7.14 7.95 31.86
N PHE E 158 -7.75 6.79 32.00
CA PHE E 158 -8.63 6.24 30.97
C PHE E 158 -10.07 6.31 31.43
N TYR E 159 -10.98 6.39 30.46
CA TYR E 159 -12.39 6.34 30.79
C TYR E 159 -12.79 4.93 31.18
N LYS E 160 -13.85 4.83 31.97
CA LYS E 160 -14.34 3.52 32.40
C LYS E 160 -14.84 2.60 31.28
N PRO E 161 -15.57 3.05 30.24
CA PRO E 161 -15.96 2.08 29.19
C PRO E 161 -14.85 1.62 28.26
N ASP E 162 -13.58 1.97 28.50
CA ASP E 162 -12.51 1.50 27.63
C ASP E 162 -11.73 0.34 28.24
N ILE E 163 -11.76 0.18 29.56
CA ILE E 163 -10.93 -0.83 30.24
C ILE E 163 -11.82 -1.94 30.75
N VAL E 164 -11.33 -3.17 30.62
CA VAL E 164 -12.00 -4.39 31.06
C VAL E 164 -11.11 -5.00 32.15
N PRO E 165 -11.68 -5.63 33.18
CA PRO E 165 -10.86 -6.47 34.05
C PRO E 165 -10.23 -7.60 33.25
N LEU E 166 -8.98 -7.90 33.58
CA LEU E 166 -8.20 -8.88 32.83
C LEU E 166 -8.75 -10.28 33.10
N SER E 167 -8.56 -11.17 32.12
CA SER E 167 -9.07 -12.54 32.23
C SER E 167 -8.36 -13.29 33.34
N GLU E 168 -9.12 -14.23 33.95
CA GLU E 168 -8.73 -14.96 35.16
C GLU E 168 -8.37 -14.02 36.30
N THR E 169 -9.33 -13.18 36.67
CA THR E 169 -9.13 -12.22 37.76
C THR E 169 -9.76 -12.73 39.05
N ASN E 170 -9.02 -12.56 40.14
CA ASN E 170 -9.54 -12.78 41.50
C ASN E 170 -9.97 -11.45 42.11
N ASN E 171 -10.80 -10.72 41.37
CA ASN E 171 -11.21 -9.33 41.67
C ASN E 171 -10.00 -8.43 41.91
N THR E 172 -8.97 -8.60 41.07
CA THR E 172 -7.73 -7.86 41.21
C THR E 172 -7.84 -6.53 40.48
N SER E 173 -6.74 -5.78 40.46
CA SER E 173 -6.68 -4.47 39.81
C SER E 173 -5.87 -4.54 38.51
N GLU E 174 -6.05 -5.60 37.74
CA GLU E 174 -5.43 -5.74 36.44
C GLU E 174 -6.48 -5.49 35.36
N TYR E 175 -6.21 -4.54 34.48
CA TYR E 175 -7.16 -4.15 33.44
C TYR E 175 -6.45 -4.09 32.10
N ARG E 176 -7.19 -4.45 31.06
CA ARG E 176 -6.73 -4.34 29.69
C ARG E 176 -7.71 -3.47 28.91
N LEU E 177 -7.40 -3.24 27.64
CA LEU E 177 -8.29 -2.42 26.82
C LEU E 177 -9.45 -3.27 26.28
N ILE E 178 -10.50 -2.57 25.82
CA ILE E 178 -11.66 -3.24 25.24
C ILE E 178 -11.31 -3.92 23.91
N ASN E 179 -10.35 -3.41 23.18
CA ASN E 179 -10.12 -3.84 21.80
C ASN E 179 -9.10 -4.95 21.66
N CYS E 180 -8.40 -5.32 22.74
CA CYS E 180 -7.21 -6.16 22.62
C CYS E 180 -7.51 -7.57 22.13
N ASN E 181 -8.65 -8.12 22.50
CA ASN E 181 -9.02 -9.44 21.99
C ASN E 181 -9.79 -9.38 20.68
N THR E 182 -10.01 -8.19 20.12
CA THR E 182 -10.76 -8.07 18.88
C THR E 182 -9.91 -7.57 17.72
N SER E 183 -9.32 -6.38 17.85
CA SER E 183 -8.53 -5.77 16.77
C SER E 183 -7.73 -4.62 17.36
N ALA E 184 -6.53 -4.42 16.80
CA ALA E 184 -5.70 -3.30 17.24
C ALA E 184 -6.26 -1.99 16.69
N CYS E 185 -6.20 -0.95 17.53
CA CYS E 185 -6.72 0.36 17.16
C CYS E 185 -5.59 1.30 16.81
N THR E 186 -5.79 2.08 15.75
CA THR E 186 -4.88 3.16 15.38
C THR E 186 -5.52 4.46 15.83
N GLN E 187 -4.73 5.31 16.49
CA GLN E 187 -5.32 6.55 16.95
C GLN E 187 -5.45 7.52 15.78
N ALA E 188 -6.37 8.46 15.93
CA ALA E 188 -6.47 9.54 14.96
C ALA E 188 -5.30 10.49 15.12
N CYS E 189 -4.84 11.02 14.00
CA CYS E 189 -3.82 12.05 14.05
C CYS E 189 -4.42 13.32 14.64
N PRO E 190 -3.66 14.05 15.47
CA PRO E 190 -4.25 15.22 16.15
C PRO E 190 -4.56 16.38 15.23
N LYS E 191 -3.94 16.45 14.05
CA LYS E 191 -4.25 17.52 13.11
C LYS E 191 -5.50 17.24 12.28
N VAL E 192 -6.05 16.04 12.36
CA VAL E 192 -7.22 15.67 11.57
C VAL E 192 -8.47 16.20 12.25
N THR E 193 -9.28 16.94 11.50
CA THR E 193 -10.48 17.59 12.01
C THR E 193 -11.71 16.84 11.50
N PHE E 194 -12.63 16.52 12.42
CA PHE E 194 -13.85 15.79 12.08
C PHE E 194 -15.02 16.70 11.73
N GLU E 195 -14.76 17.91 11.25
CA GLU E 195 -15.85 18.83 10.98
C GLU E 195 -16.58 18.44 9.70
N PRO E 196 -17.91 18.37 9.71
CA PRO E 196 -18.64 17.97 8.50
C PRO E 196 -18.72 19.06 7.44
N ILE E 197 -17.70 19.15 6.59
CA ILE E 197 -17.75 20.05 5.44
C ILE E 197 -18.78 19.54 4.44
N PRO E 198 -19.64 20.39 3.88
CA PRO E 198 -20.62 19.91 2.90
C PRO E 198 -19.98 19.40 1.61
N ILE E 199 -20.62 18.38 1.04
CA ILE E 199 -20.11 17.65 -0.12
C ILE E 199 -21.20 17.64 -1.18
N HIS E 200 -20.86 18.08 -2.39
CA HIS E 200 -21.78 18.01 -3.52
C HIS E 200 -21.44 16.79 -4.36
N TYR E 201 -22.45 16.00 -4.69
CA TYR E 201 -22.27 14.83 -5.54
C TYR E 201 -22.64 15.18 -6.98
N CYS E 202 -21.72 14.99 -7.91
CA CYS E 202 -21.92 15.39 -9.29
C CYS E 202 -21.80 14.19 -10.21
N ALA E 203 -22.71 14.11 -11.18
CA ALA E 203 -22.75 13.10 -12.21
C ALA E 203 -21.73 13.41 -13.31
N PRO E 204 -21.23 12.40 -14.02
CA PRO E 204 -20.35 12.66 -15.16
C PRO E 204 -21.11 13.29 -16.31
N ALA E 205 -20.35 13.84 -17.26
CA ALA E 205 -20.93 14.44 -18.45
C ALA E 205 -21.56 13.37 -19.32
N GLY E 206 -22.79 13.61 -19.74
CA GLY E 206 -23.60 12.58 -20.37
C GLY E 206 -24.64 11.97 -19.46
N TYR E 207 -24.67 12.36 -18.19
CA TYR E 207 -25.66 11.93 -17.23
C TYR E 207 -26.31 13.17 -16.63
N ALA E 208 -27.34 12.95 -15.80
CA ALA E 208 -28.03 14.07 -15.17
C ALA E 208 -28.62 13.60 -13.85
N ILE E 209 -28.92 14.56 -12.98
CA ILE E 209 -29.57 14.28 -11.71
C ILE E 209 -30.93 14.99 -11.74
N LEU E 210 -32.00 14.21 -11.72
CA LEU E 210 -33.34 14.75 -11.68
C LEU E 210 -33.86 14.67 -10.25
N LYS E 211 -34.41 15.77 -9.76
CA LYS E 211 -34.87 15.82 -8.39
C LYS E 211 -36.33 16.25 -8.33
N CYS E 212 -37.01 15.75 -7.31
CA CYS E 212 -38.40 16.10 -7.06
C CYS E 212 -38.49 17.55 -6.57
N ASN E 213 -39.70 18.08 -6.61
CA ASN E 213 -39.93 19.40 -6.03
C ASN E 213 -41.28 19.47 -5.32
N ASP E 214 -41.88 18.33 -5.01
CA ASP E 214 -43.09 18.32 -4.21
C ASP E 214 -42.75 18.68 -2.77
N GLU E 215 -43.50 19.62 -2.20
CA GLU E 215 -43.25 19.99 -0.81
C GLU E 215 -43.84 19.01 0.18
N THR E 216 -44.63 18.06 -0.29
CA THR E 216 -45.19 16.99 0.53
C THR E 216 -44.83 15.65 -0.12
N PHE E 217 -43.55 15.50 -0.42
CA PHE E 217 -43.08 14.29 -1.09
C PHE E 217 -43.14 13.10 -0.13
N ASN E 218 -43.76 12.02 -0.60
CA ASN E 218 -43.91 10.79 0.17
C ASN E 218 -42.55 10.16 0.46
N GLY E 219 -41.64 10.22 -0.50
CA GLY E 219 -40.38 9.51 -0.41
C GLY E 219 -40.29 8.52 -1.55
N THR E 220 -41.38 7.82 -1.81
CA THR E 220 -41.57 6.99 -2.99
C THR E 220 -42.67 7.61 -3.85
N GLY E 221 -43.01 6.92 -4.94
CA GLY E 221 -44.08 7.35 -5.79
C GLY E 221 -43.66 8.46 -6.74
N PRO E 222 -44.53 8.80 -7.69
CA PRO E 222 -44.17 9.79 -8.70
C PRO E 222 -44.20 11.21 -8.16
N CYS E 223 -43.54 12.10 -8.90
CA CYS E 223 -43.55 13.53 -8.64
C CYS E 223 -44.10 14.28 -9.83
N SER E 224 -44.92 15.29 -9.56
CA SER E 224 -45.47 16.13 -10.62
C SER E 224 -44.57 17.31 -10.96
N ASN E 225 -43.52 17.55 -10.19
CA ASN E 225 -42.61 18.67 -10.41
C ASN E 225 -41.19 18.15 -10.30
N VAL E 226 -40.48 18.10 -11.42
CA VAL E 226 -39.14 17.55 -11.50
C VAL E 226 -38.22 18.62 -12.09
N SER E 227 -37.08 18.84 -11.46
CA SER E 227 -36.06 19.72 -12.00
C SER E 227 -34.79 18.94 -12.30
N THR E 228 -33.94 19.51 -13.15
CA THR E 228 -32.69 18.87 -13.53
C THR E 228 -31.52 19.64 -12.94
N VAL E 229 -30.43 18.92 -12.68
CA VAL E 229 -29.23 19.51 -12.10
C VAL E 229 -28.07 18.58 -12.41
N GLN E 230 -26.84 19.10 -12.31
CA GLN E 230 -25.65 18.29 -12.43
C GLN E 230 -25.05 17.91 -11.08
N CYS E 231 -25.16 18.78 -10.08
CA CYS E 231 -24.58 18.54 -8.76
C CYS E 231 -25.63 18.69 -7.68
N THR E 232 -25.64 17.77 -6.72
CA THR E 232 -26.55 17.86 -5.60
C THR E 232 -26.13 18.98 -4.65
N HIS E 233 -27.02 19.33 -3.73
CA HIS E 233 -26.73 20.40 -2.80
C HIS E 233 -25.73 19.94 -1.75
N GLY E 234 -25.29 20.88 -0.92
CA GLY E 234 -24.19 20.62 -0.01
C GLY E 234 -24.57 19.84 1.21
N ILE E 235 -24.72 18.53 1.07
CA ILE E 235 -25.12 17.67 2.17
C ILE E 235 -23.97 17.52 3.16
N ARG E 236 -24.29 17.54 4.44
CA ARG E 236 -23.28 17.41 5.49
C ARG E 236 -23.22 15.97 5.96
N PRO E 237 -22.09 15.29 5.82
CA PRO E 237 -22.00 13.92 6.35
C PRO E 237 -21.94 13.88 7.86
N VAL E 238 -23.07 14.07 8.51
CA VAL E 238 -23.15 14.11 9.97
C VAL E 238 -23.47 12.72 10.48
N VAL E 239 -22.61 12.19 11.35
CA VAL E 239 -22.75 10.84 11.88
C VAL E 239 -23.35 10.93 13.27
N SER E 240 -24.57 10.41 13.42
CA SER E 240 -25.25 10.33 14.70
C SER E 240 -26.36 9.31 14.61
N THR E 241 -26.64 8.66 15.74
CA THR E 241 -27.79 7.76 15.83
C THR E 241 -28.97 8.50 16.46
N GLN E 242 -30.12 7.83 16.44
CA GLN E 242 -31.41 8.32 16.95
C GLN E 242 -31.80 9.65 16.32
N LEU E 243 -31.56 10.75 17.04
CA LEU E 243 -31.86 12.07 16.49
C LEU E 243 -30.89 12.42 15.37
N LEU E 244 -31.41 13.06 14.33
CA LEU E 244 -30.58 13.61 13.28
C LEU E 244 -30.20 15.04 13.60
N LEU E 245 -29.03 15.45 13.10
CA LEU E 245 -28.48 16.75 13.44
C LEU E 245 -28.00 17.45 12.17
N ASN E 246 -28.18 18.78 12.17
CA ASN E 246 -27.62 19.70 11.17
C ASN E 246 -28.08 19.40 9.75
N GLY E 247 -29.23 18.76 9.59
CA GLY E 247 -29.72 18.37 8.30
C GLY E 247 -30.48 19.47 7.59
N SER E 248 -30.99 19.11 6.41
CA SER E 248 -31.92 19.98 5.70
C SER E 248 -33.31 19.83 6.30
N LEU E 249 -34.06 20.92 6.32
CA LEU E 249 -35.40 20.91 6.88
C LEU E 249 -36.43 20.68 5.79
N ALA E 250 -37.61 20.21 6.20
CA ALA E 250 -38.72 20.10 5.28
C ALA E 250 -39.28 21.49 4.96
N GLU E 251 -40.12 21.55 3.95
CA GLU E 251 -40.57 22.86 3.47
C GLU E 251 -41.68 23.44 4.36
N LYS E 252 -42.80 22.73 4.47
CA LYS E 252 -43.93 23.30 5.20
C LYS E 252 -44.52 22.33 6.22
N GLU E 253 -44.39 21.03 5.99
CA GLU E 253 -45.03 20.03 6.83
C GLU E 253 -44.04 18.96 7.24
N ILE E 254 -44.25 18.39 8.44
CA ILE E 254 -43.46 17.26 8.88
C ILE E 254 -43.75 16.07 7.99
N VAL E 255 -42.70 15.45 7.47
CA VAL E 255 -42.83 14.38 6.48
C VAL E 255 -42.40 13.09 7.13
N ILE E 256 -43.27 12.09 7.11
CA ILE E 256 -43.01 10.80 7.73
C ILE E 256 -42.74 9.79 6.63
N ARG E 257 -41.54 9.23 6.60
CA ARG E 257 -41.11 8.35 5.53
C ARG E 257 -40.79 6.98 6.11
N SER E 258 -41.27 5.93 5.46
CA SER E 258 -40.92 4.57 5.83
C SER E 258 -41.13 3.69 4.61
N GLU E 259 -40.61 2.47 4.68
CA GLU E 259 -40.75 1.57 3.55
C GLU E 259 -42.17 1.02 3.46
N ASN E 260 -42.76 0.66 4.60
CA ASN E 260 -44.08 0.05 4.53
C ASN E 260 -45.11 0.66 5.48
N LEU E 261 -44.68 1.15 6.65
CA LEU E 261 -45.49 1.56 7.80
C LEU E 261 -46.39 0.46 8.37
N THR E 262 -46.24 -0.78 7.92
CA THR E 262 -46.90 -1.93 8.56
C THR E 262 -45.93 -3.02 8.97
N ASN E 263 -44.75 -3.10 8.35
CA ASN E 263 -43.68 -3.91 8.87
C ASN E 263 -43.04 -3.18 10.05
N ASN E 264 -42.97 -3.85 11.19
CA ASN E 264 -42.46 -3.23 12.39
C ASN E 264 -40.94 -3.12 12.42
N ALA E 265 -40.24 -3.80 11.50
CA ALA E 265 -38.78 -3.77 11.44
C ALA E 265 -38.28 -2.81 10.38
N LYS E 266 -39.00 -1.71 10.13
CA LYS E 266 -38.59 -0.69 9.18
C LYS E 266 -38.47 0.65 9.89
N ILE E 267 -37.31 1.29 9.72
CA ILE E 267 -37.03 2.53 10.44
C ILE E 267 -37.84 3.67 9.84
N ILE E 268 -38.51 4.43 10.69
CA ILE E 268 -39.31 5.57 10.25
C ILE E 268 -38.43 6.82 10.33
N ILE E 269 -38.21 7.46 9.19
CA ILE E 269 -37.50 8.73 9.14
C ILE E 269 -38.54 9.83 9.26
N VAL E 270 -38.56 10.52 10.38
CA VAL E 270 -39.44 11.66 10.58
C VAL E 270 -38.65 12.91 10.27
N HIS E 271 -39.21 13.77 9.42
CA HIS E 271 -38.51 14.95 8.92
C HIS E 271 -39.26 16.18 9.44
N LEU E 272 -38.62 16.92 10.33
CA LEU E 272 -39.29 18.04 10.96
C LEU E 272 -39.29 19.26 10.04
N HIS E 273 -40.13 20.23 10.39
CA HIS E 273 -40.20 21.51 9.70
C HIS E 273 -39.52 22.63 10.46
N THR E 274 -39.57 22.59 11.79
CA THR E 274 -38.89 23.57 12.62
C THR E 274 -37.78 22.91 13.40
N PRO E 275 -36.55 23.43 13.32
CA PRO E 275 -35.44 22.79 14.04
C PRO E 275 -35.51 23.06 15.53
N VAL E 276 -34.99 22.10 16.30
CA VAL E 276 -34.94 22.17 17.76
C VAL E 276 -33.48 22.20 18.17
N GLU E 277 -33.11 23.20 18.97
CA GLU E 277 -31.71 23.45 19.29
C GLU E 277 -31.27 22.64 20.50
N ILE E 278 -30.14 21.96 20.38
CA ILE E 278 -29.56 21.16 21.45
C ILE E 278 -28.19 21.75 21.79
N VAL E 279 -27.87 21.83 23.07
CA VAL E 279 -26.58 22.36 23.53
C VAL E 279 -25.90 21.28 24.32
N CYS E 280 -24.78 20.79 23.83
CA CYS E 280 -24.06 19.68 24.46
C CYS E 280 -22.72 20.15 24.98
N THR E 281 -22.36 19.71 26.18
CA THR E 281 -21.13 20.17 26.78
C THR E 281 -20.49 19.10 27.66
N ARG E 282 -19.17 19.20 27.78
CA ARG E 282 -18.37 18.45 28.76
C ARG E 282 -17.64 19.46 29.61
N PRO E 283 -18.06 19.70 30.84
CA PRO E 283 -17.63 20.92 31.53
C PRO E 283 -16.32 20.82 32.30
N ASN E 284 -15.84 19.63 32.60
CA ASN E 284 -14.64 19.51 33.42
C ASN E 284 -13.38 19.82 32.61
N ASN E 285 -12.51 20.63 33.20
CA ASN E 285 -11.32 21.12 32.51
C ASN E 285 -10.31 19.99 32.43
N ASN E 286 -10.16 19.43 31.24
CA ASN E 286 -9.32 18.26 31.03
C ASN E 286 -7.99 18.69 30.41
N THR E 287 -6.98 17.86 30.58
CA THR E 287 -5.65 18.17 30.07
C THR E 287 -5.20 17.08 29.09
N ARG E 288 -3.95 17.17 28.67
CA ARG E 288 -3.40 16.23 27.70
C ARG E 288 -1.91 16.07 27.95
N LYS E 289 -1.45 14.82 27.93
CA LYS E 289 -0.02 14.52 28.02
C LYS E 289 0.35 13.54 26.92
N SER E 290 1.61 13.58 26.50
CA SER E 290 2.09 12.78 25.40
C SER E 290 3.04 11.71 25.91
N VAL E 291 2.72 10.46 25.64
CA VAL E 291 3.52 9.32 26.05
C VAL E 291 4.24 8.78 24.83
N ARG E 292 5.56 8.78 24.87
CA ARG E 292 6.36 8.34 23.74
C ARG E 292 6.33 6.82 23.65
N ILE E 293 5.93 6.29 22.50
CA ILE E 293 5.88 4.85 22.26
C ILE E 293 6.65 4.58 20.99
N GLY E 294 7.83 3.97 21.12
CA GLY E 294 8.63 3.63 19.98
C GLY E 294 9.31 4.82 19.34
N PRO E 295 10.02 4.60 18.22
CA PRO E 295 10.73 5.69 17.56
C PRO E 295 9.80 6.58 16.76
N GLY E 296 9.65 7.82 17.21
CA GLY E 296 8.93 8.84 16.46
C GLY E 296 7.43 8.85 16.61
N GLN E 297 6.87 7.95 17.42
CA GLN E 297 5.43 7.88 17.62
C GLN E 297 5.09 8.26 19.05
N THR E 298 4.10 9.12 19.21
CA THR E 298 3.60 9.49 20.53
C THR E 298 2.22 8.90 20.74
N PHE E 299 1.69 9.11 21.94
CA PHE E 299 0.35 8.66 22.30
C PHE E 299 -0.22 9.68 23.26
N TYR E 300 -1.31 10.33 22.86
CA TYR E 300 -1.89 11.41 23.65
C TYR E 300 -3.00 10.85 24.52
N ALA E 301 -2.94 11.16 25.81
CA ALA E 301 -3.92 10.65 26.76
C ALA E 301 -4.28 11.75 27.74
N THR E 302 -5.24 11.44 28.60
CA THR E 302 -5.66 12.38 29.63
C THR E 302 -4.63 12.36 30.76
N GLY E 303 -4.08 13.52 31.07
CA GLY E 303 -3.05 13.60 32.09
C GLY E 303 -3.59 13.90 33.46
N ASP E 304 -4.46 14.91 33.54
CA ASP E 304 -5.04 15.33 34.81
C ASP E 304 -6.31 16.10 34.51
N ILE E 305 -7.15 16.24 35.53
CA ILE E 305 -8.35 17.07 35.46
C ILE E 305 -8.17 18.20 36.44
N ILE E 306 -8.26 19.43 35.96
CA ILE E 306 -7.97 20.61 36.75
C ILE E 306 -9.28 21.24 37.20
N GLY E 307 -9.43 21.44 38.50
CA GLY E 307 -10.64 21.99 39.05
C GLY E 307 -11.59 20.93 39.55
N ASP E 308 -12.85 21.31 39.67
CA ASP E 308 -13.86 20.39 40.12
C ASP E 308 -14.25 19.44 38.98
N ILE E 309 -14.96 18.38 39.33
CA ILE E 309 -15.40 17.38 38.36
C ILE E 309 -16.93 17.47 38.26
N LYS E 310 -17.41 17.78 37.06
CA LYS E 310 -18.84 17.93 36.81
C LYS E 310 -19.27 16.95 35.71
N GLN E 311 -20.53 17.04 35.32
CA GLN E 311 -21.18 16.03 34.50
C GLN E 311 -21.35 16.52 33.06
N ALA E 312 -20.92 15.70 32.10
CA ALA E 312 -21.13 16.01 30.69
C ALA E 312 -22.57 15.72 30.32
N HIS E 313 -23.21 16.65 29.61
CA HIS E 313 -24.65 16.56 29.40
C HIS E 313 -25.04 17.28 28.13
N CYS E 314 -26.35 17.27 27.85
CA CYS E 314 -26.93 18.04 26.76
C CYS E 314 -28.27 18.61 27.22
N ASN E 315 -28.61 19.76 26.66
CA ASN E 315 -29.78 20.53 27.08
C ASN E 315 -30.66 20.79 25.87
N ILE E 316 -31.95 20.46 26.01
CA ILE E 316 -32.98 20.78 25.04
C ILE E 316 -34.06 21.55 25.77
N SER E 317 -34.77 22.43 25.07
CA SER E 317 -35.94 23.07 25.66
C SER E 317 -37.08 22.08 25.78
N GLU E 318 -37.75 22.08 26.93
CA GLU E 318 -38.82 21.11 27.18
C GLU E 318 -40.09 21.47 26.43
N GLU E 319 -40.42 22.76 26.36
CA GLU E 319 -41.64 23.19 25.68
C GLU E 319 -41.56 22.94 24.18
N LYS E 320 -40.41 23.27 23.57
CA LYS E 320 -40.23 23.07 22.14
C LYS E 320 -40.21 21.59 21.78
N TRP E 321 -39.59 20.77 22.62
CA TRP E 321 -39.56 19.34 22.35
C TRP E 321 -40.93 18.71 22.53
N ASN E 322 -41.70 19.19 23.51
CA ASN E 322 -43.07 18.72 23.66
C ASN E 322 -43.93 19.10 22.48
N ASP E 323 -43.76 20.33 21.98
CA ASP E 323 -44.50 20.78 20.81
C ASP E 323 -44.11 19.98 19.57
N THR E 324 -42.82 19.65 19.43
CA THR E 324 -42.37 18.87 18.29
C THR E 324 -42.89 17.44 18.35
N LEU E 325 -42.88 16.82 19.53
CA LEU E 325 -43.46 15.49 19.66
C LEU E 325 -44.97 15.50 19.44
N GLN E 326 -45.65 16.59 19.84
CA GLN E 326 -47.07 16.70 19.63
C GLN E 326 -47.41 16.85 18.14
N LYS E 327 -46.61 17.64 17.41
CA LYS E 327 -46.85 17.78 15.98
C LYS E 327 -46.50 16.51 15.21
N VAL E 328 -45.48 15.78 15.65
CA VAL E 328 -45.18 14.48 15.05
C VAL E 328 -46.31 13.50 15.33
N GLY E 329 -46.91 13.58 16.52
CA GLY E 329 -48.09 12.79 16.79
C GLY E 329 -49.29 13.16 15.93
N ILE E 330 -49.44 14.45 15.64
CA ILE E 330 -50.50 14.92 14.74
C ILE E 330 -50.30 14.32 13.34
N GLU E 331 -49.08 14.39 12.82
CA GLU E 331 -48.81 13.86 11.49
C GLU E 331 -48.80 12.33 11.46
N LEU E 332 -48.61 11.68 12.60
CA LEU E 332 -48.50 10.23 12.63
C LEU E 332 -49.83 9.56 12.94
N GLN E 333 -50.78 10.26 13.54
CA GLN E 333 -52.07 9.66 13.82
C GLN E 333 -52.93 9.50 12.56
N LYS E 334 -52.62 10.20 11.48
CA LYS E 334 -53.36 10.03 10.24
C LYS E 334 -52.89 8.82 9.44
N HIS E 335 -51.75 8.23 9.79
CA HIS E 335 -51.33 6.97 9.21
C HIS E 335 -51.71 5.78 10.08
N PHE E 336 -52.02 6.01 11.34
CA PHE E 336 -52.56 5.00 12.24
C PHE E 336 -53.83 5.58 12.83
N PRO E 337 -54.94 5.50 12.10
CA PRO E 337 -56.15 6.24 12.51
C PRO E 337 -56.85 5.59 13.69
N ASN E 338 -57.51 6.45 14.48
CA ASN E 338 -58.26 6.07 15.69
C ASN E 338 -57.41 5.30 16.67
N LYS E 339 -56.19 5.81 16.92
CA LYS E 339 -55.28 5.17 17.85
C LYS E 339 -54.50 6.24 18.60
N THR E 340 -54.00 5.84 19.77
CA THR E 340 -53.12 6.67 20.59
C THR E 340 -51.71 6.15 20.44
N ILE E 341 -50.76 7.04 20.21
CA ILE E 341 -49.37 6.63 20.12
C ILE E 341 -48.66 7.02 21.41
N LYS E 342 -47.60 6.29 21.74
CA LYS E 342 -46.96 6.45 23.03
C LYS E 342 -45.47 6.24 22.86
N TYR E 343 -44.69 7.29 23.10
CA TYR E 343 -43.25 7.19 22.99
C TYR E 343 -42.68 6.53 24.23
N ASN E 344 -41.56 5.84 24.06
CA ASN E 344 -40.96 5.09 25.16
C ASN E 344 -39.45 5.12 24.99
N GLN E 345 -38.76 4.36 25.83
CA GLN E 345 -37.30 4.29 25.80
C GLN E 345 -36.83 3.50 24.58
N SER E 346 -35.52 3.47 24.41
CA SER E 346 -34.94 2.55 23.45
C SER E 346 -35.01 1.13 23.98
N ALA E 347 -34.79 0.18 23.08
CA ALA E 347 -34.93 -1.24 23.41
C ALA E 347 -33.73 -1.72 24.22
N GLY E 348 -33.68 -3.02 24.48
CA GLY E 348 -32.53 -3.57 25.19
C GLY E 348 -31.31 -3.66 24.28
N GLY E 349 -30.15 -3.36 24.83
CA GLY E 349 -28.93 -3.43 24.08
C GLY E 349 -27.80 -2.75 24.82
N ASP E 350 -26.66 -2.64 24.12
CA ASP E 350 -25.47 -2.03 24.68
C ASP E 350 -25.58 -0.51 24.65
N MET E 351 -24.55 0.16 25.18
CA MET E 351 -24.54 1.61 25.22
C MET E 351 -24.46 2.20 23.82
N GLU E 352 -23.62 1.62 22.96
CA GLU E 352 -23.45 2.11 21.59
C GLU E 352 -24.69 1.92 20.74
N ILE E 353 -25.61 1.05 21.12
CA ILE E 353 -26.85 0.82 20.42
C ILE E 353 -27.97 1.69 20.97
N THR E 354 -28.17 1.66 22.29
CA THR E 354 -29.30 2.37 22.88
C THR E 354 -29.06 3.87 22.93
N THR E 355 -27.88 4.30 23.31
CA THR E 355 -27.64 5.72 23.55
C THR E 355 -27.50 6.48 22.24
N HIS E 356 -27.96 7.72 22.25
CA HIS E 356 -27.83 8.63 21.12
C HIS E 356 -26.37 8.99 20.95
N SER E 357 -25.76 8.43 19.90
CA SER E 357 -24.37 8.73 19.59
C SER E 357 -24.25 10.12 18.99
N PHE E 358 -23.07 10.69 19.10
CA PHE E 358 -22.90 12.13 18.95
C PHE E 358 -21.41 12.40 18.87
N ASN E 359 -21.04 13.51 18.24
CA ASN E 359 -19.63 13.88 18.12
C ASN E 359 -19.53 15.38 17.88
N CYS E 360 -18.97 16.12 18.83
CA CYS E 360 -18.64 17.51 18.58
C CYS E 360 -17.29 17.83 19.18
N GLY E 361 -16.49 18.60 18.46
CA GLY E 361 -15.11 18.87 18.86
C GLY E 361 -14.13 17.78 18.50
N GLY E 362 -14.48 16.53 18.76
CA GLY E 362 -13.56 15.42 18.60
C GLY E 362 -13.81 14.41 19.70
N GLU E 363 -14.66 14.76 20.66
CA GLU E 363 -15.04 13.87 21.74
C GLU E 363 -16.39 13.24 21.41
N PHE E 364 -16.47 11.92 21.55
CA PHE E 364 -17.62 11.15 21.10
C PHE E 364 -18.58 10.96 22.27
N PHE E 365 -19.65 11.75 22.29
CA PHE E 365 -20.62 11.63 23.35
C PHE E 365 -21.53 10.43 23.13
N TYR E 366 -22.19 10.01 24.21
CA TYR E 366 -23.23 8.99 24.13
C TYR E 366 -24.29 9.39 25.14
N CYS E 367 -25.41 9.93 24.66
CA CYS E 367 -26.40 10.53 25.55
C CYS E 367 -27.58 9.58 25.77
N ASN E 368 -28.24 9.77 26.91
CA ASN E 368 -29.07 8.73 27.51
C ASN E 368 -30.38 8.50 26.74
N THR E 369 -31.20 9.55 26.62
CA THR E 369 -32.52 9.54 25.96
C THR E 369 -33.46 8.47 26.53
N SER E 370 -33.81 8.65 27.80
CA SER E 370 -34.88 7.85 28.37
C SER E 370 -35.97 8.78 28.91
N ASN E 371 -35.57 9.96 29.35
CA ASN E 371 -36.53 10.99 29.72
C ASN E 371 -36.94 11.86 28.55
N LEU E 372 -36.27 11.72 27.40
CA LEU E 372 -36.61 12.52 26.23
C LEU E 372 -37.82 11.94 25.52
N PHE E 373 -37.71 10.69 25.07
CA PHE E 373 -38.81 10.00 24.38
C PHE E 373 -39.69 9.37 25.45
N ASN E 374 -40.50 10.22 26.09
CA ASN E 374 -41.29 9.82 27.24
C ASN E 374 -42.59 10.62 27.23
N GLY E 375 -43.70 9.94 26.99
CA GLY E 375 -45.00 10.56 26.92
C GLY E 375 -45.88 9.87 25.92
N THR E 376 -47.02 10.47 25.63
CA THR E 376 -47.96 9.89 24.69
C THR E 376 -48.79 11.00 24.06
N TYR E 377 -49.43 10.65 22.94
CA TYR E 377 -50.33 11.56 22.24
C TYR E 377 -51.53 10.78 21.74
N ASN E 378 -52.71 11.20 22.18
CA ASN E 378 -53.98 10.73 21.66
C ASN E 378 -54.53 11.78 20.70
N GLY E 379 -55.78 11.60 20.26
CA GLY E 379 -56.35 12.47 19.24
C GLY E 379 -56.53 13.91 19.68
N THR E 380 -56.81 14.13 20.97
CA THR E 380 -57.03 15.48 21.46
C THR E 380 -55.71 16.22 21.60
N TYR E 381 -55.71 17.51 21.21
CA TYR E 381 -54.55 18.37 21.39
C TYR E 381 -54.40 18.65 22.88
N ILE E 382 -53.54 17.87 23.54
CA ILE E 382 -53.54 17.79 24.99
C ILE E 382 -53.00 19.06 25.65
N SER E 383 -51.95 19.65 25.09
CA SER E 383 -51.27 20.78 25.72
C SER E 383 -51.30 21.97 24.80
N THR E 384 -51.75 23.11 25.32
CA THR E 384 -51.71 24.39 24.62
C THR E 384 -50.69 25.31 25.27
N ASN E 385 -49.57 24.74 25.74
CA ASN E 385 -48.52 25.51 26.39
C ASN E 385 -47.69 26.33 25.41
N SER E 386 -47.87 26.13 24.09
CA SER E 386 -47.21 26.98 23.12
C SER E 386 -47.76 28.41 23.15
N SER E 387 -48.99 28.59 23.61
CA SER E 387 -49.53 29.93 23.83
C SER E 387 -48.77 30.65 24.93
N ALA E 388 -48.41 29.95 26.00
CA ALA E 388 -47.60 30.51 27.06
C ALA E 388 -46.12 30.33 26.71
N ASN E 389 -45.24 30.67 27.64
CA ASN E 389 -43.81 30.53 27.44
C ASN E 389 -43.15 30.07 28.72
N SER E 390 -42.21 29.14 28.60
CA SER E 390 -41.50 28.58 29.75
C SER E 390 -40.03 28.45 29.43
N THR E 391 -39.20 28.50 30.47
CA THR E 391 -37.76 28.33 30.35
C THR E 391 -37.28 27.00 30.91
N SER E 392 -38.20 26.04 31.09
CA SER E 392 -37.82 24.73 31.60
C SER E 392 -37.07 23.97 30.52
N THR E 393 -35.93 23.39 30.90
CA THR E 393 -35.05 22.70 29.97
C THR E 393 -34.88 21.26 30.43
N ILE E 394 -35.05 20.32 29.49
CA ILE E 394 -34.72 18.93 29.77
C ILE E 394 -33.22 18.74 29.60
N THR E 395 -32.59 18.12 30.58
CA THR E 395 -31.16 17.86 30.62
C THR E 395 -30.95 16.36 30.61
N LEU E 396 -30.21 15.87 29.63
CA LEU E 396 -29.92 14.45 29.51
C LEU E 396 -28.42 14.24 29.63
N GLN E 397 -28.03 13.25 30.42
CA GLN E 397 -26.63 13.02 30.72
C GLN E 397 -26.00 12.12 29.68
N CYS E 398 -24.71 12.37 29.42
CA CYS E 398 -23.98 11.63 28.39
C CYS E 398 -22.67 11.12 28.94
N ARG E 399 -22.33 9.89 28.57
CA ARG E 399 -21.02 9.35 28.84
C ARG E 399 -20.11 9.63 27.65
N ILE E 400 -18.80 9.48 27.85
CA ILE E 400 -17.82 9.74 26.81
C ILE E 400 -16.87 8.56 26.72
N LYS E 401 -16.66 8.05 25.52
CA LYS E 401 -15.69 7.00 25.27
C LYS E 401 -14.45 7.56 24.58
N GLN E 402 -13.44 6.71 24.44
CA GLN E 402 -12.27 7.00 23.62
C GLN E 402 -12.15 6.05 22.45
N ILE E 403 -12.20 4.75 22.70
CA ILE E 403 -12.07 3.72 21.68
C ILE E 403 -13.44 3.47 21.08
N ILE E 404 -13.55 3.62 19.76
CA ILE E 404 -14.82 3.40 19.07
C ILE E 404 -14.66 2.30 18.04
N ASN E 405 -15.76 1.59 17.79
CA ASN E 405 -15.82 0.47 16.85
C ASN E 405 -16.96 0.68 15.88
N MET E 406 -17.03 1.86 15.28
CA MET E 406 -18.22 2.32 14.60
C MET E 406 -18.36 1.69 13.22
N TRP E 407 -19.57 1.82 12.66
CA TRP E 407 -20.04 1.08 11.47
C TRP E 407 -19.89 -0.43 11.63
N GLN E 408 -20.30 -0.94 12.80
CA GLN E 408 -20.50 -2.36 13.08
C GLN E 408 -19.23 -3.20 12.90
N GLY E 409 -18.06 -2.57 12.91
CA GLY E 409 -16.81 -3.27 12.72
C GLY E 409 -16.39 -3.49 11.28
N VAL E 410 -17.07 -2.88 10.29
CA VAL E 410 -16.55 -3.02 8.93
C VAL E 410 -15.37 -2.06 8.73
N GLY E 411 -15.31 -0.96 9.49
CA GLY E 411 -14.18 -0.08 9.48
C GLY E 411 -13.29 -0.34 10.68
N ARG E 412 -12.06 0.16 10.61
CA ARG E 412 -11.10 -0.07 11.67
C ARG E 412 -11.47 0.75 12.92
N CYS E 413 -11.11 0.22 14.07
CA CYS E 413 -11.34 0.91 15.33
C CYS E 413 -10.35 2.06 15.48
N MET E 414 -10.78 3.11 16.16
CA MET E 414 -10.00 4.33 16.29
C MET E 414 -9.97 4.76 17.75
N TYR E 415 -8.80 5.16 18.22
CA TYR E 415 -8.67 5.80 19.52
C TYR E 415 -8.70 7.32 19.30
N ALA E 416 -9.77 7.97 19.72
CA ALA E 416 -9.86 9.42 19.58
C ALA E 416 -8.99 10.10 20.63
N PRO E 417 -8.03 10.93 20.25
CA PRO E 417 -7.18 11.58 21.25
C PRO E 417 -7.96 12.62 22.03
N PRO E 418 -7.62 12.85 23.30
CA PRO E 418 -8.39 13.78 24.12
C PRO E 418 -8.08 15.22 23.76
N ILE E 419 -9.01 16.10 24.15
CA ILE E 419 -8.94 17.52 23.85
C ILE E 419 -8.88 18.29 25.16
N ALA E 420 -7.87 19.15 25.29
CA ALA E 420 -7.75 19.98 26.47
C ALA E 420 -8.82 21.06 26.47
N GLY E 421 -9.21 21.49 27.66
CA GLY E 421 -10.23 22.50 27.81
C GLY E 421 -11.64 21.92 27.73
N ASN E 422 -12.61 22.75 28.07
CA ASN E 422 -13.99 22.31 27.99
C ASN E 422 -14.48 22.39 26.55
N ILE E 423 -15.56 21.66 26.28
CA ILE E 423 -16.11 21.49 24.93
C ILE E 423 -17.57 21.92 24.96
N THR E 424 -17.98 22.74 24.00
CA THR E 424 -19.38 23.06 23.78
C THR E 424 -19.68 22.99 22.30
N CYS E 425 -20.94 22.72 21.97
CA CYS E 425 -21.37 22.59 20.58
C CYS E 425 -22.86 22.84 20.47
N ARG E 426 -23.25 23.87 19.75
CA ARG E 426 -24.65 24.10 19.42
C ARG E 426 -25.02 23.33 18.17
N SER E 427 -26.26 22.87 18.12
CA SER E 427 -26.68 22.05 16.99
C SER E 427 -28.19 22.17 16.83
N ASN E 428 -28.67 21.76 15.66
CA ASN E 428 -30.10 21.69 15.39
C ASN E 428 -30.53 20.24 15.27
N ILE E 429 -31.83 20.01 15.31
CA ILE E 429 -32.41 18.68 15.12
C ILE E 429 -33.42 18.80 13.99
N THR E 430 -33.17 18.09 12.89
CA THR E 430 -34.06 18.14 11.74
C THR E 430 -34.76 16.82 11.46
N GLY E 431 -34.30 15.73 12.04
CA GLY E 431 -34.91 14.44 11.78
C GLY E 431 -34.89 13.55 12.99
N LEU E 432 -35.70 12.51 12.93
CA LEU E 432 -35.76 11.47 13.95
C LEU E 432 -35.80 10.11 13.27
N LEU E 433 -35.23 9.11 13.94
CA LEU E 433 -35.26 7.73 13.48
C LEU E 433 -36.04 6.91 14.49
N LEU E 434 -37.33 6.71 14.23
CA LEU E 434 -38.18 5.94 15.13
C LEU E 434 -38.33 4.50 14.63
N THR E 435 -38.92 3.68 15.49
CA THR E 435 -39.31 2.33 15.11
C THR E 435 -40.54 1.96 15.92
N ARG E 436 -41.26 0.95 15.45
CA ARG E 436 -42.52 0.55 16.06
C ARG E 436 -42.37 -0.82 16.70
N ASP E 437 -42.98 -0.98 17.87
CA ASP E 437 -42.96 -2.22 18.63
C ASP E 437 -44.38 -2.66 18.95
N GLY E 438 -45.22 -2.72 17.92
CA GLY E 438 -46.62 -3.03 18.13
C GLY E 438 -46.86 -4.49 18.42
N GLY E 439 -48.06 -4.76 18.94
CA GLY E 439 -48.43 -6.12 19.28
C GLY E 439 -49.92 -6.22 19.53
N THR E 440 -50.33 -7.37 20.06
CA THR E 440 -51.74 -7.60 20.34
C THR E 440 -52.22 -6.78 21.53
N ASN E 441 -51.33 -6.44 22.45
CA ASN E 441 -51.67 -5.61 23.59
C ASN E 441 -51.65 -4.12 23.24
N SER E 442 -51.26 -3.77 22.01
CA SER E 442 -51.16 -2.39 21.56
C SER E 442 -52.40 -1.97 20.78
N ASN E 443 -53.58 -2.44 21.20
CA ASN E 443 -54.80 -2.17 20.46
C ASN E 443 -55.25 -0.71 20.59
N GLU E 444 -54.78 0.01 21.59
CA GLU E 444 -55.09 1.43 21.67
C GLU E 444 -53.86 2.30 21.82
N THR E 445 -52.86 1.86 22.57
CA THR E 445 -51.62 2.61 22.76
C THR E 445 -50.55 2.01 21.87
N GLU E 446 -49.96 2.83 21.00
CA GLU E 446 -48.94 2.38 20.07
C GLU E 446 -47.57 2.84 20.52
N THR E 447 -46.61 1.91 20.55
CA THR E 447 -45.28 2.17 21.07
C THR E 447 -44.34 2.56 19.93
N PHE E 448 -43.67 3.70 20.08
CA PHE E 448 -42.66 4.15 19.14
C PHE E 448 -41.37 4.41 19.91
N ARG E 449 -40.36 3.63 19.60
CA ARG E 449 -39.08 3.66 20.30
C ARG E 449 -37.99 4.26 19.42
N PRO E 450 -37.01 4.93 20.01
CA PRO E 450 -35.87 5.40 19.20
C PRO E 450 -35.00 4.22 18.78
N ALA E 451 -34.46 4.30 17.58
CA ALA E 451 -33.59 3.27 17.06
C ALA E 451 -32.65 3.88 16.04
N GLY E 452 -31.58 3.16 15.76
CA GLY E 452 -30.60 3.62 14.79
C GLY E 452 -29.43 2.65 14.73
N GLY E 453 -28.44 3.03 13.94
CA GLY E 453 -27.25 2.21 13.81
C GLY E 453 -26.90 1.90 12.38
N ASP E 454 -27.91 1.67 11.56
CA ASP E 454 -27.71 1.57 10.11
C ASP E 454 -27.42 2.97 9.59
N MET E 455 -26.17 3.25 9.26
CA MET E 455 -25.75 4.62 9.04
C MET E 455 -26.20 5.17 7.69
N ARG E 456 -26.61 4.32 6.75
CA ARG E 456 -27.10 4.83 5.49
C ARG E 456 -28.48 5.47 5.60
N ASP E 457 -29.20 5.24 6.70
CA ASP E 457 -30.45 5.96 6.94
C ASP E 457 -30.21 7.43 7.23
N ASN E 458 -29.02 7.79 7.71
CA ASN E 458 -28.69 9.21 7.86
C ASN E 458 -28.63 9.90 6.51
N TRP E 459 -28.06 9.24 5.52
CA TRP E 459 -27.88 9.81 4.20
C TRP E 459 -29.03 9.52 3.25
N ARG E 460 -29.99 8.70 3.66
CA ARG E 460 -31.25 8.62 2.92
C ARG E 460 -32.16 9.80 3.20
N SER E 461 -31.94 10.51 4.30
CA SER E 461 -32.74 11.69 4.61
C SER E 461 -32.25 12.94 3.91
N GLU E 462 -31.09 12.89 3.27
CA GLU E 462 -30.59 14.00 2.46
C GLU E 462 -30.64 13.71 0.97
N LEU E 463 -30.53 12.45 0.56
CA LEU E 463 -30.65 12.04 -0.83
C LEU E 463 -32.05 11.55 -1.16
N TYR E 464 -33.07 12.12 -0.53
CA TYR E 464 -34.43 11.68 -0.79
C TYR E 464 -34.97 12.26 -2.09
N LYS E 465 -34.50 13.44 -2.50
CA LYS E 465 -35.03 14.10 -3.68
C LYS E 465 -34.42 13.55 -4.97
N TYR E 466 -33.14 13.19 -4.95
CA TYR E 466 -32.38 13.05 -6.18
C TYR E 466 -32.50 11.66 -6.80
N LYS E 467 -32.28 11.62 -8.11
CA LYS E 467 -32.19 10.39 -8.89
C LYS E 467 -31.22 10.64 -10.04
N VAL E 468 -30.51 9.60 -10.46
CA VAL E 468 -29.50 9.71 -11.52
C VAL E 468 -30.00 9.02 -12.78
N VAL E 469 -29.86 9.71 -13.92
CA VAL E 469 -30.32 9.19 -15.20
C VAL E 469 -29.21 9.39 -16.23
N LYS E 470 -29.31 8.61 -17.30
CA LYS E 470 -28.38 8.64 -18.42
C LYS E 470 -29.12 9.12 -19.66
N ILE E 471 -28.56 10.14 -20.31
CA ILE E 471 -29.18 10.71 -21.50
C ILE E 471 -28.90 9.82 -22.69
N GLU E 472 -29.87 9.69 -23.58
CA GLU E 472 -29.75 8.83 -24.77
C GLU E 472 -30.11 9.67 -26.00
N PRO E 473 -29.17 10.45 -26.51
CA PRO E 473 -29.53 11.50 -27.46
C PRO E 473 -29.71 11.08 -28.91
N LEU E 474 -29.94 9.80 -29.19
CA LEU E 474 -30.25 9.35 -30.54
C LEU E 474 -31.73 8.99 -30.63
N GLY E 475 -32.42 9.56 -31.61
CA GLY E 475 -33.84 9.33 -31.76
C GLY E 475 -34.19 8.92 -33.18
N VAL E 476 -35.27 8.15 -33.28
CA VAL E 476 -35.71 7.54 -34.54
C VAL E 476 -37.17 7.90 -34.78
N ALA E 477 -37.45 8.53 -35.92
CA ALA E 477 -38.79 9.02 -36.22
C ALA E 477 -38.95 9.17 -37.73
N PRO E 478 -40.16 9.02 -38.27
CA PRO E 478 -40.38 9.32 -39.69
C PRO E 478 -40.87 10.73 -39.93
N THR E 479 -40.36 11.34 -41.00
CA THR E 479 -40.69 12.73 -41.32
C THR E 479 -41.41 12.89 -42.65
N ARG E 480 -41.63 11.81 -43.41
CA ARG E 480 -42.10 11.82 -44.79
C ARG E 480 -41.20 12.72 -45.65
N CYS E 481 -39.90 12.43 -45.59
CA CYS E 481 -38.91 13.15 -46.35
C CYS E 481 -37.76 12.20 -46.66
N LYS E 482 -37.31 12.23 -47.91
CA LYS E 482 -36.29 11.30 -48.38
C LYS E 482 -34.96 12.01 -48.55
N ARG E 483 -33.88 11.23 -48.46
CA ARG E 483 -32.55 11.78 -48.69
C ARG E 483 -32.34 12.09 -50.16
N ARG E 484 -31.74 13.24 -50.44
CA ARG E 484 -31.48 13.67 -51.81
C ARG E 484 -30.29 12.87 -52.34
N VAL E 485 -30.55 12.01 -53.32
CA VAL E 485 -29.49 11.19 -53.90
C VAL E 485 -29.35 11.48 -55.39
N PHE F 11 -30.06 23.19 -20.87
CA PHE F 11 -29.97 21.75 -20.97
C PHE F 11 -31.27 21.08 -20.56
N LEU F 12 -31.79 20.23 -21.45
CA LEU F 12 -33.05 19.48 -21.28
C LEU F 12 -34.24 20.41 -21.00
N GLY F 13 -34.24 21.60 -21.59
CA GLY F 13 -35.30 22.54 -21.35
C GLY F 13 -36.60 22.19 -22.06
N ALA F 14 -36.53 21.37 -23.09
CA ALA F 14 -37.70 20.96 -23.87
C ALA F 14 -37.99 19.47 -23.68
N ALA F 15 -37.84 18.99 -22.44
CA ALA F 15 -38.09 17.58 -22.17
C ALA F 15 -39.57 17.25 -22.20
N GLY F 16 -40.42 18.20 -21.81
CA GLY F 16 -41.86 18.00 -21.81
C GLY F 16 -42.60 18.62 -22.98
N SER F 17 -41.91 19.26 -23.91
CA SER F 17 -42.54 19.91 -25.05
C SER F 17 -42.80 18.88 -26.15
N THR F 18 -43.22 19.35 -27.32
CA THR F 18 -43.52 18.47 -28.43
C THR F 18 -42.23 18.10 -29.16
N MET F 19 -42.37 17.29 -30.21
CA MET F 19 -41.21 16.90 -31.02
C MET F 19 -40.69 18.09 -31.82
N GLY F 20 -41.61 18.81 -32.48
CA GLY F 20 -41.21 19.97 -33.27
C GLY F 20 -40.63 21.10 -32.44
N ALA F 21 -41.10 21.24 -31.20
CA ALA F 21 -40.50 22.18 -30.27
C ALA F 21 -39.11 21.76 -29.83
N ALA F 22 -38.73 20.49 -30.03
CA ALA F 22 -37.36 20.05 -29.85
C ALA F 22 -36.54 20.20 -31.12
N SER F 23 -37.12 20.75 -32.19
CA SER F 23 -36.39 20.95 -33.43
C SER F 23 -35.47 22.16 -33.40
N MET F 24 -35.57 23.00 -32.37
CA MET F 24 -34.67 24.14 -32.22
C MET F 24 -33.77 24.04 -31.00
N THR F 25 -34.03 23.09 -30.10
CA THR F 25 -33.26 22.95 -28.88
C THR F 25 -32.51 21.61 -28.82
N LEU F 26 -32.28 20.99 -29.97
CA LEU F 26 -31.54 19.73 -29.98
C LEU F 26 -30.04 19.94 -30.06
N THR F 27 -29.59 21.18 -30.23
CA THR F 27 -28.15 21.46 -30.24
C THR F 27 -27.62 21.84 -28.87
N VAL F 28 -28.48 22.20 -27.92
CA VAL F 28 -28.03 22.47 -26.56
C VAL F 28 -27.92 21.17 -25.76
N GLN F 29 -28.59 20.10 -26.18
CA GLN F 29 -28.35 18.80 -25.58
C GLN F 29 -27.07 18.16 -26.10
N ALA F 30 -26.50 18.70 -27.19
CA ALA F 30 -25.27 18.18 -27.76
C ALA F 30 -24.05 19.02 -27.40
N ARG F 31 -24.23 20.14 -26.70
CA ARG F 31 -23.09 20.97 -26.29
C ARG F 31 -22.68 20.73 -24.84
N ASN F 32 -23.49 20.04 -24.05
CA ASN F 32 -23.18 19.72 -22.67
C ASN F 32 -22.74 18.28 -22.49
N LEU F 33 -22.50 17.55 -23.57
CA LEU F 33 -22.19 16.13 -23.49
C LEU F 33 -20.72 15.85 -23.26
N LEU F 34 -19.88 16.87 -23.20
CA LEU F 34 -18.46 16.62 -22.95
C LEU F 34 -17.85 17.57 -21.93
N SER F 35 -18.45 18.71 -21.65
CA SER F 35 -17.89 19.70 -20.73
C SER F 35 -18.58 19.61 -19.38
N GLY F 36 -17.79 19.54 -18.32
CA GLY F 36 -18.31 19.48 -16.97
C GLY F 36 -17.33 19.99 -15.93
N THR F 58 -6.95 10.02 -2.69
CA THR F 58 -6.95 9.48 -4.03
C THR F 58 -8.25 8.74 -4.32
N VAL F 59 -9.19 8.75 -3.38
CA VAL F 59 -10.54 8.25 -3.65
C VAL F 59 -11.23 9.14 -4.66
N TRP F 60 -11.20 10.46 -4.41
CA TRP F 60 -11.82 11.39 -5.34
C TRP F 60 -11.02 11.51 -6.62
N GLY F 61 -9.71 11.25 -6.58
CA GLY F 61 -8.94 11.19 -7.81
C GLY F 61 -9.36 10.02 -8.68
N ILE F 62 -9.64 8.87 -8.07
CA ILE F 62 -10.12 7.70 -8.81
C ILE F 62 -11.50 7.98 -9.41
N LYS F 63 -12.39 8.59 -8.63
CA LYS F 63 -13.73 8.88 -9.15
C LYS F 63 -13.69 9.94 -10.25
N GLN F 64 -12.81 10.94 -10.12
CA GLN F 64 -12.62 11.93 -11.16
C GLN F 64 -12.09 11.32 -12.45
N LEU F 65 -11.12 10.40 -12.34
CA LEU F 65 -10.57 9.74 -13.51
C LEU F 65 -11.61 8.87 -14.21
N GLN F 66 -12.40 8.13 -13.43
CA GLN F 66 -13.42 7.26 -14.04
C GLN F 66 -14.52 8.08 -14.71
N ALA F 67 -14.91 9.21 -14.11
CA ALA F 67 -15.88 10.09 -14.75
C ALA F 67 -15.33 10.69 -16.04
N ARG F 68 -14.05 11.07 -16.04
CA ARG F 68 -13.42 11.62 -17.23
C ARG F 68 -13.34 10.62 -18.37
N VAL F 69 -13.11 9.34 -18.06
CA VAL F 69 -13.11 8.34 -19.12
C VAL F 69 -14.53 8.03 -19.60
N LEU F 70 -15.50 8.02 -18.67
CA LEU F 70 -16.88 7.67 -19.02
C LEU F 70 -17.51 8.70 -19.95
N ALA F 71 -17.22 9.98 -19.74
CA ALA F 71 -17.77 11.02 -20.62
C ALA F 71 -17.27 10.88 -22.05
N VAL F 72 -15.97 10.57 -22.21
CA VAL F 72 -15.38 10.40 -23.53
C VAL F 72 -15.96 9.17 -24.23
N GLU F 73 -16.14 8.07 -23.49
CA GLU F 73 -16.73 6.86 -24.07
C GLU F 73 -18.16 7.09 -24.52
N ARG F 74 -18.96 7.76 -23.70
CA ARG F 74 -20.37 7.96 -24.04
C ARG F 74 -20.54 8.98 -25.16
N TYR F 75 -19.59 9.90 -25.34
CA TYR F 75 -19.66 10.77 -26.51
C TYR F 75 -19.24 10.03 -27.78
N LEU F 76 -18.16 9.24 -27.69
CA LEU F 76 -17.60 8.62 -28.88
C LEU F 76 -18.49 7.51 -29.42
N ARG F 77 -19.27 6.85 -28.56
CA ARG F 77 -20.18 5.82 -29.04
C ARG F 77 -21.26 6.40 -29.95
N ASP F 78 -21.86 7.52 -29.54
CA ASP F 78 -22.88 8.17 -30.35
C ASP F 78 -22.28 8.73 -31.64
N GLN F 79 -21.07 9.31 -31.55
CA GLN F 79 -20.44 9.82 -32.76
C GLN F 79 -20.08 8.70 -33.74
N GLN F 80 -19.68 7.53 -33.21
CA GLN F 80 -19.37 6.40 -34.06
C GLN F 80 -20.61 5.84 -34.75
N LEU F 81 -21.73 5.77 -34.03
CA LEU F 81 -22.98 5.31 -34.66
C LEU F 81 -23.45 6.29 -35.73
N LEU F 82 -23.31 7.59 -35.49
CA LEU F 82 -23.68 8.58 -36.49
C LEU F 82 -22.78 8.48 -37.73
N GLY F 83 -21.49 8.23 -37.52
CA GLY F 83 -20.59 8.05 -38.64
C GLY F 83 -20.84 6.79 -39.44
N ILE F 84 -21.25 5.71 -38.76
CA ILE F 84 -21.60 4.47 -39.46
C ILE F 84 -22.86 4.66 -40.28
N TRP F 85 -23.87 5.36 -39.73
CA TRP F 85 -25.05 5.67 -40.53
C TRP F 85 -24.75 6.67 -41.64
N GLY F 86 -23.68 7.44 -41.52
CA GLY F 86 -23.23 8.30 -42.60
C GLY F 86 -23.77 9.70 -42.57
N CYS F 87 -24.66 10.02 -41.64
CA CYS F 87 -25.20 11.37 -41.52
C CYS F 87 -24.56 12.14 -40.36
N SER F 88 -23.34 11.74 -39.96
CA SER F 88 -22.62 12.47 -38.94
C SER F 88 -22.17 13.83 -39.47
N GLY F 89 -22.00 14.77 -38.54
CA GLY F 89 -21.74 16.14 -38.90
C GLY F 89 -22.98 17.01 -39.00
N LYS F 90 -24.16 16.43 -38.84
CA LYS F 90 -25.39 17.20 -38.83
C LYS F 90 -26.35 16.59 -37.82
N LEU F 91 -27.30 17.39 -37.36
CA LEU F 91 -28.21 16.96 -36.31
C LEU F 91 -29.42 16.21 -36.83
N ILE F 92 -29.96 16.61 -37.98
CA ILE F 92 -31.14 16.01 -38.58
C ILE F 92 -30.74 15.32 -39.87
N CYS F 93 -31.16 14.06 -40.02
CA CYS F 93 -30.77 13.25 -41.17
C CYS F 93 -32.00 12.79 -41.93
N CYS F 94 -31.76 12.25 -43.12
CA CYS F 94 -32.73 11.48 -43.88
C CYS F 94 -31.99 10.27 -44.43
N THR F 95 -32.58 9.08 -44.30
CA THR F 95 -31.78 7.86 -44.39
C THR F 95 -32.22 6.87 -45.48
N ASN F 96 -33.12 7.28 -46.39
CA ASN F 96 -33.46 6.51 -47.61
C ASN F 96 -34.02 5.12 -47.31
N VAL F 97 -34.62 4.93 -46.14
CA VAL F 97 -35.10 3.62 -45.74
C VAL F 97 -36.58 3.74 -45.37
N PRO F 98 -37.45 2.89 -45.92
CA PRO F 98 -38.89 3.04 -45.66
C PRO F 98 -39.27 2.71 -44.22
N TRP F 99 -40.33 3.37 -43.76
CA TRP F 99 -40.88 3.15 -42.44
C TRP F 99 -41.92 2.04 -42.52
N ASN F 100 -41.67 0.94 -41.83
CA ASN F 100 -42.52 -0.24 -41.91
C ASN F 100 -43.85 0.01 -41.20
N SER F 101 -44.90 -0.66 -41.69
CA SER F 101 -46.23 -0.53 -41.11
C SER F 101 -46.34 -1.17 -39.74
N SER F 102 -45.47 -2.13 -39.42
CA SER F 102 -45.43 -2.70 -38.08
C SER F 102 -44.93 -1.70 -37.05
N TRP F 103 -44.15 -0.71 -37.47
CA TRP F 103 -43.70 0.35 -36.57
C TRP F 103 -44.62 1.56 -36.58
N SER F 104 -45.54 1.63 -37.54
CA SER F 104 -46.37 2.81 -37.76
C SER F 104 -47.72 2.62 -37.07
N ASN F 105 -48.12 3.63 -36.28
CA ASN F 105 -49.40 3.59 -35.59
C ASN F 105 -50.17 4.89 -35.63
N ARG F 106 -49.55 6.02 -35.96
CA ARG F 106 -50.18 7.32 -35.85
C ARG F 106 -49.91 8.14 -37.11
N ASN F 107 -50.50 9.32 -37.15
CA ASN F 107 -50.26 10.26 -38.23
C ASN F 107 -49.14 11.22 -37.85
N LEU F 108 -48.71 12.02 -38.83
CA LEU F 108 -47.59 12.93 -38.62
C LEU F 108 -47.94 14.06 -37.66
N SER F 109 -49.15 14.60 -37.74
CA SER F 109 -49.58 15.63 -36.80
C SER F 109 -49.72 15.05 -35.40
N GLU F 110 -50.23 13.81 -35.31
CA GLU F 110 -50.39 13.14 -34.01
C GLU F 110 -49.04 12.86 -33.36
N ILE F 111 -48.03 12.51 -34.15
CA ILE F 111 -46.72 12.23 -33.57
C ILE F 111 -46.00 13.53 -33.24
N TRP F 112 -45.93 14.47 -34.17
CA TRP F 112 -45.07 15.64 -34.04
C TRP F 112 -45.75 16.85 -33.41
N ASP F 113 -47.03 16.74 -33.02
CA ASP F 113 -47.71 17.85 -32.40
C ASP F 113 -48.38 17.52 -31.08
N ASN F 114 -48.43 16.26 -30.69
CA ASN F 114 -49.11 15.86 -29.46
C ASN F 114 -48.22 15.09 -28.51
N MET F 115 -47.34 14.25 -29.03
CA MET F 115 -46.53 13.35 -28.20
C MET F 115 -45.16 13.96 -27.98
N THR F 116 -44.57 13.65 -26.84
CA THR F 116 -43.22 14.10 -26.50
C THR F 116 -42.19 13.02 -26.84
N TRP F 117 -40.93 13.44 -26.85
CA TRP F 117 -39.83 12.56 -27.26
C TRP F 117 -39.64 11.40 -26.30
N LEU F 118 -39.87 11.62 -25.01
CA LEU F 118 -39.70 10.56 -24.03
C LEU F 118 -40.78 9.49 -24.19
N GLN F 119 -42.02 9.91 -24.45
CA GLN F 119 -43.08 8.95 -24.73
C GLN F 119 -42.84 8.20 -26.03
N TRP F 120 -42.29 8.90 -27.02
CA TRP F 120 -41.90 8.26 -28.27
C TRP F 120 -40.83 7.20 -28.05
N ASP F 121 -39.80 7.55 -27.26
CA ASP F 121 -38.71 6.61 -26.95
C ASP F 121 -39.22 5.44 -26.13
N LYS F 122 -40.23 5.66 -25.31
CA LYS F 122 -40.87 4.56 -24.58
C LYS F 122 -41.59 3.63 -25.55
N GLU F 123 -42.29 4.18 -26.53
CA GLU F 123 -43.19 3.38 -27.36
C GLU F 123 -42.58 2.89 -28.67
N ILE F 124 -41.32 3.23 -28.99
CA ILE F 124 -40.74 2.85 -30.27
C ILE F 124 -39.54 1.93 -30.09
N SER F 125 -39.09 1.69 -28.85
CA SER F 125 -37.74 1.22 -28.55
C SER F 125 -37.43 -0.19 -29.06
N ASN F 126 -38.45 -0.98 -29.41
CA ASN F 126 -38.16 -2.28 -29.98
C ASN F 126 -37.79 -2.16 -31.46
N TYR F 127 -37.29 -3.27 -32.01
CA TYR F 127 -36.88 -3.39 -33.43
C TYR F 127 -35.80 -2.38 -33.79
N THR F 128 -34.81 -2.21 -32.91
CA THR F 128 -33.86 -1.11 -33.06
C THR F 128 -32.60 -1.51 -33.82
N GLN F 129 -32.02 -2.67 -33.50
CA GLN F 129 -30.77 -3.06 -34.13
C GLN F 129 -30.95 -3.42 -35.60
N ILE F 130 -32.11 -3.94 -35.98
CA ILE F 130 -32.38 -4.19 -37.39
C ILE F 130 -32.50 -2.88 -38.17
N ILE F 131 -33.08 -1.84 -37.55
CA ILE F 131 -33.12 -0.51 -38.15
C ILE F 131 -31.71 0.03 -38.33
N TYR F 132 -30.87 -0.16 -37.31
CA TYR F 132 -29.51 0.39 -37.34
C TYR F 132 -28.66 -0.32 -38.40
N GLY F 133 -28.81 -1.64 -38.52
CA GLY F 133 -28.12 -2.37 -39.56
C GLY F 133 -28.61 -2.03 -40.96
N LEU F 134 -29.92 -1.77 -41.10
CA LEU F 134 -30.47 -1.33 -42.37
C LEU F 134 -29.89 0.01 -42.79
N LEU F 135 -29.77 0.94 -41.84
CA LEU F 135 -29.16 2.24 -42.13
C LEU F 135 -27.69 2.09 -42.50
N GLU F 136 -26.98 1.19 -41.82
CA GLU F 136 -25.55 0.98 -42.09
C GLU F 136 -25.33 0.42 -43.49
N GLU F 137 -26.07 -0.62 -43.87
CA GLU F 137 -25.90 -1.19 -45.20
C GLU F 137 -26.42 -0.26 -46.30
N SER F 138 -27.43 0.57 -45.99
CA SER F 138 -27.86 1.58 -46.95
C SER F 138 -26.78 2.64 -47.17
N GLN F 139 -26.09 3.03 -46.11
CA GLN F 139 -25.00 3.99 -46.24
C GLN F 139 -23.85 3.43 -47.05
N ASN F 140 -23.49 2.16 -46.82
CA ASN F 140 -22.42 1.56 -47.61
C ASN F 140 -22.83 1.36 -49.07
N GLN F 141 -24.11 1.04 -49.32
CA GLN F 141 -24.60 0.94 -50.68
C GLN F 141 -24.54 2.28 -51.39
N GLN F 142 -24.88 3.36 -50.67
CA GLN F 142 -24.77 4.71 -51.23
C GLN F 142 -23.33 5.06 -51.56
N GLU F 143 -22.40 4.69 -50.68
CA GLU F 143 -20.98 5.00 -50.91
C GLU F 143 -20.43 4.25 -52.11
N LYS F 144 -20.74 2.95 -52.23
CA LYS F 144 -20.23 2.19 -53.37
C LYS F 144 -20.90 2.60 -54.67
N ASN F 145 -22.18 2.98 -54.63
CA ASN F 145 -22.85 3.44 -55.84
C ASN F 145 -22.31 4.78 -56.31
N GLU F 146 -22.03 5.69 -55.37
CA GLU F 146 -21.43 6.98 -55.72
C GLU F 146 -20.02 6.81 -56.27
N GLN F 147 -19.24 5.89 -55.68
CA GLN F 147 -17.88 5.67 -56.17
C GLN F 147 -17.90 5.01 -57.54
N ASP F 148 -18.84 4.10 -57.79
CA ASP F 148 -18.95 3.49 -59.12
C ASP F 148 -19.42 4.50 -60.15
N LEU F 149 -20.31 5.42 -59.75
CA LEU F 149 -20.75 6.47 -60.66
C LEU F 149 -19.61 7.43 -61.00
N LEU F 150 -18.78 7.79 -60.03
CA LEU F 150 -17.65 8.66 -60.32
C LEU F 150 -16.53 7.95 -61.06
N ALA F 151 -16.39 6.64 -60.86
CA ALA F 151 -15.39 5.88 -61.59
C ALA F 151 -15.83 5.64 -63.03
N LEU F 152 -17.13 5.52 -63.27
CA LEU F 152 -17.66 5.39 -64.62
C LEU F 152 -17.76 6.72 -65.35
N ASP F 153 -17.49 7.84 -64.68
CA ASP F 153 -17.46 9.14 -65.32
C ASP F 153 -16.22 9.25 -66.20
N GLN G 1 -31.03 33.31 59.72
CA GLN G 1 -29.64 33.71 59.54
C GLN G 1 -28.68 32.54 59.70
N VAL G 2 -27.79 32.38 58.74
CA VAL G 2 -26.78 31.32 58.79
C VAL G 2 -25.57 31.85 59.55
N GLN G 3 -24.76 30.92 60.06
CA GLN G 3 -23.62 31.29 60.88
C GLN G 3 -22.59 30.17 60.85
N LEU G 4 -21.32 30.55 60.84
CA LEU G 4 -20.21 29.60 60.86
C LEU G 4 -19.42 29.79 62.14
N VAL G 5 -19.20 28.70 62.87
CA VAL G 5 -18.46 28.72 64.13
C VAL G 5 -17.08 28.14 63.89
N GLN G 6 -16.05 28.89 64.28
CA GLN G 6 -14.67 28.46 64.14
C GLN G 6 -14.04 28.24 65.50
N SER G 7 -12.90 27.55 65.50
CA SER G 7 -12.26 27.10 66.73
C SER G 7 -11.55 28.25 67.43
N GLY G 8 -10.95 27.93 68.58
CA GLY G 8 -10.23 28.91 69.37
C GLY G 8 -8.79 29.06 68.91
N ALA G 9 -8.00 29.73 69.76
CA ALA G 9 -6.61 29.99 69.46
C ALA G 9 -5.78 28.71 69.54
N GLU G 10 -4.73 28.66 68.70
CA GLU G 10 -3.80 27.54 68.68
C GLU G 10 -2.39 28.09 68.86
N VAL G 11 -1.78 27.80 70.00
CA VAL G 11 -0.43 28.25 70.33
C VAL G 11 0.45 27.02 70.44
N LYS G 12 1.46 26.94 69.57
CA LYS G 12 2.36 25.79 69.59
C LYS G 12 3.69 26.17 68.93
N LYS G 13 4.67 25.31 69.13
CA LYS G 13 5.99 25.48 68.55
C LYS G 13 5.96 25.21 67.05
N PRO G 14 6.93 25.74 66.29
CA PRO G 14 7.01 25.41 64.87
C PRO G 14 7.30 23.93 64.64
N GLY G 15 6.77 23.42 63.52
CA GLY G 15 6.96 22.04 63.14
C GLY G 15 5.78 21.13 63.41
N ALA G 16 4.80 21.57 64.18
CA ALA G 16 3.63 20.76 64.49
C ALA G 16 2.52 21.03 63.48
N SER G 17 1.33 20.55 63.77
CA SER G 17 0.18 20.67 62.88
C SER G 17 -0.99 21.32 63.62
N VAL G 18 -1.83 22.03 62.86
CA VAL G 18 -2.98 22.74 63.40
C VAL G 18 -4.22 22.30 62.65
N LYS G 19 -5.26 21.91 63.40
CA LYS G 19 -6.59 21.64 62.85
C LYS G 19 -7.52 22.78 63.24
N VAL G 20 -8.18 23.35 62.24
CA VAL G 20 -9.15 24.42 62.43
C VAL G 20 -10.51 23.90 61.96
N SER G 21 -11.50 23.95 62.85
CA SER G 21 -12.83 23.46 62.54
C SER G 21 -13.75 24.61 62.16
N CYS G 22 -14.72 24.29 61.29
CA CYS G 22 -15.70 25.28 60.83
C CYS G 22 -17.05 24.58 60.75
N LYS G 23 -17.97 24.96 61.62
CA LYS G 23 -19.28 24.33 61.74
C LYS G 23 -20.34 25.27 61.21
N ALA G 24 -21.15 24.79 60.27
CA ALA G 24 -22.17 25.61 59.64
C ALA G 24 -23.51 25.43 60.33
N SER G 25 -24.33 26.48 60.29
CA SER G 25 -25.68 26.41 60.85
C SER G 25 -26.59 27.35 60.07
N GLY G 26 -27.85 26.95 59.92
CA GLY G 26 -28.84 27.76 59.26
C GLY G 26 -29.10 27.42 57.82
N TYR G 27 -28.26 26.59 57.20
CA TYR G 27 -28.44 26.20 55.81
C TYR G 27 -27.77 24.85 55.60
N ARG G 28 -28.02 24.26 54.43
CA ARG G 28 -27.49 22.93 54.14
C ARG G 28 -25.99 23.02 53.84
N PHE G 29 -25.22 22.15 54.50
CA PHE G 29 -23.79 22.12 54.29
C PHE G 29 -23.43 21.59 52.90
N THR G 30 -24.28 20.76 52.33
CA THR G 30 -24.01 20.13 51.04
C THR G 30 -24.21 21.10 49.88
N ASP G 31 -24.98 22.17 50.07
CA ASP G 31 -25.38 23.03 48.96
C ASP G 31 -24.31 24.02 48.51
N HIS G 32 -23.35 24.37 49.36
CA HIS G 32 -22.45 25.47 49.07
C HIS G 32 -21.00 25.06 49.25
N TYR G 33 -20.13 25.71 48.48
CA TYR G 33 -18.69 25.53 48.62
C TYR G 33 -18.20 26.19 49.90
N ILE G 34 -17.08 25.68 50.40
CA ILE G 34 -16.41 26.27 51.57
C ILE G 34 -15.01 26.68 51.13
N HIS G 35 -14.70 27.97 51.28
CA HIS G 35 -13.38 28.49 50.99
C HIS G 35 -12.68 28.89 52.28
N TRP G 36 -11.36 29.00 52.21
CA TRP G 36 -10.54 29.34 53.36
C TRP G 36 -9.70 30.57 53.04
N VAL G 37 -9.67 31.53 53.96
CA VAL G 37 -8.97 32.80 53.75
C VAL G 37 -8.04 33.03 54.92
N ARG G 38 -6.75 33.19 54.64
CA ARG G 38 -5.75 33.47 55.66
C ARG G 38 -5.31 34.93 55.57
N GLN G 39 -5.33 35.63 56.69
CA GLN G 39 -4.92 37.04 56.73
C GLN G 39 -3.87 37.22 57.81
N ALA G 40 -2.65 37.53 57.40
CA ALA G 40 -1.63 37.91 58.35
C ALA G 40 -1.95 39.29 58.93
N PRO G 41 -1.58 39.54 60.17
CA PRO G 41 -1.79 40.89 60.74
C PRO G 41 -0.90 41.93 60.06
N GLY G 42 -1.49 43.10 59.79
CA GLY G 42 -0.82 44.10 59.00
C GLY G 42 -0.65 43.73 57.55
N GLN G 43 -1.55 42.91 57.02
CA GLN G 43 -1.41 42.37 55.67
C GLN G 43 -2.80 41.99 55.17
N GLY G 44 -3.05 42.21 53.87
CA GLY G 44 -4.31 41.87 53.28
C GLY G 44 -4.57 40.38 53.23
N PRO G 45 -5.82 39.99 53.01
CA PRO G 45 -6.17 38.56 53.02
C PRO G 45 -5.63 37.82 51.81
N GLU G 46 -5.65 36.50 51.91
CA GLU G 46 -5.15 35.64 50.85
C GLU G 46 -5.96 34.35 50.83
N TRP G 47 -6.50 34.03 49.66
CA TRP G 47 -7.24 32.79 49.48
C TRP G 47 -6.29 31.60 49.61
N MET G 48 -6.79 30.51 50.20
CA MET G 48 -5.89 29.43 50.56
C MET G 48 -6.41 28.08 50.06
N GLY G 49 -7.72 27.96 49.86
CA GLY G 49 -8.25 26.76 49.23
C GLY G 49 -9.76 26.63 49.26
N TRP G 50 -10.29 25.72 48.45
CA TRP G 50 -11.72 25.41 48.43
C TRP G 50 -11.92 23.91 48.56
N ILE G 51 -13.11 23.54 49.02
CA ILE G 51 -13.55 22.15 49.11
C ILE G 51 -14.96 22.03 48.55
N ASN G 52 -15.18 21.00 47.75
CA ASN G 52 -16.54 20.57 47.38
C ASN G 52 -17.11 19.82 48.58
N THR G 53 -18.19 20.33 49.14
CA THR G 53 -18.74 19.69 50.33
C THR G 53 -19.65 18.51 50.01
N SER G 54 -19.91 18.25 48.73
CA SER G 54 -20.75 17.11 48.35
C SER G 54 -19.94 15.85 48.12
N SER G 55 -18.72 15.97 47.62
CA SER G 55 -17.90 14.80 47.31
C SER G 55 -16.52 14.86 47.94
N GLY G 56 -16.19 15.89 48.71
CA GLY G 56 -14.90 15.95 49.36
C GLY G 56 -13.74 16.32 48.48
N ARG G 57 -13.99 16.65 47.22
CA ARG G 57 -12.91 17.09 46.34
C ARG G 57 -12.47 18.49 46.73
N SER G 58 -11.18 18.69 46.88
CA SER G 58 -10.66 19.96 47.35
C SER G 58 -9.46 20.37 46.52
N ASN G 59 -9.23 21.67 46.46
CA ASN G 59 -8.04 22.22 45.81
C ASN G 59 -7.49 23.34 46.67
N PHE G 60 -6.19 23.57 46.56
CA PHE G 60 -5.48 24.54 47.37
C PHE G 60 -4.78 25.53 46.46
N ALA G 61 -4.05 26.46 47.07
CA ALA G 61 -3.34 27.46 46.31
C ALA G 61 -2.07 26.86 45.69
N GLN G 62 -1.35 27.66 44.92
CA GLN G 62 -0.19 27.18 44.19
C GLN G 62 1.02 26.91 45.07
N LYS G 63 1.03 27.41 46.31
CA LYS G 63 2.16 27.24 47.19
C LYS G 63 1.79 26.60 48.53
N PHE G 64 0.54 26.19 48.72
CA PHE G 64 0.15 25.46 49.91
C PHE G 64 0.13 23.95 49.68
N GLN G 65 0.57 23.49 48.52
CA GLN G 65 0.55 22.07 48.22
C GLN G 65 1.62 21.33 49.01
N GLY G 66 1.27 20.17 49.53
CA GLY G 66 2.16 19.40 50.37
C GLY G 66 2.13 19.75 51.83
N ARG G 67 1.41 20.80 52.21
CA ARG G 67 1.30 21.21 53.61
C ARG G 67 -0.12 21.27 54.12
N VAL G 68 -1.12 21.22 53.24
CA VAL G 68 -2.50 21.53 53.57
C VAL G 68 -3.37 20.36 53.17
N THR G 69 -4.20 19.88 54.10
CA THR G 69 -5.27 18.96 53.76
C THR G 69 -6.59 19.51 54.29
N MET G 70 -7.67 19.20 53.57
CA MET G 70 -9.00 19.69 53.91
C MET G 70 -9.96 18.52 53.91
N THR G 71 -10.67 18.35 55.02
CA THR G 71 -11.66 17.30 55.14
C THR G 71 -12.99 17.92 55.57
N ARG G 72 -14.04 17.11 55.54
CA ARG G 72 -15.33 17.57 56.03
C ARG G 72 -16.15 16.37 56.46
N ASP G 73 -17.17 16.63 57.27
CA ASP G 73 -18.16 15.63 57.66
C ASP G 73 -19.54 16.21 57.47
N THR G 74 -20.34 15.57 56.62
CA THR G 74 -21.67 16.07 56.29
C THR G 74 -22.72 15.67 57.32
N SER G 75 -22.41 14.69 58.17
CA SER G 75 -23.37 14.26 59.18
C SER G 75 -23.55 15.32 60.26
N ILE G 76 -22.45 15.87 60.76
CA ILE G 76 -22.51 16.96 61.72
C ILE G 76 -22.26 18.31 61.07
N SER G 77 -22.09 18.34 59.74
CA SER G 77 -22.02 19.56 58.92
C SER G 77 -20.87 20.47 59.33
N THR G 78 -19.64 19.98 59.17
CA THR G 78 -18.48 20.78 59.51
C THR G 78 -17.32 20.44 58.58
N ALA G 79 -16.31 21.31 58.60
CA ALA G 79 -15.12 21.15 57.79
C ALA G 79 -13.88 21.34 58.65
N TYR G 80 -12.81 20.64 58.27
CA TYR G 80 -11.55 20.65 58.99
C TYR G 80 -10.41 21.06 58.07
N MET G 81 -9.60 21.98 58.57
CA MET G 81 -8.38 22.44 57.93
C MET G 81 -7.18 21.92 58.71
N GLU G 82 -6.38 21.06 58.08
CA GLU G 82 -5.16 20.52 58.69
C GLU G 82 -3.97 21.15 58.00
N LEU G 83 -3.14 21.86 58.75
CA LEU G 83 -1.92 22.45 58.24
C LEU G 83 -0.74 21.80 58.95
N ASN G 84 0.23 21.35 58.17
CA ASN G 84 1.40 20.65 58.69
C ASN G 84 2.65 21.50 58.55
N ARG G 85 3.56 21.33 59.52
CA ARG G 85 4.88 21.97 59.58
C ARG G 85 4.76 23.50 59.55
N LEU G 86 4.15 24.04 60.60
CA LEU G 86 3.96 25.47 60.68
C LEU G 86 5.28 26.19 60.96
N LYS G 87 5.31 27.47 60.58
CA LYS G 87 6.45 28.34 60.81
C LYS G 87 5.97 29.62 61.48
N SER G 88 6.92 30.48 61.83
CA SER G 88 6.62 31.71 62.55
C SER G 88 5.85 32.72 61.71
N ASP G 89 5.85 32.57 60.39
CA ASP G 89 5.03 33.39 59.51
C ASP G 89 3.59 32.88 59.39
N ASP G 90 3.26 31.76 60.03
CA ASP G 90 1.91 31.22 59.98
C ASP G 90 1.00 31.83 61.04
N THR G 91 1.50 32.75 61.85
CA THR G 91 0.67 33.48 62.80
C THR G 91 -0.27 34.39 62.04
N ALA G 92 -1.55 34.04 61.99
CA ALA G 92 -2.51 34.75 61.15
C ALA G 92 -3.92 34.44 61.62
N VAL G 93 -4.88 35.12 61.01
CA VAL G 93 -6.30 34.89 61.23
C VAL G 93 -6.82 34.02 60.11
N TYR G 94 -7.52 32.95 60.47
CA TYR G 94 -8.06 31.99 59.53
C TYR G 94 -9.57 32.14 59.48
N TYR G 95 -10.11 32.22 58.26
CA TYR G 95 -11.52 32.48 58.03
C TYR G 95 -12.11 31.36 57.18
N CYS G 96 -13.25 30.83 57.63
CA CYS G 96 -14.06 29.90 56.87
C CYS G 96 -15.18 30.68 56.19
N THR G 97 -15.23 30.66 54.86
CA THR G 97 -16.20 31.44 54.11
C THR G 97 -17.07 30.52 53.26
N THR G 98 -18.29 31.00 52.98
CA THR G 98 -19.26 30.29 52.17
C THR G 98 -19.21 30.83 50.75
N GLY G 99 -18.97 29.96 49.78
CA GLY G 99 -18.77 30.34 48.39
C GLY G 99 -20.04 30.28 47.58
N SER G 100 -19.90 29.78 46.35
CA SER G 100 -20.99 29.80 45.38
C SER G 100 -21.92 28.61 45.63
N TRP G 101 -22.83 28.37 44.69
CA TRP G 101 -23.78 27.26 44.79
C TRP G 101 -23.18 26.04 44.11
N ILE G 102 -23.19 24.91 44.80
CA ILE G 102 -22.67 23.67 44.26
C ILE G 102 -23.66 23.14 43.23
N SER G 103 -23.21 23.02 41.99
CA SER G 103 -24.07 22.54 40.92
C SER G 103 -23.44 21.35 40.24
N LEU G 104 -24.30 20.45 39.78
CA LEU G 104 -23.88 19.18 39.23
C LEU G 104 -23.50 19.28 37.75
N TYR G 105 -23.72 20.43 37.12
CA TYR G 105 -23.59 20.57 35.68
C TYR G 105 -22.53 21.55 35.22
N TYR G 106 -22.12 22.51 36.06
CA TYR G 106 -21.11 23.47 35.67
C TYR G 106 -20.19 23.76 36.85
N ASP G 107 -18.95 24.11 36.54
CA ASP G 107 -17.93 24.35 37.56
C ASP G 107 -18.05 25.77 38.07
N SER G 108 -18.63 25.93 39.26
CA SER G 108 -18.72 27.21 39.94
C SER G 108 -17.86 27.24 41.19
N SER G 109 -16.79 26.43 41.21
CA SER G 109 -15.94 26.35 42.40
C SER G 109 -15.11 27.59 42.57
N GLY G 110 -14.53 28.10 41.50
CA GLY G 110 -13.63 29.23 41.58
C GLY G 110 -14.28 30.57 41.69
N TYR G 111 -15.59 30.64 41.76
CA TYR G 111 -16.30 31.92 41.83
C TYR G 111 -16.01 32.58 43.18
N PRO G 112 -15.47 33.79 43.19
CA PRO G 112 -15.18 34.45 44.47
C PRO G 112 -16.38 35.18 45.06
N ASN G 113 -17.47 34.43 45.26
CA ASN G 113 -18.67 34.96 45.90
C ASN G 113 -18.67 34.51 47.35
N PHE G 114 -17.85 35.17 48.16
CA PHE G 114 -17.71 34.83 49.57
C PHE G 114 -18.83 35.51 50.33
N ASP G 115 -19.94 34.80 50.51
CA ASP G 115 -21.15 35.40 51.06
C ASP G 115 -21.03 35.63 52.56
N TYR G 116 -20.89 34.54 53.32
CA TYR G 116 -20.90 34.61 54.78
C TYR G 116 -19.53 34.21 55.31
N TRP G 117 -18.99 35.03 56.20
CA TRP G 117 -17.68 34.81 56.79
C TRP G 117 -17.84 34.39 58.24
N GLY G 118 -17.05 33.42 58.66
CA GLY G 118 -17.05 33.02 60.05
C GLY G 118 -16.34 34.03 60.93
N GLN G 119 -16.38 33.77 62.24
CA GLN G 119 -15.72 34.65 63.19
C GLN G 119 -14.19 34.54 63.14
N GLY G 120 -13.67 33.49 62.52
CA GLY G 120 -12.24 33.35 62.37
C GLY G 120 -11.56 32.83 63.62
N THR G 121 -10.31 32.43 63.45
CA THR G 121 -9.48 32.03 64.57
C THR G 121 -8.11 32.66 64.41
N LEU G 122 -7.38 32.79 65.51
CA LEU G 122 -6.03 33.33 65.49
C LEU G 122 -5.06 32.20 65.80
N VAL G 123 -4.07 32.03 64.94
CA VAL G 123 -3.05 31.01 65.11
C VAL G 123 -1.73 31.73 65.32
N THR G 124 -1.17 31.60 66.51
CA THR G 124 0.08 32.25 66.88
C THR G 124 1.16 31.20 67.06
N VAL G 125 2.25 31.35 66.30
CA VAL G 125 3.37 30.42 66.32
C VAL G 125 4.51 31.10 67.05
N THR G 126 4.89 30.58 68.21
CA THR G 126 5.96 31.16 69.01
C THR G 126 7.13 30.19 69.14
N THR H 1 -2.51 44.17 41.65
CA THR H 1 -2.01 45.49 42.02
C THR H 1 -3.13 46.36 42.57
N GLN H 2 -2.80 47.17 43.58
CA GLN H 2 -3.78 48.01 44.23
C GLN H 2 -3.07 49.21 44.83
N PRO H 3 -3.66 50.41 44.77
CA PRO H 3 -3.08 51.55 45.48
C PRO H 3 -3.12 51.34 46.98
N ALA H 4 -2.12 51.91 47.67
CA ALA H 4 -1.96 51.67 49.10
C ALA H 4 -3.06 52.34 49.91
N SER H 5 -3.39 53.59 49.59
CA SER H 5 -4.44 54.30 50.32
C SER H 5 -5.02 55.38 49.42
N VAL H 6 -6.24 55.77 49.76
CA VAL H 6 -6.93 56.89 49.11
C VAL H 6 -7.53 57.75 50.21
N SER H 7 -7.71 59.04 49.92
CA SER H 7 -8.29 59.98 50.86
C SER H 7 -9.35 60.81 50.17
N GLY H 8 -10.33 61.26 50.93
CA GLY H 8 -11.39 62.07 50.37
C GLY H 8 -12.28 62.74 51.40
N SER H 9 -12.83 63.90 51.04
CA SER H 9 -13.78 64.59 51.88
C SER H 9 -15.13 63.86 51.85
N PRO H 10 -15.95 64.03 52.88
CA PRO H 10 -17.32 63.50 52.82
C PRO H 10 -18.15 64.22 51.78
N GLY H 11 -19.13 63.49 51.23
CA GLY H 11 -20.04 64.05 50.26
C GLY H 11 -19.59 63.99 48.82
N GLN H 12 -18.45 63.35 48.53
CA GLN H 12 -17.97 63.25 47.16
C GLN H 12 -17.59 61.81 46.84
N PRO H 13 -17.75 61.38 45.58
CA PRO H 13 -17.34 60.03 45.20
C PRO H 13 -15.82 59.90 45.12
N ILE H 14 -15.36 58.67 45.32
CA ILE H 14 -13.96 58.30 45.14
C ILE H 14 -13.89 57.02 44.33
N THR H 15 -12.70 56.69 43.86
CA THR H 15 -12.48 55.49 43.07
C THR H 15 -11.30 54.71 43.61
N ILE H 16 -11.46 53.39 43.69
CA ILE H 16 -10.38 52.47 44.06
C ILE H 16 -10.20 51.50 42.91
N SER H 17 -8.99 51.42 42.37
CA SER H 17 -8.72 50.62 41.19
C SER H 17 -7.97 49.35 41.54
N CYS H 18 -8.05 48.39 40.63
CA CYS H 18 -7.27 47.15 40.72
C CYS H 18 -6.91 46.73 39.31
N THR H 19 -5.63 46.79 38.98
CA THR H 19 -5.14 46.46 37.65
C THR H 19 -4.54 45.06 37.69
N GLY H 20 -5.16 44.14 36.97
CA GLY H 20 -4.67 42.78 36.84
C GLY H 20 -4.20 42.48 35.43
N THR H 21 -3.78 41.24 35.24
CA THR H 21 -3.31 40.79 33.94
C THR H 21 -4.51 40.38 33.08
N SER H 22 -4.24 39.80 31.91
CA SER H 22 -5.32 39.33 31.06
C SER H 22 -5.99 38.09 31.63
N SER H 23 -5.21 37.23 32.31
CA SER H 23 -5.79 36.01 32.87
C SER H 23 -6.63 36.28 34.11
N ASP H 24 -6.30 37.35 34.85
CA ASP H 24 -6.99 37.59 36.12
C ASP H 24 -8.33 38.27 35.90
N VAL H 25 -8.32 39.46 35.31
CA VAL H 25 -9.53 40.23 35.11
C VAL H 25 -9.94 40.29 33.63
N GLY H 26 -8.99 40.28 32.70
CA GLY H 26 -9.32 40.41 31.30
C GLY H 26 -10.07 39.21 30.73
N ASN H 27 -9.66 38.00 31.12
CA ASN H 27 -10.32 36.81 30.61
C ASN H 27 -11.70 36.61 31.25
N TYR H 28 -11.78 36.77 32.57
CA TYR H 28 -12.99 36.46 33.31
C TYR H 28 -13.43 37.70 34.08
N ASP H 29 -14.73 38.00 34.02
CA ASP H 29 -15.29 39.15 34.71
C ASP H 29 -15.57 38.90 36.19
N LEU H 30 -15.06 37.82 36.74
CA LEU H 30 -15.27 37.47 38.14
C LEU H 30 -14.40 38.38 39.00
N VAL H 31 -14.97 39.47 39.48
CA VAL H 31 -14.27 40.38 40.38
C VAL H 31 -15.22 40.68 41.54
N SER H 32 -14.64 40.97 42.70
CA SER H 32 -15.43 41.21 43.89
C SER H 32 -14.68 42.18 44.79
N TRP H 33 -15.43 42.82 45.67
CA TRP H 33 -14.86 43.81 46.59
C TRP H 33 -15.34 43.52 48.01
N TYR H 34 -14.44 43.65 48.96
CA TYR H 34 -14.75 43.39 50.36
C TYR H 34 -14.13 44.48 51.22
N GLN H 35 -14.94 45.12 52.05
CA GLN H 35 -14.40 46.04 53.03
C GLN H 35 -14.22 45.32 54.37
N GLN H 36 -13.32 45.86 55.18
CA GLN H 36 -12.98 45.25 56.46
C GLN H 36 -12.66 46.36 57.45
N HIS H 37 -13.49 46.50 58.47
CA HIS H 37 -13.14 47.34 59.60
C HIS H 37 -12.02 46.67 60.41
N PRO H 38 -11.17 47.46 61.06
CA PRO H 38 -10.14 46.86 61.91
C PRO H 38 -10.74 46.11 63.10
N GLY H 39 -10.14 44.97 63.42
CA GLY H 39 -10.66 44.11 64.46
C GLY H 39 -11.99 43.48 64.13
N ASN H 40 -12.21 43.12 62.87
CA ASN H 40 -13.48 42.55 62.44
C ASN H 40 -13.27 41.70 61.21
N ALA H 41 -14.23 40.82 60.94
CA ALA H 41 -14.21 40.04 59.72
C ALA H 41 -14.50 40.93 58.52
N PRO H 42 -13.98 40.58 57.34
CA PRO H 42 -14.30 41.36 56.14
C PRO H 42 -15.77 41.26 55.77
N LYS H 43 -16.30 42.36 55.23
CA LYS H 43 -17.68 42.41 54.77
C LYS H 43 -17.76 41.89 53.34
N TYR H 44 -18.93 42.05 52.72
CA TYR H 44 -19.18 41.50 51.40
C TYR H 44 -20.33 42.28 50.78
N MET H 45 -20.02 43.10 49.76
CA MET H 45 -21.03 43.92 49.11
C MET H 45 -20.89 43.98 47.60
N ILE H 46 -19.90 43.33 47.01
CA ILE H 46 -19.78 43.18 45.55
C ILE H 46 -19.42 41.72 45.30
N TYR H 47 -20.20 41.05 44.44
CA TYR H 47 -19.86 39.68 44.09
C TYR H 47 -19.58 39.49 42.61
N GLU H 48 -20.43 40.02 41.73
CA GLU H 48 -20.16 39.94 40.31
C GLU H 48 -19.38 41.19 39.91
N VAL H 49 -19.25 41.42 38.60
CA VAL H 49 -18.50 42.57 38.12
C VAL H 49 -19.22 43.88 38.44
N THR H 50 -20.55 43.88 38.50
CA THR H 50 -21.30 45.08 38.82
C THR H 50 -22.39 44.86 39.87
N LYS H 51 -22.74 43.62 40.21
CA LYS H 51 -23.93 43.35 41.01
C LYS H 51 -23.67 43.65 42.48
N ARG H 52 -24.77 43.70 43.24
CA ARG H 52 -24.75 43.92 44.68
C ARG H 52 -25.74 42.98 45.35
N PRO H 53 -25.43 42.49 46.54
CA PRO H 53 -26.38 41.64 47.28
C PRO H 53 -27.44 42.49 47.96
N ALA H 54 -28.40 41.79 48.57
CA ALA H 54 -29.45 42.47 49.32
C ALA H 54 -28.91 43.03 50.63
N GLY H 55 -29.48 44.15 51.06
CA GLY H 55 -29.00 44.84 52.24
C GLY H 55 -27.88 45.81 51.99
N ILE H 56 -27.52 46.07 50.74
CA ILE H 56 -26.47 47.01 50.38
C ILE H 56 -27.06 48.06 49.46
N SER H 57 -26.89 49.33 49.82
CA SER H 57 -27.46 50.42 49.06
C SER H 57 -26.58 50.75 47.85
N ASN H 58 -26.88 51.87 47.19
CA ASN H 58 -26.21 52.27 45.96
C ASN H 58 -24.99 53.15 46.23
N ARG H 59 -24.39 53.04 47.41
CA ARG H 59 -23.17 53.77 47.72
C ARG H 59 -22.00 53.29 46.86
N PHE H 60 -21.92 51.99 46.62
CA PHE H 60 -20.81 51.36 45.93
C PHE H 60 -21.25 50.91 44.54
N SER H 61 -20.35 51.05 43.57
CA SER H 61 -20.65 50.62 42.21
C SER H 61 -19.39 50.09 41.56
N GLY H 62 -19.47 48.88 41.02
CA GLY H 62 -18.32 48.30 40.34
C GLY H 62 -18.33 48.55 38.85
N SER H 63 -17.14 48.53 38.26
CA SER H 63 -17.00 48.65 36.82
C SER H 63 -15.70 47.98 36.41
N LYS H 64 -15.63 47.60 35.14
CA LYS H 64 -14.43 46.96 34.60
C LYS H 64 -14.10 47.57 33.25
N SER H 65 -12.83 47.91 33.05
CA SER H 65 -12.35 48.40 31.77
C SER H 65 -11.05 47.66 31.45
N GLY H 66 -11.07 46.89 30.37
CA GLY H 66 -9.88 46.22 29.86
C GLY H 66 -9.29 45.20 30.82
N ASN H 67 -8.16 45.56 31.43
CA ASN H 67 -7.49 44.71 32.40
C ASN H 67 -7.55 45.27 33.81
N THR H 68 -8.44 46.23 34.09
CA THR H 68 -8.58 46.74 35.43
C THR H 68 -10.06 46.81 35.83
N ALA H 69 -10.28 46.82 37.13
CA ALA H 69 -11.63 46.92 37.70
C ALA H 69 -11.61 48.00 38.77
N SER H 70 -12.60 48.88 38.73
CA SER H 70 -12.65 50.04 39.61
C SER H 70 -13.97 50.04 40.38
N LEU H 71 -13.86 50.30 41.68
CA LEU H 71 -15.03 50.48 42.55
C LEU H 71 -15.17 51.97 42.85
N THR H 72 -16.36 52.50 42.56
CA THR H 72 -16.65 53.91 42.77
C THR H 72 -17.61 54.04 43.96
N ILE H 73 -17.21 54.84 44.93
CA ILE H 73 -17.99 55.08 46.14
C ILE H 73 -18.59 56.47 46.02
N SER H 74 -19.90 56.53 45.79
CA SER H 74 -20.61 57.78 45.54
C SER H 74 -20.93 58.44 46.88
N GLY H 75 -20.04 59.32 47.32
CA GLY H 75 -20.15 59.93 48.63
C GLY H 75 -19.34 59.17 49.67
N LEU H 76 -18.96 59.90 50.73
CA LEU H 76 -18.12 59.32 51.78
C LEU H 76 -18.74 59.62 53.13
N GLN H 77 -18.82 58.59 53.97
CA GLN H 77 -19.29 58.73 55.35
C GLN H 77 -18.22 58.23 56.31
N ALA H 78 -18.46 58.50 57.59
CA ALA H 78 -17.46 58.22 58.63
C ALA H 78 -17.22 56.72 58.81
N GLU H 79 -18.21 55.89 58.50
CA GLU H 79 -18.01 54.45 58.56
C GLU H 79 -17.36 53.90 57.29
N ASP H 80 -17.14 54.74 56.28
CA ASP H 80 -16.56 54.30 55.02
C ASP H 80 -15.04 54.38 55.01
N ALA H 81 -14.40 54.30 56.18
CA ALA H 81 -12.95 54.36 56.28
C ALA H 81 -12.31 52.99 56.49
N ALA H 82 -13.01 51.93 56.08
CA ALA H 82 -12.49 50.58 56.24
C ALA H 82 -11.42 50.28 55.18
N ASP H 83 -10.82 49.11 55.30
CA ASP H 83 -9.81 48.67 54.34
C ASP H 83 -10.47 47.83 53.27
N TYR H 84 -10.26 48.20 52.02
CA TYR H 84 -10.97 47.59 50.89
C TYR H 84 -10.02 46.69 50.11
N TYR H 85 -10.49 45.48 49.78
CA TYR H 85 -9.72 44.52 49.02
C TYR H 85 -10.53 44.06 47.82
N CYS H 86 -9.89 44.06 46.65
CA CYS H 86 -10.48 43.46 45.47
C CYS H 86 -10.00 42.03 45.34
N CYS H 87 -10.79 41.22 44.65
CA CYS H 87 -10.60 39.78 44.60
C CYS H 87 -11.08 39.27 43.26
N SER H 88 -10.45 38.22 42.77
CA SER H 88 -10.81 37.74 41.44
C SER H 88 -10.48 36.26 41.29
N TYR H 89 -11.16 35.65 40.32
CA TYR H 89 -10.76 34.36 39.80
C TYR H 89 -9.48 34.53 39.00
N ALA H 90 -8.63 33.50 39.01
CA ALA H 90 -7.33 33.60 38.34
C ALA H 90 -6.88 32.20 37.94
N GLY H 91 -7.11 31.86 36.68
CA GLY H 91 -6.46 30.70 36.10
C GLY H 91 -7.09 29.39 36.51
N SER H 92 -6.27 28.48 37.02
CA SER H 92 -6.63 27.07 37.16
C SER H 92 -7.40 26.84 38.46
N SER H 93 -8.62 27.40 38.49
CA SER H 93 -9.57 27.32 39.61
C SER H 93 -8.94 27.83 40.91
N THR H 94 -8.16 28.90 40.82
CA THR H 94 -7.58 29.56 41.97
C THR H 94 -8.14 30.97 42.07
N VAL H 95 -7.99 31.56 43.26
CA VAL H 95 -8.58 32.85 43.58
C VAL H 95 -7.50 33.74 44.17
N ILE H 96 -7.35 34.95 43.64
CA ILE H 96 -6.34 35.88 44.12
C ILE H 96 -7.04 37.11 44.68
N PHE H 97 -6.27 37.89 45.44
CA PHE H 97 -6.76 39.12 46.07
C PHE H 97 -5.94 40.31 45.57
N GLY H 98 -6.30 41.50 46.05
CA GLY H 98 -5.63 42.72 45.63
C GLY H 98 -4.49 43.14 46.52
N GLY H 99 -4.75 43.21 47.83
CA GLY H 99 -3.72 43.60 48.77
C GLY H 99 -4.14 44.64 49.79
N GLY H 100 -4.93 45.62 49.37
CA GLY H 100 -5.46 46.57 50.33
C GLY H 100 -5.41 48.04 49.96
N THR H 101 -6.52 48.73 50.19
CA THR H 101 -6.60 50.19 50.04
C THR H 101 -7.26 50.75 51.29
N LYS H 102 -6.60 51.70 51.95
CA LYS H 102 -7.13 52.32 53.15
C LYS H 102 -7.80 53.64 52.77
N VAL H 103 -9.06 53.79 53.15
CA VAL H 103 -9.82 55.00 52.82
C VAL H 103 -9.76 55.95 54.00
N THR H 104 -9.37 57.19 53.73
CA THR H 104 -9.29 58.25 54.74
C THR H 104 -10.41 59.25 54.48
N VAL H 105 -11.49 59.12 55.22
CA VAL H 105 -12.60 60.06 55.14
C VAL H 105 -12.30 61.23 56.06
N LEU H 106 -12.31 62.44 55.51
CA LEU H 106 -11.95 63.63 56.26
C LEU H 106 -13.06 64.06 57.23
N ASN I 25 -5.48 9.91 -64.76
CA ASN I 25 -5.31 8.47 -64.90
C ASN I 25 -5.55 7.76 -63.57
N LEU I 26 -4.49 7.20 -62.99
CA LEU I 26 -4.58 6.46 -61.74
C LEU I 26 -4.39 7.44 -60.57
N TRP I 27 -5.42 7.55 -59.74
CA TRP I 27 -5.39 8.43 -58.59
C TRP I 27 -5.44 7.60 -57.31
N VAL I 28 -4.65 7.99 -56.32
CA VAL I 28 -4.60 7.26 -55.06
C VAL I 28 -5.88 7.53 -54.26
N THR I 29 -6.45 6.46 -53.71
CA THR I 29 -7.66 6.51 -52.91
C THR I 29 -7.38 5.75 -51.62
N VAL I 30 -8.08 6.16 -50.55
CA VAL I 30 -7.93 5.53 -49.25
C VAL I 30 -9.26 4.92 -48.83
N TYR I 31 -9.17 3.74 -48.21
CA TYR I 31 -10.31 2.96 -47.80
C TYR I 31 -10.25 2.79 -46.28
N TYR I 32 -11.38 3.07 -45.62
CA TYR I 32 -11.47 2.93 -44.17
C TYR I 32 -12.25 1.65 -43.85
N GLY I 33 -11.63 0.78 -43.06
CA GLY I 33 -12.22 -0.48 -42.73
C GLY I 33 -11.75 -1.64 -43.58
N VAL I 34 -10.51 -1.63 -44.03
CA VAL I 34 -10.01 -2.79 -44.78
C VAL I 34 -9.76 -3.94 -43.80
N PRO I 35 -9.98 -5.18 -44.21
CA PRO I 35 -9.64 -6.32 -43.33
C PRO I 35 -8.20 -6.79 -43.46
N VAL I 36 -7.28 -6.06 -42.82
CA VAL I 36 -5.89 -6.47 -42.68
C VAL I 36 -5.53 -6.40 -41.20
N TRP I 37 -4.37 -6.97 -40.86
CA TRP I 37 -3.91 -6.99 -39.48
C TRP I 37 -2.38 -6.99 -39.45
N LYS I 38 -1.84 -6.80 -38.25
CA LYS I 38 -0.40 -6.86 -38.04
C LYS I 38 -0.15 -7.43 -36.65
N GLU I 39 1.03 -8.00 -36.46
CA GLU I 39 1.37 -8.58 -35.16
C GLU I 39 1.69 -7.49 -34.15
N ALA I 40 1.12 -7.60 -32.95
CA ALA I 40 1.31 -6.59 -31.92
C ALA I 40 1.11 -7.20 -30.54
N LYS I 41 1.37 -6.40 -29.52
CA LYS I 41 1.23 -6.78 -28.12
C LYS I 41 0.24 -5.83 -27.45
N THR I 42 -0.55 -6.36 -26.53
CA THR I 42 -1.51 -5.54 -25.81
C THR I 42 -1.78 -6.16 -24.44
N THR I 43 -2.54 -5.43 -23.62
CA THR I 43 -2.89 -5.87 -22.28
C THR I 43 -4.26 -6.54 -22.34
N LEU I 44 -4.25 -7.86 -22.44
CA LEU I 44 -5.50 -8.61 -22.45
C LEU I 44 -6.10 -8.63 -21.06
N PHE I 45 -7.43 -8.66 -21.00
CA PHE I 45 -8.11 -8.60 -19.71
C PHE I 45 -8.95 -9.85 -19.50
N CYS I 46 -9.35 -10.05 -18.25
CA CYS I 46 -10.11 -11.25 -17.88
C CYS I 46 -11.59 -11.07 -18.15
N ALA I 47 -12.26 -12.20 -18.35
CA ALA I 47 -13.71 -12.24 -18.51
C ALA I 47 -14.18 -13.63 -18.11
N SER I 48 -15.05 -13.70 -17.12
CA SER I 48 -15.53 -14.97 -16.59
C SER I 48 -16.73 -15.44 -17.42
N ASP I 49 -17.40 -16.48 -16.95
CA ASP I 49 -18.53 -17.07 -17.64
C ASP I 49 -19.84 -16.88 -16.89
N ALA I 50 -19.93 -15.79 -16.10
CA ALA I 50 -21.14 -15.36 -15.39
C ALA I 50 -21.67 -16.42 -14.42
N ARG I 51 -20.76 -17.07 -13.72
CA ARG I 51 -21.15 -18.02 -12.69
C ARG I 51 -21.65 -17.27 -11.45
N ALA I 52 -22.29 -18.02 -10.55
CA ALA I 52 -22.90 -17.46 -9.34
C ALA I 52 -21.80 -17.09 -8.36
N TYR I 53 -21.36 -15.83 -8.39
CA TYR I 53 -20.32 -15.33 -7.49
C TYR I 53 -20.90 -14.51 -6.35
N GLU I 54 -22.22 -14.51 -6.17
CA GLU I 54 -22.83 -13.66 -5.16
C GLU I 54 -22.59 -14.16 -3.75
N LYS I 55 -22.36 -15.47 -3.58
CA LYS I 55 -22.13 -16.05 -2.28
C LYS I 55 -20.65 -16.30 -1.98
N GLU I 56 -19.78 -16.19 -2.99
CA GLU I 56 -18.34 -16.41 -2.80
C GLU I 56 -17.60 -15.33 -3.60
N VAL I 57 -17.27 -14.23 -2.93
CA VAL I 57 -16.42 -13.21 -3.49
C VAL I 57 -14.99 -13.31 -2.94
N HIS I 58 -14.64 -14.46 -2.36
CA HIS I 58 -13.34 -14.66 -1.74
C HIS I 58 -12.47 -15.66 -2.52
N ASN I 59 -12.70 -15.78 -3.83
CA ASN I 59 -11.84 -16.66 -4.61
C ASN I 59 -10.46 -16.05 -4.77
N VAL I 60 -9.46 -16.92 -4.87
CA VAL I 60 -8.07 -16.45 -4.97
C VAL I 60 -7.81 -15.81 -6.32
N TRP I 61 -8.51 -16.24 -7.37
CA TRP I 61 -8.28 -15.71 -8.70
C TRP I 61 -9.18 -14.55 -9.05
N ALA I 62 -10.00 -14.08 -8.10
CA ALA I 62 -10.77 -12.83 -8.19
C ALA I 62 -11.70 -12.79 -9.40
N THR I 63 -12.26 -13.96 -9.74
CA THR I 63 -13.03 -14.10 -10.97
C THR I 63 -14.36 -13.35 -10.93
N HIS I 64 -14.79 -12.87 -9.77
CA HIS I 64 -15.95 -11.99 -9.71
C HIS I 64 -15.66 -10.59 -10.26
N ALA I 65 -14.39 -10.21 -10.33
CA ALA I 65 -14.03 -8.87 -10.80
C ALA I 65 -13.88 -8.79 -12.31
N CYS I 66 -14.11 -9.88 -13.03
CA CYS I 66 -14.00 -9.89 -14.47
C CYS I 66 -15.33 -9.53 -15.13
N VAL I 67 -15.26 -9.21 -16.41
CA VAL I 67 -16.46 -8.86 -17.19
C VAL I 67 -17.26 -10.13 -17.47
N PRO I 68 -18.55 -10.18 -17.17
CA PRO I 68 -19.34 -11.39 -17.46
C PRO I 68 -19.58 -11.54 -18.95
N THR I 69 -19.22 -12.71 -19.48
CA THR I 69 -19.46 -13.04 -20.90
C THR I 69 -20.88 -13.59 -21.04
N ASP I 70 -21.83 -12.67 -21.10
CA ASP I 70 -23.22 -13.04 -21.38
C ASP I 70 -23.43 -13.67 -22.76
N PRO I 71 -22.99 -13.10 -23.90
CA PRO I 71 -23.33 -13.73 -25.18
C PRO I 71 -22.25 -14.72 -25.64
N SER I 72 -22.60 -15.44 -26.71
CA SER I 72 -21.66 -16.34 -27.34
C SER I 72 -20.58 -15.54 -28.08
N PRO I 73 -19.34 -16.05 -28.11
CA PRO I 73 -18.27 -15.31 -28.79
C PRO I 73 -18.41 -15.34 -30.31
N GLN I 74 -17.73 -14.40 -30.95
CA GLN I 74 -17.69 -14.32 -32.41
C GLN I 74 -16.75 -15.40 -32.93
N GLU I 75 -17.33 -16.50 -33.39
CA GLU I 75 -16.57 -17.65 -33.89
C GLU I 75 -16.60 -17.74 -35.40
N LEU I 76 -16.51 -16.60 -36.09
CA LEU I 76 -16.60 -16.57 -37.55
C LEU I 76 -15.31 -17.10 -38.16
N VAL I 77 -15.40 -18.26 -38.81
CA VAL I 77 -14.26 -18.80 -39.54
C VAL I 77 -14.02 -17.96 -40.80
N LEU I 78 -12.75 -17.69 -41.10
CA LEU I 78 -12.44 -16.74 -42.16
C LEU I 78 -12.49 -17.39 -43.53
N GLY I 79 -11.65 -18.40 -43.77
CA GLY I 79 -11.61 -19.05 -45.06
C GLY I 79 -10.58 -18.44 -46.00
N ASN I 80 -9.80 -19.31 -46.66
CA ASN I 80 -8.71 -18.94 -47.57
C ASN I 80 -7.67 -18.05 -46.89
N VAL I 81 -7.41 -18.32 -45.61
CA VAL I 81 -6.43 -17.57 -44.83
C VAL I 81 -5.40 -18.54 -44.29
N THR I 82 -4.12 -18.22 -44.51
CA THR I 82 -3.00 -18.95 -43.92
C THR I 82 -2.23 -18.00 -43.02
N GLU I 83 -1.88 -18.45 -41.82
CA GLU I 83 -1.20 -17.61 -40.85
C GLU I 83 -0.10 -18.39 -40.16
N ASN I 84 1.06 -17.75 -40.00
CA ASN I 84 2.19 -18.40 -39.34
C ASN I 84 2.10 -18.20 -37.83
N PHE I 85 2.38 -19.27 -37.08
CA PHE I 85 2.20 -19.29 -35.64
C PHE I 85 3.48 -19.76 -34.97
N ASN I 86 3.67 -19.30 -33.74
CA ASN I 86 4.73 -19.75 -32.86
C ASN I 86 4.23 -19.65 -31.44
N MET I 87 4.33 -20.74 -30.68
CA MET I 87 3.85 -20.76 -29.31
C MET I 87 4.95 -20.64 -28.26
N TRP I 88 6.22 -20.73 -28.64
CA TRP I 88 7.31 -20.52 -27.70
C TRP I 88 7.85 -19.11 -27.72
N LYS I 89 7.31 -18.24 -28.56
CA LYS I 89 7.62 -16.82 -28.55
C LYS I 89 6.36 -15.98 -28.31
N ASN I 90 5.38 -16.58 -27.64
CA ASN I 90 4.12 -15.91 -27.36
C ASN I 90 4.30 -14.90 -26.22
N ASP I 91 3.34 -13.99 -26.12
CA ASP I 91 3.29 -13.04 -25.02
C ASP I 91 2.09 -13.24 -24.10
N MET I 92 1.05 -13.92 -24.58
CA MET I 92 -0.10 -14.24 -23.74
C MET I 92 0.29 -15.13 -22.58
N VAL I 93 1.26 -16.03 -22.78
CA VAL I 93 1.71 -16.89 -21.69
C VAL I 93 2.48 -16.09 -20.64
N ASP I 94 3.27 -15.09 -21.04
CA ASP I 94 3.98 -14.26 -20.08
C ASP I 94 3.02 -13.36 -19.31
N GLN I 95 2.02 -12.80 -20.01
CA GLN I 95 1.00 -12.02 -19.31
C GLN I 95 0.20 -12.88 -18.36
N MET I 96 -0.12 -14.12 -18.74
CA MET I 96 -0.84 -15.03 -17.86
C MET I 96 -0.02 -15.36 -16.62
N HIS I 97 1.29 -15.57 -16.79
CA HIS I 97 2.16 -15.85 -15.64
C HIS I 97 2.21 -14.67 -14.68
N GLU I 98 2.35 -13.45 -15.22
CA GLU I 98 2.38 -12.27 -14.36
C GLU I 98 1.05 -12.03 -13.66
N ASP I 99 -0.07 -12.32 -14.35
CA ASP I 99 -1.38 -12.18 -13.73
C ASP I 99 -1.57 -13.18 -12.59
N ILE I 100 -1.10 -14.42 -12.77
CA ILE I 100 -1.21 -15.43 -11.72
C ILE I 100 -0.39 -15.02 -10.50
N ILE I 101 0.84 -14.52 -10.73
CA ILE I 101 1.71 -14.09 -9.63
C ILE I 101 1.08 -12.91 -8.86
N SER I 102 0.57 -11.91 -9.58
CA SER I 102 0.02 -10.74 -8.91
C SER I 102 -1.30 -11.03 -8.21
N LEU I 103 -2.13 -11.90 -8.78
CA LEU I 103 -3.37 -12.33 -8.12
C LEU I 103 -3.07 -13.08 -6.83
N TRP I 104 -2.06 -13.95 -6.86
CA TRP I 104 -1.63 -14.65 -5.66
C TRP I 104 -1.14 -13.69 -4.58
N ASP I 105 -0.36 -12.68 -4.98
CA ASP I 105 0.17 -11.73 -4.01
C ASP I 105 -0.92 -10.86 -3.41
N GLN I 106 -1.89 -10.41 -4.22
CA GLN I 106 -2.94 -9.61 -3.61
C GLN I 106 -3.93 -10.44 -2.81
N SER I 107 -4.02 -11.75 -3.07
CA SER I 107 -4.85 -12.58 -2.20
C SER I 107 -4.16 -12.86 -0.87
N LEU I 108 -2.85 -13.04 -0.87
CA LEU I 108 -2.13 -13.25 0.39
C LEU I 108 -1.75 -11.97 1.10
N LYS I 109 -2.02 -10.81 0.51
CA LYS I 109 -1.68 -9.54 1.15
C LYS I 109 -2.40 -9.26 2.48
N PRO I 110 -3.73 -9.31 2.60
CA PRO I 110 -4.34 -8.88 3.86
C PRO I 110 -4.50 -9.96 4.93
N CYS I 111 -3.88 -11.11 4.78
CA CYS I 111 -4.11 -12.22 5.70
C CYS I 111 -3.11 -12.18 6.85
N VAL I 112 -3.13 -13.22 7.69
CA VAL I 112 -2.35 -13.25 8.92
C VAL I 112 -0.90 -13.58 8.61
N LYS I 113 0.02 -12.80 9.17
CA LYS I 113 1.45 -13.09 9.06
C LYS I 113 1.91 -13.94 10.23
N LEU I 114 2.83 -14.86 9.97
CA LEU I 114 3.32 -15.80 10.96
C LEU I 114 4.74 -15.47 11.41
N THR I 115 5.05 -14.19 11.54
CA THR I 115 6.29 -13.78 12.20
C THR I 115 6.37 -14.18 13.68
N PRO I 116 5.34 -14.03 14.54
CA PRO I 116 5.51 -14.47 15.92
C PRO I 116 5.55 -15.98 16.11
N LEU I 117 5.21 -16.77 15.09
CA LEU I 117 5.27 -18.21 15.23
C LEU I 117 6.71 -18.72 15.20
N CYS I 118 7.61 -17.98 14.57
CA CYS I 118 9.00 -18.40 14.39
C CYS I 118 9.72 -18.28 15.73
N VAL I 119 9.56 -19.31 16.56
CA VAL I 119 10.20 -19.38 17.87
C VAL I 119 10.89 -20.73 17.99
N THR I 120 11.45 -21.02 19.17
CA THR I 120 12.02 -22.33 19.44
C THR I 120 10.89 -23.31 19.75
N LEU I 121 10.84 -24.40 18.99
CA LEU I 121 9.81 -25.42 19.13
C LEU I 121 10.40 -26.61 19.85
N ILE I 122 9.72 -27.10 20.87
CA ILE I 122 10.11 -28.34 21.53
C ILE I 122 9.20 -29.43 20.97
N CYS I 123 9.79 -30.38 20.26
CA CYS I 123 9.04 -31.33 19.47
C CYS I 123 9.31 -32.75 19.93
N SER I 124 8.26 -33.51 20.13
CA SER I 124 8.35 -34.94 20.38
C SER I 124 7.40 -35.66 19.42
N ASP I 125 7.68 -36.93 19.18
CA ASP I 125 6.89 -37.67 18.19
C ASP I 125 5.52 -38.01 18.75
N ALA I 126 4.48 -37.73 17.97
CA ALA I 126 3.12 -38.07 18.35
C ALA I 126 2.70 -39.43 17.79
N THR I 127 2.91 -39.64 16.50
CA THR I 127 2.72 -40.96 15.89
C THR I 127 4.01 -41.74 16.08
N VAL I 128 4.18 -42.25 17.30
CA VAL I 128 5.36 -43.05 17.63
C VAL I 128 5.27 -44.46 17.11
N LYS I 129 4.11 -44.86 16.61
CA LYS I 129 3.91 -46.22 16.13
C LYS I 129 4.57 -46.40 14.77
N THR I 130 4.92 -47.65 14.46
CA THR I 130 5.60 -47.99 13.21
C THR I 130 4.61 -48.35 12.09
N GLY I 131 3.64 -47.48 11.86
CA GLY I 131 2.62 -47.71 10.87
C GLY I 131 2.98 -47.25 9.47
N THR I 132 4.28 -46.96 9.27
CA THR I 132 4.88 -46.55 7.98
C THR I 132 4.22 -45.29 7.41
N VAL I 133 3.75 -44.41 8.28
CA VAL I 133 3.23 -43.11 7.86
C VAL I 133 4.03 -42.02 8.56
N GLU I 134 3.94 -42.00 9.90
CA GLU I 134 4.65 -41.08 10.81
C GLU I 134 4.28 -39.65 10.43
N GLU I 135 5.24 -38.78 10.14
CA GLU I 135 5.10 -37.46 9.52
C GLU I 135 4.34 -36.43 10.34
N MET I 136 3.93 -36.75 11.57
CA MET I 136 3.22 -35.81 12.42
C MET I 136 4.01 -35.65 13.70
N LYS I 137 4.64 -34.50 13.87
CA LYS I 137 5.49 -34.23 15.02
C LYS I 137 4.78 -33.25 15.94
N ASN I 138 4.62 -33.63 17.21
CA ASN I 138 3.93 -32.82 18.21
C ASN I 138 4.89 -31.76 18.74
N CYS I 139 4.67 -30.50 18.38
CA CYS I 139 5.57 -29.42 18.73
C CYS I 139 4.85 -28.40 19.61
N SER I 140 5.48 -28.03 20.71
CA SER I 140 4.95 -27.03 21.62
C SER I 140 5.89 -25.83 21.68
N PHE I 141 5.33 -24.68 22.04
CA PHE I 141 6.08 -23.44 22.01
C PHE I 141 5.42 -22.45 22.96
N ASN I 142 6.06 -21.29 23.11
CA ASN I 142 5.53 -20.22 23.95
C ASN I 142 4.95 -19.15 23.02
N THR I 143 3.65 -19.24 22.79
CA THR I 143 2.98 -18.24 21.97
C THR I 143 2.73 -16.99 22.80
N THR I 144 2.42 -15.91 22.09
CA THR I 144 2.12 -14.62 22.72
C THR I 144 0.62 -14.39 22.65
N THR I 145 0.03 -14.03 23.79
CA THR I 145 -1.40 -13.76 23.84
C THR I 145 -1.67 -12.35 23.34
N GLU I 146 -2.91 -11.89 23.54
CA GLU I 146 -3.26 -10.51 23.18
C GLU I 146 -2.53 -9.51 24.07
N ILE I 147 -2.38 -9.85 25.36
CA ILE I 147 -1.56 -9.04 26.25
C ILE I 147 -0.09 -9.26 25.92
N ARG I 148 0.66 -8.16 25.80
CA ARG I 148 2.04 -8.22 25.38
C ARG I 148 2.98 -8.78 26.45
N ASP I 149 2.50 -8.97 27.68
CA ASP I 149 3.33 -9.47 28.77
C ASP I 149 3.17 -10.97 29.00
N LYS I 150 1.94 -11.47 29.03
CA LYS I 150 1.69 -12.86 29.37
C LYS I 150 1.87 -13.74 28.14
N GLU I 151 2.83 -14.66 28.21
CA GLU I 151 3.02 -15.67 27.18
C GLU I 151 2.46 -17.00 27.67
N LYS I 152 2.00 -17.82 26.72
CA LYS I 152 1.29 -19.05 27.05
C LYS I 152 1.92 -20.23 26.31
N LYS I 153 2.06 -21.35 27.01
CA LYS I 153 2.59 -22.55 26.38
C LYS I 153 1.48 -23.26 25.60
N GLU I 154 1.70 -23.46 24.31
CA GLU I 154 0.66 -23.98 23.43
C GLU I 154 1.28 -24.97 22.45
N TYR I 155 0.52 -26.00 22.09
CA TYR I 155 1.01 -27.08 21.24
C TYR I 155 0.28 -27.11 19.90
N ALA I 156 0.89 -27.80 18.94
CA ALA I 156 0.30 -28.07 17.62
C ALA I 156 1.03 -29.23 16.99
N LEU I 157 0.33 -29.96 16.12
CA LEU I 157 0.93 -31.05 15.36
C LEU I 157 1.39 -30.53 14.00
N PHE I 158 2.69 -30.52 13.78
CA PHE I 158 3.23 -30.07 12.50
C PHE I 158 3.61 -31.27 11.64
N TYR I 159 3.74 -31.01 10.34
CA TYR I 159 4.21 -32.05 9.43
C TYR I 159 5.72 -32.12 9.45
N LYS I 160 6.25 -33.30 9.14
CA LYS I 160 7.69 -33.50 9.17
C LYS I 160 8.50 -32.67 8.16
N PRO I 161 8.08 -32.45 6.89
CA PRO I 161 8.88 -31.54 6.03
C PRO I 161 8.89 -30.09 6.45
N ASP I 162 7.98 -29.63 7.29
CA ASP I 162 7.96 -28.22 7.67
C ASP I 162 9.01 -27.88 8.72
N ILE I 163 9.33 -28.78 9.63
CA ILE I 163 10.22 -28.47 10.74
C ILE I 163 11.62 -28.95 10.43
N VAL I 164 12.60 -28.24 10.99
CA VAL I 164 14.02 -28.51 10.78
C VAL I 164 14.70 -28.43 12.14
N PRO I 165 15.64 -29.32 12.45
CA PRO I 165 16.38 -29.21 13.72
C PRO I 165 17.16 -27.91 13.80
N LEU I 166 17.16 -27.33 14.99
CA LEU I 166 17.73 -26.01 15.20
C LEU I 166 19.25 -26.06 15.06
N SER I 167 19.84 -24.92 14.70
CA SER I 167 21.28 -24.84 14.52
C SER I 167 22.00 -25.02 15.85
N GLU I 168 23.23 -25.55 15.76
CA GLU I 168 24.06 -25.95 16.90
C GLU I 168 23.31 -26.92 17.81
N THR I 169 22.88 -28.04 17.23
CA THR I 169 22.16 -29.06 17.96
C THR I 169 23.07 -30.21 18.37
N ASN I 170 22.93 -30.64 19.61
CA ASN I 170 23.56 -31.86 20.10
C ASN I 170 22.59 -33.04 20.03
N ASN I 171 21.99 -33.21 18.85
CA ASN I 171 20.89 -34.17 18.59
C ASN I 171 19.74 -33.98 19.58
N THR I 172 19.42 -32.72 19.86
CA THR I 172 18.38 -32.37 20.82
C THR I 172 17.02 -32.34 20.13
N SER I 173 16.00 -31.96 20.90
CA SER I 173 14.63 -31.89 20.40
C SER I 173 14.18 -30.45 20.20
N GLU I 174 15.06 -29.59 19.70
CA GLU I 174 14.72 -28.21 19.37
C GLU I 174 14.56 -28.10 17.86
N TYR I 175 13.40 -27.66 17.42
CA TYR I 175 13.09 -27.56 16.00
C TYR I 175 12.51 -26.19 15.71
N ARG I 176 12.84 -25.67 14.54
CA ARG I 176 12.29 -24.42 14.03
C ARG I 176 11.59 -24.71 12.71
N LEU I 177 10.99 -23.67 12.13
CA LEU I 177 10.34 -23.84 10.85
C LEU I 177 11.37 -23.78 9.73
N ILE I 178 10.99 -24.29 8.56
CA ILE I 178 11.87 -24.29 7.40
C ILE I 178 12.13 -22.89 6.88
N ASN I 179 11.17 -21.99 7.03
CA ASN I 179 11.23 -20.69 6.37
C ASN I 179 11.91 -19.61 7.19
N CYS I 180 12.30 -19.91 8.44
CA CYS I 180 12.69 -18.87 9.38
C CYS I 180 13.97 -18.16 8.98
N ASN I 181 14.87 -18.84 8.27
CA ASN I 181 16.08 -18.20 7.78
C ASN I 181 15.96 -17.73 6.34
N THR I 182 14.77 -17.84 5.73
CA THR I 182 14.59 -17.42 4.34
C THR I 182 13.66 -16.23 4.21
N SER I 183 12.41 -16.34 4.69
CA SER I 183 11.41 -15.30 4.60
C SER I 183 10.23 -15.68 5.49
N ALA I 184 9.57 -14.67 6.05
CA ALA I 184 8.36 -14.92 6.82
C ALA I 184 7.20 -15.26 5.88
N CYS I 185 6.31 -16.12 6.36
CA CYS I 185 5.20 -16.61 5.57
C CYS I 185 3.88 -16.09 6.13
N THR I 186 3.07 -15.52 5.26
CA THR I 186 1.69 -15.19 5.61
C THR I 186 0.83 -16.41 5.36
N GLN I 187 -0.02 -16.73 6.33
CA GLN I 187 -0.90 -17.87 6.10
C GLN I 187 -2.03 -17.48 5.16
N ALA I 188 -2.58 -18.49 4.49
CA ALA I 188 -3.73 -18.24 3.63
C ALA I 188 -4.97 -18.04 4.48
N CYS I 189 -5.83 -17.13 4.07
CA CYS I 189 -7.08 -16.92 4.78
C CYS I 189 -7.99 -18.14 4.60
N PRO I 190 -8.72 -18.55 5.64
CA PRO I 190 -9.53 -19.77 5.52
C PRO I 190 -10.74 -19.62 4.63
N LYS I 191 -11.20 -18.40 4.36
CA LYS I 191 -12.33 -18.18 3.46
C LYS I 191 -11.94 -18.18 1.99
N VAL I 192 -10.65 -18.28 1.68
CA VAL I 192 -10.17 -18.20 0.32
C VAL I 192 -10.13 -19.61 -0.28
N THR I 193 -10.80 -19.78 -1.42
CA THR I 193 -10.89 -21.06 -2.09
C THR I 193 -9.92 -21.10 -3.26
N PHE I 194 -9.19 -22.21 -3.39
CA PHE I 194 -8.22 -22.39 -4.46
C PHE I 194 -8.81 -23.10 -5.68
N GLU I 195 -10.11 -23.01 -5.90
CA GLU I 195 -10.71 -23.74 -7.00
C GLU I 195 -10.41 -23.06 -8.33
N PRO I 196 -9.95 -23.79 -9.34
CA PRO I 196 -9.62 -23.16 -10.62
C PRO I 196 -10.84 -22.81 -11.46
N ILE I 197 -11.42 -21.65 -11.20
CA ILE I 197 -12.51 -21.13 -12.04
C ILE I 197 -11.96 -20.79 -13.42
N PRO I 198 -12.64 -21.14 -14.51
CA PRO I 198 -12.13 -20.82 -15.85
C PRO I 198 -12.12 -19.33 -16.13
N ILE I 199 -11.11 -18.90 -16.88
CA ILE I 199 -10.83 -17.49 -17.15
C ILE I 199 -10.71 -17.32 -18.66
N HIS I 200 -11.46 -16.37 -19.21
CA HIS I 200 -11.37 -16.05 -20.63
C HIS I 200 -10.52 -14.81 -20.81
N TYR I 201 -9.49 -14.89 -21.65
CA TYR I 201 -8.67 -13.72 -21.96
C TYR I 201 -9.23 -13.02 -23.19
N CYS I 202 -9.40 -11.71 -23.10
CA CYS I 202 -10.01 -10.93 -24.17
C CYS I 202 -9.11 -9.77 -24.55
N ALA I 203 -8.99 -9.53 -25.86
CA ALA I 203 -8.27 -8.41 -26.44
C ALA I 203 -9.11 -7.15 -26.37
N PRO I 204 -8.48 -5.98 -26.32
CA PRO I 204 -9.25 -4.73 -26.36
C PRO I 204 -9.88 -4.50 -27.73
N ALA I 205 -10.80 -3.54 -27.77
CA ALA I 205 -11.46 -3.20 -29.03
C ALA I 205 -10.47 -2.54 -29.98
N GLY I 206 -10.44 -3.01 -31.22
CA GLY I 206 -9.40 -2.65 -32.15
C GLY I 206 -8.33 -3.69 -32.32
N TYR I 207 -8.41 -4.79 -31.59
CA TYR I 207 -7.51 -5.93 -31.71
C TYR I 207 -8.34 -7.18 -31.95
N ALA I 208 -7.66 -8.30 -32.20
CA ALA I 208 -8.35 -9.56 -32.44
C ALA I 208 -7.45 -10.71 -32.04
N ILE I 209 -8.05 -11.87 -31.83
CA ILE I 209 -7.32 -13.08 -31.50
C ILE I 209 -7.59 -14.08 -32.60
N LEU I 210 -6.55 -14.45 -33.34
CA LEU I 210 -6.65 -15.46 -34.38
C LEU I 210 -6.17 -16.78 -33.84
N LYS I 211 -6.96 -17.82 -34.05
CA LYS I 211 -6.62 -19.15 -33.55
C LYS I 211 -6.58 -20.15 -34.70
N CYS I 212 -5.72 -21.14 -34.54
CA CYS I 212 -5.62 -22.22 -35.51
C CYS I 212 -6.83 -23.15 -35.39
N ASN I 213 -7.00 -23.98 -36.40
CA ASN I 213 -8.03 -25.00 -36.32
C ASN I 213 -7.56 -26.32 -36.92
N ASP I 214 -6.25 -26.51 -37.03
CA ASP I 214 -5.69 -27.79 -37.46
C ASP I 214 -5.77 -28.77 -36.30
N GLU I 215 -6.40 -29.92 -36.53
CA GLU I 215 -6.50 -30.92 -35.47
C GLU I 215 -5.20 -31.67 -35.25
N THR I 216 -4.25 -31.57 -36.16
CA THR I 216 -2.93 -32.16 -36.05
C THR I 216 -1.86 -31.07 -36.00
N PHE I 217 -2.18 -29.95 -35.33
CA PHE I 217 -1.31 -28.79 -35.31
C PHE I 217 -0.03 -29.07 -34.52
N ASN I 218 1.10 -28.77 -35.16
CA ASN I 218 2.42 -28.98 -34.57
C ASN I 218 2.61 -28.11 -33.34
N GLY I 219 2.21 -26.84 -33.42
CA GLY I 219 2.50 -25.89 -32.37
C GLY I 219 3.14 -24.64 -32.95
N THR I 220 3.99 -24.82 -33.94
CA THR I 220 4.60 -23.74 -34.70
C THR I 220 4.20 -23.88 -36.17
N GLY I 221 4.76 -23.01 -37.02
CA GLY I 221 4.58 -23.14 -38.43
C GLY I 221 3.26 -22.59 -38.92
N PRO I 222 2.92 -22.84 -40.18
CA PRO I 222 1.70 -22.26 -40.73
C PRO I 222 0.45 -23.03 -40.35
N CYS I 223 -0.67 -22.31 -40.35
CA CYS I 223 -2.00 -22.88 -40.24
C CYS I 223 -2.81 -22.45 -41.46
N SER I 224 -3.51 -23.42 -42.07
CA SER I 224 -4.35 -23.15 -43.21
C SER I 224 -5.80 -22.89 -42.83
N ASN I 225 -6.18 -23.15 -41.57
CA ASN I 225 -7.54 -22.90 -41.10
C ASN I 225 -7.43 -22.01 -39.87
N VAL I 226 -7.77 -20.74 -40.03
CA VAL I 226 -7.63 -19.73 -38.99
C VAL I 226 -8.99 -19.10 -38.75
N SER I 227 -9.40 -18.99 -37.49
CA SER I 227 -10.64 -18.35 -37.12
C SER I 227 -10.38 -17.20 -36.16
N THR I 228 -11.11 -16.11 -36.32
CA THR I 228 -10.97 -14.95 -35.44
C THR I 228 -11.94 -15.06 -34.27
N VAL I 229 -11.58 -14.38 -33.17
CA VAL I 229 -12.38 -14.37 -31.96
C VAL I 229 -11.94 -13.16 -31.14
N GLN I 230 -12.80 -12.73 -30.21
CA GLN I 230 -12.45 -11.68 -29.27
C GLN I 230 -11.98 -12.22 -27.92
N CYS I 231 -12.56 -13.32 -27.44
CA CYS I 231 -12.21 -13.89 -26.15
C CYS I 231 -11.84 -15.36 -26.30
N THR I 232 -10.77 -15.76 -25.61
CA THR I 232 -10.33 -17.15 -25.63
C THR I 232 -11.29 -18.01 -24.82
N HIS I 233 -11.14 -19.33 -24.96
CA HIS I 233 -12.01 -20.25 -24.25
C HIS I 233 -11.63 -20.30 -22.77
N GLY I 234 -12.48 -20.98 -22.00
CA GLY I 234 -12.36 -20.95 -20.55
C GLY I 234 -11.25 -21.78 -19.98
N ILE I 235 -10.01 -21.30 -20.09
CA ILE I 235 -8.87 -22.05 -19.60
C ILE I 235 -8.85 -22.02 -18.07
N ARG I 236 -8.46 -23.14 -17.47
CA ARG I 236 -8.41 -23.29 -16.03
C ARG I 236 -6.99 -23.07 -15.54
N PRO I 237 -6.73 -22.10 -14.68
CA PRO I 237 -5.39 -21.95 -14.13
C PRO I 237 -5.05 -23.05 -13.13
N VAL I 238 -4.74 -24.24 -13.62
CA VAL I 238 -4.45 -25.39 -12.77
C VAL I 238 -2.94 -25.44 -12.55
N VAL I 239 -2.53 -25.43 -11.28
CA VAL I 239 -1.13 -25.43 -10.91
C VAL I 239 -0.74 -26.84 -10.49
N SER I 240 0.16 -27.46 -11.26
CA SER I 240 0.68 -28.80 -10.96
C SER I 240 2.00 -28.94 -11.70
N THR I 241 2.61 -30.12 -11.56
CA THR I 241 3.83 -30.41 -12.30
C THR I 241 3.87 -31.90 -12.61
N GLN I 242 4.57 -32.22 -13.70
CA GLN I 242 4.85 -33.53 -14.29
C GLN I 242 3.64 -34.19 -14.94
N LEU I 243 2.44 -33.69 -14.69
CA LEU I 243 1.22 -34.19 -15.32
C LEU I 243 0.23 -33.04 -15.33
N LEU I 244 -0.22 -32.64 -16.51
CA LEU I 244 -1.26 -31.63 -16.60
C LEU I 244 -2.59 -32.22 -16.16
N LEU I 245 -3.42 -31.40 -15.54
CA LEU I 245 -4.68 -31.85 -14.98
C LEU I 245 -5.81 -30.93 -15.45
N ASN I 246 -6.97 -31.55 -15.70
CA ASN I 246 -8.23 -30.85 -16.00
C ASN I 246 -8.14 -29.96 -17.23
N GLY I 247 -7.27 -30.29 -18.17
CA GLY I 247 -7.03 -29.44 -19.32
C GLY I 247 -7.93 -29.77 -20.49
N SER I 248 -7.72 -29.02 -21.57
CA SER I 248 -8.37 -29.31 -22.83
C SER I 248 -7.68 -30.49 -23.50
N LEU I 249 -8.46 -31.32 -24.17
CA LEU I 249 -7.93 -32.50 -24.84
C LEU I 249 -7.66 -32.21 -26.31
N ALA I 250 -6.79 -33.02 -26.90
CA ALA I 250 -6.56 -32.93 -28.33
C ALA I 250 -7.77 -33.49 -29.08
N GLU I 251 -7.81 -33.24 -30.39
CA GLU I 251 -9.00 -33.61 -31.14
C GLU I 251 -8.98 -35.08 -31.53
N LYS I 252 -7.95 -35.53 -32.23
CA LYS I 252 -7.97 -36.90 -32.73
C LYS I 252 -6.68 -37.67 -32.45
N GLU I 253 -5.56 -36.97 -32.30
CA GLU I 253 -4.27 -37.62 -32.16
C GLU I 253 -3.46 -36.96 -31.05
N ILE I 254 -2.59 -37.77 -30.44
CA ILE I 254 -1.67 -37.26 -29.43
C ILE I 254 -0.65 -36.35 -30.11
N VAL I 255 -0.46 -35.16 -29.56
CA VAL I 255 0.38 -34.14 -30.17
C VAL I 255 1.62 -33.95 -29.31
N ILE I 256 2.78 -34.07 -29.92
CA ILE I 256 4.06 -33.97 -29.22
C ILE I 256 4.72 -32.66 -29.62
N ARG I 257 4.92 -31.77 -28.65
CA ARG I 257 5.42 -30.42 -28.92
C ARG I 257 6.73 -30.18 -28.19
N SER I 258 7.69 -29.60 -28.90
CA SER I 258 8.95 -29.17 -28.31
C SER I 258 9.54 -28.08 -29.17
N GLU I 259 10.43 -27.28 -28.59
CA GLU I 259 11.02 -26.17 -29.31
C GLU I 259 12.01 -26.67 -30.36
N ASN I 260 12.90 -27.58 -29.97
CA ASN I 260 13.97 -28.06 -30.84
C ASN I 260 13.82 -29.53 -31.21
N LEU I 261 13.60 -30.39 -30.21
CA LEU I 261 13.45 -31.85 -30.25
C LEU I 261 14.78 -32.56 -30.54
N THR I 262 15.84 -31.80 -30.84
CA THR I 262 17.17 -32.37 -30.86
C THR I 262 17.97 -31.91 -29.65
N ASN I 263 17.65 -30.73 -29.13
CA ASN I 263 18.21 -30.30 -27.86
C ASN I 263 17.51 -31.04 -26.73
N ASN I 264 18.30 -31.59 -25.81
CA ASN I 264 17.74 -32.39 -24.73
C ASN I 264 17.25 -31.55 -23.55
N ALA I 265 17.50 -30.24 -23.56
CA ALA I 265 17.10 -29.36 -22.47
C ALA I 265 15.82 -28.59 -22.80
N LYS I 266 14.94 -29.16 -23.60
CA LYS I 266 13.65 -28.55 -23.93
C LYS I 266 12.54 -29.47 -23.48
N ILE I 267 11.57 -28.92 -22.75
CA ILE I 267 10.50 -29.72 -22.16
C ILE I 267 9.53 -30.13 -23.26
N ILE I 268 9.26 -31.42 -23.35
CA ILE I 268 8.33 -31.95 -24.34
C ILE I 268 6.94 -31.95 -23.72
N ILE I 269 6.02 -31.20 -24.33
CA ILE I 269 4.62 -31.22 -23.94
C ILE I 269 3.93 -32.29 -24.76
N VAL I 270 3.49 -33.36 -24.11
CA VAL I 270 2.73 -34.41 -24.76
C VAL I 270 1.27 -34.16 -24.46
N HIS I 271 0.45 -34.07 -25.49
CA HIS I 271 -0.96 -33.71 -25.39
C HIS I 271 -1.78 -34.93 -25.77
N LEU I 272 -2.46 -35.52 -24.78
CA LEU I 272 -3.18 -36.76 -25.01
C LEU I 272 -4.52 -36.50 -25.69
N HIS I 273 -5.14 -37.59 -26.14
CA HIS I 273 -6.46 -37.56 -26.74
C HIS I 273 -7.53 -38.14 -25.83
N THR I 274 -7.21 -39.14 -25.03
CA THR I 274 -8.14 -39.73 -24.08
C THR I 274 -7.67 -39.45 -22.67
N PRO I 275 -8.52 -38.89 -21.82
CA PRO I 275 -8.09 -38.59 -20.44
C PRO I 275 -8.01 -39.84 -19.58
N VAL I 276 -7.08 -39.80 -18.63
CA VAL I 276 -6.88 -40.86 -17.65
C VAL I 276 -7.28 -40.31 -16.29
N GLU I 277 -8.16 -41.03 -15.60
CA GLU I 277 -8.74 -40.54 -14.35
C GLU I 277 -7.85 -40.94 -13.18
N ILE I 278 -7.55 -39.97 -12.32
CA ILE I 278 -6.73 -40.16 -11.13
C ILE I 278 -7.57 -39.82 -9.90
N VAL I 279 -7.53 -40.68 -8.89
CA VAL I 279 -8.31 -40.48 -7.67
C VAL I 279 -7.34 -40.36 -6.52
N CYS I 280 -7.29 -39.20 -5.89
CA CYS I 280 -6.31 -38.91 -4.87
C CYS I 280 -7.00 -38.64 -3.53
N THR I 281 -6.44 -39.17 -2.46
CA THR I 281 -7.10 -39.04 -1.17
C THR I 281 -6.10 -38.95 -0.03
N ARG I 282 -6.55 -38.30 1.05
CA ARG I 282 -5.86 -38.29 2.34
C ARG I 282 -6.83 -38.86 3.37
N PRO I 283 -6.64 -40.11 3.80
CA PRO I 283 -7.73 -40.81 4.49
C PRO I 283 -7.85 -40.55 5.98
N ASN I 284 -6.80 -40.08 6.67
CA ASN I 284 -6.89 -39.97 8.12
C ASN I 284 -7.71 -38.75 8.52
N ASN I 285 -8.64 -38.97 9.45
CA ASN I 285 -9.61 -37.96 9.87
C ASN I 285 -8.90 -36.92 10.71
N ASN I 286 -8.53 -35.82 10.08
CA ASN I 286 -7.74 -34.78 10.72
C ASN I 286 -8.67 -33.70 11.24
N THR I 287 -8.15 -32.89 12.18
CA THR I 287 -8.91 -31.77 12.72
C THR I 287 -8.17 -30.44 12.68
N ARG I 288 -8.76 -29.42 13.30
CA ARG I 288 -8.24 -28.06 13.24
C ARG I 288 -8.44 -27.39 14.58
N LYS I 289 -7.40 -26.72 15.06
CA LYS I 289 -7.48 -25.91 16.26
C LYS I 289 -6.92 -24.53 15.97
N SER I 290 -7.33 -23.55 16.76
CA SER I 290 -6.99 -22.15 16.54
C SER I 290 -6.17 -21.64 17.71
N VAL I 291 -4.99 -21.09 17.42
CA VAL I 291 -4.11 -20.50 18.40
C VAL I 291 -4.09 -18.99 18.17
N ARG I 292 -4.43 -18.22 19.18
CA ARG I 292 -4.48 -16.77 19.05
C ARG I 292 -3.07 -16.20 19.15
N ILE I 293 -2.63 -15.50 18.11
CA ILE I 293 -1.34 -14.81 18.14
C ILE I 293 -1.59 -13.32 17.94
N GLY I 294 -1.10 -12.51 18.87
CA GLY I 294 -1.29 -11.07 18.79
C GLY I 294 -2.73 -10.65 19.02
N PRO I 295 -3.01 -9.35 18.82
CA PRO I 295 -4.38 -8.86 18.98
C PRO I 295 -5.24 -9.13 17.76
N GLY I 296 -6.18 -10.07 17.90
CA GLY I 296 -7.19 -10.27 16.90
C GLY I 296 -6.81 -11.16 15.73
N GLN I 297 -5.66 -11.83 15.78
CA GLN I 297 -5.24 -12.73 14.72
C GLN I 297 -5.19 -14.15 15.26
N THR I 298 -5.73 -15.10 14.50
CA THR I 298 -5.64 -16.50 14.84
C THR I 298 -4.65 -17.20 13.93
N PHE I 299 -4.38 -18.45 14.25
CA PHE I 299 -3.47 -19.28 13.47
C PHE I 299 -3.98 -20.70 13.58
N TYR I 300 -4.36 -21.29 12.45
CA TYR I 300 -5.02 -22.59 12.44
C TYR I 300 -3.99 -23.68 12.23
N ALA I 301 -4.03 -24.70 13.08
CA ALA I 301 -3.07 -25.78 13.02
C ALA I 301 -3.78 -27.10 13.23
N THR I 302 -3.04 -28.19 13.03
CA THR I 302 -3.58 -29.52 13.25
C THR I 302 -3.62 -29.80 14.74
N GLY I 303 -4.80 -30.13 15.27
CA GLY I 303 -4.93 -30.38 16.69
C GLY I 303 -4.77 -31.83 17.07
N ASP I 304 -5.51 -32.71 16.41
CA ASP I 304 -5.49 -34.12 16.74
C ASP I 304 -6.00 -34.91 15.55
N ILE I 305 -5.72 -36.20 15.55
CA ILE I 305 -6.22 -37.13 14.54
C ILE I 305 -7.08 -38.16 15.26
N ILE I 306 -8.33 -38.29 14.84
CA ILE I 306 -9.26 -39.25 15.43
C ILE I 306 -9.38 -40.44 14.50
N GLY I 307 -9.12 -41.61 15.02
CA GLY I 307 -9.16 -42.84 14.26
C GLY I 307 -7.77 -43.37 14.01
N ASP I 308 -7.70 -44.34 13.10
CA ASP I 308 -6.43 -44.90 12.72
C ASP I 308 -5.68 -43.93 11.80
N ILE I 309 -4.40 -44.20 11.60
CA ILE I 309 -3.55 -43.36 10.77
C ILE I 309 -3.15 -44.15 9.53
N LYS I 310 -3.58 -43.70 8.37
CA LYS I 310 -3.34 -44.36 7.11
C LYS I 310 -2.58 -43.43 6.16
N GLN I 311 -2.38 -43.88 4.93
CA GLN I 311 -1.44 -43.27 3.99
C GLN I 311 -2.19 -42.48 2.93
N ALA I 312 -1.80 -41.23 2.73
CA ALA I 312 -2.35 -40.41 1.65
C ALA I 312 -1.74 -40.84 0.33
N HIS I 313 -2.57 -41.02 -0.69
CA HIS I 313 -2.10 -41.66 -1.91
C HIS I 313 -2.94 -41.21 -3.10
N CYS I 314 -2.63 -41.78 -4.26
CA CYS I 314 -3.39 -41.60 -5.48
C CYS I 314 -3.47 -42.90 -6.24
N ASN I 315 -4.54 -43.05 -7.02
CA ASN I 315 -4.85 -44.28 -7.73
C ASN I 315 -5.09 -43.97 -9.19
N ILE I 316 -4.42 -44.71 -10.07
CA ILE I 316 -4.62 -44.67 -11.52
C ILE I 316 -4.88 -46.12 -11.95
N SER I 317 -5.71 -46.30 -12.97
CA SER I 317 -5.86 -47.63 -13.56
C SER I 317 -4.58 -47.99 -14.31
N GLU I 318 -4.07 -49.21 -14.08
CA GLU I 318 -2.81 -49.60 -14.69
C GLU I 318 -2.98 -49.91 -16.17
N GLU I 319 -4.10 -50.52 -16.54
CA GLU I 319 -4.38 -50.85 -17.94
C GLU I 319 -4.48 -49.60 -18.80
N LYS I 320 -5.27 -48.63 -18.34
CA LYS I 320 -5.48 -47.40 -19.08
C LYS I 320 -4.19 -46.60 -19.17
N TRP I 321 -3.42 -46.57 -18.07
CA TRP I 321 -2.17 -45.83 -18.08
C TRP I 321 -1.14 -46.46 -18.99
N ASN I 322 -1.06 -47.79 -19.04
CA ASN I 322 -0.04 -48.37 -19.90
C ASN I 322 -0.49 -48.36 -21.35
N ASP I 323 -1.81 -48.34 -21.58
CA ASP I 323 -2.30 -48.09 -22.93
C ASP I 323 -1.96 -46.67 -23.39
N THR I 324 -2.05 -45.70 -22.47
CA THR I 324 -1.69 -44.32 -22.78
C THR I 324 -0.20 -44.19 -23.06
N LEU I 325 0.64 -44.86 -22.27
CA LEU I 325 2.08 -44.85 -22.52
C LEU I 325 2.42 -45.56 -23.82
N GLN I 326 1.68 -46.61 -24.17
CA GLN I 326 1.86 -47.30 -25.44
C GLN I 326 1.52 -46.39 -26.62
N LYS I 327 0.43 -45.64 -26.52
CA LYS I 327 0.06 -44.73 -27.60
C LYS I 327 1.02 -43.55 -27.72
N VAL I 328 1.53 -43.07 -26.58
CA VAL I 328 2.54 -42.02 -26.61
C VAL I 328 3.83 -42.54 -27.23
N GLY I 329 4.17 -43.81 -26.98
CA GLY I 329 5.31 -44.42 -27.65
C GLY I 329 5.09 -44.58 -29.14
N ILE I 330 3.85 -44.89 -29.55
CA ILE I 330 3.51 -44.97 -30.96
C ILE I 330 3.72 -43.63 -31.65
N GLU I 331 3.25 -42.55 -31.01
CA GLU I 331 3.42 -41.23 -31.59
C GLU I 331 4.86 -40.72 -31.46
N LEU I 332 5.65 -41.30 -30.57
CA LEU I 332 7.00 -40.81 -30.33
C LEU I 332 8.07 -41.54 -31.14
N GLN I 333 7.80 -42.77 -31.60
CA GLN I 333 8.78 -43.44 -32.46
C GLN I 333 8.89 -42.79 -33.83
N LYS I 334 7.86 -42.08 -34.30
CA LYS I 334 7.94 -41.47 -35.62
C LYS I 334 8.78 -40.20 -35.63
N HIS I 335 9.15 -39.68 -34.47
CA HIS I 335 10.09 -38.56 -34.40
C HIS I 335 11.51 -39.01 -34.11
N PHE I 336 11.69 -40.20 -33.55
CA PHE I 336 13.00 -40.82 -33.35
C PHE I 336 12.93 -42.21 -33.95
N PRO I 337 13.10 -42.33 -35.26
CA PRO I 337 12.86 -43.62 -35.91
C PRO I 337 13.97 -44.62 -35.65
N ASN I 338 13.59 -45.91 -35.68
CA ASN I 338 14.48 -47.05 -35.46
C ASN I 338 15.18 -46.96 -34.10
N LYS I 339 14.44 -46.59 -33.07
CA LYS I 339 14.98 -46.51 -31.72
C LYS I 339 13.94 -47.01 -30.73
N THR I 340 14.44 -47.45 -29.58
CA THR I 340 13.62 -47.93 -28.48
C THR I 340 13.58 -46.85 -27.40
N ILE I 341 12.38 -46.44 -27.00
CA ILE I 341 12.21 -45.37 -26.03
C ILE I 341 11.80 -45.96 -24.70
N LYS I 342 12.41 -45.47 -23.62
CA LYS I 342 12.27 -46.05 -22.30
C LYS I 342 11.96 -44.95 -21.30
N TYR I 343 10.83 -45.09 -20.60
CA TYR I 343 10.55 -44.15 -19.53
C TYR I 343 11.31 -44.56 -18.27
N ASN I 344 11.54 -43.59 -17.40
CA ASN I 344 12.30 -43.82 -16.18
C ASN I 344 11.78 -42.86 -15.11
N GLN I 345 12.42 -42.88 -13.95
CA GLN I 345 12.05 -41.99 -12.86
C GLN I 345 12.49 -40.58 -13.15
N SER I 346 12.10 -39.66 -12.28
CA SER I 346 12.60 -38.31 -12.34
C SER I 346 14.06 -38.27 -11.91
N ALA I 347 14.72 -37.15 -12.21
CA ALA I 347 16.15 -37.01 -11.97
C ALA I 347 16.41 -36.73 -10.49
N GLY I 348 17.66 -36.43 -10.17
CA GLY I 348 17.99 -36.11 -8.78
C GLY I 348 17.55 -34.70 -8.44
N GLY I 349 17.05 -34.54 -7.22
CA GLY I 349 16.61 -33.24 -6.76
C GLY I 349 15.84 -33.36 -5.46
N ASP I 350 15.27 -32.24 -5.05
CA ASP I 350 14.48 -32.18 -3.83
C ASP I 350 13.08 -32.74 -4.07
N MET I 351 12.28 -32.76 -3.01
CA MET I 351 10.94 -33.32 -3.09
C MET I 351 10.03 -32.45 -3.97
N GLU I 352 10.14 -31.12 -3.83
CA GLU I 352 9.34 -30.21 -4.64
C GLU I 352 9.74 -30.23 -6.12
N ILE I 353 10.94 -30.70 -6.45
CA ILE I 353 11.36 -30.81 -7.83
C ILE I 353 10.97 -32.16 -8.43
N THR I 354 11.31 -33.25 -7.75
CA THR I 354 11.09 -34.58 -8.30
C THR I 354 9.63 -35.00 -8.24
N THR I 355 8.95 -34.74 -7.12
CA THR I 355 7.62 -35.27 -6.93
C THR I 355 6.58 -34.49 -7.72
N HIS I 356 5.53 -35.18 -8.13
CA HIS I 356 4.39 -34.57 -8.81
C HIS I 356 3.63 -33.73 -7.80
N SER I 357 3.86 -32.42 -7.83
CA SER I 357 3.17 -31.50 -6.97
C SER I 357 1.73 -31.33 -7.43
N PHE I 358 0.87 -30.98 -6.50
CA PHE I 358 -0.55 -31.17 -6.73
C PHE I 358 -1.26 -30.38 -5.64
N ASN I 359 -2.42 -29.82 -5.95
CA ASN I 359 -3.25 -29.16 -4.95
C ASN I 359 -4.70 -29.54 -5.18
N CYS I 360 -5.29 -30.28 -4.24
CA CYS I 360 -6.73 -30.53 -4.34
C CYS I 360 -7.37 -30.41 -2.97
N GLY I 361 -8.61 -29.93 -2.97
CA GLY I 361 -9.37 -29.77 -1.75
C GLY I 361 -8.79 -28.79 -0.77
N GLY I 362 -7.92 -27.88 -1.23
CA GLY I 362 -7.18 -27.00 -0.34
C GLY I 362 -5.93 -27.60 0.25
N GLU I 363 -5.60 -28.85 -0.04
CA GLU I 363 -4.44 -29.50 0.51
C GLU I 363 -3.42 -29.79 -0.59
N PHE I 364 -2.13 -29.65 -0.25
CA PHE I 364 -1.05 -29.71 -1.21
C PHE I 364 -0.39 -31.08 -1.13
N PHE I 365 -0.52 -31.86 -2.19
CA PHE I 365 0.07 -33.19 -2.28
C PHE I 365 1.36 -33.15 -3.07
N TYR I 366 2.24 -34.09 -2.76
CA TYR I 366 3.47 -34.30 -3.53
C TYR I 366 3.60 -35.81 -3.69
N CYS I 367 3.28 -36.31 -4.89
CA CYS I 367 3.20 -37.74 -5.13
C CYS I 367 4.46 -38.25 -5.81
N ASN I 368 4.73 -39.53 -5.63
CA ASN I 368 6.08 -40.08 -5.79
C ASN I 368 6.48 -40.16 -7.26
N THR I 369 5.70 -40.88 -8.08
CA THR I 369 5.93 -41.12 -9.51
C THR I 369 7.32 -41.72 -9.79
N SER I 370 7.53 -42.92 -9.30
CA SER I 370 8.66 -43.73 -9.72
C SER I 370 8.25 -45.09 -10.24
N ASN I 371 7.13 -45.62 -9.79
CA ASN I 371 6.53 -46.79 -10.42
C ASN I 371 5.58 -46.44 -11.54
N LEU I 372 5.28 -45.15 -11.72
CA LEU I 372 4.37 -44.72 -12.77
C LEU I 372 5.09 -44.66 -14.11
N PHE I 373 6.13 -43.83 -14.18
CA PHE I 373 6.95 -43.70 -15.40
C PHE I 373 8.03 -44.76 -15.35
N ASN I 374 7.69 -45.94 -15.86
CA ASN I 374 8.56 -47.10 -15.72
C ASN I 374 8.30 -48.07 -16.86
N GLY I 375 9.38 -48.64 -17.39
CA GLY I 375 9.31 -49.56 -18.51
C GLY I 375 9.93 -48.99 -19.77
N THR I 376 10.01 -49.84 -20.78
CA THR I 376 10.60 -49.50 -22.07
C THR I 376 9.67 -49.91 -23.20
N TYR I 377 9.69 -49.12 -24.28
CA TYR I 377 8.74 -49.35 -25.37
C TYR I 377 9.47 -49.54 -26.69
N ASN I 378 9.15 -50.65 -27.36
CA ASN I 378 9.64 -50.97 -28.69
C ASN I 378 8.48 -51.59 -29.46
N GLY I 379 8.49 -51.48 -30.78
CA GLY I 379 7.52 -52.19 -31.60
C GLY I 379 6.13 -51.59 -31.62
N THR I 380 5.48 -51.61 -32.78
CA THR I 380 4.16 -51.01 -32.90
C THR I 380 3.10 -51.91 -32.26
N TYR I 381 2.68 -51.51 -31.05
CA TYR I 381 1.60 -52.15 -30.28
C TYR I 381 1.87 -53.62 -30.05
N ILE I 382 2.94 -53.89 -29.30
CA ILE I 382 3.30 -55.27 -28.98
C ILE I 382 2.29 -55.87 -28.01
N SER I 383 1.91 -55.12 -26.98
CA SER I 383 0.92 -55.58 -26.02
C SER I 383 -0.47 -55.38 -26.58
N THR I 384 -1.28 -56.44 -26.58
CA THR I 384 -2.66 -56.36 -27.05
C THR I 384 -3.62 -56.09 -25.91
N ASN I 385 -3.33 -55.03 -25.14
CA ASN I 385 -4.11 -54.57 -23.98
C ASN I 385 -4.20 -55.72 -22.97
N SER I 386 -5.39 -56.14 -22.55
CA SER I 386 -5.52 -57.24 -21.61
C SER I 386 -6.77 -58.04 -21.97
N SER I 387 -6.68 -59.36 -21.84
CA SER I 387 -7.81 -60.23 -22.14
C SER I 387 -8.89 -60.13 -21.07
N ALA I 388 -8.49 -60.17 -19.80
CA ALA I 388 -9.45 -60.16 -18.70
C ALA I 388 -9.86 -58.73 -18.36
N ASN I 389 -10.95 -58.63 -17.62
CA ASN I 389 -11.48 -57.35 -17.15
C ASN I 389 -11.03 -57.02 -15.73
N SER I 390 -9.84 -57.47 -15.36
CA SER I 390 -9.33 -57.21 -14.01
C SER I 390 -8.93 -55.75 -13.87
N THR I 391 -9.38 -55.13 -12.78
CA THR I 391 -9.11 -53.72 -12.54
C THR I 391 -7.89 -53.56 -11.63
N SER I 392 -6.73 -53.87 -12.19
CA SER I 392 -5.48 -53.65 -11.49
C SER I 392 -5.18 -52.16 -11.47
N THR I 393 -4.97 -51.61 -10.28
CA THR I 393 -4.76 -50.18 -10.10
C THR I 393 -3.37 -49.93 -9.56
N ILE I 394 -2.66 -49.00 -10.19
CA ILE I 394 -1.39 -48.53 -9.63
C ILE I 394 -1.69 -47.48 -8.56
N THR I 395 -1.09 -47.67 -7.39
CA THR I 395 -1.24 -46.78 -6.25
C THR I 395 0.11 -46.16 -5.96
N LEU I 396 0.15 -44.83 -5.96
CA LEU I 396 1.38 -44.09 -5.70
C LEU I 396 1.18 -43.23 -4.47
N GLN I 397 2.17 -43.28 -3.57
CA GLN I 397 2.05 -42.61 -2.28
C GLN I 397 2.47 -41.15 -2.39
N CYS I 398 1.85 -40.31 -1.56
CA CYS I 398 2.08 -38.88 -1.59
C CYS I 398 2.33 -38.37 -0.18
N ARG I 399 3.23 -37.40 -0.07
CA ARG I 399 3.44 -36.66 1.16
C ARG I 399 2.71 -35.33 1.09
N ILE I 400 2.49 -34.72 2.24
CA ILE I 400 1.75 -33.46 2.32
C ILE I 400 2.58 -32.45 3.10
N LYS I 401 2.75 -31.27 2.54
CA LYS I 401 3.39 -30.15 3.22
C LYS I 401 2.34 -29.15 3.68
N GLN I 402 2.79 -28.19 4.48
CA GLN I 402 2.00 -27.02 4.84
C GLN I 402 2.63 -25.74 4.32
N ILE I 403 3.90 -25.51 4.63
CA ILE I 403 4.61 -24.31 4.23
C ILE I 403 5.12 -24.51 2.81
N ILE I 404 4.72 -23.64 1.90
CA ILE I 404 5.08 -23.77 0.49
C ILE I 404 5.74 -22.49 -0.01
N ASN I 405 6.60 -22.66 -1.01
CA ASN I 405 7.50 -21.64 -1.52
C ASN I 405 7.46 -21.61 -3.05
N MET I 406 6.25 -21.49 -3.62
CA MET I 406 6.02 -21.70 -5.04
C MET I 406 6.72 -20.66 -5.92
N TRP I 407 6.74 -20.97 -7.22
CA TRP I 407 7.27 -20.14 -8.31
C TRP I 407 8.73 -19.74 -8.06
N GLN I 408 9.50 -20.71 -7.56
CA GLN I 408 10.92 -20.56 -7.19
C GLN I 408 11.15 -19.43 -6.21
N GLY I 409 10.17 -19.16 -5.35
CA GLY I 409 10.30 -18.06 -4.40
C GLY I 409 10.10 -16.69 -4.98
N VAL I 410 9.69 -16.58 -6.25
CA VAL I 410 9.31 -15.28 -6.79
C VAL I 410 8.05 -14.76 -6.12
N GLY I 411 7.04 -15.62 -6.01
CA GLY I 411 5.91 -15.30 -5.17
C GLY I 411 6.24 -15.48 -3.69
N ARG I 412 5.35 -14.96 -2.85
CA ARG I 412 5.57 -15.05 -1.41
C ARG I 412 5.29 -16.46 -0.91
N CYS I 413 5.88 -16.77 0.24
CA CYS I 413 5.63 -18.04 0.90
C CYS I 413 4.22 -18.09 1.47
N MET I 414 3.69 -19.30 1.62
CA MET I 414 2.36 -19.49 2.16
C MET I 414 2.41 -20.56 3.23
N TYR I 415 1.62 -20.40 4.28
CA TYR I 415 1.26 -21.49 5.17
C TYR I 415 -0.20 -21.84 4.87
N ALA I 416 -0.41 -22.97 4.21
CA ALA I 416 -1.77 -23.40 3.92
C ALA I 416 -2.41 -23.95 5.18
N PRO I 417 -3.54 -23.41 5.63
CA PRO I 417 -4.14 -23.90 6.89
C PRO I 417 -4.73 -25.28 6.70
N PRO I 418 -4.71 -26.11 7.74
CA PRO I 418 -5.19 -27.48 7.60
C PRO I 418 -6.70 -27.53 7.55
N ILE I 419 -7.21 -28.63 7.01
CA ILE I 419 -8.63 -28.79 6.71
C ILE I 419 -9.12 -30.06 7.38
N ALA I 420 -10.18 -29.93 8.17
CA ALA I 420 -10.73 -31.07 8.90
C ALA I 420 -11.45 -32.03 7.96
N GLY I 421 -11.52 -33.29 8.36
CA GLY I 421 -12.14 -34.32 7.56
C GLY I 421 -11.21 -34.87 6.51
N ASN I 422 -11.63 -35.96 5.89
CA ASN I 422 -10.83 -36.54 4.83
C ASN I 422 -11.08 -35.79 3.52
N ILE I 423 -10.13 -35.92 2.61
CA ILE I 423 -10.12 -35.17 1.35
C ILE I 423 -10.07 -36.18 0.21
N THR I 424 -10.92 -35.98 -0.80
CA THR I 424 -10.84 -36.70 -2.06
C THR I 424 -10.95 -35.71 -3.21
N CYS I 425 -10.37 -36.08 -4.36
CA CYS I 425 -10.33 -35.17 -5.50
C CYS I 425 -10.17 -35.99 -6.78
N ARG I 426 -11.27 -36.19 -7.51
CA ARG I 426 -11.20 -36.80 -8.82
C ARG I 426 -10.64 -35.82 -9.83
N SER I 427 -9.93 -36.33 -10.82
CA SER I 427 -9.28 -35.46 -11.80
C SER I 427 -9.04 -36.25 -13.08
N ASN I 428 -8.74 -35.51 -14.15
CA ASN I 428 -8.35 -36.10 -15.42
C ASN I 428 -6.91 -35.74 -15.72
N ILE I 429 -6.30 -36.49 -16.63
CA ILE I 429 -4.94 -36.22 -17.09
C ILE I 429 -5.00 -35.99 -18.59
N THR I 430 -4.59 -34.80 -19.03
CA THR I 430 -4.64 -34.44 -20.43
C THR I 430 -3.27 -34.21 -21.06
N GLY I 431 -2.22 -34.07 -20.27
CA GLY I 431 -0.90 -33.83 -20.83
C GLY I 431 0.20 -34.29 -19.90
N LEU I 432 1.37 -34.46 -20.49
CA LEU I 432 2.57 -34.82 -19.76
C LEU I 432 3.68 -33.84 -20.11
N LEU I 433 4.59 -33.62 -19.16
CA LEU I 433 5.77 -32.79 -19.35
C LEU I 433 6.99 -33.68 -19.22
N LEU I 434 7.47 -34.18 -20.35
CA LEU I 434 8.62 -35.07 -20.35
C LEU I 434 9.90 -34.30 -20.66
N THR I 435 11.02 -34.95 -20.37
CA THR I 435 12.32 -34.49 -20.83
C THR I 435 13.09 -35.69 -21.34
N ARG I 436 14.02 -35.45 -22.24
CA ARG I 436 14.73 -36.51 -22.94
C ARG I 436 16.19 -36.53 -22.51
N ASP I 437 16.71 -37.73 -22.30
CA ASP I 437 18.11 -37.94 -21.98
C ASP I 437 18.63 -39.11 -22.81
N GLY I 438 19.88 -38.99 -23.23
CA GLY I 438 20.53 -40.03 -24.02
C GLY I 438 21.98 -39.68 -24.26
N GLY I 439 22.69 -40.64 -24.82
CA GLY I 439 24.10 -40.46 -25.08
C GLY I 439 24.67 -41.58 -25.93
N THR I 440 25.99 -41.57 -26.06
CA THR I 440 26.69 -42.56 -26.87
C THR I 440 26.61 -43.96 -26.29
N ASN I 441 26.39 -44.09 -24.98
CA ASN I 441 26.14 -45.38 -24.37
C ASN I 441 24.71 -45.88 -24.59
N SER I 442 23.85 -45.04 -25.15
CA SER I 442 22.43 -45.34 -25.26
C SER I 442 21.98 -45.23 -26.70
N ASN I 443 22.72 -45.88 -27.61
CA ASN I 443 22.51 -45.70 -29.04
C ASN I 443 21.24 -46.37 -29.56
N GLU I 444 20.55 -47.16 -28.75
CA GLU I 444 19.28 -47.75 -29.17
C GLU I 444 18.12 -47.44 -28.27
N THR I 445 18.34 -47.02 -27.03
CA THR I 445 17.28 -46.65 -26.11
C THR I 445 17.45 -45.20 -25.68
N GLU I 446 16.37 -44.44 -25.75
CA GLU I 446 16.36 -43.04 -25.33
C GLU I 446 15.45 -42.90 -24.12
N THR I 447 15.98 -42.31 -23.04
CA THR I 447 15.24 -42.26 -21.79
C THR I 447 14.41 -41.00 -21.72
N PHE I 448 13.18 -41.14 -21.23
CA PHE I 448 12.26 -40.03 -21.06
C PHE I 448 11.85 -39.95 -19.60
N ARG I 449 12.21 -38.86 -18.95
CA ARG I 449 11.99 -38.66 -17.54
C ARG I 449 10.89 -37.63 -17.31
N PRO I 450 10.15 -37.70 -16.21
CA PRO I 450 9.24 -36.61 -15.86
C PRO I 450 10.03 -35.37 -15.47
N ALA I 451 9.47 -34.22 -15.80
CA ALA I 451 10.13 -32.95 -15.48
C ALA I 451 9.07 -31.86 -15.39
N GLY I 452 9.47 -30.75 -14.79
CA GLY I 452 8.57 -29.62 -14.66
C GLY I 452 9.17 -28.60 -13.71
N GLY I 453 8.34 -27.63 -13.34
CA GLY I 453 8.77 -26.59 -12.43
C GLY I 453 8.61 -25.21 -13.03
N ASP I 454 8.90 -25.08 -14.32
CA ASP I 454 8.60 -23.85 -15.03
C ASP I 454 7.08 -23.79 -15.23
N MET I 455 6.44 -22.88 -14.53
CA MET I 455 4.98 -22.92 -14.43
C MET I 455 4.29 -22.42 -15.69
N ARG I 456 5.00 -21.70 -16.57
CA ARG I 456 4.37 -21.21 -17.78
C ARG I 456 4.19 -22.30 -18.83
N ASP I 457 4.82 -23.47 -18.65
CA ASP I 457 4.54 -24.61 -19.52
C ASP I 457 3.16 -25.19 -19.27
N ASN I 458 2.59 -24.96 -18.08
CA ASN I 458 1.22 -25.37 -17.82
C ASN I 458 0.24 -24.59 -18.67
N TRP I 459 0.57 -23.34 -19.00
CA TRP I 459 -0.31 -22.46 -19.75
C TRP I 459 0.09 -22.31 -21.21
N ARG I 460 1.25 -22.82 -21.60
CA ARG I 460 1.54 -22.93 -23.02
C ARG I 460 0.72 -24.03 -23.67
N SER I 461 0.33 -25.03 -22.90
CA SER I 461 -0.48 -26.13 -23.43
C SER I 461 -1.95 -25.76 -23.60
N GLU I 462 -2.36 -24.59 -23.11
CA GLU I 462 -3.70 -24.07 -23.35
C GLU I 462 -3.73 -22.88 -24.31
N LEU I 463 -2.65 -22.11 -24.36
CA LEU I 463 -2.54 -20.95 -25.25
C LEU I 463 -1.71 -21.25 -26.48
N TYR I 464 -1.68 -22.51 -26.92
CA TYR I 464 -0.94 -22.84 -28.13
C TYR I 464 -1.68 -22.43 -29.39
N LYS I 465 -3.01 -22.39 -29.35
CA LYS I 465 -3.79 -22.05 -30.53
C LYS I 465 -3.79 -20.56 -30.82
N TYR I 466 -3.74 -19.72 -29.81
CA TYR I 466 -4.11 -18.31 -29.96
C TYR I 466 -2.93 -17.43 -30.34
N LYS I 467 -3.25 -16.35 -31.04
CA LYS I 467 -2.32 -15.28 -31.38
C LYS I 467 -3.10 -13.97 -31.37
N VAL I 468 -2.43 -12.88 -30.98
CA VAL I 468 -3.07 -11.58 -30.88
C VAL I 468 -2.55 -10.66 -31.98
N VAL I 469 -3.48 -9.99 -32.67
CA VAL I 469 -3.14 -9.10 -33.77
C VAL I 469 -3.88 -7.80 -33.61
N LYS I 470 -3.37 -6.77 -34.28
CA LYS I 470 -3.91 -5.42 -34.26
C LYS I 470 -4.43 -5.08 -35.65
N ILE I 471 -5.67 -4.63 -35.71
CA ILE I 471 -6.31 -4.31 -36.99
C ILE I 471 -5.86 -2.94 -37.44
N GLU I 472 -5.56 -2.79 -38.73
CA GLU I 472 -5.06 -1.54 -39.30
C GLU I 472 -5.98 -1.13 -40.45
N PRO I 473 -7.09 -0.46 -40.13
CA PRO I 473 -8.17 -0.35 -41.12
C PRO I 473 -8.04 0.78 -42.14
N LEU I 474 -6.83 1.29 -42.40
CA LEU I 474 -6.61 2.28 -43.44
C LEU I 474 -5.86 1.63 -44.59
N GLY I 475 -6.36 1.79 -45.80
CA GLY I 475 -5.75 1.19 -46.97
C GLY I 475 -5.60 2.18 -48.10
N VAL I 476 -4.62 1.91 -48.96
CA VAL I 476 -4.23 2.81 -50.04
C VAL I 476 -4.23 2.01 -51.34
N ALA I 477 -4.96 2.49 -52.34
CA ALA I 477 -5.09 1.77 -53.60
C ALA I 477 -5.50 2.74 -54.70
N PRO I 478 -5.13 2.49 -55.96
CA PRO I 478 -5.64 3.32 -57.05
C PRO I 478 -6.89 2.73 -57.70
N THR I 479 -7.84 3.61 -58.03
CA THR I 479 -9.11 3.18 -58.61
C THR I 479 -9.36 3.72 -60.00
N ARG I 480 -8.45 4.52 -60.56
CA ARG I 480 -8.63 5.29 -61.79
C ARG I 480 -9.91 6.14 -61.72
N CYS I 481 -10.02 6.87 -60.62
CA CYS I 481 -11.14 7.76 -60.37
C CYS I 481 -10.65 8.98 -59.61
N LYS I 482 -11.09 10.16 -60.03
CA LYS I 482 -10.60 11.41 -59.49
C LYS I 482 -11.68 12.07 -58.64
N ARG I 483 -11.24 12.89 -57.68
CA ARG I 483 -12.18 13.64 -56.85
C ARG I 483 -12.82 14.75 -57.67
N ARG I 484 -14.12 14.94 -57.46
CA ARG I 484 -14.86 15.98 -58.16
C ARG I 484 -14.52 17.33 -57.54
N VAL I 485 -13.86 18.18 -58.31
CA VAL I 485 -13.46 19.50 -57.81
C VAL I 485 -14.08 20.60 -58.67
N PHE J 11 -17.61 -9.65 -38.52
CA PHE J 11 -16.31 -9.01 -38.34
C PHE J 11 -15.21 -9.81 -39.01
N LEU J 12 -14.44 -9.14 -39.88
CA LEU J 12 -13.31 -9.71 -40.62
C LEU J 12 -13.73 -10.91 -41.48
N GLY J 13 -14.98 -10.92 -41.95
CA GLY J 13 -15.46 -12.05 -42.73
C GLY J 13 -14.93 -12.10 -44.14
N ALA J 14 -14.45 -10.96 -44.65
CA ALA J 14 -13.94 -10.86 -46.02
C ALA J 14 -12.42 -10.69 -46.00
N ALA J 15 -11.74 -11.37 -45.07
CA ALA J 15 -10.29 -11.25 -44.98
C ALA J 15 -9.60 -12.00 -46.10
N GLY J 16 -10.22 -13.06 -46.62
CA GLY J 16 -9.67 -13.84 -47.70
C GLY J 16 -10.24 -13.58 -49.06
N SER J 17 -11.24 -12.71 -49.17
CA SER J 17 -11.90 -12.44 -50.45
C SER J 17 -11.08 -11.42 -51.25
N THR J 18 -11.63 -10.98 -52.37
CA THR J 18 -10.94 -10.02 -53.24
C THR J 18 -11.09 -8.61 -52.66
N MET J 19 -10.48 -7.64 -53.35
CA MET J 19 -10.54 -6.25 -52.91
C MET J 19 -11.92 -5.66 -53.17
N GLY J 20 -12.49 -5.96 -54.35
CA GLY J 20 -13.83 -5.50 -54.65
C GLY J 20 -14.89 -6.16 -53.79
N ALA J 21 -14.69 -7.43 -53.44
CA ALA J 21 -15.65 -8.14 -52.60
C ALA J 21 -15.64 -7.65 -51.15
N ALA J 22 -14.59 -6.95 -50.73
CA ALA J 22 -14.58 -6.27 -49.45
C ALA J 22 -15.11 -4.84 -49.55
N SER J 23 -15.55 -4.42 -50.74
CA SER J 23 -16.06 -3.06 -50.91
C SER J 23 -17.51 -2.91 -50.49
N MET J 24 -18.19 -4.00 -50.12
CA MET J 24 -19.53 -3.92 -49.56
C MET J 24 -19.58 -4.20 -48.07
N THR J 25 -18.57 -4.87 -47.52
CA THR J 25 -18.55 -5.25 -46.12
C THR J 25 -17.43 -4.57 -45.35
N LEU J 26 -17.04 -3.36 -45.78
CA LEU J 26 -15.98 -2.64 -45.08
C LEU J 26 -16.50 -1.78 -43.94
N THR J 27 -17.82 -1.73 -43.75
CA THR J 27 -18.40 -1.00 -42.63
C THR J 27 -18.53 -1.86 -41.38
N VAL J 28 -18.49 -3.19 -41.51
CA VAL J 28 -18.61 -4.04 -40.34
C VAL J 28 -17.28 -4.08 -39.58
N GLN J 29 -16.17 -3.75 -40.22
CA GLN J 29 -14.93 -3.58 -39.47
C GLN J 29 -14.92 -2.27 -38.70
N ALA J 30 -15.55 -1.23 -39.27
CA ALA J 30 -15.64 0.05 -38.57
C ALA J 30 -16.74 0.06 -37.52
N ARG J 31 -17.67 -0.91 -37.56
CA ARG J 31 -18.70 -0.98 -36.54
C ARG J 31 -18.15 -1.52 -35.22
N ASN J 32 -17.26 -2.50 -35.27
CA ASN J 32 -16.73 -3.14 -34.07
C ASN J 32 -15.44 -2.50 -33.58
N LEU J 33 -15.02 -1.38 -34.17
CA LEU J 33 -13.75 -0.77 -33.80
C LEU J 33 -13.79 -0.03 -32.48
N LEU J 34 -14.98 0.20 -31.92
CA LEU J 34 -15.09 0.83 -30.63
C LEU J 34 -16.24 0.19 -29.87
N SER J 35 -16.00 -0.11 -28.59
CA SER J 35 -16.96 -0.73 -27.67
C SER J 35 -17.48 -2.06 -28.23
N GLY J 36 -16.55 -3.00 -28.35
CA GLY J 36 -16.88 -4.33 -28.84
C GLY J 36 -17.60 -5.16 -27.80
N THR J 58 -7.95 -5.37 -7.96
CA THR J 58 -7.71 -4.18 -8.77
C THR J 58 -6.73 -4.46 -9.90
N VAL J 59 -6.28 -5.71 -10.00
CA VAL J 59 -5.49 -6.12 -11.16
C VAL J 59 -6.34 -6.08 -12.42
N TRP J 60 -7.52 -6.69 -12.35
CA TRP J 60 -8.41 -6.67 -13.50
C TRP J 60 -9.00 -5.31 -13.73
N GLY J 61 -9.14 -4.49 -12.68
CA GLY J 61 -9.56 -3.12 -12.86
C GLY J 61 -8.53 -2.29 -13.62
N ILE J 62 -7.25 -2.52 -13.33
CA ILE J 62 -6.16 -1.85 -14.04
C ILE J 62 -6.16 -2.28 -15.51
N LYS J 63 -6.33 -3.57 -15.76
CA LYS J 63 -6.33 -4.06 -17.14
C LYS J 63 -7.53 -3.56 -17.93
N GLN J 64 -8.71 -3.50 -17.29
CA GLN J 64 -9.89 -2.96 -17.95
C GLN J 64 -9.74 -1.47 -18.24
N LEU J 65 -9.14 -0.71 -17.31
CA LEU J 65 -8.94 0.71 -17.56
C LEU J 65 -7.96 0.95 -18.70
N GLN J 66 -6.87 0.18 -18.76
CA GLN J 66 -5.92 0.33 -19.84
C GLN J 66 -6.52 -0.06 -21.19
N ALA J 67 -7.34 -1.12 -21.22
CA ALA J 67 -8.02 -1.50 -22.46
C ALA J 67 -9.03 -0.44 -22.91
N ARG J 68 -9.73 0.18 -21.95
CA ARG J 68 -10.70 1.21 -22.27
C ARG J 68 -10.04 2.47 -22.83
N VAL J 69 -8.86 2.82 -22.33
CA VAL J 69 -8.15 3.96 -22.89
C VAL J 69 -7.55 3.61 -24.25
N LEU J 70 -7.07 2.36 -24.40
CA LEU J 70 -6.41 1.94 -25.63
C LEU J 70 -7.36 1.92 -26.82
N ALA J 71 -8.60 1.47 -26.61
CA ALA J 71 -9.58 1.44 -27.70
C ALA J 71 -9.91 2.85 -28.20
N VAL J 72 -10.05 3.80 -27.27
CA VAL J 72 -10.35 5.19 -27.62
C VAL J 72 -9.18 5.81 -28.40
N GLU J 73 -7.95 5.55 -27.96
CA GLU J 73 -6.78 6.08 -28.66
C GLU J 73 -6.67 5.51 -30.08
N ARG J 74 -6.88 4.20 -30.23
CA ARG J 74 -6.73 3.58 -31.54
C ARG J 74 -7.86 3.98 -32.49
N TYR J 75 -9.04 4.29 -31.97
CA TYR J 75 -10.09 4.81 -32.85
C TYR J 75 -9.82 6.26 -33.25
N LEU J 76 -9.39 7.08 -32.29
CA LEU J 76 -9.24 8.51 -32.54
C LEU J 76 -8.06 8.80 -33.45
N ARG J 77 -7.03 7.95 -33.46
CA ARG J 77 -5.91 8.18 -34.37
C ARG J 77 -6.32 8.01 -35.83
N ASP J 78 -7.09 6.95 -36.13
CA ASP J 78 -7.57 6.75 -37.49
C ASP J 78 -8.55 7.84 -37.90
N GLN J 79 -9.42 8.26 -36.98
CA GLN J 79 -10.35 9.34 -37.31
C GLN J 79 -9.62 10.67 -37.53
N GLN J 80 -8.54 10.91 -36.79
CA GLN J 80 -7.77 12.13 -36.97
C GLN J 80 -7.04 12.14 -38.31
N LEU J 81 -6.47 11.00 -38.71
CA LEU J 81 -5.83 10.93 -40.03
C LEU J 81 -6.83 11.10 -41.15
N LEU J 82 -8.03 10.51 -41.01
CA LEU J 82 -9.05 10.68 -42.03
C LEU J 82 -9.56 12.11 -42.08
N GLY J 83 -9.57 12.82 -40.95
CA GLY J 83 -9.93 14.23 -40.97
C GLY J 83 -8.87 15.12 -41.56
N ILE J 84 -7.59 14.77 -41.36
CA ILE J 84 -6.49 15.54 -41.95
C ILE J 84 -6.48 15.38 -43.45
N TRP J 85 -6.76 14.16 -43.95
CA TRP J 85 -6.89 14.00 -45.40
C TRP J 85 -8.14 14.67 -45.97
N GLY J 86 -9.10 15.00 -45.11
CA GLY J 86 -10.26 15.76 -45.52
C GLY J 86 -11.42 14.96 -46.06
N CYS J 87 -11.26 13.65 -46.19
CA CYS J 87 -12.32 12.78 -46.68
C CYS J 87 -12.95 11.95 -45.56
N SER J 88 -12.87 12.45 -44.33
CA SER J 88 -13.53 11.83 -43.20
C SER J 88 -15.04 11.97 -43.33
N GLY J 89 -15.76 11.07 -42.67
CA GLY J 89 -17.19 10.99 -42.80
C GLY J 89 -17.67 10.05 -43.88
N LYS J 90 -16.77 9.47 -44.66
CA LYS J 90 -17.13 8.49 -45.67
C LYS J 90 -16.07 7.40 -45.70
N LEU J 91 -16.47 6.23 -46.20
CA LEU J 91 -15.59 5.07 -46.18
C LEU J 91 -14.65 5.02 -47.38
N ILE J 92 -15.12 5.43 -48.56
CA ILE J 92 -14.35 5.39 -49.79
C ILE J 92 -14.08 6.81 -50.23
N CYS J 93 -12.82 7.10 -50.57
CA CYS J 93 -12.37 8.46 -50.85
C CYS J 93 -11.81 8.55 -52.26
N CYS J 94 -11.60 9.78 -52.72
CA CYS J 94 -10.81 10.08 -53.90
C CYS J 94 -9.99 11.32 -53.58
N THR J 95 -8.68 11.27 -53.85
CA THR J 95 -7.78 12.22 -53.20
C THR J 95 -6.97 13.13 -54.14
N ASN J 96 -7.29 13.17 -55.43
CA ASN J 96 -6.74 14.13 -56.41
C ASN J 96 -5.23 14.08 -56.54
N VAL J 97 -4.61 12.94 -56.25
CA VAL J 97 -3.15 12.84 -56.25
C VAL J 97 -2.76 11.68 -57.16
N PRO J 98 -1.82 11.88 -58.09
CA PRO J 98 -1.49 10.81 -59.05
C PRO J 98 -0.77 9.64 -58.41
N TRP J 99 -1.01 8.46 -58.96
CA TRP J 99 -0.36 7.23 -58.54
C TRP J 99 0.97 7.11 -59.28
N ASN J 100 2.08 7.13 -58.53
CA ASN J 100 3.40 7.13 -59.13
C ASN J 100 3.74 5.77 -59.73
N SER J 101 4.58 5.79 -60.77
CA SER J 101 5.00 4.57 -61.44
C SER J 101 5.96 3.74 -60.58
N SER J 102 6.62 4.35 -59.59
CA SER J 102 7.46 3.61 -58.67
C SER J 102 6.65 2.72 -57.74
N TRP J 103 5.36 3.01 -57.55
CA TRP J 103 4.47 2.16 -56.76
C TRP J 103 3.63 1.24 -57.62
N SER J 104 3.49 1.53 -58.92
CA SER J 104 2.59 0.80 -59.80
C SER J 104 3.29 -0.42 -60.38
N ASN J 105 2.64 -1.58 -60.25
CA ASN J 105 3.19 -2.83 -60.79
C ASN J 105 2.17 -3.70 -61.49
N ARG J 106 0.87 -3.47 -61.33
CA ARG J 106 -0.14 -4.40 -61.85
C ARG J 106 -1.24 -3.59 -62.53
N ASN J 107 -2.20 -4.31 -63.11
CA ASN J 107 -3.38 -3.72 -63.71
C ASN J 107 -4.52 -3.70 -62.70
N LEU J 108 -5.60 -3.02 -63.08
CA LEU J 108 -6.74 -2.85 -62.18
C LEU J 108 -7.48 -4.16 -61.94
N SER J 109 -7.64 -4.98 -62.99
CA SER J 109 -8.27 -6.28 -62.81
C SER J 109 -7.40 -7.21 -61.96
N GLU J 110 -6.08 -7.14 -62.16
CA GLU J 110 -5.15 -7.93 -61.36
C GLU J 110 -5.15 -7.53 -59.90
N ILE J 111 -5.30 -6.24 -59.61
CA ILE J 111 -5.30 -5.77 -58.23
C ILE J 111 -6.64 -6.06 -57.56
N TRP J 112 -7.74 -5.70 -58.21
CA TRP J 112 -9.05 -5.73 -57.58
C TRP J 112 -9.81 -7.04 -57.81
N ASP J 113 -9.23 -8.00 -58.53
CA ASP J 113 -9.89 -9.27 -58.76
C ASP J 113 -9.06 -10.49 -58.38
N ASN J 114 -7.77 -10.34 -58.17
CA ASN J 114 -6.89 -11.46 -57.84
C ASN J 114 -6.22 -11.32 -56.49
N MET J 115 -5.70 -10.14 -56.17
CA MET J 115 -4.99 -9.92 -54.92
C MET J 115 -5.97 -9.59 -53.81
N THR J 116 -5.63 -9.98 -52.58
CA THR J 116 -6.40 -9.63 -51.41
C THR J 116 -5.75 -8.46 -50.67
N TRP J 117 -6.52 -7.88 -49.74
CA TRP J 117 -6.11 -6.67 -49.05
C TRP J 117 -4.91 -6.90 -48.16
N LEU J 118 -4.79 -8.09 -47.56
CA LEU J 118 -3.65 -8.37 -46.70
C LEU J 118 -2.36 -8.49 -47.53
N GLN J 119 -2.44 -9.09 -48.71
CA GLN J 119 -1.30 -9.13 -49.62
C GLN J 119 -0.93 -7.74 -50.09
N TRP J 120 -1.94 -6.89 -50.32
CA TRP J 120 -1.69 -5.50 -50.66
C TRP J 120 -0.98 -4.76 -49.55
N ASP J 121 -1.43 -4.95 -48.30
CA ASP J 121 -0.80 -4.31 -47.16
C ASP J 121 0.62 -4.82 -46.95
N LYS J 122 0.87 -6.08 -47.33
CA LYS J 122 2.23 -6.60 -47.28
C LYS J 122 3.11 -5.95 -48.35
N GLU J 123 2.57 -5.72 -49.55
CA GLU J 123 3.43 -5.36 -50.66
C GLU J 123 3.52 -3.86 -50.97
N ILE J 124 2.59 -3.03 -50.49
CA ILE J 124 2.57 -1.63 -50.89
C ILE J 124 3.08 -0.72 -49.76
N SER J 125 3.38 -1.29 -48.58
CA SER J 125 3.49 -0.59 -47.31
C SER J 125 4.58 0.46 -47.24
N ASN J 126 5.56 0.44 -48.14
CA ASN J 126 6.57 1.49 -48.15
C ASN J 126 6.02 2.77 -48.77
N TYR J 127 6.80 3.85 -48.63
CA TYR J 127 6.47 5.20 -49.13
C TYR J 127 5.14 5.70 -48.58
N THR J 128 4.87 5.41 -47.31
CA THR J 128 3.56 5.70 -46.74
C THR J 128 3.45 7.14 -46.27
N GLN J 129 4.49 7.64 -45.58
CA GLN J 129 4.44 8.99 -45.02
C GLN J 129 4.45 10.06 -46.10
N ILE J 130 5.11 9.78 -47.23
CA ILE J 130 5.13 10.72 -48.35
C ILE J 130 3.74 10.85 -48.95
N ILE J 131 3.05 9.72 -49.12
CA ILE J 131 1.67 9.71 -49.60
C ILE J 131 0.76 10.47 -48.64
N TYR J 132 0.96 10.25 -47.33
CA TYR J 132 0.08 10.86 -46.33
C TYR J 132 0.27 12.37 -46.28
N GLY J 133 1.52 12.83 -46.35
CA GLY J 133 1.78 14.25 -46.39
C GLY J 133 1.29 14.91 -47.68
N LEU J 134 1.39 14.19 -48.80
CA LEU J 134 0.85 14.69 -50.07
C LEU J 134 -0.66 14.86 -50.00
N LEU J 135 -1.35 13.89 -49.38
CA LEU J 135 -2.79 14.01 -49.22
C LEU J 135 -3.16 15.18 -48.31
N GLU J 136 -2.37 15.39 -47.25
CA GLU J 136 -2.63 16.49 -46.32
C GLU J 136 -2.48 17.86 -46.99
N GLU J 137 -1.37 18.05 -47.72
CA GLU J 137 -1.16 19.33 -48.40
C GLU J 137 -2.14 19.54 -49.54
N SER J 138 -2.55 18.46 -50.21
CA SER J 138 -3.56 18.56 -51.25
C SER J 138 -4.91 18.98 -50.67
N GLN J 139 -5.26 18.45 -49.49
CA GLN J 139 -6.51 18.85 -48.85
C GLN J 139 -6.49 20.30 -48.42
N ASN J 140 -5.36 20.76 -47.86
CA ASN J 140 -5.29 22.17 -47.46
C ASN J 140 -5.27 23.10 -48.67
N GLN J 141 -4.65 22.67 -49.78
CA GLN J 141 -4.71 23.44 -51.01
C GLN J 141 -6.14 23.54 -51.54
N GLN J 142 -6.89 22.44 -51.44
CA GLN J 142 -8.30 22.47 -51.84
C GLN J 142 -9.10 23.41 -50.97
N GLU J 143 -8.84 23.42 -49.66
CA GLU J 143 -9.56 24.30 -48.75
C GLU J 143 -9.28 25.77 -49.04
N LYS J 144 -8.00 26.13 -49.23
CA LYS J 144 -7.68 27.53 -49.49
C LYS J 144 -8.15 27.97 -50.87
N ASN J 145 -8.14 27.07 -51.86
CA ASN J 145 -8.65 27.41 -53.18
C ASN J 145 -10.16 27.62 -53.17
N GLU J 146 -10.89 26.76 -52.44
CA GLU J 146 -12.34 26.93 -52.33
C GLU J 146 -12.69 28.19 -51.56
N GLN J 147 -11.94 28.52 -50.51
CA GLN J 147 -12.22 29.72 -49.74
C GLN J 147 -11.90 30.98 -50.56
N ASP J 148 -10.83 30.94 -51.36
CA ASP J 148 -10.52 32.08 -52.22
C ASP J 148 -11.55 32.23 -53.34
N LEU J 149 -12.09 31.10 -53.85
CA LEU J 149 -13.14 31.17 -54.85
C LEU J 149 -14.43 31.74 -54.28
N LEU J 150 -14.78 31.36 -53.04
CA LEU J 150 -15.99 31.92 -52.44
C LEU J 150 -15.80 33.35 -51.97
N ALA J 151 -14.57 33.74 -51.61
CA ALA J 151 -14.30 35.12 -51.25
C ALA J 151 -14.27 36.03 -52.47
N LEU J 152 -13.86 35.50 -53.62
CA LEU J 152 -13.90 36.25 -54.87
C LEU J 152 -15.27 36.26 -55.52
N ASP J 153 -16.24 35.53 -54.96
CA ASP J 153 -17.61 35.56 -55.46
C ASP J 153 -18.27 36.89 -55.07
N GLN K 1 -9.27 -73.95 10.88
CA GLN K 1 -10.14 -73.15 11.74
C GLN K 1 -9.35 -72.26 12.67
N VAL K 2 -9.70 -70.97 12.67
CA VAL K 2 -9.06 -70.01 13.55
C VAL K 2 -9.74 -70.05 14.91
N GLN K 3 -9.02 -69.61 15.93
CA GLN K 3 -9.52 -69.73 17.29
C GLN K 3 -8.83 -68.69 18.18
N LEU K 4 -9.56 -68.20 19.18
CA LEU K 4 -9.04 -67.25 20.14
C LEU K 4 -9.11 -67.85 21.54
N VAL K 5 -8.02 -67.73 22.28
CA VAL K 5 -7.91 -68.26 23.64
C VAL K 5 -7.82 -67.07 24.59
N GLN K 6 -8.73 -67.03 25.55
CA GLN K 6 -8.74 -65.99 26.57
C GLN K 6 -8.39 -66.56 27.93
N SER K 7 -8.10 -65.65 28.86
CA SER K 7 -7.56 -66.03 30.16
C SER K 7 -8.65 -66.59 31.07
N GLY K 8 -8.25 -66.95 32.30
CA GLY K 8 -9.17 -67.50 33.28
C GLY K 8 -9.87 -66.41 34.07
N ALA K 9 -10.49 -66.85 35.16
CA ALA K 9 -11.23 -65.94 36.04
C ALA K 9 -10.27 -65.03 36.80
N GLU K 10 -10.74 -63.83 37.11
CA GLU K 10 -9.98 -62.84 37.87
C GLU K 10 -10.85 -62.35 39.02
N VAL K 11 -10.58 -62.85 40.22
CA VAL K 11 -11.31 -62.46 41.42
C VAL K 11 -10.37 -61.65 42.30
N LYS K 12 -10.73 -60.39 42.54
CA LYS K 12 -9.89 -59.51 43.35
C LYS K 12 -10.73 -58.40 43.95
N LYS K 13 -10.14 -57.71 44.91
CA LYS K 13 -10.79 -56.60 45.57
C LYS K 13 -10.83 -55.39 44.63
N PRO K 14 -11.76 -54.44 44.86
CA PRO K 14 -11.78 -53.21 44.05
C PRO K 14 -10.54 -52.37 44.29
N GLY K 15 -10.13 -51.64 43.25
CA GLY K 15 -8.98 -50.77 43.30
C GLY K 15 -7.74 -51.31 42.63
N ALA K 16 -7.72 -52.59 42.25
CA ALA K 16 -6.58 -53.20 41.61
C ALA K 16 -6.75 -53.17 40.09
N SER K 17 -5.89 -53.89 39.38
CA SER K 17 -5.88 -53.93 37.93
C SER K 17 -6.00 -55.36 37.43
N VAL K 18 -6.61 -55.52 36.26
CA VAL K 18 -6.82 -56.83 35.64
C VAL K 18 -6.22 -56.82 34.25
N LYS K 19 -5.39 -57.81 33.94
CA LYS K 19 -4.86 -58.05 32.61
C LYS K 19 -5.55 -59.28 32.02
N VAL K 20 -6.11 -59.11 30.83
CA VAL K 20 -6.76 -60.21 30.11
C VAL K 20 -5.96 -60.47 28.83
N SER K 21 -5.57 -61.72 28.63
CA SER K 21 -4.74 -62.10 27.49
C SER K 21 -5.59 -62.82 26.46
N CYS K 22 -5.42 -62.43 25.20
CA CYS K 22 -6.14 -63.01 24.07
C CYS K 22 -5.13 -63.47 23.03
N LYS K 23 -5.11 -64.77 22.77
CA LYS K 23 -4.13 -65.38 21.86
C LYS K 23 -4.85 -65.94 20.64
N ALA K 24 -4.40 -65.55 19.46
CA ALA K 24 -5.01 -65.96 18.21
C ALA K 24 -4.27 -67.14 17.61
N SER K 25 -5.01 -67.97 16.88
CA SER K 25 -4.42 -69.10 16.17
C SER K 25 -5.20 -69.33 14.88
N GLY K 26 -4.48 -69.80 13.87
CA GLY K 26 -5.08 -70.07 12.57
C GLY K 26 -4.94 -68.96 11.55
N TYR K 27 -4.59 -67.76 11.97
CA TYR K 27 -4.36 -66.66 11.04
C TYR K 27 -3.29 -65.76 11.64
N ARG K 28 -2.63 -64.99 10.78
CA ARG K 28 -1.57 -64.13 11.26
C ARG K 28 -2.14 -62.92 11.98
N PHE K 29 -1.45 -62.51 13.05
CA PHE K 29 -1.94 -61.46 13.94
C PHE K 29 -1.95 -60.08 13.27
N THR K 30 -1.16 -59.89 12.21
CA THR K 30 -0.98 -58.56 11.64
C THR K 30 -2.17 -58.13 10.79
N ASP K 31 -2.89 -59.09 10.20
CA ASP K 31 -3.88 -58.75 9.18
C ASP K 31 -5.19 -58.19 9.71
N HIS K 32 -5.51 -58.39 10.98
CA HIS K 32 -6.86 -58.09 11.45
C HIS K 32 -6.83 -57.24 12.71
N TYR K 33 -7.86 -56.41 12.86
CA TYR K 33 -8.07 -55.65 14.08
C TYR K 33 -8.58 -56.56 15.18
N ILE K 34 -8.36 -56.13 16.42
CA ILE K 34 -8.86 -56.82 17.60
C ILE K 34 -9.73 -55.85 18.38
N HIS K 35 -10.99 -56.22 18.60
CA HIS K 35 -11.90 -55.44 19.42
C HIS K 35 -12.21 -56.18 20.70
N TRP K 36 -12.76 -55.45 21.67
CA TRP K 36 -13.10 -56.00 22.97
C TRP K 36 -14.55 -55.69 23.29
N VAL K 37 -15.25 -56.68 23.84
CA VAL K 37 -16.66 -56.55 24.17
C VAL K 37 -16.87 -56.96 25.62
N ARG K 38 -17.45 -56.08 26.42
CA ARG K 38 -17.76 -56.35 27.82
C ARG K 38 -19.26 -56.52 27.96
N GLN K 39 -19.68 -57.63 28.55
CA GLN K 39 -21.10 -57.91 28.75
C GLN K 39 -21.35 -58.18 30.23
N ALA K 40 -22.07 -57.27 30.88
CA ALA K 40 -22.53 -57.53 32.22
C ALA K 40 -23.61 -58.61 32.20
N PRO K 41 -23.67 -59.44 33.24
CA PRO K 41 -24.72 -60.47 33.30
C PRO K 41 -26.11 -59.85 33.45
N GLY K 42 -27.06 -60.37 32.68
CA GLY K 42 -28.37 -59.75 32.61
C GLY K 42 -28.37 -58.41 31.91
N GLN K 43 -27.43 -58.19 30.99
CA GLN K 43 -27.30 -56.91 30.33
C GLN K 43 -26.65 -57.15 28.98
N GLY K 44 -26.88 -56.22 28.03
CA GLY K 44 -26.38 -56.37 26.69
C GLY K 44 -24.89 -56.10 26.60
N PRO K 45 -24.32 -56.36 25.42
CA PRO K 45 -22.90 -56.11 25.21
C PRO K 45 -22.57 -54.63 25.16
N GLU K 46 -21.29 -54.33 25.35
CA GLU K 46 -20.77 -52.97 25.33
C GLU K 46 -19.40 -53.00 24.67
N TRP K 47 -19.22 -52.16 23.66
CA TRP K 47 -17.93 -52.08 22.98
C TRP K 47 -16.90 -51.41 23.88
N MET K 48 -15.65 -51.85 23.79
CA MET K 48 -14.63 -51.36 24.70
C MET K 48 -13.52 -50.61 23.99
N GLY K 49 -12.99 -51.15 22.90
CA GLY K 49 -11.98 -50.45 22.13
C GLY K 49 -11.41 -51.35 21.07
N TRP K 50 -10.60 -50.74 20.20
CA TRP K 50 -9.91 -51.46 19.14
C TRP K 50 -8.42 -51.17 19.22
N ILE K 51 -7.64 -52.06 18.60
CA ILE K 51 -6.20 -51.91 18.49
C ILE K 51 -5.77 -52.28 17.07
N ASN K 52 -4.96 -51.41 16.47
CA ASN K 52 -4.27 -51.76 15.23
C ASN K 52 -3.15 -52.72 15.60
N THR K 53 -3.29 -53.99 15.22
CA THR K 53 -2.28 -54.97 15.59
C THR K 53 -1.01 -54.84 14.77
N SER K 54 -1.05 -54.14 13.64
CA SER K 54 0.14 -53.97 12.82
C SER K 54 1.12 -52.96 13.40
N SER K 55 0.63 -51.96 14.13
CA SER K 55 1.50 -50.93 14.65
C SER K 55 1.35 -50.68 16.15
N GLY K 56 0.20 -50.97 16.74
CA GLY K 56 -0.01 -50.73 18.15
C GLY K 56 -0.84 -49.52 18.48
N ARG K 57 -1.35 -48.80 17.48
CA ARG K 57 -2.25 -47.69 17.73
C ARG K 57 -3.60 -48.23 18.17
N SER K 58 -4.14 -47.69 19.26
CA SER K 58 -5.38 -48.19 19.82
C SER K 58 -6.27 -47.02 20.19
N ASN K 59 -7.58 -47.29 20.21
CA ASN K 59 -8.56 -46.32 20.64
C ASN K 59 -9.58 -47.02 21.53
N PHE K 60 -10.20 -46.25 22.40
CA PHE K 60 -11.08 -46.78 23.44
C PHE K 60 -12.47 -46.20 23.25
N ALA K 61 -13.37 -46.51 24.18
CA ALA K 61 -14.70 -45.95 24.15
C ALA K 61 -14.66 -44.53 24.70
N GLN K 62 -15.82 -43.87 24.70
CA GLN K 62 -15.88 -42.47 25.11
C GLN K 62 -15.79 -42.28 26.61
N LYS K 63 -16.00 -43.35 27.40
CA LYS K 63 -16.02 -43.23 28.85
C LYS K 63 -15.08 -44.21 29.54
N PHE K 64 -14.22 -44.89 28.79
CA PHE K 64 -13.20 -45.77 29.35
C PHE K 64 -11.80 -45.15 29.29
N GLN K 65 -11.71 -43.86 28.99
CA GLN K 65 -10.41 -43.20 28.91
C GLN K 65 -9.84 -43.00 30.30
N GLY K 66 -8.55 -43.30 30.45
CA GLY K 66 -7.87 -43.16 31.72
C GLY K 66 -7.85 -44.41 32.56
N ARG K 67 -8.66 -45.42 32.22
CA ARG K 67 -8.71 -46.68 32.95
C ARG K 67 -8.22 -47.87 32.15
N VAL K 68 -8.17 -47.76 30.83
CA VAL K 68 -8.01 -48.90 29.94
C VAL K 68 -6.77 -48.68 29.09
N THR K 69 -5.90 -49.68 29.02
CA THR K 69 -4.81 -49.67 28.05
C THR K 69 -4.77 -50.99 27.26
N MET K 70 -4.34 -50.85 26.01
CA MET K 70 -4.21 -51.95 25.06
C MET K 70 -2.73 -52.18 24.78
N THR K 71 -2.27 -53.42 24.91
CA THR K 71 -0.94 -53.76 24.41
C THR K 71 -1.06 -55.04 23.58
N ARG K 72 0.00 -55.35 22.84
CA ARG K 72 0.03 -56.58 22.08
C ARG K 72 1.48 -56.98 21.82
N ASP K 73 1.67 -58.24 21.48
CA ASP K 73 2.97 -58.77 21.07
C ASP K 73 2.74 -59.56 19.79
N THR K 74 3.38 -59.13 18.70
CA THR K 74 3.25 -59.78 17.41
C THR K 74 4.15 -61.00 17.28
N SER K 75 5.16 -61.13 18.16
CA SER K 75 6.06 -62.27 18.09
C SER K 75 5.35 -63.56 18.50
N ILE K 76 4.61 -63.51 19.61
CA ILE K 76 3.81 -64.64 20.05
C ILE K 76 2.33 -64.49 19.69
N SER K 77 1.98 -63.41 18.99
CA SER K 77 0.65 -63.17 18.41
C SER K 77 -0.45 -63.17 19.48
N THR K 78 -0.37 -62.19 20.38
CA THR K 78 -1.36 -62.08 21.44
C THR K 78 -1.57 -60.62 21.78
N ALA K 79 -2.66 -60.36 22.50
CA ALA K 79 -3.00 -59.01 22.94
C ALA K 79 -3.34 -59.03 24.43
N TYR K 80 -3.05 -57.93 25.09
CA TYR K 80 -3.28 -57.78 26.52
C TYR K 80 -4.17 -56.58 26.79
N MET K 81 -5.08 -56.78 27.72
CA MET K 81 -6.21 -55.92 28.05
C MET K 81 -6.02 -55.48 29.50
N GLU K 82 -5.51 -54.27 29.73
CA GLU K 82 -5.24 -53.82 31.09
C GLU K 82 -6.33 -52.85 31.52
N LEU K 83 -6.98 -53.15 32.64
CA LEU K 83 -7.99 -52.27 33.23
C LEU K 83 -7.53 -51.90 34.63
N ASN K 84 -7.54 -50.60 34.92
CA ASN K 84 -7.06 -50.08 36.19
C ASN K 84 -8.23 -49.57 37.03
N ARG K 85 -8.13 -49.77 38.33
CA ARG K 85 -9.07 -49.28 39.35
C ARG K 85 -10.49 -49.81 39.09
N LEU K 86 -10.62 -51.12 39.24
CA LEU K 86 -11.91 -51.77 39.01
C LEU K 86 -12.89 -51.45 40.12
N LYS K 87 -14.18 -51.51 39.77
CA LYS K 87 -15.28 -51.32 40.70
C LYS K 87 -16.16 -52.56 40.68
N SER K 88 -17.15 -52.55 41.59
CA SER K 88 -18.04 -53.70 41.76
C SER K 88 -18.94 -53.92 40.56
N ASP K 89 -19.13 -52.92 39.70
CA ASP K 89 -19.86 -53.09 38.46
C ASP K 89 -19.02 -53.68 37.33
N ASP K 90 -17.74 -53.94 37.57
CA ASP K 90 -16.87 -54.50 36.54
C ASP K 90 -16.96 -56.02 36.45
N THR K 91 -17.78 -56.65 37.28
CA THR K 91 -18.03 -58.08 37.18
C THR K 91 -18.80 -58.36 35.89
N ALA K 92 -18.12 -58.93 34.90
CA ALA K 92 -18.69 -59.08 33.57
C ALA K 92 -17.91 -60.13 32.79
N VAL K 93 -18.42 -60.45 31.60
CA VAL K 93 -17.77 -61.34 30.67
C VAL K 93 -17.02 -60.50 29.64
N TYR K 94 -15.78 -60.86 29.38
CA TYR K 94 -14.90 -60.13 28.48
C TYR K 94 -14.63 -60.98 27.26
N TYR K 95 -14.80 -60.39 26.08
CA TYR K 95 -14.70 -61.09 24.81
C TYR K 95 -13.68 -60.40 23.92
N CYS K 96 -12.79 -61.19 23.34
CA CYS K 96 -11.82 -60.73 22.36
C CYS K 96 -12.31 -61.13 20.98
N THR K 97 -12.59 -60.14 20.13
CA THR K 97 -13.18 -60.38 18.82
C THR K 97 -12.25 -59.93 17.71
N THR K 98 -12.38 -60.57 16.55
CA THR K 98 -11.59 -60.28 15.37
C THR K 98 -12.41 -59.39 14.44
N GLY K 99 -11.87 -58.23 14.10
CA GLY K 99 -12.59 -57.21 13.36
C GLY K 99 -12.34 -57.30 11.86
N SER K 100 -12.18 -56.13 11.24
CA SER K 100 -12.08 -56.03 9.80
C SER K 100 -10.67 -56.35 9.33
N TRP K 101 -10.38 -56.08 8.06
CA TRP K 101 -9.06 -56.32 7.48
C TRP K 101 -8.23 -55.06 7.61
N ILE K 102 -7.00 -55.21 8.10
CA ILE K 102 -6.11 -54.07 8.28
C ILE K 102 -5.52 -53.72 6.92
N SER K 103 -5.77 -52.50 6.47
CA SER K 103 -5.21 -52.02 5.21
C SER K 103 -4.58 -50.66 5.40
N LEU K 104 -3.56 -50.39 4.61
CA LEU K 104 -2.74 -49.20 4.76
C LEU K 104 -3.32 -47.99 4.04
N TYR K 105 -4.39 -48.16 3.28
CA TYR K 105 -4.90 -47.10 2.43
C TYR K 105 -6.25 -46.53 2.87
N TYR K 106 -6.98 -47.20 3.75
CA TYR K 106 -8.28 -46.69 4.18
C TYR K 106 -8.55 -47.17 5.60
N ASP K 107 -9.28 -46.35 6.34
CA ASP K 107 -9.54 -46.62 7.75
C ASP K 107 -10.74 -47.55 7.87
N SER K 108 -10.47 -48.83 8.13
CA SER K 108 -11.51 -49.82 8.37
C SER K 108 -11.53 -50.27 9.82
N SER K 109 -11.08 -49.40 10.73
CA SER K 109 -11.01 -49.77 12.14
C SER K 109 -12.39 -49.83 12.78
N GLY K 110 -13.25 -48.88 12.45
CA GLY K 110 -14.55 -48.79 13.07
C GLY K 110 -15.60 -49.70 12.53
N TYR K 111 -15.27 -50.55 11.57
CA TYR K 111 -16.23 -51.47 10.98
C TYR K 111 -16.64 -52.52 12.01
N PRO K 112 -17.91 -52.67 12.32
CA PRO K 112 -18.33 -53.68 13.29
C PRO K 112 -18.52 -55.05 12.65
N ASN K 113 -17.47 -55.56 12.01
CA ASN K 113 -17.48 -56.90 11.44
C ASN K 113 -16.73 -57.85 12.38
N PHE K 114 -17.41 -58.20 13.47
CA PHE K 114 -16.82 -59.06 14.49
C PHE K 114 -16.97 -60.50 14.04
N ASP K 115 -15.94 -61.02 13.38
CA ASP K 115 -16.04 -62.32 12.73
C ASP K 115 -15.97 -63.45 13.73
N TYR K 116 -14.86 -63.59 14.44
CA TYR K 116 -14.62 -64.71 15.33
C TYR K 116 -14.50 -64.21 16.75
N TRP K 117 -15.22 -64.85 17.66
CA TRP K 117 -15.26 -64.48 19.06
C TRP K 117 -14.53 -65.52 19.89
N GLY K 118 -13.80 -65.06 20.89
CA GLY K 118 -13.13 -65.96 21.80
C GLY K 118 -14.11 -66.57 22.78
N GLN K 119 -13.58 -67.47 23.61
CA GLN K 119 -14.39 -68.12 24.62
C GLN K 119 -14.76 -67.18 25.76
N GLY K 120 -14.08 -66.04 25.89
CA GLY K 120 -14.40 -65.07 26.90
C GLY K 120 -13.83 -65.44 28.25
N THR K 121 -13.85 -64.47 29.16
CA THR K 121 -13.46 -64.70 30.53
C THR K 121 -14.46 -63.99 31.45
N LEU K 122 -14.52 -64.45 32.69
CA LEU K 122 -15.39 -63.83 33.70
C LEU K 122 -14.53 -63.10 34.71
N VAL K 123 -14.88 -61.84 34.98
CA VAL K 123 -14.18 -61.03 35.96
C VAL K 123 -15.17 -60.69 37.05
N THR K 124 -14.94 -61.22 38.24
CA THR K 124 -15.82 -61.02 39.38
C THR K 124 -15.11 -60.13 40.40
N VAL K 125 -15.75 -59.03 40.76
CA VAL K 125 -15.21 -58.07 41.71
C VAL K 125 -15.98 -58.21 43.02
N THR K 126 -15.27 -58.58 44.08
CA THR K 126 -15.91 -58.80 45.38
C THR K 126 -16.08 -57.49 46.14
N THR L 1 -31.72 -47.67 20.40
CA THR L 1 -33.03 -48.13 20.85
C THR L 1 -33.37 -49.49 20.25
N GLN L 2 -34.02 -50.34 21.05
CA GLN L 2 -34.35 -51.69 20.64
C GLN L 2 -35.53 -52.16 21.47
N PRO L 3 -36.49 -52.87 20.87
CA PRO L 3 -37.56 -53.48 21.65
C PRO L 3 -37.02 -54.54 22.60
N ALA L 4 -37.68 -54.66 23.75
CA ALA L 4 -37.20 -55.55 24.80
C ALA L 4 -37.35 -57.02 24.41
N SER L 5 -38.50 -57.38 23.84
CA SER L 5 -38.73 -58.77 23.44
C SER L 5 -39.74 -58.79 22.30
N VAL L 6 -39.69 -59.88 21.54
CA VAL L 6 -40.63 -60.16 20.47
C VAL L 6 -41.04 -61.62 20.60
N SER L 7 -42.27 -61.93 20.19
CA SER L 7 -42.78 -63.29 20.25
C SER L 7 -43.39 -63.67 18.90
N GLY L 8 -43.34 -64.95 18.59
CA GLY L 8 -43.86 -65.43 17.33
C GLY L 8 -44.04 -66.93 17.23
N SER L 9 -45.05 -67.35 16.47
CA SER L 9 -45.26 -68.76 16.20
C SER L 9 -44.21 -69.27 15.22
N PRO L 10 -43.93 -70.58 15.25
CA PRO L 10 -43.05 -71.14 14.21
C PRO L 10 -43.69 -71.09 12.84
N GLY L 11 -42.84 -70.99 11.82
CA GLY L 11 -43.28 -70.98 10.44
C GLY L 11 -43.66 -69.62 9.89
N GLN L 12 -43.44 -68.54 10.62
CA GLN L 12 -43.77 -67.21 10.12
C GLN L 12 -42.59 -66.27 10.34
N PRO L 13 -42.43 -65.28 9.46
CA PRO L 13 -41.38 -64.28 9.66
C PRO L 13 -41.70 -63.32 10.80
N ILE L 14 -40.64 -62.78 11.39
CA ILE L 14 -40.74 -61.74 12.42
C ILE L 14 -39.73 -60.65 12.11
N THR L 15 -39.88 -59.51 12.77
CA THR L 15 -39.00 -58.37 12.55
C THR L 15 -38.51 -57.83 13.88
N ILE L 16 -37.21 -57.52 13.93
CA ILE L 16 -36.60 -56.83 15.07
C ILE L 16 -35.96 -55.56 14.56
N SER L 17 -36.33 -54.43 15.15
CA SER L 17 -35.90 -53.13 14.67
C SER L 17 -34.86 -52.50 15.61
N CYS L 18 -34.11 -51.56 15.05
CA CYS L 18 -33.18 -50.73 15.82
C CYS L 18 -33.22 -49.34 15.22
N THR L 19 -33.68 -48.38 16.02
CA THR L 19 -33.78 -46.99 15.59
C THR L 19 -32.73 -46.18 16.30
N GLY L 20 -31.82 -45.57 15.54
CA GLY L 20 -30.79 -44.73 16.10
C GLY L 20 -30.81 -43.35 15.49
N THR L 21 -29.83 -42.53 15.85
CA THR L 21 -29.74 -41.18 15.31
C THR L 21 -29.18 -41.22 13.90
N SER L 22 -29.08 -40.04 13.28
CA SER L 22 -28.54 -39.95 11.93
C SER L 22 -27.06 -40.25 11.89
N SER L 23 -26.34 -39.98 12.97
CA SER L 23 -24.91 -40.25 13.01
C SER L 23 -24.61 -41.74 13.14
N ASP L 24 -25.53 -42.51 13.71
CA ASP L 24 -25.29 -43.92 13.96
C ASP L 24 -25.61 -44.77 12.74
N VAL L 25 -26.86 -44.72 12.28
CA VAL L 25 -27.30 -45.55 11.16
C VAL L 25 -27.56 -44.72 9.91
N GLY L 26 -28.02 -43.47 10.04
CA GLY L 26 -28.32 -42.67 8.87
C GLY L 26 -27.10 -42.28 8.06
N ASN L 27 -26.02 -41.89 8.73
CA ASN L 27 -24.81 -41.49 8.01
C ASN L 27 -24.10 -42.69 7.40
N TYR L 28 -23.94 -43.76 8.17
CA TYR L 28 -23.14 -44.91 7.77
C TYR L 28 -24.00 -46.16 7.81
N ASP L 29 -23.90 -46.98 6.76
CA ASP L 29 -24.70 -48.19 6.65
C ASP L 29 -24.08 -49.38 7.38
N LEU L 30 -23.07 -49.15 8.21
CA LEU L 30 -22.42 -50.23 8.95
C LEU L 30 -23.33 -50.64 10.09
N VAL L 31 -24.13 -51.67 9.87
CA VAL L 31 -25.01 -52.24 10.88
C VAL L 31 -24.83 -53.75 10.86
N SER L 32 -24.85 -54.37 12.03
CA SER L 32 -24.61 -55.80 12.16
C SER L 32 -25.57 -56.38 13.18
N TRP L 33 -25.84 -57.67 13.04
CA TRP L 33 -26.77 -58.38 13.91
C TRP L 33 -26.15 -59.67 14.40
N TYR L 34 -26.25 -59.92 15.71
CA TYR L 34 -25.74 -61.13 16.31
C TYR L 34 -26.81 -61.74 17.20
N GLN L 35 -26.78 -63.06 17.36
CA GLN L 35 -27.58 -63.71 18.38
C GLN L 35 -26.66 -64.35 19.40
N GLN L 36 -27.19 -64.56 20.59
CA GLN L 36 -26.43 -65.11 21.70
C GLN L 36 -27.34 -66.06 22.47
N HIS L 37 -27.02 -67.35 22.44
CA HIS L 37 -27.64 -68.28 23.36
C HIS L 37 -27.13 -68.01 24.77
N PRO L 38 -27.94 -68.33 25.79
CA PRO L 38 -27.46 -68.19 27.17
C PRO L 38 -26.29 -69.13 27.46
N GLY L 39 -25.29 -68.60 28.15
CA GLY L 39 -24.06 -69.34 28.40
C GLY L 39 -23.24 -69.61 27.15
N ASN L 40 -23.18 -68.65 26.23
CA ASN L 40 -22.45 -68.82 24.99
C ASN L 40 -22.01 -67.48 24.44
N ALA L 41 -21.03 -67.52 23.55
CA ALA L 41 -20.57 -66.32 22.88
C ALA L 41 -21.59 -65.87 21.84
N PRO L 42 -21.61 -64.58 21.50
CA PRO L 42 -22.48 -64.12 20.41
C PRO L 42 -22.07 -64.70 19.06
N LYS L 43 -23.06 -64.88 18.19
CA LYS L 43 -22.85 -65.48 16.89
C LYS L 43 -22.57 -64.39 15.86
N TYR L 44 -22.63 -64.72 14.57
CA TYR L 44 -22.21 -63.81 13.51
C TYR L 44 -22.93 -64.20 12.22
N MET L 45 -23.98 -63.45 11.86
CA MET L 45 -24.71 -63.73 10.63
C MET L 45 -25.08 -62.51 9.81
N ILE L 46 -24.94 -61.30 10.33
CA ILE L 46 -25.13 -60.09 9.54
C ILE L 46 -23.96 -59.17 9.87
N TYR L 47 -23.24 -58.73 8.84
CA TYR L 47 -22.13 -57.81 9.07
C TYR L 47 -22.30 -56.49 8.34
N GLU L 48 -22.66 -56.51 7.07
CA GLU L 48 -22.98 -55.28 6.37
C GLU L 48 -24.46 -55.00 6.53
N VAL L 49 -24.98 -54.03 5.76
CA VAL L 49 -26.38 -53.64 5.89
C VAL L 49 -27.30 -54.75 5.39
N THR L 50 -26.85 -55.54 4.43
CA THR L 50 -27.64 -56.65 3.89
C THR L 50 -26.89 -57.96 3.77
N LYS L 51 -25.56 -57.96 3.86
CA LYS L 51 -24.77 -59.13 3.50
C LYS L 51 -24.80 -60.19 4.60
N ARG L 52 -24.40 -61.40 4.22
CA ARG L 52 -24.31 -62.53 5.13
C ARG L 52 -23.01 -63.27 4.91
N PRO L 53 -22.41 -63.81 5.96
CA PRO L 53 -21.19 -64.61 5.80
C PRO L 53 -21.53 -66.03 5.36
N ALA L 54 -20.48 -66.81 5.09
CA ALA L 54 -20.65 -68.20 4.72
C ALA L 54 -21.07 -69.03 5.93
N GLY L 55 -21.85 -70.08 5.67
CA GLY L 55 -22.39 -70.90 6.72
C GLY L 55 -23.69 -70.41 7.31
N ILE L 56 -24.30 -69.39 6.73
CA ILE L 56 -25.57 -68.84 7.19
C ILE L 56 -26.56 -68.90 6.03
N SER L 57 -27.71 -69.51 6.26
CA SER L 57 -28.73 -69.65 5.24
C SER L 57 -29.56 -68.37 5.13
N ASN L 58 -30.65 -68.44 4.37
CA ASN L 58 -31.51 -67.28 4.11
C ASN L 58 -32.61 -67.11 5.15
N ARG L 59 -32.39 -67.61 6.36
CA ARG L 59 -33.35 -67.40 7.45
C ARG L 59 -33.41 -65.93 7.84
N PHE L 60 -32.28 -65.25 7.84
CA PHE L 60 -32.16 -63.88 8.31
C PHE L 60 -31.89 -62.94 7.15
N SER L 61 -32.47 -61.74 7.22
CA SER L 61 -32.25 -60.74 6.18
C SER L 61 -32.31 -59.36 6.79
N GLY L 62 -31.25 -58.57 6.61
CA GLY L 62 -31.20 -57.23 7.12
C GLY L 62 -31.64 -56.20 6.10
N SER L 63 -32.12 -55.07 6.60
CA SER L 63 -32.47 -53.95 5.73
C SER L 63 -32.38 -52.67 6.55
N LYS L 64 -32.26 -51.55 5.85
CA LYS L 64 -32.22 -50.25 6.49
C LYS L 64 -33.21 -49.33 5.80
N SER L 65 -34.09 -48.71 6.58
CA SER L 65 -35.05 -47.73 6.09
C SER L 65 -34.78 -46.43 6.84
N GLY L 66 -34.25 -45.45 6.13
CA GLY L 66 -34.06 -44.11 6.66
C GLY L 66 -33.11 -44.03 7.83
N ASN L 67 -33.67 -43.84 9.02
CA ASN L 67 -32.91 -43.74 10.24
C ASN L 67 -32.95 -45.00 11.09
N THR L 68 -33.54 -46.09 10.59
CA THR L 68 -33.59 -47.32 11.38
C THR L 68 -33.17 -48.50 10.51
N ALA L 69 -32.80 -49.58 11.20
CA ALA L 69 -32.39 -50.82 10.54
C ALA L 69 -33.16 -51.98 11.16
N SER L 70 -33.74 -52.82 10.32
CA SER L 70 -34.57 -53.93 10.77
C SER L 70 -34.06 -55.25 10.21
N LEU L 71 -34.05 -56.25 11.06
CA LEU L 71 -33.71 -57.62 10.67
C LEU L 71 -34.98 -58.46 10.64
N THR L 72 -35.23 -59.11 9.52
CA THR L 72 -36.40 -59.94 9.31
C THR L 72 -35.98 -61.41 9.30
N ILE L 73 -36.60 -62.20 10.15
CA ILE L 73 -36.36 -63.62 10.24
C ILE L 73 -37.50 -64.32 9.52
N SER L 74 -37.21 -64.86 8.34
CA SER L 74 -38.23 -65.49 7.49
C SER L 74 -38.47 -66.91 8.00
N GLY L 75 -39.58 -67.10 8.70
CA GLY L 75 -39.84 -68.35 9.38
C GLY L 75 -39.24 -68.37 10.77
N LEU L 76 -39.63 -69.38 11.54
CA LEU L 76 -39.17 -69.48 12.92
C LEU L 76 -39.00 -70.95 13.29
N GLN L 77 -38.17 -71.17 14.31
CA GLN L 77 -37.96 -72.49 14.87
C GLN L 77 -37.48 -72.32 16.30
N ALA L 78 -37.49 -73.43 17.06
CA ALA L 78 -37.16 -73.39 18.48
C ALA L 78 -35.70 -73.06 18.74
N GLU L 79 -34.82 -73.19 17.74
CA GLU L 79 -33.44 -72.74 17.87
C GLU L 79 -33.33 -71.22 17.91
N ASP L 80 -34.34 -70.50 17.43
CA ASP L 80 -34.26 -69.05 17.28
C ASP L 80 -34.69 -68.30 18.53
N ALA L 81 -34.56 -68.91 19.71
CA ALA L 81 -34.96 -68.27 20.96
C ALA L 81 -33.80 -67.51 21.62
N ALA L 82 -32.70 -67.29 20.91
CA ALA L 82 -31.54 -66.61 21.48
C ALA L 82 -31.82 -65.11 21.58
N ASP L 83 -30.91 -64.40 22.27
CA ASP L 83 -31.03 -62.96 22.43
C ASP L 83 -30.29 -62.25 21.33
N TYR L 84 -30.96 -61.31 20.66
CA TYR L 84 -30.43 -60.68 19.46
C TYR L 84 -29.98 -59.26 19.79
N TYR L 85 -28.78 -58.92 19.33
CA TYR L 85 -28.20 -57.60 19.50
C TYR L 85 -27.88 -57.01 18.14
N CYS L 86 -28.23 -55.73 17.97
CA CYS L 86 -27.81 -54.97 16.80
C CYS L 86 -26.68 -54.03 17.18
N CYS L 87 -25.83 -53.75 16.22
CA CYS L 87 -24.58 -53.03 16.46
C CYS L 87 -24.32 -52.13 15.27
N SER L 88 -23.68 -50.99 15.53
CA SER L 88 -23.48 -50.00 14.48
C SER L 88 -22.25 -49.16 14.78
N TYR L 89 -21.85 -48.39 13.78
CA TYR L 89 -20.69 -47.50 13.88
C TYR L 89 -21.20 -46.09 14.18
N ALA L 90 -20.72 -45.52 15.27
CA ALA L 90 -21.25 -44.26 15.79
C ALA L 90 -20.40 -43.06 15.41
N GLY L 91 -19.41 -43.23 14.55
CA GLY L 91 -18.54 -42.14 14.19
C GLY L 91 -17.40 -41.97 15.19
N SER L 92 -16.36 -41.27 14.73
CA SER L 92 -15.12 -41.01 15.48
C SER L 92 -14.44 -42.31 15.92
N SER L 93 -14.54 -43.33 15.06
CA SER L 93 -14.02 -44.70 15.31
C SER L 93 -14.55 -45.27 16.62
N THR L 94 -15.83 -45.05 16.88
CA THR L 94 -16.50 -45.55 18.07
C THR L 94 -17.71 -46.38 17.65
N VAL L 95 -17.82 -47.57 18.24
CA VAL L 95 -18.82 -48.56 17.86
C VAL L 95 -19.82 -48.70 19.02
N ILE L 96 -21.11 -48.73 18.69
CA ILE L 96 -22.15 -48.83 19.71
C ILE L 96 -23.00 -50.06 19.40
N PHE L 97 -23.80 -50.45 20.40
CA PHE L 97 -24.68 -51.60 20.30
C PHE L 97 -26.13 -51.15 20.50
N GLY L 98 -27.05 -52.12 20.42
CA GLY L 98 -28.46 -51.84 20.54
C GLY L 98 -29.02 -52.03 21.95
N GLY L 99 -28.69 -53.17 22.56
CA GLY L 99 -29.15 -53.44 23.90
C GLY L 99 -29.74 -54.83 24.10
N GLY L 100 -30.49 -55.32 23.11
CA GLY L 100 -31.01 -56.67 23.18
C GLY L 100 -32.48 -56.86 22.86
N THR L 101 -32.82 -58.05 22.38
CA THR L 101 -34.20 -58.43 22.08
C THR L 101 -34.33 -59.93 22.28
N LYS L 102 -35.28 -60.35 23.13
CA LYS L 102 -35.50 -61.76 23.41
C LYS L 102 -36.61 -62.27 22.50
N VAL L 103 -36.31 -63.33 21.75
CA VAL L 103 -37.27 -63.92 20.82
C VAL L 103 -37.93 -65.12 21.48
N THR L 104 -39.26 -65.11 21.53
CA THR L 104 -40.04 -66.19 22.13
C THR L 104 -40.73 -66.95 21.00
N VAL L 105 -40.16 -68.10 20.65
CA VAL L 105 -40.75 -68.97 19.63
C VAL L 105 -41.71 -69.92 20.31
N LEU L 106 -42.96 -69.93 19.83
CA LEU L 106 -44.02 -70.71 20.47
C LEU L 106 -43.89 -72.20 20.18
C1 NAG M . 41.50 2.96 -5.27
C2 NAG M . 40.73 3.41 -6.51
C3 NAG M . 41.58 3.26 -7.79
C4 NAG M . 42.96 3.89 -7.62
C5 NAG M . 43.63 3.28 -6.39
C6 NAG M . 45.00 3.83 -6.11
C7 NAG M . 38.40 3.12 -7.22
C8 NAG M . 37.23 2.18 -7.26
N2 NAG M . 39.50 2.64 -6.65
O3 NAG M . 40.90 3.87 -8.88
O4 NAG M . 43.76 3.66 -8.78
O5 NAG M . 42.81 3.57 -5.25
O6 NAG M . 45.06 5.23 -6.34
O7 NAG M . 38.35 4.24 -7.70
C1 NAG M . 43.98 4.89 -9.50
C2 NAG M . 45.24 4.71 -10.37
C3 NAG M . 45.51 5.98 -11.17
C4 NAG M . 44.27 6.38 -11.98
C5 NAG M . 43.05 6.48 -11.08
C6 NAG M . 41.76 6.71 -11.83
C7 NAG M . 47.03 3.20 -9.65
C8 NAG M . 48.20 3.00 -8.74
N2 NAG M . 46.39 4.37 -9.54
O3 NAG M . 46.61 5.76 -12.03
O4 NAG M . 44.51 7.63 -12.61
O5 NAG M . 42.87 5.25 -10.33
O6 NAG M . 41.40 8.09 -11.85
O7 NAG M . 46.69 2.34 -10.46
C1 BMA M . 44.62 7.50 -14.04
C2 BMA M . 43.85 8.68 -14.67
C3 BMA M . 44.09 8.76 -16.19
C4 BMA M . 45.59 8.68 -16.53
C5 BMA M . 46.19 7.41 -15.91
C6 BMA M . 47.67 7.26 -16.19
O2 BMA M . 44.29 9.91 -14.12
O3 BMA M . 43.53 9.94 -16.74
O4 BMA M . 45.78 8.66 -17.94
O5 BMA M . 45.99 7.47 -14.46
O6 BMA M . 48.01 5.89 -16.06
C1 MAN M . 49.46 5.79 -16.02
C2 MAN M . 49.85 4.33 -16.43
C3 MAN M . 49.51 3.35 -15.29
C4 MAN M . 50.06 3.83 -13.93
C5 MAN M . 49.54 5.25 -13.64
C6 MAN M . 50.10 5.83 -12.35
O2 MAN M . 51.25 4.21 -16.64
O3 MAN M . 49.99 2.04 -15.57
O4 MAN M . 49.64 2.96 -12.90
O5 MAN M . 49.95 6.13 -14.72
O6 MAN M . 49.88 4.89 -11.31
C1 NAG N . 41.40 -3.81 0.10
C2 NAG N . 42.64 -4.34 -0.60
C3 NAG N . 42.31 -5.59 -1.42
C4 NAG N . 41.59 -6.62 -0.56
C5 NAG N . 40.40 -5.98 0.15
C6 NAG N . 39.73 -6.91 1.14
C7 NAG N . 44.55 -3.13 -1.57
C8 NAG N . 44.99 -2.04 -2.49
N2 NAG N . 43.23 -3.32 -1.45
O3 NAG N . 43.51 -6.13 -1.94
O4 NAG N . 41.10 -7.67 -1.40
O5 NAG N . 40.83 -4.84 0.91
O6 NAG N . 40.65 -7.80 1.72
O7 NAG N . 45.36 -3.82 -0.95
C1 NAG N . 41.86 -8.89 -1.19
C2 NAG N . 40.94 -10.07 -1.46
C3 NAG N . 41.72 -11.38 -1.29
C4 NAG N . 42.97 -11.38 -2.17
C5 NAG N . 43.80 -10.13 -1.90
C6 NAG N . 44.98 -9.98 -2.85
C7 NAG N . 38.58 -9.66 -0.98
C8 NAG N . 37.50 -9.70 0.05
N2 NAG N . 39.79 -10.05 -0.58
O3 NAG N . 40.88 -12.47 -1.61
O4 NAG N . 43.75 -12.53 -1.89
O5 NAG N . 43.00 -8.95 -2.06
O6 NAG N . 44.86 -8.79 -3.62
O7 NAG N . 38.37 -9.28 -2.13
C1 BMA N . 43.69 -13.45 -3.01
C2 BMA N . 44.95 -14.36 -2.97
C3 BMA N . 44.86 -15.42 -4.05
C4 BMA N . 43.50 -16.17 -4.04
C5 BMA N . 42.34 -15.15 -4.08
C6 BMA N . 40.98 -15.79 -3.96
O2 BMA N . 45.04 -15.04 -1.73
O3 BMA N . 45.92 -16.36 -3.97
O4 BMA N . 43.40 -17.04 -5.16
O5 BMA N . 42.49 -14.24 -2.97
O6 BMA N . 40.77 -16.17 -2.61
C1 NAG O . 35.53 -4.33 17.77
C2 NAG O . 36.92 -4.95 17.63
C3 NAG O . 36.80 -6.44 17.31
C4 NAG O . 35.91 -7.14 18.33
C5 NAG O . 34.59 -6.39 18.51
C6 NAG O . 33.76 -6.91 19.66
C7 NAG O . 37.55 -4.08 15.35
C8 NAG O . 38.61 -3.32 14.61
N2 NAG O . 37.77 -4.25 16.66
O3 NAG O . 38.10 -7.03 17.30
O4 NAG O . 35.63 -8.45 17.86
O5 NAG O . 34.81 -5.00 18.78
O6 NAG O . 33.60 -5.91 20.66
O7 NAG O . 36.56 -4.52 14.78
C1 NAG O . 36.22 -9.45 18.71
C2 NAG O . 35.81 -10.82 18.14
C3 NAG O . 36.44 -11.96 18.96
C4 NAG O . 37.94 -11.76 19.07
C5 NAG O . 38.26 -10.37 19.60
C6 NAG O . 39.75 -10.05 19.62
C7 NAG O . 33.45 -10.93 19.02
C8 NAG O . 32.02 -11.11 18.60
N2 NAG O . 34.36 -10.97 18.04
O3 NAG O . 36.14 -13.19 18.32
O4 NAG O . 38.49 -12.74 19.95
O5 NAG O . 37.65 -9.37 18.76
O6 NAG O . 40.37 -10.45 18.42
O7 NAG O . 33.75 -10.77 20.21
C1 BMA O . 39.31 -13.69 19.22
C2 BMA O . 40.16 -14.46 20.24
C3 BMA O . 40.93 -15.60 19.56
C4 BMA O . 40.06 -16.43 18.59
C5 BMA O . 39.25 -15.52 17.65
C6 BMA O . 38.25 -16.29 16.83
O2 BMA O . 39.34 -15.07 21.23
O3 BMA O . 41.51 -16.47 20.53
O4 BMA O . 40.89 -17.30 17.81
O5 BMA O . 38.51 -14.58 18.45
O6 BMA O . 36.98 -16.15 17.48
C1 MAN O . 42.91 -16.18 20.67
C2 MAN O . 43.60 -17.51 21.08
C3 MAN O . 43.16 -17.90 22.49
C4 MAN O . 43.36 -16.73 23.50
C5 MAN O . 42.64 -15.47 22.97
C6 MAN O . 42.88 -14.25 23.84
O2 MAN O . 45.02 -17.36 21.14
O3 MAN O . 43.83 -19.06 22.96
O4 MAN O . 42.84 -17.08 24.77
O5 MAN O . 43.12 -15.17 21.64
O6 MAN O . 41.99 -13.22 23.41
C1 MAN O . 36.48 -17.45 17.84
C2 MAN O . 34.93 -17.35 17.92
C3 MAN O . 34.51 -16.58 19.17
C4 MAN O . 35.16 -17.17 20.43
C5 MAN O . 36.70 -17.17 20.28
C6 MAN O . 37.39 -17.85 21.44
O2 MAN O . 34.33 -18.64 18.05
O3 MAN O . 33.10 -16.54 19.31
O4 MAN O . 34.81 -16.40 21.57
O5 MAN O . 37.06 -17.90 19.07
O6 MAN O . 38.73 -17.38 21.50
C1 NAG P . 16.79 13.69 19.40
C2 NAG P . 16.36 15.14 19.59
C3 NAG P . 17.44 16.08 19.10
C4 NAG P . 18.79 15.77 19.77
C5 NAG P . 19.12 14.28 19.61
C6 NAG P . 20.35 13.87 20.39
C7 NAG P . 13.92 15.39 19.51
C8 NAG P . 12.73 15.67 18.65
N2 NAG P . 15.11 15.39 18.89
O3 NAG P . 17.05 17.42 19.38
O4 NAG P . 19.82 16.53 19.16
O5 NAG P . 18.04 13.47 20.08
O6 NAG P . 20.15 14.04 21.78
O7 NAG P . 13.82 15.17 20.71
C1 NAG P . 20.25 17.58 20.06
C2 NAG P . 21.75 17.85 19.86
C3 NAG P . 22.20 19.00 20.75
C4 NAG P . 21.35 20.23 20.54
C5 NAG P . 19.86 19.87 20.69
C6 NAG P . 18.94 21.02 20.33
C7 NAG P . 23.56 16.28 19.34
C8 NAG P . 24.26 15.02 19.75
N2 NAG P . 22.53 16.65 20.11
O3 NAG P . 23.57 19.29 20.49
O4 NAG P . 21.67 21.21 21.51
O5 NAG P . 19.51 18.79 19.82
O6 NAG P . 19.20 21.50 19.02
O7 NAG P . 23.90 16.91 18.35
C1 BMA P . 22.34 22.35 20.90
C2 BMA P . 22.17 23.57 21.83
C3 BMA P . 23.01 24.75 21.33
C4 BMA P . 24.47 24.34 20.99
C5 BMA P . 24.45 23.14 20.03
C6 BMA P . 25.84 22.64 19.67
O2 BMA P . 22.62 23.27 23.14
O3 BMA P . 23.03 25.82 22.27
O4 BMA P . 25.15 25.41 20.39
O5 BMA P . 23.72 22.06 20.66
O6 BMA P . 25.72 21.75 18.57
C1 NAG Q . 42.30 32.71 3.70
C2 NAG Q . 42.61 31.82 4.89
C3 NAG Q . 43.71 32.43 5.75
C4 NAG Q . 44.94 32.74 4.92
C5 NAG Q . 44.55 33.58 3.70
C6 NAG Q . 45.70 33.80 2.74
C7 NAG Q . 41.15 30.41 6.28
C8 NAG Q . 39.87 30.35 7.07
N2 NAG Q . 41.41 31.57 5.69
O3 NAG Q . 44.04 31.54 6.80
O4 NAG Q . 45.88 33.46 5.71
O5 NAG Q . 43.51 32.94 2.95
O6 NAG Q . 45.50 33.09 1.53
O7 NAG Q . 41.90 29.46 6.19
C1 NAG Q . 47.07 32.68 5.97
C2 NAG Q . 47.95 33.47 6.93
C3 NAG Q . 49.21 32.67 7.26
C4 NAG Q . 48.85 31.30 7.80
C5 NAG Q . 47.92 30.57 6.83
C6 NAG Q . 47.41 29.26 7.37
C7 NAG Q . 47.67 35.90 6.72
C8 NAG Q . 48.15 37.15 6.05
N2 NAG Q . 48.29 34.77 6.38
O3 NAG Q . 49.98 33.39 8.23
O4 NAG Q . 50.03 30.53 7.99
O5 NAG Q . 46.76 31.38 6.55
O6 NAG Q . 46.41 29.47 8.36
O7 NAG Q . 46.77 35.91 7.54
C1 NAG R . 18.16 31.82 -32.13
C2 NAG R . 19.45 32.15 -32.89
C3 NAG R . 19.78 31.04 -33.88
C4 NAG R . 19.80 29.68 -33.21
C5 NAG R . 18.50 29.45 -32.44
C6 NAG R . 18.49 28.18 -31.63
C7 NAG R . 19.63 34.60 -33.00
C8 NAG R . 19.46 35.82 -33.86
N2 NAG R . 19.33 33.43 -33.57
O3 NAG R . 21.05 31.31 -34.49
O4 NAG R . 19.93 28.66 -34.20
O5 NAG R . 18.28 30.53 -31.52
O6 NAG R . 19.75 27.97 -31.01
O7 NAG R . 20.03 34.68 -31.84
C1 NAG R . 21.18 27.96 -34.09
C2 NAG R . 20.98 26.54 -34.63
C3 NAG R . 22.29 25.75 -34.58
C4 NAG R . 23.41 26.52 -35.27
C5 NAG R . 23.53 27.93 -34.68
C6 NAG R . 24.54 28.79 -35.38
C7 NAG R . 19.08 25.00 -34.46
C8 NAG R . 18.08 24.37 -33.55
N2 NAG R . 19.94 25.84 -33.89
O3 NAG R . 22.12 24.49 -35.21
O4 NAG R . 24.64 25.84 -35.11
O5 NAG R . 22.26 28.60 -34.80
O6 NAG R . 25.61 29.12 -34.51
O7 NAG R . 19.12 24.74 -35.66
C1 NAG S . 44.97 15.59 -3.28
C2 NAG S . 45.68 14.32 -3.76
C3 NAG S . 46.82 13.93 -2.81
C4 NAG S . 47.75 15.11 -2.55
C5 NAG S . 46.94 16.32 -2.09
C6 NAG S . 47.77 17.56 -1.92
C7 NAG S . 44.15 12.91 -5.05
C8 NAG S . 43.20 11.75 -5.01
N2 NAG S . 44.74 13.22 -3.90
O3 NAG S . 47.53 12.85 -3.37
O4 NAG S . 48.69 14.76 -1.55
O5 NAG S . 45.94 16.62 -3.07
O6 NAG S . 48.19 18.08 -3.16
O7 NAG S . 44.35 13.54 -6.08
C1 NAG S . 50.02 14.69 -2.12
C2 NAG S . 51.02 14.49 -0.98
C3 NAG S . 52.44 14.41 -1.52
C4 NAG S . 52.54 13.31 -2.57
C5 NAG S . 51.45 13.47 -3.64
C6 NAG S . 51.38 12.32 -4.60
C7 NAG S . 51.09 16.81 0.00
C8 NAG S . 50.90 17.58 1.26
N2 NAG S . 50.89 15.48 0.09
O3 NAG S . 53.30 14.19 -0.41
O4 NAG S . 53.78 13.36 -3.26
O5 NAG S . 50.15 13.60 -3.04
O6 NAG S . 52.64 12.05 -5.20
O7 NAG S . 51.38 17.37 -1.06
C1 BMA S . 54.83 12.56 -2.67
C2 BMA S . 55.65 11.85 -3.76
C3 BMA S . 56.99 11.31 -3.19
C4 BMA S . 57.70 12.34 -2.27
C5 BMA S . 56.71 12.83 -1.21
C6 BMA S . 57.28 13.86 -0.26
O2 BMA S . 55.99 12.77 -4.78
O3 BMA S . 57.84 10.93 -4.26
O4 BMA S . 58.82 11.79 -1.61
O5 BMA S . 55.62 13.44 -1.90
O6 BMA S . 58.41 14.47 -0.85
C1 MAN S . 58.39 9.63 -3.99
C2 MAN S . 59.62 9.46 -4.94
C3 MAN S . 59.18 9.07 -6.35
C4 MAN S . 58.29 7.83 -6.28
C5 MAN S . 57.03 8.20 -5.50
C6 MAN S . 56.06 7.05 -5.38
O2 MAN S . 60.43 8.39 -4.52
O3 MAN S . 60.29 8.81 -7.19
O4 MAN S . 57.94 7.42 -7.59
O5 MAN S . 57.40 8.58 -4.15
O6 MAN S . 56.31 6.13 -6.44
C1 MAN S . 61.52 8.91 -3.73
C2 MAN S . 62.75 8.07 -4.08
C3 MAN S . 62.54 6.64 -3.57
C4 MAN S . 62.19 6.65 -2.07
C5 MAN S . 60.94 7.50 -1.85
C6 MAN S . 60.57 7.64 -0.41
O2 MAN S . 63.93 8.51 -3.40
O3 MAN S . 63.67 5.83 -3.82
O4 MAN S . 61.95 5.34 -1.62
O5 MAN S . 61.20 8.84 -2.35
O6 MAN S . 61.18 8.83 0.08
C1 MAN S . 64.31 9.85 -3.77
C2 MAN S . 64.85 9.86 -5.22
C3 MAN S . 66.17 9.07 -5.30
C4 MAN S . 67.17 9.44 -4.17
C5 MAN S . 66.47 9.44 -2.80
C6 MAN S . 67.34 9.97 -1.70
O2 MAN S . 65.16 11.18 -5.65
O3 MAN S . 66.79 9.25 -6.57
O4 MAN S . 68.20 8.47 -4.15
O5 MAN S . 65.30 10.30 -2.88
O6 MAN S . 68.61 9.31 -1.78
C1 MAN S . 58.14 15.86 -1.16
C2 MAN S . 59.30 16.37 -2.04
C3 MAN S . 60.56 16.51 -1.19
C4 MAN S . 60.31 17.41 0.02
C5 MAN S . 59.16 16.83 0.86
C6 MAN S . 58.76 17.72 2.01
O2 MAN S . 59.04 17.67 -2.55
O3 MAN S . 61.65 17.01 -1.97
O4 MAN S . 61.48 17.48 0.81
O5 MAN S . 57.99 16.66 0.02
O6 MAN S . 59.94 18.19 2.65
C1 NAG T . 23.27 -8.54 25.90
C2 NAG T . 23.26 -7.43 26.96
C3 NAG T . 24.20 -7.75 28.12
C4 NAG T . 23.93 -9.16 28.66
C5 NAG T . 23.92 -10.18 27.52
C6 NAG T . 23.56 -11.57 27.97
C7 NAG T . 24.64 -5.70 25.79
C8 NAG T . 24.62 -4.27 25.31
N2 NAG T . 23.52 -6.11 26.40
O3 NAG T . 24.02 -6.78 29.15
O4 NAG T . 24.96 -9.52 29.58
O5 NAG T . 22.98 -9.79 26.52
O6 NAG T . 24.15 -12.55 27.13
O7 NAG T . 25.62 -6.41 25.62
C1 NAG T . 24.50 -9.50 30.94
C2 NAG T . 25.57 -10.17 31.83
C3 NAG T . 25.19 -10.08 33.31
C4 NAG T . 24.85 -8.64 33.71
C5 NAG T . 23.78 -8.09 32.76
C6 NAG T . 23.44 -6.64 33.02
C7 NAG T . 25.04 -12.59 31.43
C8 NAG T . 25.63 -13.88 30.97
N2 NAG T . 25.87 -11.54 31.43
O3 NAG T . 26.27 -10.56 34.09
O4 NAG T . 24.36 -8.60 35.04
O5 NAG T . 24.24 -8.17 31.41
O6 NAG T . 22.52 -6.14 32.06
O7 NAG T . 23.85 -12.51 31.77
C1 BMA T . 25.35 -8.00 35.90
C2 BMA T . 24.67 -6.89 36.74
C3 BMA T . 25.69 -6.29 37.72
C4 BMA T . 26.40 -7.38 38.55
C5 BMA T . 26.99 -8.47 37.62
C6 BMA T . 27.60 -9.64 38.36
O2 BMA T . 23.61 -7.41 37.51
O3 BMA T . 25.09 -5.32 38.58
O4 BMA T . 27.45 -6.80 39.32
O5 BMA T . 25.93 -8.97 36.78
O6 BMA T . 28.12 -10.55 37.41
C1 NAG U . 30.19 13.21 -12.51
C2 NAG U . 29.66 12.38 -11.35
C3 NAG U . 30.60 11.21 -11.08
C4 NAG U . 30.85 10.41 -12.35
C5 NAG U . 31.26 11.32 -13.51
C6 NAG U . 31.30 10.62 -14.84
C7 NAG U . 28.50 13.02 -9.28
C8 NAG U . 28.48 13.95 -8.10
N2 NAG U . 29.49 13.20 -10.16
O3 NAG U . 30.02 10.38 -10.08
O4 NAG U . 31.91 9.49 -12.11
O5 NAG U . 30.32 12.40 -13.65
O6 NAG U . 29.99 10.34 -15.31
O7 NAG U . 27.68 12.12 -9.41
C1 NAG U . 31.36 8.15 -12.16
C2 NAG U . 32.45 7.19 -12.63
C3 NAG U . 31.89 5.77 -12.68
C4 NAG U . 31.27 5.38 -11.34
C5 NAG U . 30.27 6.44 -10.87
C6 NAG U . 29.76 6.21 -9.47
C7 NAG U . 34.02 8.39 -14.08
C8 NAG U . 34.43 8.68 -15.49
N2 NAG U . 32.97 7.58 -13.93
O3 NAG U . 32.95 4.87 -13.00
O4 NAG U . 30.55 4.16 -11.51
O5 NAG U . 30.90 7.74 -10.86
O6 NAG U . 29.07 7.34 -8.97
O7 NAG U . 34.62 8.86 -13.12
C1 BMA U . 31.21 3.07 -10.82
C2 BMA U . 30.28 1.85 -10.92
C3 BMA U . 30.96 0.62 -10.30
C4 BMA U . 32.42 0.43 -10.80
C5 BMA U . 33.21 1.76 -10.73
C6 BMA U . 34.56 1.66 -11.40
O2 BMA U . 30.04 1.51 -12.27
O3 BMA U . 30.23 -0.58 -10.53
O4 BMA U . 33.07 -0.55 -10.03
O5 BMA U . 32.47 2.78 -11.40
O6 BMA U . 34.43 0.85 -12.56
C1 MAN U . 28.98 -0.57 -9.81
C2 MAN U . 28.91 -1.86 -8.99
C3 MAN U . 28.82 -3.06 -9.93
C4 MAN U . 27.68 -2.89 -10.96
C5 MAN U . 27.81 -1.54 -11.68
C6 MAN U . 26.63 -1.23 -12.57
O2 MAN U . 27.72 -1.91 -8.21
O3 MAN U . 28.67 -4.27 -9.21
O4 MAN U . 27.73 -3.94 -11.92
O5 MAN U . 27.89 -0.48 -10.69
O6 MAN U . 25.47 -1.12 -11.76
C1 MAN U . 34.58 1.66 -13.74
C2 MAN U . 33.89 0.91 -14.92
C3 MAN U . 34.70 -0.32 -15.31
C4 MAN U . 36.19 0.01 -15.55
C5 MAN U . 36.76 0.74 -14.31
C6 MAN U . 38.18 1.22 -14.53
O2 MAN U . 33.84 1.72 -16.09
O3 MAN U . 34.15 -0.97 -16.46
O4 MAN U . 36.92 -1.19 -15.78
O5 MAN U . 35.94 1.90 -14.02
O6 MAN U . 38.14 2.29 -15.46
C1 NAG V . 33.62 18.02 -17.57
C2 NAG V . 32.70 17.15 -18.45
C3 NAG V . 33.50 16.42 -19.53
C4 NAG V . 34.39 17.39 -20.31
C5 NAG V . 35.25 18.20 -19.34
C6 NAG V . 36.09 19.24 -20.02
C7 NAG V . 32.29 15.23 -16.87
C8 NAG V . 31.21 14.45 -16.20
N2 NAG V . 31.87 16.23 -17.67
O3 NAG V . 32.59 15.77 -20.42
O4 NAG V . 35.22 16.65 -21.19
O5 NAG V . 34.41 18.88 -18.39
O6 NAG V . 36.18 20.42 -19.22
O7 NAG V . 33.48 14.96 -16.70
C1 NAG V . 34.88 16.89 -22.58
C2 NAG V . 35.94 16.22 -23.46
C3 NAG V . 35.60 16.39 -24.94
C4 NAG V . 34.16 15.96 -25.24
C5 NAG V . 33.19 16.66 -24.29
C6 NAG V . 31.76 16.19 -24.44
C7 NAG V . 37.79 17.90 -23.27
C8 NAG V . 39.23 18.05 -22.89
N2 NAG V . 37.30 16.66 -23.16
O3 NAG V . 36.52 15.63 -25.72
O4 NAG V . 33.83 16.30 -26.58
O5 NAG V . 33.56 16.41 -22.93
O6 NAG V . 31.63 14.82 -24.10
O7 NAG V . 37.13 18.86 -23.66
C1 NAG V . 33.72 15.12 -27.42
C2 NAG V . 33.07 15.51 -28.75
C3 NAG V . 33.01 14.29 -29.67
C4 NAG V . 34.38 13.66 -29.84
C5 NAG V . 34.99 13.34 -28.48
C6 NAG V . 36.41 12.83 -28.57
C7 NAG V . 31.28 17.11 -29.26
C8 NAG V . 29.89 17.57 -28.93
N2 NAG V . 31.75 16.08 -28.55
O3 NAG V . 32.48 14.67 -30.94
O4 NAG V . 34.28 12.46 -30.61
O5 NAG V . 35.02 14.52 -27.66
O6 NAG V . 37.24 13.75 -29.27
O7 NAG V . 31.95 17.64 -30.15
C1 NAG W . 14.01 43.97 -3.51
C2 NAG W . 12.50 44.18 -3.42
C3 NAG W . 12.18 45.58 -2.90
C4 NAG W . 12.94 45.88 -1.61
C5 NAG W . 14.43 45.58 -1.78
C6 NAG W . 15.21 45.67 -0.49
C7 NAG W . 11.47 42.77 -5.16
C8 NAG W . 10.83 42.75 -6.52
N2 NAG W . 11.86 43.98 -4.72
O3 NAG W . 10.78 45.70 -2.67
O4 NAG W . 12.78 47.26 -1.30
O5 NAG W . 14.60 44.23 -2.25
O6 NAG W . 16.02 44.52 -0.29
O7 NAG W . 11.62 41.75 -4.50
C1 NAG W . 12.06 47.46 -0.07
C2 NAG W . 12.53 48.77 0.55
C3 NAG W . 11.76 49.04 1.84
C4 NAG W . 10.26 49.01 1.58
C5 NAG W . 9.86 47.70 0.92
C6 NAG W . 8.41 47.64 0.51
C7 NAG W . 14.86 49.25 -0.06
C8 NAG W . 16.30 49.15 0.35
N2 NAG W . 13.96 48.75 0.80
O3 NAG W . 12.16 50.30 2.36
O4 NAG W . 9.56 49.16 2.83
O5 NAG W . 10.63 47.50 -0.28
O6 NAG W . 8.27 47.52 -0.90
O7 NAG W . 14.52 49.76 -1.13
C1 BMA W . 8.87 50.43 2.90
C2 BMA W . 8.24 50.55 4.31
C3 BMA W . 7.64 51.95 4.52
C4 BMA W . 8.61 53.08 4.09
C5 BMA W . 9.12 52.83 2.66
C6 BMA W . 10.15 53.85 2.21
O2 BMA W . 9.22 50.36 5.32
O3 BMA W . 7.24 52.15 5.87
O4 BMA W . 7.96 54.34 4.15
O5 BMA W . 9.75 51.53 2.63
O6 BMA W . 10.53 53.55 0.88
C1 NAG X . 35.87 23.77 8.46
C2 NAG X . 35.33 23.55 9.89
C3 NAG X . 35.64 24.76 10.77
C4 NAG X . 37.13 25.12 10.72
C5 NAG X . 37.60 25.23 9.26
C6 NAG X . 39.09 25.41 9.14
C7 NAG X . 32.88 24.00 9.48
C8 NAG X . 31.52 23.40 9.63
N2 NAG X . 33.89 23.23 9.91
O3 NAG X . 35.26 24.47 12.12
O4 NAG X . 37.32 26.37 11.37
O5 NAG X . 37.28 24.04 8.54
O6 NAG X . 39.75 24.17 8.91
O7 NAG X . 33.03 25.12 8.99
C1 NAG X . 38.11 26.24 12.57
C2 NAG X . 38.25 27.65 13.20
C3 NAG X . 39.04 27.58 14.52
C4 NAG X . 38.46 26.53 15.45
C5 NAG X . 38.34 25.19 14.73
C6 NAG X . 37.67 24.11 15.56
C7 NAG X . 40.02 28.63 11.71
C8 NAG X . 40.31 29.79 10.80
N2 NAG X . 38.80 28.64 12.28
O3 NAG X . 39.01 28.86 15.14
O4 NAG X . 39.32 26.38 16.58
O5 NAG X . 37.54 25.33 13.53
O6 NAG X . 38.56 23.04 15.82
O7 NAG X . 40.85 27.74 11.91
C1 BMA X . 38.69 26.84 17.81
C2 BMA X . 39.83 27.35 18.75
C3 BMA X . 39.23 27.89 20.05
C4 BMA X . 38.08 28.90 19.79
C5 BMA X . 37.05 28.29 18.82
C6 BMA X . 35.93 29.26 18.46
O2 BMA X . 40.55 28.41 18.16
O3 BMA X . 40.22 28.48 20.87
O4 BMA X . 37.45 29.24 21.01
O5 BMA X . 37.72 27.88 17.61
O6 BMA X . 36.50 30.37 17.78
C1 NAG Y . 33.93 36.04 7.90
C2 NAG Y . 34.96 37.15 8.13
C3 NAG Y . 35.34 37.22 9.61
C4 NAG Y . 34.10 37.32 10.50
C5 NAG Y . 33.15 36.17 10.17
C6 NAG Y . 31.84 36.24 10.92
C7 NAG Y . 36.92 37.93 6.88
C8 NAG Y . 38.10 37.52 6.05
N2 NAG Y . 36.14 36.95 7.31
O3 NAG Y . 36.17 38.36 9.84
O4 NAG Y . 34.49 37.23 11.87
O5 NAG Y . 32.81 36.21 8.78
O6 NAG Y . 32.01 35.98 12.32
O7 NAG Y . 36.71 39.10 7.18
C1 NAG Y . 34.24 38.49 12.55
C2 NAG Y . 34.40 38.28 14.05
C3 NAG Y . 34.18 39.60 14.78
C4 NAG Y . 35.08 40.69 14.24
C5 NAG Y . 34.91 40.80 12.72
C6 NAG Y . 35.89 41.78 12.09
C7 NAG Y . 33.91 36.05 14.95
C8 NAG Y . 32.85 35.11 15.43
N2 NAG Y . 33.50 37.25 14.55
O3 NAG Y . 34.42 39.42 16.18
O4 NAG Y . 34.77 41.94 14.84
O5 NAG Y . 35.14 39.53 12.11
O6 NAG Y . 36.11 42.90 12.93
O7 NAG Y . 35.10 35.73 14.91
C1 NAG Z . -15.90 26.77 28.55
C2 NAG Z . -16.34 27.03 27.08
C3 NAG Z . -16.74 28.49 26.87
C4 NAG Z . -17.71 28.97 27.93
C5 NAG Z . -17.10 28.73 29.31
C6 NAG Z . -17.98 29.15 30.46
C7 NAG Z . -15.48 26.24 24.92
C8 NAG Z . -14.25 25.93 24.13
N2 NAG Z . -15.27 26.65 26.18
O3 NAG Z . -17.33 28.63 25.58
O4 NAG Z . -17.97 30.36 27.77
O5 NAG Z . -16.88 27.31 29.45
O6 NAG Z . -19.35 28.83 30.21
O7 NAG Z . -16.60 26.14 24.45
C1 NAG Z . -19.34 30.58 27.35
C2 NAG Z . -19.74 31.99 27.79
C3 NAG Z . -21.17 32.30 27.36
C4 NAG Z . -21.34 32.08 25.86
C5 NAG Z . -20.86 30.68 25.47
C6 NAG Z . -20.86 30.45 23.98
C7 NAG Z . -18.63 32.88 29.79
C8 NAG Z . -18.62 32.92 31.29
N2 NAG Z . -19.59 32.15 29.23
O3 NAG Z . -21.49 33.63 27.71
O4 NAG Z . -22.71 32.23 25.51
O5 NAG Z . -19.52 30.46 25.92
O6 NAG Z . -21.93 29.61 23.57
O7 NAG Z . -17.79 33.48 29.12
C1 BMA Z . -22.93 33.42 24.74
C2 BMA Z . -24.00 33.08 23.66
C3 BMA Z . -24.48 34.34 22.94
C4 BMA Z . -24.86 35.47 23.93
C5 BMA Z . -23.67 35.75 24.85
C6 BMA Z . -23.97 36.83 25.87
O2 BMA Z . -25.14 32.50 24.26
O3 BMA Z . -25.58 34.07 22.07
O4 BMA Z . -25.21 36.65 23.22
O5 BMA Z . -23.35 34.52 25.56
O6 BMA Z . -22.74 37.39 26.31
C1 MAN Z . -23.01 38.22 27.47
C2 MAN Z . -21.84 39.25 27.60
C3 MAN Z . -20.56 38.55 28.11
C4 MAN Z . -20.84 37.69 29.36
C5 MAN Z . -21.96 36.69 29.05
C6 MAN Z . -22.34 35.83 30.25
O2 MAN Z . -22.14 40.25 28.56
O3 MAN Z . -19.53 39.50 28.38
O4 MAN Z . -19.66 36.99 29.73
O5 MAN Z . -23.14 37.41 28.64
O6 MAN Z . -21.14 35.28 30.79
C1 NAG AA . -8.20 24.92 32.33
C2 NAG AA . -8.19 26.37 32.82
C3 NAG AA . -7.09 27.16 32.12
C4 NAG AA . -5.74 26.46 32.25
C5 NAG AA . -5.86 25.01 31.80
C6 NAG AA . -4.61 24.21 32.02
C7 NAG AA . -10.26 27.47 33.56
C8 NAG AA . -11.56 28.08 33.13
N2 NAG AA . -9.49 26.98 32.58
O3 NAG AA . -7.03 28.46 32.70
O4 NAG AA . -4.79 27.11 31.43
O5 NAG AA . -6.90 24.35 32.53
O6 NAG AA . -3.94 24.62 33.21
O7 NAG AA . -9.92 27.42 34.73
C1 NAG AA . -3.82 27.84 32.23
C2 NAG AA . -2.50 27.84 31.48
C3 NAG AA . -1.46 28.62 32.27
C4 NAG AA . -1.96 30.03 32.58
C5 NAG AA . -3.32 29.96 33.26
C6 NAG AA . -3.97 31.32 33.44
C7 NAG AA . -2.06 25.92 30.01
C8 NAG AA . -1.55 24.53 29.91
N2 NAG AA . -2.03 26.49 31.22
O3 NAG AA . -0.25 28.68 31.52
O4 NAG AA . -1.05 30.69 33.44
O5 NAG AA . -4.24 29.18 32.47
O6 NAG AA . -5.29 31.33 32.93
O7 NAG AA . -2.50 26.52 29.03
C1 BMA AA . -0.37 31.75 32.72
C2 BMA AA . 0.08 32.82 33.74
C3 BMA AA . 0.91 33.90 33.04
C4 BMA AA . 2.03 33.30 32.16
C5 BMA AA . 1.42 32.25 31.20
C6 BMA AA . 2.47 31.55 30.35
O2 BMA AA . 0.91 32.25 34.74
O3 BMA AA . 1.47 34.81 33.98
O4 BMA AA . 2.67 34.32 31.42
O5 BMA AA . 0.74 31.26 31.98
O6 BMA AA . 3.12 30.57 31.15
C1 NAG BA . -2.24 8.55 39.00
C2 NAG BA . -2.09 9.65 40.04
C3 NAG BA . -0.74 10.35 39.88
C4 NAG BA . 0.39 9.33 39.90
C5 NAG BA . 0.12 8.18 38.91
C6 NAG BA . 1.10 7.04 39.04
C7 NAG BA . -3.58 11.40 39.03
C8 NAG BA . -4.76 12.28 39.32
N2 NAG BA . -3.20 10.60 40.04
O3 NAG BA . -0.56 11.29 40.93
O4 NAG BA . 1.60 9.98 39.51
O5 NAG BA . -1.18 7.62 39.13
O6 NAG BA . 0.43 5.84 39.42
O7 NAG BA . -3.02 11.43 37.94
C1 NAG BA . 2.55 10.02 40.58
C2 NAG BA . 3.82 10.69 40.03
C3 NAG BA . 4.87 10.83 41.14
C4 NAG BA . 4.29 11.53 42.35
C5 NAG BA . 3.00 10.82 42.80
C6 NAG BA . 2.30 11.54 43.94
C7 NAG BA . 4.79 8.73 38.78
C8 NAG BA . 5.27 8.31 37.42
N2 NAG BA . 4.36 10.00 38.86
O3 NAG BA . 5.98 11.57 40.63
O4 NAG BA . 5.24 11.52 43.42
O5 NAG BA . 2.07 10.76 41.72
O6 NAG BA . 2.16 12.93 43.67
O7 NAG BA . 4.80 7.96 39.73
C1 BMA BA . 5.73 12.86 43.68
C2 BMA BA . 6.42 12.85 45.06
C3 BMA BA . 7.12 14.19 45.33
C4 BMA BA . 7.94 14.71 44.13
C5 BMA BA . 7.12 14.63 42.82
C6 BMA BA . 7.95 14.94 41.60
O2 BMA BA . 7.42 11.85 45.12
O3 BMA BA . 7.97 14.09 46.47
O4 BMA BA . 8.34 16.04 44.35
O5 BMA BA . 6.63 13.28 42.67
O6 BMA BA . 8.32 13.69 41.02
C1 MAN BA . 7.34 14.66 47.62
C2 MAN BA . 8.47 15.20 48.52
C3 MAN BA . 9.28 14.02 49.09
C4 MAN BA . 8.37 12.98 49.77
C5 MAN BA . 7.27 12.53 48.77
C6 MAN BA . 6.26 11.59 49.39
O2 MAN BA . 7.95 15.89 49.66
O3 MAN BA . 10.28 14.46 49.99
O4 MAN BA . 9.13 11.84 50.16
O5 MAN BA . 6.55 13.70 48.30
O6 MAN BA . 5.44 11.09 48.35
C1 MAN BA . 9.75 13.57 41.00
C2 MAN BA . 10.12 12.61 39.82
C3 MAN BA . 9.76 11.17 40.19
C4 MAN BA . 10.37 10.77 41.54
C5 MAN BA . 9.91 11.75 42.64
C6 MAN BA . 10.58 11.48 43.97
O2 MAN BA . 11.53 12.60 39.58
O3 MAN BA . 10.17 10.26 39.18
O4 MAN BA . 9.97 9.45 41.89
O5 MAN BA . 10.26 13.11 42.25
O6 MAN BA . 9.80 12.09 45.00
C1 NAG CA . -13.42 -9.60 23.92
C2 NAG CA . -14.61 -10.49 23.58
C3 NAG CA . -15.91 -9.82 24.01
C4 NAG CA . -15.86 -9.44 25.49
C5 NAG CA . -14.61 -8.62 25.78
C6 NAG CA . -14.40 -8.34 27.25
C7 NAG CA . -14.18 -11.93 21.64
C8 NAG CA . -14.29 -12.08 20.16
N2 NAG CA . -14.64 -10.79 22.16
O3 NAG CA . -16.99 -10.72 23.77
O4 NAG CA . -17.01 -8.67 25.84
O5 NAG CA . -13.43 -9.31 25.33
O6 NAG CA . -14.31 -9.56 27.99
O7 NAG CA . -13.72 -12.82 22.35
C1 NAG CA . -17.90 -9.45 26.66
C2 NAG CA . -18.67 -8.51 27.60
C3 NAG CA . -19.65 -9.31 28.45
C4 NAG CA . -20.57 -10.15 27.57
C5 NAG CA . -19.74 -11.01 26.61
C6 NAG CA . -20.59 -11.74 25.59
C7 NAG CA . -17.89 -6.44 28.67
C8 NAG CA . -16.86 -5.82 29.57
N2 NAG CA . -17.76 -7.75 28.45
O3 NAG CA . -20.42 -8.41 29.25
O4 NAG CA . -21.35 -11.02 28.40
O5 NAG CA . -18.83 -10.18 25.86
O6 NAG CA . -21.43 -10.84 24.87
O7 NAG CA . -18.78 -5.77 28.15
C1 BMA CA . -22.74 -10.62 28.39
C2 BMA CA . -23.60 -11.86 28.76
C3 BMA CA . -25.07 -11.46 28.97
C4 BMA CA . -25.23 -10.23 29.87
C5 BMA CA . -24.34 -9.08 29.35
C6 BMA CA . -24.40 -7.84 30.21
O2 BMA CA . -23.16 -12.44 29.97
O3 BMA CA . -25.83 -12.55 29.48
O4 BMA CA . -26.58 -9.81 29.91
O5 BMA CA . -22.98 -9.54 29.31
O6 BMA CA . -23.75 -6.78 29.52
C1 NAG DA . -41.60 10.14 32.14
C2 NAG DA . -40.62 9.55 33.14
C3 NAG DA . -41.32 9.33 34.48
C4 NAG DA . -41.96 10.61 34.98
C5 NAG DA . -42.86 11.24 33.90
C6 NAG DA . -43.35 12.61 34.25
C7 NAG DA . -38.76 7.99 32.85
C8 NAG DA . -38.33 6.67 32.28
N2 NAG DA . -40.04 8.31 32.65
O3 NAG DA . -40.38 8.85 35.44
O4 NAG DA . -42.74 10.34 36.13
O5 NAG DA . -42.13 11.36 32.66
O6 NAG DA . -43.13 13.54 33.19
O7 NAG DA . -37.99 8.71 33.46
C1 NAG DA . -42.20 10.96 37.31
C2 NAG DA . -43.10 10.61 38.49
C3 NAG DA . -42.56 11.23 39.78
C4 NAG DA . -41.11 10.82 40.00
C5 NAG DA . -40.27 11.15 38.76
C6 NAG DA . -38.86 10.62 38.86
C7 NAG DA . -45.43 10.21 37.82
C8 NAG DA . -46.79 10.82 37.62
N2 NAG DA . -44.48 11.03 38.26
O3 NAG DA . -43.36 10.82 40.88
O4 NAG DA . -40.58 11.50 41.12
O5 NAG DA . -40.85 10.53 37.60
O6 NAG DA . -38.72 9.36 38.23
O7 NAG DA . -45.21 9.03 37.58
C1 NAG EA . -41.68 23.35 -9.18
C2 NAG EA . -42.52 24.53 -8.69
C3 NAG EA . -41.77 25.85 -8.96
C4 NAG EA . -40.36 25.81 -8.41
C5 NAG EA . -39.62 24.57 -8.92
C6 NAG EA . -38.25 24.39 -8.31
C7 NAG EA . -44.88 23.89 -8.84
C8 NAG EA . -46.14 24.02 -9.63
N2 NAG EA . -43.82 24.56 -9.32
O3 NAG EA . -42.50 26.93 -8.38
O4 NAG EA . -39.66 26.97 -8.84
O5 NAG EA . -40.37 23.40 -8.59
O6 NAG EA . -38.32 24.26 -6.90
O7 NAG EA . -44.81 23.19 -7.84
C1 NAG EA . -39.32 27.84 -7.73
C2 NAG EA . -38.08 28.66 -8.13
C3 NAG EA . -37.72 29.64 -7.02
C4 NAG EA . -38.93 30.50 -6.65
C5 NAG EA . -40.11 29.60 -6.29
C6 NAG EA . -41.37 30.38 -6.00
C7 NAG EA . -36.07 28.03 -9.39
C8 NAG EA . -34.98 27.02 -9.56
N2 NAG EA . -36.96 27.78 -8.43
O3 NAG EA . -36.66 30.47 -7.45
O4 NAG EA . -38.61 31.33 -5.53
O5 NAG EA . -40.41 28.74 -7.39
O6 NAG EA . -41.87 30.07 -4.70
O7 NAG EA . -36.14 29.03 -10.09
C1 NAG FA . -28.12 22.76 31.12
C2 NAG FA . -27.23 23.96 31.49
C3 NAG FA . -27.00 24.01 33.00
C4 NAG FA . -28.30 23.94 33.77
C5 NAG FA . -29.10 22.72 33.33
C6 NAG FA . -30.46 22.61 33.97
C7 NAG FA . -25.76 24.54 29.61
C8 NAG FA . -24.40 24.37 29.02
N2 NAG FA . -25.97 23.91 30.77
O3 NAG FA . -26.30 25.21 33.31
O4 NAG FA . -28.03 23.86 35.17
O5 NAG FA . -29.31 22.79 31.91
O6 NAG FA . -31.32 23.64 33.51
O7 NAG FA . -26.63 25.21 29.08
C1 NAG FA . -28.48 25.06 35.85
C2 NAG FA . -28.33 24.84 37.35
C3 NAG FA . -28.77 26.09 38.11
C4 NAG FA . -28.01 27.31 37.63
C5 NAG FA . -28.09 27.43 36.10
C6 NAG FA . -27.20 28.52 35.54
C7 NAG FA . -30.31 23.36 37.79
C8 NAG FA . -30.70 22.04 38.38
N2 NAG FA . -28.99 23.64 37.83
O3 NAG FA . -28.58 25.82 39.49
O4 NAG FA . -28.55 28.51 38.16
O5 NAG FA . -27.70 26.21 35.45
O6 NAG FA . -27.44 29.76 36.18
O7 NAG FA . -31.15 24.12 37.31
C1 BMA FA . -27.98 28.94 39.41
C2 BMA FA . -27.80 30.47 39.43
C3 BMA FA . -27.56 30.99 40.86
C4 BMA FA . -28.53 30.35 41.89
C5 BMA FA . -28.46 28.82 41.74
C6 BMA FA . -29.37 28.08 42.69
O2 BMA FA . -28.98 31.11 38.97
O3 BMA FA . -27.68 32.40 40.90
O4 BMA FA . -28.21 30.69 43.22
O5 BMA FA . -28.86 28.51 40.43
O6 BMA FA . -30.42 28.93 43.12
C1 MAN FA . -26.55 32.97 41.61
C2 MAN FA . -26.94 34.44 41.98
C3 MAN FA . -26.74 35.36 40.79
C4 MAN FA . -25.33 35.21 40.23
C5 MAN FA . -25.17 33.79 39.73
C6 MAN FA . -23.80 33.52 39.15
O2 MAN FA . -26.06 34.94 42.96
O3 MAN FA . -26.98 36.72 41.14
O4 MAN FA . -25.13 36.12 39.17
O5 MAN FA . -25.33 32.87 40.84
O6 MAN FA . -23.24 34.76 38.71
C1 MAN FA . -26.69 34.79 44.25
C2 MAN FA . -26.34 36.06 45.05
C3 MAN FA . -24.84 36.07 45.34
C4 MAN FA . -24.40 34.76 46.02
C5 MAN FA . -24.78 33.59 45.12
C6 MAN FA . -24.48 32.25 45.72
O2 MAN FA . -26.95 36.08 46.35
O3 MAN FA . -24.47 37.18 46.14
O4 MAN FA . -23.02 34.75 46.23
O5 MAN FA . -26.21 33.63 44.89
O6 MAN FA . -25.66 31.80 46.36
C1 MAN FA . -28.39 36.13 46.27
C2 MAN FA . -28.83 37.52 45.75
C3 MAN FA . -28.51 38.60 46.80
C4 MAN FA . -28.94 38.21 48.23
C5 MAN FA . -28.46 36.78 48.57
C6 MAN FA . -28.99 36.29 49.89
O2 MAN FA . -30.25 37.58 45.56
O3 MAN FA . -29.10 39.85 46.44
O4 MAN FA . -28.36 39.12 49.15
O5 MAN FA . -28.92 35.88 47.54
O6 MAN FA . -28.78 37.30 50.86
C1 MAN FA . -31.69 28.49 42.58
C2 MAN FA . -32.71 29.63 42.86
C3 MAN FA . -33.02 29.68 44.35
C4 MAN FA . -33.51 28.31 44.86
C5 MAN FA . -32.44 27.25 44.57
C6 MAN FA . -32.90 25.85 44.90
O2 MAN FA . -33.95 29.38 42.21
O3 MAN FA . -33.97 30.68 44.65
O4 MAN FA . -33.74 28.37 46.25
O5 MAN FA . -32.12 27.26 43.15
O6 MAN FA . -33.53 25.88 46.18
C1 NAG GA . 6.77 -3.06 35.06
C2 NAG GA . 5.96 -4.23 35.62
C3 NAG GA . 6.27 -4.45 37.11
C4 NAG GA . 7.77 -4.54 37.34
C5 NAG GA . 8.49 -3.35 36.70
C6 NAG GA . 10.00 -3.43 36.79
C7 NAG GA . 3.71 -3.12 35.85
C8 NAG GA . 2.27 -3.24 35.45
N2 NAG GA . 4.52 -4.10 35.39
O3 NAG GA . 5.63 -5.64 37.53
O4 NAG GA . 8.04 -4.52 38.74
O5 NAG GA . 8.15 -3.27 35.30
O6 NAG GA . 10.57 -2.14 36.87
O7 NAG GA . 4.10 -2.19 36.55
C1 NAG GA . 8.45 -5.80 39.23
C2 NAG GA . 9.00 -5.62 40.67
C3 NAG GA . 9.32 -6.98 41.30
C4 NAG GA . 8.15 -7.94 41.20
C5 NAG GA . 7.69 -8.04 39.74
C6 NAG GA . 6.46 -8.91 39.56
C7 NAG GA . 11.32 -4.85 40.14
C8 NAG GA . 12.31 -3.75 40.39
N2 NAG GA . 10.12 -4.71 40.73
O3 NAG GA . 9.69 -6.78 42.66
O4 NAG GA . 8.52 -9.24 41.66
O5 NAG GA . 7.35 -6.73 39.25
O6 NAG GA . 6.08 -8.99 38.18
O7 NAG GA . 11.62 -5.82 39.43
C1 BMA GA . 7.90 -9.51 42.92
C2 BMA GA . 7.20 -10.88 42.86
C3 BMA GA . 6.59 -11.22 44.23
C4 BMA GA . 7.63 -11.07 45.38
C5 BMA GA . 8.30 -9.67 45.31
C6 BMA GA . 9.40 -9.49 46.32
O2 BMA GA . 8.13 -11.91 42.55
O3 BMA GA . 6.03 -12.54 44.25
O4 BMA GA . 6.99 -11.23 46.63
O5 BMA GA . 8.86 -9.49 43.99
O6 BMA GA . 9.89 -8.15 46.21
C1 NAG HA . -23.78 21.14 13.82
C2 NAG HA . -22.59 20.40 14.43
C3 NAG HA . -21.92 21.28 15.49
C4 NAG HA . -21.56 22.64 14.91
C5 NAG HA . -22.79 23.29 14.29
C6 NAG HA . -22.49 24.58 13.57
C7 NAG HA . -22.27 18.02 14.90
C8 NAG HA . -22.85 16.80 15.53
N2 NAG HA . -23.00 19.13 15.00
O3 NAG HA . -20.76 20.62 15.98
O4 NAG HA . -21.04 23.48 15.94
O5 NAG HA . -23.35 22.40 13.31
O6 NAG HA . -21.29 24.49 12.82
O7 NAG HA . -21.19 18.00 14.33
C1 NAG HA . -19.64 23.73 15.67
C2 NAG HA . -19.25 25.08 16.27
C3 NAG HA . -17.79 25.38 15.96
C4 NAG HA . -16.88 24.24 16.40
C5 NAG HA . -17.40 22.89 15.88
C6 NAG HA . -16.66 21.71 16.46
C7 NAG HA . -21.07 26.70 16.49
C8 NAG HA . -21.87 27.78 15.82
N2 NAG HA . -20.12 26.14 15.76
O3 NAG HA . -17.42 26.59 16.61
O4 NAG HA . -15.59 24.44 15.86
O5 NAG HA . -18.79 22.71 16.22
O6 NAG HA . -17.14 20.48 15.91
O7 NAG HA . -21.29 26.36 17.66
C1 BMA HA . -14.63 24.80 16.88
C2 BMA HA . -13.23 24.78 16.24
C3 BMA HA . -12.17 25.25 17.26
C4 BMA HA . -12.59 26.56 17.97
C5 BMA HA . -14.04 26.47 18.51
C6 BMA HA . -14.53 27.80 19.01
O2 BMA HA . -13.17 25.69 15.16
O3 BMA HA . -10.91 25.45 16.64
O4 BMA HA . -11.72 26.81 19.05
O5 BMA HA . -14.91 26.08 17.43
O6 BMA HA . -14.44 28.73 17.94
C1 MAN HA . -10.35 24.20 16.22
C2 MAN HA . -9.14 23.88 17.13
C3 MAN HA . -8.03 24.89 16.88
C4 MAN HA . -7.66 24.94 15.38
C5 MAN HA . -8.91 25.24 14.56
C6 MAN HA . -8.66 25.20 13.07
O2 MAN HA . -8.58 22.61 16.80
O3 MAN HA . -6.87 24.62 17.66
O4 MAN HA . -6.69 25.95 15.15
O5 MAN HA . -9.94 24.26 14.86
O6 MAN HA . -8.37 23.85 12.71
C1 MAN HA . -14.97 30.00 18.36
C2 MAN HA . -15.39 30.79 17.10
C3 MAN HA . -14.16 31.27 16.33
C4 MAN HA . -13.17 32.02 17.25
C5 MAN HA . -12.81 31.12 18.44
C6 MAN HA . -11.93 31.82 19.46
O2 MAN HA . -16.13 31.97 17.43
O3 MAN HA . -14.50 32.09 15.22
O4 MAN HA . -12.00 32.35 16.53
O5 MAN HA . -14.02 30.72 19.14
O6 MAN HA . -12.73 32.76 20.17
C1 NAG IA . -30.30 26.06 13.17
C2 NAG IA . -29.46 26.49 11.96
C3 NAG IA . -29.23 28.01 11.96
C4 NAG IA . -30.56 28.75 12.07
C5 NAG IA . -31.34 28.24 13.28
C6 NAG IA . -32.71 28.84 13.41
C7 NAG IA . -27.18 25.76 12.76
C8 NAG IA . -26.00 24.92 12.39
N2 NAG IA . -28.19 25.76 11.86
O3 NAG IA . -28.56 28.38 10.76
O4 NAG IA . -30.32 30.14 12.22
O5 NAG IA . -31.53 26.82 13.18
O6 NAG IA . -33.67 27.88 13.85
O7 NAG IA . -27.21 26.40 13.81
C1 NAG IA . -30.72 30.87 11.04
C2 NAG IA . -30.69 32.37 11.36
C3 NAG IA . -31.03 33.21 10.11
C4 NAG IA . -30.18 32.80 8.93
C5 NAG IA . -30.26 31.29 8.70
C6 NAG IA . -29.36 30.80 7.60
C7 NAG IA . -32.86 32.60 12.61
C8 NAG IA . -33.46 33.04 13.91
N2 NAG IA . -31.53 32.73 12.50
O3 NAG IA . -30.84 34.59 10.42
O4 NAG IA . -30.64 33.47 7.76
O5 NAG IA . -29.88 30.60 9.90
O6 NAG IA . -27.99 30.91 7.96
O7 NAG IA . -33.57 32.13 11.70
C1 NAG IA . -29.69 34.47 7.31
C2 NAG IA . -30.14 35.01 5.94
C3 NAG IA . -29.17 36.10 5.47
C4 NAG IA . -29.03 37.19 6.52
C5 NAG IA . -28.63 36.58 7.86
C6 NAG IA . -28.60 37.59 8.99
C7 NAG IA . -31.21 33.87 4.06
C8 NAG IA . -31.14 32.70 3.11
N2 NAG IA . -30.23 33.94 4.96
O3 NAG IA . -29.64 36.65 4.25
O4 NAG IA . -28.05 38.14 6.13
O5 NAG IA . -29.56 35.56 8.25
O6 NAG IA . -29.77 38.39 8.99
O7 NAG IA . -32.11 34.70 4.01
C1 NAG JA . -30.67 6.14 30.89
C2 NAG JA . -29.97 4.88 31.39
C3 NAG JA . -30.97 3.95 32.10
C4 NAG JA . -31.76 4.69 33.16
C5 NAG JA . -32.35 5.99 32.60
C6 NAG JA . -32.99 6.86 33.66
C7 NAG JA . -29.74 3.61 29.22
C8 NAG JA . -28.74 2.94 28.33
N2 NAG JA . -29.23 4.17 30.35
O3 NAG JA . -30.27 2.85 32.68
O4 NAG JA . -32.83 3.86 33.60
O5 NAG JA . -31.33 6.78 31.98
O6 NAG JA . -32.08 7.86 34.11
O7 NAG JA . -30.93 3.64 28.93
C1 NAG JA . -32.69 3.45 34.98
C2 NAG JA . -33.88 2.54 35.34
C3 NAG JA . -33.78 2.02 36.77
C4 NAG JA . -32.40 1.39 37.02
C5 NAG JA . -31.30 2.37 36.61
C6 NAG JA . -29.91 1.78 36.74
C7 NAG JA . -35.68 4.26 35.66
C8 NAG JA . -37.05 4.67 35.21
N2 NAG JA . -35.18 3.16 35.08
O3 NAG JA . -34.80 1.07 37.01
O4 NAG JA . -32.28 1.08 38.41
O5 NAG JA . -31.46 2.77 35.24
O6 NAG JA . -29.19 2.36 37.81
O7 NAG JA . -35.08 4.91 36.52
C1 BMA JA . -32.25 -0.35 38.65
C2 BMA JA . -32.84 -0.59 40.07
C3 BMA JA . -32.88 -2.10 40.36
C4 BMA JA . -33.54 -2.90 39.22
C5 BMA JA . -32.88 -2.55 37.87
C6 BMA JA . -33.52 -3.26 36.69
O2 BMA JA . -34.17 -0.12 40.16
O3 BMA JA . -33.54 -2.37 41.59
O4 BMA JA . -33.41 -4.29 39.46
O5 BMA JA . -32.96 -1.11 37.67
O6 BMA JA . -34.88 -2.85 36.61
C1 NAG KA . -41.70 1.02 27.88
C2 NAG KA . -43.03 1.02 28.63
C3 NAG KA . -42.94 0.12 29.88
C4 NAG KA . -42.41 -1.27 29.52
C5 NAG KA . -41.10 -1.14 28.75
C6 NAG KA . -40.57 -2.47 28.23
C7 NAG KA . -44.70 2.79 28.93
C8 NAG KA . -44.94 4.21 29.35
N2 NAG KA . -43.44 2.35 29.00
O3 NAG KA . -44.22 0.03 30.48
O4 NAG KA . -42.19 -2.01 30.70
O5 NAG KA . -41.29 -0.31 27.59
O6 NAG KA . -40.12 -3.29 29.30
O7 NAG KA . -45.62 2.07 28.53
C1 NAG KA . -43.12 -3.11 30.81
C2 NAG KA . -42.66 -4.05 31.92
C3 NAG KA . -43.63 -5.22 32.06
C4 NAG KA . -45.06 -4.69 32.27
C5 NAG KA . -45.44 -3.71 31.17
C6 NAG KA . -46.78 -3.05 31.40
C7 NAG KA . -40.26 -4.20 32.42
C8 NAG KA . -38.94 -4.81 32.02
N2 NAG KA . -41.31 -4.55 31.67
O3 NAG KA . -43.25 -6.03 33.16
O4 NAG KA . -45.98 -5.77 32.28
O5 NAG KA . -44.47 -2.65 31.09
O6 NAG KA . -47.62 -3.85 32.22
O7 NAG KA . -40.37 -3.45 33.38
C1 NAG LA . -46.08 -4.36 3.78
C2 NAG LA . -45.42 -5.50 3.00
C3 NAG LA . -46.46 -6.43 2.39
C4 NAG LA . -47.47 -6.90 3.44
C5 NAG LA . -48.07 -5.70 4.16
C6 NAG LA . -48.99 -6.07 5.30
C7 NAG LA . -44.73 -4.24 0.94
C8 NAG LA . -43.54 -3.91 0.08
N2 NAG LA . -44.46 -5.01 2.01
O3 NAG LA . -45.82 -7.54 1.78
O4 NAG LA . -48.47 -7.65 2.76
O5 NAG LA . -47.01 -4.90 4.73
O6 NAG LA . -50.26 -6.50 4.83
O7 NAG LA . -45.85 -3.83 0.67
C1 NAG LA . -48.79 -9.03 3.17
C2 NAG LA . -47.79 -9.78 4.09
C3 NAG LA . -48.40 -11.09 4.57
C4 NAG LA . -49.78 -10.89 5.17
C5 NAG LA . -50.68 -10.14 4.18
C6 NAG LA . -52.05 -9.81 4.73
C7 NAG LA . -45.33 -9.74 3.99
C8 NAG LA . -44.12 -10.07 3.17
N2 NAG LA . -46.52 -10.02 3.42
O3 NAG LA . -47.53 -11.68 5.53
O4 NAG LA . -50.38 -12.16 5.42
O5 NAG LA . -50.07 -8.89 3.83
O6 NAG LA . -52.67 -8.77 4.01
O7 NAG LA . -45.26 -9.24 5.11
C1 BMA LA . -50.47 -12.43 6.83
C2 BMA LA . -51.96 -12.71 7.17
C3 BMA LA . -52.11 -13.23 8.61
C4 BMA LA . -51.10 -14.35 8.93
C5 BMA LA . -49.68 -13.89 8.58
C6 BMA LA . -48.64 -14.97 8.82
O2 BMA LA . -52.50 -13.70 6.31
O3 BMA LA . -53.44 -13.66 8.87
O4 BMA LA . -51.19 -14.70 10.30
O5 BMA LA . -49.64 -13.54 7.19
O6 BMA LA . -48.66 -15.87 7.70
C1 NAG MA . -45.45 17.01 27.43
C2 NAG MA . -46.65 17.72 28.03
C3 NAG MA . -47.39 16.76 28.97
C4 NAG MA . -47.64 15.39 28.35
C5 NAG MA . -46.44 14.88 27.51
C6 NAG MA . -46.80 13.77 26.56
C7 NAG MA . -46.26 20.14 28.21
C8 NAG MA . -45.80 21.26 29.10
N2 NAG MA . -46.25 18.92 28.76
O3 NAG MA . -48.64 17.35 29.33
O4 NAG MA . -47.80 14.50 29.46
O5 NAG MA . -45.88 15.92 26.70
O6 NAG MA . -46.50 14.13 25.21
O7 NAG MA . -46.64 20.34 27.06
C1 NAG MA . -48.93 13.62 29.46
C2 NAG MA . -48.48 12.45 30.31
C3 NAG MA . -49.56 11.39 30.34
C4 NAG MA . -50.85 11.99 30.91
C5 NAG MA . -51.25 13.24 30.10
C6 NAG MA . -52.41 14.00 30.70
C7 NAG MA . -46.06 11.97 30.50
C8 NAG MA . -46.10 12.70 31.81
N2 NAG MA . -47.22 11.88 29.83
O3 NAG MA . -49.13 10.30 31.16
O4 NAG MA . -51.91 11.04 30.86
O5 NAG MA . -50.15 14.17 30.01
O6 NAG MA . -52.02 15.31 31.09
O7 NAG MA . -45.02 11.49 30.06
C1 BMA MA . -52.25 10.51 32.16
C2 BMA MA . -52.95 9.14 31.93
C3 BMA MA . -53.09 8.35 33.23
C4 BMA MA . -51.78 8.32 34.03
C5 BMA MA . -51.31 9.76 34.30
C6 BMA MA . -50.00 9.82 35.06
O2 BMA MA . -52.16 8.32 31.06
O3 BMA MA . -53.53 7.02 32.99
O4 BMA MA . -51.99 7.65 35.27
O5 BMA MA . -51.11 10.39 33.03
O6 BMA MA . -49.87 8.64 35.85
C1 NAG NA . -14.34 -39.45 3.30
C2 NAG NA . -14.78 -38.74 2.00
C3 NAG NA . -16.10 -39.34 1.47
C4 NAG NA . -16.04 -40.85 1.39
C5 NAG NA . -15.68 -41.39 2.76
C6 NAG NA . -15.57 -42.90 2.81
C7 NAG NA . -14.74 -36.40 1.27
C8 NAG NA . -14.93 -34.97 1.69
N2 NAG NA . -14.92 -37.32 2.22
O3 NAG NA . -16.35 -38.79 0.17
O4 NAG NA . -17.30 -41.37 0.97
O5 NAG NA . -14.39 -40.88 3.13
O6 NAG NA . -14.96 -43.42 1.64
O7 NAG NA . -14.42 -36.70 0.12
C1 NAG NA . -17.20 -41.95 -0.35
C2 NAG NA . -18.32 -42.97 -0.51
C3 NAG NA . -18.29 -43.58 -1.90
C4 NAG NA . -18.34 -42.49 -2.97
C5 NAG NA . -17.23 -41.46 -2.73
C6 NAG NA . -17.31 -40.27 -3.66
C7 NAG NA . -19.13 -44.17 1.47
C8 NAG NA . -18.86 -45.29 2.44
N2 NAG NA . -18.22 -44.01 0.52
O3 NAG NA . -19.39 -44.47 -2.05
O4 NAG NA . -18.17 -43.08 -4.25
O5 NAG NA . -17.32 -40.95 -1.39
O6 NAG NA . -16.36 -40.37 -4.71
O7 NAG NA . -20.12 -43.45 1.57
C1 BMA NA . -19.38 -43.02 -5.03
C2 BMA NA . -18.97 -42.69 -6.49
C3 BMA NA . -20.18 -42.83 -7.44
C4 BMA NA . -20.93 -44.17 -7.23
C5 BMA NA . -21.33 -44.29 -5.76
C6 BMA NA . -22.06 -45.60 -5.46
O2 BMA NA . -18.00 -43.62 -6.96
O3 BMA NA . -19.78 -42.70 -8.80
O4 BMA NA . -22.07 -44.22 -8.05
O5 BMA NA . -20.12 -44.24 -4.94
O6 BMA NA . -22.79 -45.44 -4.25
C1 MAN NA . -23.26 -46.73 -3.83
C2 MAN NA . -24.49 -46.52 -2.90
C3 MAN NA . -24.05 -45.99 -1.54
C4 MAN NA . -22.90 -46.82 -0.94
C5 MAN NA . -21.74 -46.89 -1.95
C6 MAN NA . -20.58 -47.76 -1.47
O2 MAN NA . -25.17 -47.76 -2.64
O3 MAN NA . -25.13 -45.93 -0.62
O4 MAN NA . -22.44 -46.23 0.26
O5 MAN NA . -22.22 -47.46 -3.19
O6 MAN NA . -20.19 -47.30 -0.18
C1 NAG OA . -14.05 -37.39 11.90
C2 NAG OA . -15.29 -38.27 12.05
C3 NAG OA . -16.51 -37.42 12.39
C4 NAG OA . -16.23 -36.53 13.60
C5 NAG OA . -14.94 -35.74 13.39
C6 NAG OA . -14.52 -34.96 14.60
C7 NAG OA . -15.69 -40.37 10.83
C8 NAG OA . -15.93 -40.99 9.49
N2 NAG OA . -15.53 -39.04 10.84
O3 NAG OA . -17.61 -38.28 12.65
O4 NAG OA . -17.31 -35.61 13.77
O5 NAG OA . -13.87 -36.64 13.09
O6 NAG OA . -13.11 -35.01 14.78
O7 NAG OA . -15.64 -41.03 11.86
C1 NAG OA . -18.06 -35.93 14.96
C2 NAG OA . -18.68 -34.65 15.49
C3 NAG OA . -19.53 -34.95 16.72
C4 NAG OA . -20.56 -36.03 16.41
C5 NAG OA . -19.89 -37.26 15.82
C6 NAG OA . -20.86 -38.31 15.34
C7 NAG OA . -17.34 -32.66 14.97
C8 NAG OA . -16.26 -31.74 15.45
N2 NAG OA . -17.66 -33.66 15.79
O3 NAG OA . -20.16 -33.75 17.16
O4 NAG OA . -21.25 -36.40 17.60
O5 NAG OA . -19.09 -36.89 14.67
O6 NAG OA . -20.72 -38.54 13.94
O7 NAG OA . -17.88 -32.53 13.88
C1 BMA OA . -22.61 -35.92 17.56
C2 BMA OA . -23.47 -36.76 18.53
C3 BMA OA . -24.88 -36.19 18.62
C4 BMA OA . -24.88 -34.66 18.86
C5 BMA OA . -23.99 -33.96 17.83
C6 BMA OA . -23.86 -32.47 18.07
O2 BMA OA . -22.92 -36.73 19.84
O3 BMA OA . -25.65 -36.85 19.62
O4 BMA OA . -26.20 -34.16 18.77
O5 BMA OA . -22.68 -34.53 17.91
O6 BMA OA . -22.98 -32.25 19.15
C1 NAG PA . 0.99 -33.25 22.09
C2 NAG PA . 0.16 -34.34 22.77
C3 NAG PA . -0.90 -33.69 23.67
C4 NAG PA . -0.25 -32.71 24.64
C5 NAG PA . 0.68 -31.74 23.91
C6 NAG PA . 1.52 -30.90 24.84
C7 NAG PA . -1.31 -35.04 20.85
C8 NAG PA . -1.73 -36.23 20.05
N2 NAG PA . -0.43 -35.29 21.83
O3 NAG PA . -1.59 -34.70 24.39
O4 NAG PA . -1.28 -31.96 25.27
O5 NAG PA . 1.60 -32.44 23.07
O6 NAG PA . 2.91 -31.20 24.68
O7 NAG PA . -1.74 -33.91 20.60
C1 NAG PA . -1.37 -32.23 26.68
C2 NAG PA . -2.48 -31.34 27.25
C3 NAG PA . -2.68 -31.60 28.74
C4 NAG PA . -2.88 -33.09 29.00
C5 NAG PA . -1.75 -33.91 28.37
C6 NAG PA . -1.94 -35.39 28.48
C7 NAG PA . -1.23 -29.15 27.37
C8 NAG PA . -1.30 -27.72 26.92
N2 NAG PA . -2.27 -29.92 26.97
O3 NAG PA . -3.80 -30.86 29.20
O4 NAG PA . -2.92 -33.34 30.40
O5 NAG PA . -1.66 -33.61 26.96
O6 NAG PA . -3.26 -35.78 28.08
O7 NAG PA . -0.31 -29.57 28.06
C1 BMA PA . -4.25 -33.73 30.82
C2 BMA PA . -4.14 -34.35 32.24
C3 BMA PA . -5.54 -34.64 32.80
C4 BMA PA . -6.53 -33.45 32.62
C5 BMA PA . -6.50 -32.93 31.17
C6 BMA PA . -7.30 -31.65 31.01
O2 BMA PA . -3.50 -33.46 33.13
O3 BMA PA . -5.46 -34.95 34.19
O4 BMA PA . -7.85 -33.86 32.94
O5 BMA PA . -5.13 -32.61 30.83
O6 BMA PA . -6.37 -30.57 31.03
C1 MAN PA . -5.56 -36.37 34.38
C2 MAN PA . -6.21 -36.59 35.76
C3 MAN PA . -5.23 -36.14 36.87
C4 MAN PA . -3.84 -36.81 36.69
C5 MAN PA . -3.32 -36.52 35.28
C6 MAN PA . -2.00 -37.22 34.98
O2 MAN PA . -6.47 -37.97 36.01
O3 MAN PA . -5.75 -36.40 38.16
O4 MAN PA . -2.94 -36.29 37.65
O5 MAN PA . -4.29 -36.99 34.30
O6 MAN PA . -1.50 -36.70 33.75
C1 MAN PA . -6.69 -29.69 32.13
C2 MAN PA . -6.14 -28.28 31.76
C3 MAN PA . -4.62 -28.25 31.88
C4 MAN PA . -4.15 -28.77 33.25
C5 MAN PA . -4.70 -30.18 33.49
C6 MAN PA . -4.38 -30.70 34.89
O2 MAN PA . -6.60 -27.28 32.67
O3 MAN PA . -4.10 -26.96 31.64
O4 MAN PA . -2.73 -28.79 33.32
O5 MAN PA . -6.15 -30.17 33.36
O6 MAN PA . -4.46 -32.12 34.87
C1 NAG QA . 17.95 -22.16 5.76
C2 NAG QA . 18.98 -22.25 4.64
C3 NAG QA . 18.79 -23.56 3.88
C4 NAG QA . 18.82 -24.76 4.83
C5 NAG QA . 17.83 -24.56 5.97
C6 NAG QA . 17.94 -25.63 7.04
C7 NAG QA . 19.74 -20.09 3.80
C8 NAG QA . 19.50 -18.99 2.80
N2 NAG QA . 18.89 -21.12 3.75
O3 NAG QA . 19.83 -23.66 2.90
O4 NAG QA . 18.45 -25.95 4.12
O5 NAG QA . 18.07 -23.30 6.63
O6 NAG QA . 19.25 -25.67 7.58
O7 NAG QA . 20.65 -20.04 4.62
C1 NAG QA . 19.59 -26.78 3.88
C2 NAG QA . 19.19 -28.25 3.90
C3 NAG QA . 20.39 -29.14 3.55
C4 NAG QA . 21.00 -28.72 2.23
C5 NAG QA . 21.34 -27.24 2.25
C6 NAG QA . 21.82 -26.72 0.91
C7 NAG QA . 17.59 -29.43 5.34
C8 NAG QA . 17.16 -29.71 6.75
N2 NAG QA . 18.65 -28.62 5.20
O3 NAG QA . 19.97 -30.50 3.49
O4 NAG QA . 22.18 -29.46 1.98
O5 NAG QA . 20.17 -26.47 2.59
O6 NAG QA . 21.18 -27.40 -0.16
O7 NAG QA . 16.99 -29.90 4.37
C1 NAG RA . 9.39 -51.10 -12.99
C2 NAG RA . 9.72 -51.17 -11.50
C3 NAG RA . 10.42 -52.49 -11.17
C4 NAG RA . 9.61 -53.68 -11.66
C5 NAG RA . 9.27 -53.51 -13.15
C6 NAG RA . 8.34 -54.57 -13.67
C7 NAG RA . 10.41 -49.45 -9.89
C8 NAG RA . 11.32 -48.30 -9.62
N2 NAG RA . 10.52 -50.04 -11.08
O3 NAG RA . 10.61 -52.58 -9.76
O4 NAG RA . 10.37 -54.86 -11.49
O5 NAG RA . 8.63 -52.25 -13.37
O6 NAG RA . 7.05 -54.04 -13.97
O7 NAG RA . 9.60 -49.85 -9.05
C1 NAG RA . 9.77 -55.72 -10.49
C2 NAG RA . 10.69 -56.94 -10.31
C3 NAG RA . 10.12 -57.88 -9.24
C4 NAG RA . 9.90 -57.11 -7.93
C5 NAG RA . 9.04 -55.88 -8.18
C6 NAG RA . 8.89 -54.99 -6.96
C7 NAG RA . 11.94 -57.51 -12.34
C8 NAG RA . 11.95 -58.32 -13.60
N2 NAG RA . 10.86 -57.66 -11.57
O3 NAG RA . 11.02 -58.94 -9.02
O4 NAG RA . 9.26 -57.95 -6.99
O5 NAG RA . 9.61 -55.05 -9.21
O6 NAG RA . 10.08 -54.24 -6.72
O7 NAG RA . 12.86 -56.76 -12.04
C1 NAG SA . -11.86 -25.02 -40.06
C2 NAG SA . -12.60 -26.27 -40.51
C3 NAG SA . -14.11 -26.13 -40.24
C4 NAG SA . -14.36 -25.74 -38.79
C5 NAG SA . -13.54 -24.50 -38.42
C6 NAG SA . -13.63 -24.14 -36.96
C7 NAG SA . -11.34 -27.25 -42.38
C8 NAG SA . -11.25 -27.43 -43.86
N2 NAG SA . -12.37 -26.55 -41.93
O3 NAG SA . -14.76 -27.35 -40.55
O4 NAG SA . -15.75 -25.44 -38.63
O5 NAG SA . -12.15 -24.75 -38.70
O6 NAG SA . -13.60 -25.31 -36.14
O7 NAG SA . -10.50 -27.73 -41.62
C1 NAG SA . -16.40 -26.39 -37.76
C2 NAG SA . -17.61 -25.69 -37.13
C3 NAG SA . -18.38 -26.67 -36.23
C4 NAG SA . -18.74 -27.93 -37.00
C5 NAG SA . -17.49 -28.54 -37.62
C6 NAG SA . -17.78 -29.74 -38.48
C7 NAG SA . -17.90 -23.39 -36.29
C8 NAG SA . -17.31 -22.30 -35.46
N2 NAG SA . -17.19 -24.53 -36.36
O3 NAG SA . -19.56 -26.04 -35.75
O4 NAG SA . -19.34 -28.88 -36.13
O5 NAG SA . -16.84 -27.57 -38.47
O6 NAG SA . -17.10 -30.90 -38.00
O7 NAG SA . -18.97 -23.27 -36.87
C1 NAG TA . -6.54 -47.08 -4.09
C2 NAG TA . -7.83 -47.27 -3.29
C3 NAG TA . -7.61 -48.26 -2.15
C4 NAG TA . -7.01 -49.57 -2.66
C5 NAG TA . -5.73 -49.27 -3.44
C6 NAG TA . -5.12 -50.48 -4.08
C7 NAG TA . -9.24 -45.26 -3.41
C8 NAG TA . -9.62 -43.99 -2.75
N2 NAG TA . -8.31 -46.00 -2.78
O3 NAG TA . -8.86 -48.52 -1.51
O4 NAG TA . -6.71 -50.41 -1.55
O5 NAG TA . -6.04 -48.36 -4.51
O6 NAG TA . -5.95 -51.03 -5.08
O7 NAG TA . -9.74 -45.63 -4.46
C1 NAG TA . -7.56 -51.58 -1.57
C2 NAG TA . -7.08 -52.54 -0.48
C3 NAG TA . -7.95 -53.79 -0.46
C4 NAG TA . -9.42 -53.41 -0.29
C5 NAG TA . -9.83 -52.37 -1.33
C6 NAG TA . -11.21 -51.82 -1.10
C7 NAG TA . -5.03 -53.50 -1.58
C8 NAG TA . -3.57 -53.71 -1.40
N2 NAG TA . -5.66 -52.87 -0.58
O3 NAG TA . -7.47 -54.63 0.58
O4 NAG TA . -10.28 -54.53 -0.50
O5 NAG TA . -8.93 -51.25 -1.33
O6 NAG TA . -12.17 -52.85 -1.00
O7 NAG TA . -5.61 -53.88 -2.61
C1 BMA TA . -10.58 -55.29 0.70
C2 BMA TA . -12.06 -55.73 0.71
C3 BMA TA . -12.30 -56.84 1.75
C4 BMA TA . -11.21 -57.93 1.72
C5 BMA TA . -9.83 -57.27 1.82
C6 BMA TA . -8.68 -58.24 1.78
O2 BMA TA . -12.41 -56.28 -0.54
O3 BMA TA . -13.59 -57.41 1.56
O4 BMA TA . -11.33 -58.85 2.79
O5 BMA TA . -9.71 -56.41 0.71
O6 BMA TA . -9.10 -59.47 1.19
C1 MAN TA . -14.28 -57.48 2.84
C2 MAN TA . -15.44 -58.50 2.65
C3 MAN TA . -16.64 -57.85 1.97
C4 MAN TA . -17.04 -56.58 2.70
C5 MAN TA . -15.87 -55.60 2.62
C6 MAN TA . -16.16 -54.30 3.32
O2 MAN TA . -15.94 -58.92 3.90
O3 MAN TA . -17.75 -58.74 1.90
O4 MAN TA . -18.18 -56.01 2.11
O5 MAN TA . -14.72 -56.19 3.28
O6 MAN TA . -17.58 -54.09 3.35
C1 MAN TA . -15.35 -60.19 4.24
C2 MAN TA . -16.45 -61.01 4.94
C3 MAN TA . -16.76 -60.35 6.29
C4 MAN TA . -15.46 -60.16 7.12
C5 MAN TA . -14.47 -59.32 6.31
C6 MAN TA . -13.15 -59.16 6.99
O2 MAN TA . -16.01 -62.33 5.29
O3 MAN TA . -17.70 -61.09 7.03
O4 MAN TA . -15.76 -59.48 8.31
O5 MAN TA . -14.22 -60.00 5.06
O6 MAN TA . -12.29 -60.20 6.52
C1 MAN TA . -15.66 -63.12 4.13
C2 MAN TA . -16.95 -63.46 3.33
C3 MAN TA . -17.83 -64.42 4.13
C4 MAN TA . -17.05 -65.60 4.76
C5 MAN TA . -15.79 -65.09 5.48
C6 MAN TA . -14.90 -66.21 5.96
O2 MAN TA . -16.63 -64.15 2.12
O3 MAN TA . -18.90 -64.93 3.33
O4 MAN TA . -17.88 -66.26 5.70
O5 MAN TA . -15.01 -64.28 4.56
O6 MAN TA . -15.72 -67.15 6.66
C1 MAN TA . -8.46 -59.65 -0.10
C2 MAN TA . -9.16 -60.87 -0.77
C3 MAN TA . -8.72 -62.15 -0.07
C4 MAN TA . -7.19 -62.28 -0.05
C5 MAN TA . -6.59 -61.06 0.66
C6 MAN TA . -5.08 -61.04 0.60
O2 MAN TA . -8.76 -61.02 -2.13
O3 MAN TA . -9.30 -63.30 -0.67
O4 MAN TA . -6.81 -63.46 0.64
O5 MAN TA . -7.06 -59.84 0.01
O6 MAN TA . -4.60 -62.34 0.93
C1 NAG UA . 8.46 -21.15 27.71
C2 NAG UA . 9.90 -21.65 27.55
C3 NAG UA . 10.32 -22.52 28.74
C4 NAG UA . 10.05 -21.81 30.05
C5 NAG UA . 8.60 -21.29 30.10
C6 NAG UA . 8.30 -20.47 31.33
C7 NAG UA . 9.51 -23.46 25.84
C8 NAG UA . 9.93 -23.94 24.48
N2 NAG UA . 10.12 -22.34 26.27
O3 NAG UA . 11.70 -22.83 28.61
O4 NAG UA . 10.24 -22.71 31.15
O5 NAG UA . 8.34 -20.46 28.97
O6 NAG UA . 6.93 -20.56 31.69
O7 NAG UA . 8.68 -24.09 26.50
C1 NAG UA . 11.45 -22.42 31.88
C2 NAG UA . 11.45 -23.26 33.16
C3 NAG UA . 12.77 -23.09 33.93
C4 NAG UA . 13.97 -23.32 33.03
C5 NAG UA . 13.86 -22.45 31.77
C6 NAG UA . 14.97 -22.68 30.78
C7 NAG UA . 9.95 -21.85 34.61
C8 NAG UA . 8.70 -21.89 35.42
N2 NAG UA . 10.29 -23.01 34.01
O3 NAG UA . 12.78 -23.99 35.02
O4 NAG UA . 15.16 -23.02 33.71
O5 NAG UA . 12.62 -22.71 31.10
O6 NAG UA . 14.81 -21.86 29.62
O7 NAG UA . 10.61 -20.82 34.49
C1 BMA UA . 15.88 -24.23 34.02
C2 BMA UA . 17.35 -24.09 33.54
C3 BMA UA . 18.15 -25.34 33.95
C4 BMA UA . 17.98 -25.68 35.46
C5 BMA UA . 16.48 -25.75 35.82
C6 BMA UA . 16.22 -25.96 37.30
O2 BMA UA . 17.98 -22.98 34.17
O3 BMA UA . 19.52 -25.21 33.63
O4 BMA UA . 18.59 -26.92 35.74
O5 BMA UA . 15.84 -24.50 35.43
O6 BMA UA . 14.82 -26.07 37.50
C1 NAG VA . -10.08 -31.15 -11.49
C2 NAG VA . -9.62 -30.63 -10.14
C3 NAG VA . -10.35 -31.34 -9.02
C4 NAG VA . -11.86 -31.24 -9.21
C5 NAG VA . -12.25 -31.74 -10.60
C6 NAG VA . -13.71 -31.56 -10.92
C7 NAG VA . -7.42 -29.81 -9.42
C8 NAG VA . -5.95 -30.10 -9.37
N2 NAG VA . -8.18 -30.75 -9.99
O3 NAG VA . -9.97 -30.78 -7.77
O4 NAG VA . -12.53 -32.00 -8.21
O5 NAG VA . -11.51 -31.03 -11.60
O6 NAG VA . -14.17 -30.29 -10.48
O7 NAG VA . -7.90 -28.78 -8.96
C1 NAG VA . -13.23 -31.07 -7.33
C2 NAG VA . -14.48 -31.77 -6.79
C3 NAG VA . -15.25 -30.81 -5.88
C4 NAG VA . -14.34 -30.23 -4.80
C5 NAG VA . -13.05 -29.66 -5.40
C6 NAG VA . -12.04 -29.25 -4.36
C7 NAG VA . -15.42 -33.53 -8.20
C8 NAG VA . -16.33 -33.85 -9.35
N2 NAG VA . -15.32 -32.25 -7.87
O3 NAG VA . -16.34 -31.51 -5.30
O4 NAG VA . -15.03 -29.17 -4.15
O5 NAG VA . -12.41 -30.64 -6.24
O6 NAG VA . -10.88 -28.68 -4.97
O7 NAG VA . -14.79 -34.41 -7.61
C1 BMA VA . -15.40 -29.52 -2.81
C2 BMA VA . -15.90 -28.25 -2.10
C3 BMA VA . -16.43 -28.58 -0.70
C4 BMA VA . -17.39 -29.79 -0.71
C5 BMA VA . -16.81 -30.97 -1.49
C6 BMA VA . -17.81 -32.09 -1.69
O2 BMA VA . -16.99 -27.68 -2.81
O3 BMA VA . -17.09 -27.47 -0.12
O4 BMA VA . -17.66 -30.21 0.61
O5 BMA VA . -16.42 -30.51 -2.80
O6 BMA VA . -18.91 -31.55 -2.40
C1 MAN VA . -16.14 -26.45 0.24
C2 MAN VA . -16.31 -26.13 1.74
C3 MAN VA . -17.69 -25.51 1.98
C4 MAN VA . -17.91 -24.29 1.06
C5 MAN VA . -17.68 -24.68 -0.41
C6 MAN VA . -17.74 -23.50 -1.35
O2 MAN VA . -15.38 -25.15 2.16
O3 MAN VA . -17.85 -25.14 3.34
O4 MAN VA . -19.24 -23.80 1.21
O5 MAN VA . -16.37 -25.29 -0.54
O6 MAN VA . -16.91 -22.48 -0.83
C1 MAN VA . -19.87 -32.60 -2.66
C2 MAN VA . -20.75 -32.15 -3.86
C3 MAN VA . -21.71 -31.03 -3.43
C4 MAN VA . -22.50 -31.41 -2.16
C5 MAN VA . -21.50 -31.79 -1.04
C6 MAN VA . -22.21 -32.27 0.22
O2 MAN VA . -21.58 -33.22 -4.32
O3 MAN VA . -22.62 -30.68 -4.47
O4 MAN VA . -23.30 -30.32 -1.74
O5 MAN VA . -20.65 -32.86 -1.50
O6 MAN VA . -22.68 -33.60 -0.02
C1 NAG WA . -12.86 -36.09 -17.35
C2 NAG WA . -13.77 -34.86 -17.51
C3 NAG WA . -15.26 -35.25 -17.47
C4 NAG WA . -15.54 -36.38 -18.46
C5 NAG WA . -14.58 -37.54 -18.23
C6 NAG WA . -14.72 -38.65 -19.25
C7 NAG WA . -13.56 -33.86 -15.21
C8 NAG WA . -13.18 -32.61 -14.48
N2 NAG WA . -13.48 -33.80 -16.55
O3 NAG WA . -16.06 -34.12 -17.76
O4 NAG WA . -16.88 -36.83 -18.28
O5 NAG WA . -13.22 -37.07 -18.33
O6 NAG WA . -13.45 -39.11 -19.69
O7 NAG WA . -13.90 -34.88 -14.61
C1 NAG WA . -17.71 -36.50 -19.42
C2 NAG WA . -19.11 -37.09 -19.17
C3 NAG WA . -20.07 -36.73 -20.31
C4 NAG WA . -20.06 -35.22 -20.57
C5 NAG WA . -18.63 -34.72 -20.77
C6 NAG WA . -18.54 -33.21 -20.91
C7 NAG WA . -18.66 -39.50 -19.77
C8 NAG WA . -18.75 -40.89 -19.24
N2 NAG WA . -19.09 -38.53 -18.92
O3 NAG WA . -21.37 -37.18 -19.99
O4 NAG WA . -20.82 -34.94 -21.75
O5 NAG WA . -17.83 -35.07 -19.63
O6 NAG WA . -19.46 -32.55 -20.05
O7 NAG WA . -18.23 -39.26 -20.89
C1 NAG WA . -22.07 -34.28 -21.41
C2 NAG WA . -22.66 -33.66 -22.69
C3 NAG WA . -24.01 -33.01 -22.37
C4 NAG WA . -24.94 -34.02 -21.70
C5 NAG WA . -24.27 -34.62 -20.46
C6 NAG WA . -25.09 -35.72 -19.82
C7 NAG WA . -21.59 -32.55 -24.60
C8 NAG WA . -20.62 -31.50 -25.03
N2 NAG WA . -21.76 -32.69 -23.27
O3 NAG WA . -24.61 -32.52 -23.56
O4 NAG WA . -26.15 -33.37 -21.31
O5 NAG WA . -23.01 -35.21 -20.83
O6 NAG WA . -25.37 -36.76 -20.74
O7 NAG WA . -22.22 -33.25 -25.40
C1 NAG XA . 9.69 -42.61 -4.63
C2 NAG XA . 10.77 -42.15 -3.65
C3 NAG XA . 12.08 -42.92 -3.89
C4 NAG XA . 11.83 -44.43 -3.92
C5 NAG XA . 10.68 -44.78 -4.86
C6 NAG XA . 10.27 -46.24 -4.78
C7 NAG XA . 11.41 -39.95 -4.68
C8 NAG XA . 11.55 -38.49 -4.39
N2 NAG XA . 10.98 -40.70 -3.66
O3 NAG XA . 13.02 -42.59 -2.88
O4 NAG XA . 13.01 -45.06 -4.40
O5 NAG XA . 9.51 -44.02 -4.52
O6 NAG XA . 9.10 -46.40 -3.97
O7 NAG XA . 11.67 -40.41 -5.80
C1 NAG XA . 13.65 -45.89 -3.40
C2 NAG XA . 14.92 -46.51 -4.02
C3 NAG XA . 15.68 -47.35 -2.99
C4 NAG XA . 15.94 -46.55 -1.72
C5 NAG XA . 14.64 -45.95 -1.19
C6 NAG XA . 14.82 -45.05 0.01
C7 NAG XA . 13.87 -48.36 -5.36
C8 NAG XA . 13.77 -48.92 -6.74
N2 NAG XA . 14.65 -47.26 -5.24
O3 NAG XA . 16.91 -47.79 -3.55
O4 NAG XA . 16.50 -47.42 -0.73
O5 NAG XA . 14.02 -45.15 -2.21
O6 NAG XA . 14.28 -45.64 1.18
O7 NAG XA . 13.29 -48.88 -4.41
C1 BMA XA . 17.88 -47.08 -0.42
C2 BMA XA . 18.58 -48.39 0.07
C3 BMA XA . 20.07 -48.11 0.35
C4 BMA XA . 20.76 -47.37 -0.82
C5 BMA XA . 19.96 -46.12 -1.21
C6 BMA XA . 20.54 -45.39 -2.40
O2 BMA XA . 18.53 -49.38 -0.94
O3 BMA XA . 20.76 -49.31 0.66
O4 BMA XA . 22.08 -47.00 -0.45
O5 BMA XA . 18.60 -46.51 -1.54
O6 BMA XA . 20.50 -46.25 -3.54
C1 NAG YA . 16.88 -44.81 -14.60
C2 NAG YA . 17.44 -46.14 -15.13
C3 NAG YA . 18.50 -46.68 -14.18
C4 NAG YA . 19.57 -45.63 -13.87
C5 NAG YA . 18.90 -44.34 -13.38
C6 NAG YA . 19.87 -43.21 -13.18
C7 NAG YA . 16.36 -47.98 -16.32
C8 NAG YA . 15.19 -48.92 -16.36
N2 NAG YA . 16.38 -47.11 -15.31
O3 NAG YA . 19.11 -47.83 -14.75
O4 NAG YA . 20.44 -46.12 -12.87
O5 NAG YA . 17.95 -43.89 -14.36
O6 NAG YA . 20.73 -43.44 -12.07
O7 NAG YA . 17.25 -48.02 -17.17
C1 NAG YA . 21.76 -46.35 -13.40
C2 NAG YA . 22.74 -46.57 -12.25
C3 NAG YA . 24.15 -46.84 -12.80
C4 NAG YA . 24.12 -48.00 -13.78
C5 NAG YA . 23.09 -47.74 -14.88
C6 NAG YA . 22.91 -48.92 -15.82
C7 NAG YA . 22.30 -45.50 -10.09
C8 NAG YA . 22.40 -44.23 -9.29
N2 NAG YA . 22.76 -45.43 -11.34
O3 NAG YA . 25.03 -47.14 -11.72
O4 NAG YA . 25.40 -48.16 -14.39
O5 NAG YA . 21.80 -47.49 -14.30
O6 NAG YA . 24.15 -49.58 -16.05
O7 NAG YA . 21.84 -46.53 -9.61
C1 NAG ZA . 32.77 53.78 -10.42
C2 NAG ZA . 33.00 55.31 -10.39
C3 NAG ZA . 33.07 55.86 -11.82
C4 NAG ZA . 34.11 55.10 -12.64
C5 NAG ZA . 33.83 53.60 -12.59
C6 NAG ZA . 34.90 52.78 -13.28
C7 NAG ZA . 32.20 57.04 -8.85
C8 NAG ZA . 31.01 57.61 -8.13
N2 NAG ZA . 31.96 55.98 -9.64
O3 NAG ZA . 33.40 57.24 -11.77
O4 NAG ZA . 34.07 55.55 -13.99
O5 NAG ZA . 33.80 53.16 -11.23
O6 NAG ZA . 35.95 52.44 -12.39
O7 NAG ZA . 33.32 57.51 -8.73
C1 NAG AB . 18.29 41.07 -14.46
C2 NAG AB . 17.04 41.94 -14.56
C3 NAG AB . 16.87 42.76 -13.29
C4 NAG AB . 16.85 41.86 -12.06
C5 NAG AB . 18.11 40.98 -12.04
C6 NAG AB . 18.06 39.95 -10.94
C7 NAG AB . 16.35 42.56 -16.83
C8 NAG AB . 16.53 43.53 -17.95
N2 NAG AB . 17.08 42.79 -15.74
O3 NAG AB . 15.65 43.51 -13.37
O4 NAG AB . 16.80 42.64 -10.88
O5 NAG AB . 18.23 40.25 -13.27
O6 NAG AB . 17.62 38.69 -11.43
O7 NAG AB . 15.60 41.60 -16.91
C1 NAG BB . 42.89 34.31 -4.78
C2 NAG BB . 44.10 35.25 -4.89
C3 NAG BB . 44.00 36.34 -3.81
C4 NAG BB . 42.66 37.06 -3.89
C5 NAG BB . 41.51 36.05 -3.85
C6 NAG BB . 40.15 36.68 -4.07
C7 NAG BB . 46.09 34.17 -5.81
C8 NAG BB . 47.35 33.41 -5.52
N2 NAG BB . 45.34 34.52 -4.77
O3 NAG BB . 45.06 37.28 -3.99
O4 NAG BB . 42.53 37.96 -2.79
O5 NAG BB . 41.68 35.07 -4.88
O6 NAG BB . 39.12 35.93 -3.46
O7 NAG BB . 45.75 34.45 -6.97
C1 NAG CB . 42.84 46.88 -4.56
C2 NAG CB . 43.83 46.10 -5.47
C3 NAG CB . 45.24 46.70 -5.42
C4 NAG CB . 45.20 48.21 -5.67
C5 NAG CB . 44.25 48.86 -4.66
C6 NAG CB . 44.11 50.34 -4.84
C7 NAG CB . 44.25 44.09 -4.01
C8 NAG CB . 44.19 42.59 -3.98
N2 NAG CB . 43.86 44.67 -5.16
O3 NAG CB . 46.05 46.08 -6.41
O4 NAG CB . 46.50 48.76 -5.50
O5 NAG CB . 42.94 48.30 -4.82
O6 NAG CB . 42.83 50.79 -4.43
O7 NAG CB . 44.63 44.74 -3.03
C1 NAG DB . -61.83 7.90 13.86
C2 NAG DB . -63.31 7.48 13.89
C3 NAG DB . -64.14 8.40 12.99
C4 NAG DB . -63.92 9.86 13.35
C5 NAG DB . -62.44 10.20 13.35
C6 NAG DB . -62.13 11.60 13.83
C7 NAG DB . -64.36 5.27 14.02
C8 NAG DB . -64.39 3.87 13.48
N2 NAG DB . -63.46 6.10 13.48
O3 NAG DB . -65.52 8.06 13.12
O4 NAG DB . -64.60 10.70 12.44
O5 NAG DB . -61.72 9.30 14.22
O6 NAG DB . -61.86 11.61 15.22
O7 NAG DB . -65.13 5.64 14.91
C1 NAG EB . -46.65 7.11 1.29
C2 NAG EB . -46.97 6.03 0.25
C3 NAG EB . -47.40 4.74 0.94
C4 NAG EB . -46.33 4.29 1.92
C5 NAG EB . -46.01 5.40 2.91
C6 NAG EB . -44.84 5.08 3.80
C7 NAG EB . -47.72 6.90 -1.92
C8 NAG EB . -48.88 7.34 -2.74
N2 NAG EB . -48.00 6.48 -0.68
O3 NAG EB . -47.62 3.74 -0.04
O4 NAG EB . -46.76 3.13 2.63
O5 NAG EB . -45.66 6.61 2.22
O6 NAG EB . -43.61 5.35 3.14
O7 NAG EB . -46.57 6.93 -2.35
C1 NAG FB . -56.95 12.58 25.13
C2 NAG FB . -58.44 12.42 25.41
C3 NAG FB . -58.95 13.62 26.22
C4 NAG FB . -58.13 13.80 27.49
C5 NAG FB . -56.63 13.88 27.15
C6 NAG FB . -55.75 13.92 28.36
C7 NAG FB . -59.67 11.12 23.74
C8 NAG FB . -60.41 11.15 22.44
N2 NAG FB . -59.19 12.29 24.17
O3 NAG FB . -60.33 13.42 26.55
O4 NAG FB . -58.52 14.99 28.15
O5 NAG FB . -56.24 12.73 26.38
O6 NAG FB . -56.20 14.91 29.28
O7 NAG FB . -59.51 10.07 24.36
C1 NAG GB . 13.34 -48.26 -39.53
C2 NAG GB . 14.13 -48.97 -40.62
C3 NAG GB . 13.31 -49.06 -41.91
C4 NAG GB . 11.95 -49.69 -41.63
C5 NAG GB . 11.23 -48.94 -40.51
C6 NAG GB . 9.93 -49.59 -40.10
C7 NAG GB . 16.53 -48.96 -41.18
C8 NAG GB . 17.74 -48.10 -41.41
N2 NAG GB . 15.40 -48.30 -40.88
O3 NAG GB . 14.02 -49.84 -42.87
O4 NAG GB . 11.16 -49.65 -42.81
O5 NAG GB . 12.07 -48.91 -39.34
O6 NAG GB . 10.13 -50.57 -39.10
O7 NAG GB . 16.56 -50.18 -41.26
C1 NAG HB . 6.93 -30.23 -35.50
C2 NAG HB . 7.87 -29.23 -36.20
C3 NAG HB . 9.32 -29.58 -35.92
C4 NAG HB . 9.57 -29.66 -34.41
C5 NAG HB . 8.60 -30.65 -33.78
C6 NAG HB . 8.69 -30.67 -32.28
C7 NAG HB . 6.92 -28.19 -38.21
C8 NAG HB . 6.76 -28.29 -39.69
N2 NAG HB . 7.62 -29.17 -37.63
O3 NAG HB . 10.17 -28.59 -36.50
O4 NAG HB . 10.91 -30.07 -34.15
O5 NAG HB . 7.25 -30.29 -34.10
O6 NAG HB . 8.12 -29.49 -31.72
O7 NAG HB . 6.45 -27.26 -37.56
C1 NAG IB . 17.85 -27.08 -31.41
C2 NAG IB . 18.13 -26.70 -32.86
C3 NAG IB . 19.18 -27.63 -33.46
C4 NAG IB . 20.44 -27.63 -32.60
C5 NAG IB . 20.09 -28.00 -31.16
C6 NAG IB . 21.27 -27.90 -30.23
C7 NAG IB . 16.56 -25.77 -34.51
C8 NAG IB . 15.27 -25.98 -35.26
N2 NAG IB . 16.90 -26.74 -33.66
O3 NAG IB . 19.49 -27.20 -34.78
O4 NAG IB . 21.36 -28.58 -33.11
O5 NAG IB . 19.09 -27.09 -30.66
O6 NAG IB . 22.50 -27.91 -30.94
O7 NAG IB . 17.26 -24.77 -34.68
C1 NAG JB . 3.71 -51.67 -19.50
C2 NAG JB . 3.84 -53.12 -19.98
C3 NAG JB . 5.30 -53.56 -19.99
C4 NAG JB . 6.16 -52.57 -20.77
C5 NAG JB . 5.96 -51.16 -20.24
C6 NAG JB . 6.67 -50.11 -21.05
C7 NAG JB . 2.15 -54.89 -19.59
C8 NAG JB . 1.96 -54.96 -21.08
N2 NAG JB . 3.04 -54.01 -19.13
O3 NAG JB . 5.41 -54.86 -20.57
O4 NAG JB . 7.54 -52.93 -20.65
O5 NAG JB . 4.57 -50.83 -20.30
O6 NAG JB . 6.64 -48.85 -20.39
O7 NAG JB . 1.51 -55.61 -18.83
C1 NAG KB . 10.41 -55.66 -28.23
C2 NAG KB . 10.61 -56.79 -29.23
C3 NAG KB . 9.99 -58.07 -28.70
C4 NAG KB . 10.52 -58.40 -27.30
C5 NAG KB . 10.37 -57.19 -26.37
C6 NAG KB . 11.02 -57.39 -25.02
C7 NAG KB . 10.78 -55.97 -31.53
C8 NAG KB . 10.03 -55.67 -32.80
N2 NAG KB . 10.04 -56.44 -30.53
O3 NAG KB . 10.27 -59.15 -29.58
O4 NAG KB . 9.81 -59.50 -26.76
O5 NAG KB . 10.98 -56.03 -26.96
O6 NAG KB . 10.05 -57.49 -23.99
O7 NAG KB . 11.99 -55.80 -31.44
#